data_4GU0
#
_entry.id   4GU0
#
_cell.length_a   101.843
_cell.length_b   108.926
_cell.length_c   120.825
_cell.angle_alpha   94.47
_cell.angle_beta   112.34
_cell.angle_gamma   117.95
#
_symmetry.space_group_name_H-M   'P 1'
#
loop_
_entity.id
_entity.type
_entity.pdbx_description
1 polymer 'Lysine-specific histone demethylase 1B'
2 polymer 'Histone H3.3'
3 non-polymer 'FLAVIN-ADENINE DINUCLEOTIDE'
4 non-polymer 'ZINC ION'
5 water water
#
loop_
_entity_poly.entity_id
_entity_poly.type
_entity_poly.pdbx_seq_one_letter_code
_entity_poly.pdbx_strand_id
1 'polypeptide(L)'
;PLGSRKCEKAGCTATCPVCFASASERCAKNGYTSRWYHLSCGEHFCNECFDHYYRSHKDGYDKYTTWKKIWTSNGKTEPS
PKAFMADQQLPYWVQCTKPECRKWRQLTKEIQLTPQIAKTYRCGMKPNTAIKPETSDHCSLPEDLRVLEVSNHWWYSMLI
LPPLLKDSVAAPLLSAYYPDCVGMSPSCTSTNRAAATGNASPGKLEHSKAALSVHVPGMNRYFQPFYQPNECGKALCVRP
DVMELDELYEFPEYSRDPTMYLALRNLILALWYTNCKEALTPQKCIPHIIVRGLVRIRCVQEVERILYFMTRKGLINTGV
LSVGADQYLLPKDYHNKSVIIIGAGPAGLAAARQLHNFGIKVTVLEAKDRIGGRVWDDKSFKGVTVGRGAQIVNGCINNP
VALMCEQLGISMHKFGERCDLIQEGGRITDPTIDKRMDFHFNALLDVVSEWRKDKTQLQDVPLGEKIEEIYKAFIKESGI
QFSELEGQVLQFHLSNLEYACGSNLHQVSARSWDHNEFFAQFAGDHTLLTPGYSVIIEKLAEGLDIQLKSPVQCIDYSGD
EVQVTTTDGTGYSAQKVLVTVPLALLQKGAIQFNPPLSEKKMKAINSLGAGIIEKIALQFPYRFWDSKVQGADFFGHVPP
SASKRGLFAVFYDMDPQKKHSVLMSVIAGEAVASVRTLDDKQVLQQCMATLRELFKEQEVPDPTKYFVTRWSTDPWIQMA
YSFVKTGGSGEAYDIIAEDIQGTVFFAGEATNRHFPQTVTGAYLSGVREASKIAAF
;
A,B,C,D
2 'polypeptide(L)' ARTMQTARKSTGGKAPRKQLATKAAR E,F
#
# COMPACT_ATOMS: atom_id res chain seq x y z
N PRO A 1 -61.26 -52.01 -56.98
CA PRO A 1 -60.96 -50.81 -57.77
C PRO A 1 -59.90 -49.86 -57.14
N LEU A 2 -59.94 -48.57 -57.48
CA LEU A 2 -58.92 -47.54 -57.17
C LEU A 2 -57.88 -47.98 -56.14
N GLY A 3 -56.93 -48.80 -56.57
CA GLY A 3 -56.10 -49.57 -55.65
C GLY A 3 -55.18 -48.71 -54.81
N SER A 4 -54.19 -48.09 -55.43
CA SER A 4 -53.12 -47.50 -54.65
C SER A 4 -53.28 -46.01 -54.34
N ARG A 5 -52.88 -45.64 -53.13
CA ARG A 5 -52.84 -44.24 -52.74
C ARG A 5 -51.41 -43.72 -52.88
N LYS A 6 -50.76 -43.46 -51.75
CA LYS A 6 -49.37 -42.97 -51.71
C LYS A 6 -49.15 -42.15 -50.45
N CYS A 7 -48.02 -41.47 -50.38
CA CYS A 7 -47.78 -40.59 -49.25
C CYS A 7 -47.74 -39.12 -49.66
N GLU A 8 -48.29 -38.26 -48.81
CA GLU A 8 -48.43 -36.84 -49.11
C GLU A 8 -47.11 -36.07 -48.96
N LYS A 9 -46.22 -36.60 -48.13
CA LYS A 9 -45.06 -35.83 -47.68
C LYS A 9 -43.82 -35.95 -48.57
N ALA A 10 -42.93 -34.96 -48.44
CA ALA A 10 -41.78 -34.83 -49.32
C ALA A 10 -40.59 -35.71 -48.92
N GLY A 11 -40.28 -36.69 -49.77
CA GLY A 11 -39.09 -37.51 -49.59
C GLY A 11 -39.36 -38.93 -49.15
N CYS A 12 -40.63 -39.30 -49.04
CA CYS A 12 -40.96 -40.63 -48.52
C CYS A 12 -40.69 -41.76 -49.52
N THR A 13 -39.95 -42.77 -49.05
CA THR A 13 -39.53 -43.88 -49.89
C THR A 13 -40.60 -44.98 -49.96
N ALA A 14 -41.87 -44.57 -49.96
CA ALA A 14 -42.98 -45.51 -49.96
C ALA A 14 -44.19 -44.93 -50.68
N THR A 15 -44.52 -45.51 -51.83
CA THR A 15 -45.65 -45.05 -52.64
C THR A 15 -46.89 -45.93 -52.44
N CYS A 16 -46.67 -47.16 -51.99
CA CYS A 16 -47.76 -48.09 -51.70
C CYS A 16 -47.65 -48.60 -50.26
N PRO A 17 -48.00 -47.73 -49.29
CA PRO A 17 -47.81 -48.00 -47.86
C PRO A 17 -48.79 -49.01 -47.28
N VAL A 18 -48.40 -49.65 -46.19
CA VAL A 18 -49.30 -50.49 -45.42
C VAL A 18 -49.56 -49.84 -44.06
N CYS A 19 -50.75 -50.07 -43.52
CA CYS A 19 -51.11 -49.48 -42.23
C CYS A 19 -50.71 -50.40 -41.07
N PHE A 20 -50.28 -49.79 -39.97
CA PHE A 20 -49.85 -50.56 -38.82
C PHE A 20 -50.96 -50.63 -37.76
N ALA A 21 -51.89 -49.70 -37.83
CA ALA A 21 -52.94 -49.57 -36.81
C ALA A 21 -53.77 -50.83 -36.64
N SER A 22 -54.43 -51.26 -37.71
CA SER A 22 -55.31 -52.42 -37.67
C SER A 22 -56.45 -52.16 -36.69
N ALA A 23 -56.76 -50.89 -36.47
CA ALA A 23 -57.79 -50.49 -35.52
C ALA A 23 -59.18 -50.69 -36.11
N SER A 24 -59.55 -49.81 -37.03
CA SER A 24 -60.87 -49.82 -37.64
C SER A 24 -61.15 -51.14 -38.34
N GLU A 25 -62.41 -51.58 -38.30
CA GLU A 25 -62.84 -52.78 -39.00
C GLU A 25 -62.68 -52.57 -40.50
N ARG A 26 -62.79 -51.31 -40.90
CA ARG A 26 -62.68 -50.94 -42.31
C ARG A 26 -61.28 -50.41 -42.62
N CYS A 27 -60.26 -51.02 -42.00
CA CYS A 27 -58.88 -50.63 -42.26
C CYS A 27 -58.55 -50.82 -43.73
N ALA A 28 -57.96 -49.80 -44.32
CA ALA A 28 -57.63 -49.80 -45.75
C ALA A 28 -56.50 -50.76 -46.09
N LYS A 29 -55.85 -51.32 -45.06
CA LYS A 29 -54.75 -52.25 -45.27
C LYS A 29 -53.73 -51.67 -46.25
N ASN A 30 -53.29 -52.51 -47.18
CA ASN A 30 -52.38 -52.06 -48.23
C ASN A 30 -53.17 -51.41 -49.37
N GLY A 31 -54.49 -51.44 -49.25
CA GLY A 31 -55.39 -50.95 -50.28
C GLY A 31 -55.45 -49.44 -50.37
N TYR A 32 -56.61 -48.93 -50.74
CA TYR A 32 -56.78 -47.50 -50.98
C TYR A 32 -57.37 -46.76 -49.78
N THR A 33 -56.96 -45.50 -49.61
CA THR A 33 -57.54 -44.66 -48.57
C THR A 33 -57.61 -43.19 -48.99
N SER A 34 -58.45 -42.44 -48.30
CA SER A 34 -58.63 -41.02 -48.56
C SER A 34 -57.31 -40.27 -48.44
N ARG A 35 -56.47 -40.70 -47.51
CA ARG A 35 -55.24 -40.00 -47.17
C ARG A 35 -54.37 -40.83 -46.23
N TRP A 36 -53.07 -40.85 -46.48
CA TRP A 36 -52.13 -41.56 -45.63
C TRP A 36 -51.47 -40.60 -44.65
N TYR A 37 -51.30 -41.04 -43.41
CA TYR A 37 -50.68 -40.20 -42.38
C TYR A 37 -49.28 -40.70 -42.05
N HIS A 38 -48.30 -39.84 -42.32
CA HIS A 38 -46.89 -40.20 -42.24
C HIS A 38 -46.30 -40.06 -40.84
N LEU A 39 -45.83 -41.18 -40.29
CA LEU A 39 -45.13 -41.17 -39.01
C LEU A 39 -43.63 -41.32 -39.21
N SER A 40 -43.25 -42.13 -40.18
CA SER A 40 -41.85 -42.28 -40.58
C SER A 40 -41.79 -42.83 -42.01
N CYS A 41 -40.64 -43.36 -42.39
CA CYS A 41 -40.48 -43.91 -43.74
C CYS A 41 -40.90 -45.37 -43.79
N GLY A 42 -41.40 -45.88 -42.67
CA GLY A 42 -41.85 -47.26 -42.61
C GLY A 42 -43.11 -47.39 -41.77
N GLU A 43 -43.72 -46.25 -41.46
CA GLU A 43 -44.90 -46.23 -40.60
C GLU A 43 -45.92 -45.18 -41.05
N HIS A 44 -46.97 -45.65 -41.71
CA HIS A 44 -48.09 -44.80 -42.08
C HIS A 44 -49.38 -45.45 -41.57
N PHE A 45 -50.37 -44.62 -41.26
CA PHE A 45 -51.67 -45.14 -40.88
C PHE A 45 -52.76 -44.47 -41.70
N CYS A 46 -53.72 -45.27 -42.16
CA CYS A 46 -54.76 -44.80 -43.07
C CYS A 46 -55.69 -43.80 -42.38
N ASN A 47 -56.64 -43.27 -43.15
CA ASN A 47 -57.58 -42.30 -42.63
C ASN A 47 -58.78 -42.94 -41.96
N GLU A 48 -59.04 -44.20 -42.31
CA GLU A 48 -60.12 -44.95 -41.68
C GLU A 48 -59.76 -45.25 -40.23
N CYS A 49 -58.47 -45.54 -40.00
CA CYS A 49 -57.95 -45.72 -38.66
C CYS A 49 -57.80 -44.36 -37.97
N PHE A 50 -57.46 -43.34 -38.75
CA PHE A 50 -57.39 -41.97 -38.24
C PHE A 50 -58.74 -41.57 -37.65
N ASP A 51 -59.81 -41.89 -38.37
CA ASP A 51 -61.17 -41.57 -37.91
C ASP A 51 -61.57 -42.44 -36.72
N HIS A 52 -61.03 -43.64 -36.65
CA HIS A 52 -61.37 -44.57 -35.58
C HIS A 52 -61.14 -43.94 -34.20
N TYR A 53 -60.07 -43.16 -34.07
CA TYR A 53 -59.71 -42.56 -32.79
C TYR A 53 -60.10 -41.08 -32.69
N TYR A 54 -60.35 -40.45 -33.83
CA TYR A 54 -60.59 -39.00 -33.86
C TYR A 54 -62.06 -38.58 -33.85
N ARG A 55 -62.89 -39.25 -34.64
CA ARG A 55 -64.29 -38.88 -34.77
C ARG A 55 -65.12 -39.30 -33.55
N SER A 56 -65.91 -38.39 -33.02
CA SER A 56 -66.64 -38.63 -31.77
C SER A 56 -67.61 -39.81 -31.84
N HIS A 57 -67.88 -40.29 -33.05
CA HIS A 57 -68.87 -41.33 -33.25
C HIS A 57 -68.25 -42.69 -33.56
N LYS A 58 -66.93 -42.77 -33.55
CA LYS A 58 -66.23 -44.01 -33.80
C LYS A 58 -65.91 -44.76 -32.51
N ASP A 59 -65.32 -45.95 -32.65
CA ASP A 59 -65.14 -46.85 -31.50
C ASP A 59 -63.82 -46.67 -30.78
N GLY A 60 -63.08 -45.61 -31.10
CA GLY A 60 -61.81 -45.35 -30.47
C GLY A 60 -61.76 -43.99 -29.81
N TYR A 61 -62.77 -43.17 -30.09
CA TYR A 61 -62.82 -41.83 -29.55
C TYR A 61 -62.66 -41.83 -28.03
N ASP A 62 -63.18 -42.87 -27.39
CA ASP A 62 -63.13 -42.96 -25.94
C ASP A 62 -61.72 -43.20 -25.42
N LYS A 63 -60.92 -43.95 -26.17
CA LYS A 63 -59.54 -44.20 -25.78
C LYS A 63 -58.67 -43.00 -26.11
N TYR A 64 -59.01 -42.31 -27.19
CA TYR A 64 -58.23 -41.17 -27.63
C TYR A 64 -58.43 -39.96 -26.74
N THR A 65 -59.68 -39.68 -26.38
CA THR A 65 -59.99 -38.53 -25.53
C THR A 65 -59.51 -38.74 -24.09
N THR A 66 -59.56 -39.98 -23.63
CA THR A 66 -59.00 -40.33 -22.33
C THR A 66 -57.52 -40.01 -22.30
N TRP A 67 -56.82 -40.42 -23.36
CA TRP A 67 -55.40 -40.14 -23.50
C TRP A 67 -55.15 -38.65 -23.74
N LYS A 68 -56.00 -38.03 -24.56
CA LYS A 68 -55.86 -36.62 -24.90
C LYS A 68 -55.90 -35.71 -23.67
N LYS A 69 -56.83 -35.99 -22.76
CA LYS A 69 -56.96 -35.22 -21.54
C LYS A 69 -55.68 -35.32 -20.70
N ILE A 70 -55.22 -36.55 -20.49
CA ILE A 70 -53.99 -36.79 -19.73
C ILE A 70 -52.77 -36.13 -20.39
N TRP A 71 -52.79 -36.06 -21.71
CA TRP A 71 -51.68 -35.50 -22.45
C TRP A 71 -51.62 -33.99 -22.27
N THR A 72 -52.80 -33.37 -22.13
CA THR A 72 -52.88 -31.91 -22.04
C THR A 72 -52.61 -31.39 -20.63
N SER A 73 -52.66 -32.28 -19.65
CA SER A 73 -52.43 -31.88 -18.26
C SER A 73 -51.04 -32.26 -17.76
N ASN A 74 -50.25 -32.89 -18.62
CA ASN A 74 -48.90 -33.31 -18.27
C ASN A 74 -47.86 -32.83 -19.28
N GLY A 75 -48.30 -32.59 -20.50
CA GLY A 75 -47.40 -32.25 -21.58
C GLY A 75 -47.46 -30.80 -22.01
N LYS A 76 -46.67 -30.46 -23.02
CA LYS A 76 -46.57 -29.10 -23.52
C LYS A 76 -46.86 -29.06 -25.01
N THR A 77 -46.64 -30.18 -25.68
CA THR A 77 -46.92 -30.30 -27.10
C THR A 77 -48.40 -30.63 -27.33
N GLU A 78 -48.91 -30.31 -28.51
CA GLU A 78 -50.32 -30.52 -28.82
C GLU A 78 -50.68 -31.98 -29.04
N PRO A 79 -51.79 -32.42 -28.45
CA PRO A 79 -52.32 -33.78 -28.65
C PRO A 79 -52.82 -33.94 -30.07
N SER A 80 -52.37 -34.99 -30.76
CA SER A 80 -52.78 -35.21 -32.13
C SER A 80 -52.97 -36.69 -32.40
N PRO A 81 -53.81 -37.04 -33.39
CA PRO A 81 -53.95 -38.45 -33.73
C PRO A 81 -52.59 -39.06 -34.08
N LYS A 82 -51.68 -38.27 -34.63
CA LYS A 82 -50.34 -38.77 -34.97
C LYS A 82 -49.49 -38.97 -33.72
N ALA A 83 -49.74 -38.18 -32.69
CA ALA A 83 -49.00 -38.32 -31.43
C ALA A 83 -49.55 -39.50 -30.64
N PHE A 84 -50.86 -39.70 -30.75
CA PHE A 84 -51.51 -40.83 -30.11
C PHE A 84 -50.99 -42.13 -30.70
N MET A 85 -50.93 -42.19 -32.03
CA MET A 85 -50.49 -43.40 -32.73
C MET A 85 -49.04 -43.75 -32.42
N ALA A 86 -48.23 -42.73 -32.16
CA ALA A 86 -46.81 -42.93 -31.91
C ALA A 86 -46.53 -43.22 -30.43
N ASP A 87 -47.51 -42.95 -29.58
CA ASP A 87 -47.34 -43.09 -28.14
C ASP A 87 -48.15 -44.25 -27.56
N GLN A 88 -49.04 -44.81 -28.36
CA GLN A 88 -49.96 -45.84 -27.87
C GLN A 88 -50.18 -47.01 -28.81
N GLN A 89 -50.22 -46.73 -30.12
CA GLN A 89 -50.66 -47.74 -31.08
C GLN A 89 -49.53 -48.39 -31.87
N LEU A 90 -48.44 -47.66 -32.07
CA LEU A 90 -47.30 -48.21 -32.80
C LEU A 90 -46.80 -49.49 -32.14
N PRO A 91 -46.43 -50.49 -32.96
CA PRO A 91 -45.85 -51.73 -32.45
C PRO A 91 -44.40 -51.53 -31.99
N TYR A 92 -44.05 -52.11 -30.86
CA TYR A 92 -42.68 -52.05 -30.38
C TYR A 92 -41.77 -52.91 -31.25
N TRP A 93 -40.53 -52.49 -31.41
CA TRP A 93 -39.53 -53.29 -32.11
C TRP A 93 -38.46 -53.75 -31.13
N VAL A 94 -38.14 -55.03 -31.18
CA VAL A 94 -37.16 -55.59 -30.26
C VAL A 94 -36.13 -56.43 -31.01
N GLN A 95 -34.88 -56.35 -30.57
CA GLN A 95 -33.78 -57.03 -31.22
C GLN A 95 -33.46 -58.35 -30.52
N CYS A 96 -33.27 -59.41 -31.31
CA CYS A 96 -33.03 -60.74 -30.77
C CYS A 96 -31.75 -60.79 -29.94
N THR A 97 -31.79 -61.58 -28.87
CA THR A 97 -30.67 -61.73 -27.94
C THR A 97 -29.63 -62.71 -28.45
N LYS A 98 -30.05 -63.65 -29.29
CA LYS A 98 -29.15 -64.64 -29.88
C LYS A 98 -27.91 -63.97 -30.48
N PRO A 99 -26.73 -64.24 -29.91
CA PRO A 99 -25.47 -63.63 -30.32
C PRO A 99 -25.20 -63.79 -31.81
N GLU A 100 -25.74 -64.86 -32.39
CA GLU A 100 -25.48 -65.19 -33.78
C GLU A 100 -26.57 -64.66 -34.72
N CYS A 101 -27.67 -64.21 -34.15
CA CYS A 101 -28.80 -63.72 -34.96
C CYS A 101 -28.88 -62.20 -34.96
N ARG A 102 -29.22 -61.62 -33.80
CA ARG A 102 -29.33 -60.18 -33.64
C ARG A 102 -30.16 -59.51 -34.73
N LYS A 103 -31.34 -60.05 -35.00
CA LYS A 103 -32.26 -59.45 -35.97
C LYS A 103 -33.33 -58.63 -35.26
N TRP A 104 -33.81 -57.58 -35.93
CA TRP A 104 -34.87 -56.75 -35.38
C TRP A 104 -36.24 -57.26 -35.77
N ARG A 105 -37.14 -57.34 -34.80
CA ARG A 105 -38.46 -57.91 -35.03
C ARG A 105 -39.58 -57.02 -34.50
N GLN A 106 -40.76 -57.13 -35.10
CA GLN A 106 -41.94 -56.42 -34.63
C GLN A 106 -42.73 -57.31 -33.69
N LEU A 107 -43.21 -56.75 -32.59
CA LEU A 107 -44.02 -57.52 -31.65
C LEU A 107 -45.50 -57.36 -31.99
N THR A 108 -46.34 -58.26 -31.49
CA THR A 108 -47.77 -58.21 -31.79
C THR A 108 -48.43 -56.99 -31.16
N LYS A 109 -49.52 -56.54 -31.75
CA LYS A 109 -50.16 -55.28 -31.38
C LYS A 109 -50.31 -55.05 -29.88
N GLU A 110 -50.82 -56.04 -29.16
CA GLU A 110 -51.19 -55.85 -27.76
C GLU A 110 -50.02 -56.07 -26.78
N ILE A 111 -48.84 -56.40 -27.31
CA ILE A 111 -47.68 -56.63 -26.44
C ILE A 111 -47.07 -55.33 -25.93
N GLN A 112 -46.83 -55.26 -24.63
CA GLN A 112 -46.20 -54.10 -24.02
C GLN A 112 -44.74 -54.40 -23.70
N LEU A 113 -43.82 -53.74 -24.41
CA LEU A 113 -42.39 -53.97 -24.21
C LEU A 113 -41.94 -53.48 -22.85
N THR A 114 -41.25 -54.36 -22.12
CA THR A 114 -40.67 -54.01 -20.83
C THR A 114 -39.18 -54.30 -20.89
N PRO A 115 -38.40 -53.77 -19.92
CA PRO A 115 -36.97 -54.05 -19.91
C PRO A 115 -36.67 -55.54 -19.80
N GLN A 116 -37.54 -56.28 -19.12
CA GLN A 116 -37.34 -57.71 -18.94
C GLN A 116 -37.49 -58.47 -20.25
N ILE A 117 -38.42 -58.02 -21.08
CA ILE A 117 -38.64 -58.61 -22.40
C ILE A 117 -37.45 -58.32 -23.32
N ALA A 118 -37.02 -57.06 -23.36
CA ALA A 118 -35.90 -56.66 -24.20
C ALA A 118 -34.61 -57.38 -23.82
N LYS A 119 -34.46 -57.70 -22.54
CA LYS A 119 -33.26 -58.39 -22.05
C LYS A 119 -33.14 -59.81 -22.57
N THR A 120 -34.26 -60.54 -22.57
CA THR A 120 -34.25 -61.97 -22.86
C THR A 120 -35.02 -62.35 -24.12
N TYR A 121 -35.29 -61.38 -24.99
CA TYR A 121 -36.07 -61.67 -26.19
C TYR A 121 -35.27 -62.48 -27.21
N ARG A 122 -35.96 -63.41 -27.86
CA ARG A 122 -35.41 -64.15 -29.00
C ARG A 122 -36.48 -64.30 -30.08
N CYS A 123 -36.06 -64.34 -31.34
CA CYS A 123 -37.00 -64.36 -32.46
C CYS A 123 -38.23 -65.24 -32.23
N GLY A 124 -39.40 -64.70 -32.55
CA GLY A 124 -40.63 -65.45 -32.47
C GLY A 124 -41.11 -65.76 -31.07
N MET A 125 -40.44 -65.19 -30.08
CA MET A 125 -40.81 -65.43 -28.69
C MET A 125 -42.12 -64.75 -28.34
N LYS A 126 -43.00 -65.47 -27.67
CA LYS A 126 -44.22 -64.88 -27.13
C LYS A 126 -44.02 -64.59 -25.65
N PRO A 127 -43.87 -63.30 -25.30
CA PRO A 127 -43.69 -62.89 -23.90
C PRO A 127 -44.82 -63.39 -23.01
N ASN A 128 -45.86 -63.95 -23.62
CA ASN A 128 -46.93 -64.57 -22.88
C ASN A 128 -46.55 -65.98 -22.43
N THR A 129 -46.56 -66.22 -21.12
CA THR A 129 -46.09 -67.48 -20.52
C THR A 129 -44.61 -67.72 -20.81
N ALA A 130 -44.07 -68.80 -20.27
CA ALA A 130 -42.62 -68.99 -20.20
C ALA A 130 -42.03 -70.11 -21.06
N ILE A 131 -40.99 -69.72 -21.81
CA ILE A 131 -40.15 -70.60 -22.62
C ILE A 131 -40.46 -72.09 -22.54
N LYS A 132 -41.28 -72.57 -23.48
CA LYS A 132 -41.42 -74.00 -23.70
C LYS A 132 -40.84 -74.30 -25.07
N PRO A 133 -39.91 -75.27 -25.15
CA PRO A 133 -39.15 -75.54 -26.37
C PRO A 133 -40.03 -75.62 -27.63
N GLU A 134 -39.47 -75.28 -28.77
CA GLU A 134 -40.22 -75.26 -30.02
C GLU A 134 -39.47 -75.86 -31.21
N THR A 135 -40.22 -76.39 -32.16
CA THR A 135 -39.66 -76.98 -33.37
C THR A 135 -39.99 -76.11 -34.57
N SER A 136 -39.36 -74.94 -34.63
CA SER A 136 -39.55 -74.00 -35.73
C SER A 136 -38.51 -72.90 -35.59
N ASP A 137 -37.80 -72.62 -36.68
CA ASP A 137 -36.70 -71.68 -36.63
C ASP A 137 -37.10 -70.30 -37.12
N HIS A 138 -37.25 -69.37 -36.19
CA HIS A 138 -37.71 -68.02 -36.48
C HIS A 138 -36.54 -67.08 -36.77
N CYS A 139 -35.32 -67.53 -36.49
CA CYS A 139 -34.15 -66.66 -36.60
C CYS A 139 -33.53 -66.67 -37.99
N SER A 140 -34.13 -67.41 -38.92
CA SER A 140 -33.65 -67.44 -40.30
C SER A 140 -34.59 -66.66 -41.19
N LEU A 141 -35.78 -66.37 -40.67
CA LEU A 141 -36.75 -65.53 -41.36
C LEU A 141 -36.11 -64.19 -41.70
N PRO A 142 -36.27 -63.74 -42.95
CA PRO A 142 -35.67 -62.47 -43.40
C PRO A 142 -36.07 -61.33 -42.49
N GLU A 143 -35.09 -60.56 -42.01
CA GLU A 143 -35.37 -59.38 -41.22
C GLU A 143 -36.19 -58.40 -42.06
N ASP A 144 -37.16 -57.76 -41.44
CA ASP A 144 -37.98 -56.77 -42.14
C ASP A 144 -37.08 -55.76 -42.84
N LEU A 145 -37.41 -55.42 -44.08
CA LEU A 145 -36.57 -54.55 -44.90
C LEU A 145 -36.49 -53.12 -44.37
N ARG A 146 -37.53 -52.68 -43.68
CA ARG A 146 -37.56 -51.33 -43.13
C ARG A 146 -36.50 -51.10 -42.07
N VAL A 147 -35.95 -52.19 -41.53
CA VAL A 147 -34.93 -52.10 -40.49
C VAL A 147 -33.61 -51.55 -41.03
N LEU A 148 -33.34 -51.81 -42.30
CA LEU A 148 -32.12 -51.30 -42.93
C LEU A 148 -32.24 -49.83 -43.26
N GLU A 149 -33.41 -49.43 -43.74
CA GLU A 149 -33.67 -48.02 -44.01
C GLU A 149 -33.32 -47.18 -42.77
N VAL A 150 -33.76 -47.66 -41.61
CA VAL A 150 -33.64 -46.93 -40.35
C VAL A 150 -32.28 -46.24 -40.15
N SER A 151 -31.19 -46.91 -40.51
CA SER A 151 -29.86 -46.37 -40.23
C SER A 151 -29.33 -45.41 -41.32
N ASN A 152 -30.12 -45.16 -42.37
CA ASN A 152 -29.79 -44.11 -43.32
C ASN A 152 -30.00 -42.73 -42.69
N HIS A 153 -29.09 -41.80 -42.97
CA HIS A 153 -29.11 -40.48 -42.32
C HIS A 153 -30.45 -39.75 -42.47
N TRP A 154 -30.97 -39.73 -43.68
CA TRP A 154 -32.23 -39.03 -43.96
C TRP A 154 -33.40 -39.55 -43.13
N TRP A 155 -33.29 -40.78 -42.64
CA TRP A 155 -34.42 -41.44 -41.99
C TRP A 155 -34.95 -40.63 -40.82
N TYR A 156 -34.05 -40.05 -40.02
CA TYR A 156 -34.47 -39.32 -38.83
C TYR A 156 -35.19 -38.02 -39.18
N SER A 157 -34.65 -37.28 -40.15
CA SER A 157 -35.25 -36.01 -40.54
C SER A 157 -36.71 -36.18 -40.97
N MET A 158 -37.02 -37.33 -41.54
CA MET A 158 -38.38 -37.59 -42.04
C MET A 158 -39.25 -38.26 -40.99
N LEU A 159 -38.81 -38.23 -39.75
CA LEU A 159 -39.63 -38.63 -38.62
C LEU A 159 -40.42 -37.40 -38.16
N ILE A 160 -41.73 -37.45 -38.33
CA ILE A 160 -42.58 -36.29 -38.02
C ILE A 160 -42.46 -35.86 -36.55
N LEU A 161 -42.67 -36.80 -35.63
CA LEU A 161 -42.62 -36.48 -34.21
C LEU A 161 -41.38 -37.05 -33.56
N PRO A 162 -40.93 -36.42 -32.45
CA PRO A 162 -39.76 -36.86 -31.68
C PRO A 162 -40.07 -38.12 -30.88
N PRO A 163 -39.03 -38.93 -30.60
CA PRO A 163 -39.20 -40.13 -29.77
C PRO A 163 -39.33 -39.77 -28.29
N LEU A 164 -40.48 -40.05 -27.71
CA LEU A 164 -40.70 -39.80 -26.30
C LEU A 164 -40.59 -41.09 -25.48
N LEU A 165 -39.50 -41.19 -24.71
CA LEU A 165 -39.22 -42.38 -23.93
C LEU A 165 -40.27 -42.64 -22.85
N LYS A 166 -40.55 -43.92 -22.61
CA LYS A 166 -41.44 -44.33 -21.54
C LYS A 166 -40.64 -44.87 -20.37
N ASP A 167 -41.00 -44.46 -19.16
CA ASP A 167 -40.38 -44.97 -17.94
C ASP A 167 -38.87 -44.77 -17.89
N SER A 168 -38.43 -43.58 -18.27
CA SER A 168 -37.01 -43.27 -18.22
C SER A 168 -36.55 -43.22 -16.76
N VAL A 169 -35.30 -43.56 -16.52
CA VAL A 169 -34.73 -43.54 -15.18
C VAL A 169 -34.56 -42.10 -14.70
N ALA A 170 -34.64 -41.16 -15.64
CA ALA A 170 -34.43 -39.76 -15.35
C ALA A 170 -35.74 -39.05 -14.99
N ALA A 171 -36.86 -39.76 -15.17
CA ALA A 171 -38.17 -39.18 -14.88
C ALA A 171 -38.26 -38.50 -13.52
N PRO A 172 -37.75 -39.17 -12.47
CA PRO A 172 -37.77 -38.57 -11.12
C PRO A 172 -36.90 -37.32 -11.02
N LEU A 173 -35.81 -37.28 -11.79
CA LEU A 173 -34.87 -36.16 -11.72
C LEU A 173 -35.28 -35.01 -12.64
N LEU A 174 -36.42 -35.16 -13.30
CA LEU A 174 -36.88 -34.14 -14.24
C LEU A 174 -38.36 -33.85 -14.07
N SER A 175 -38.84 -33.99 -12.84
CA SER A 175 -40.25 -33.76 -12.53
C SER A 175 -40.58 -32.27 -12.57
N ALA A 176 -39.55 -31.43 -12.58
CA ALA A 176 -39.73 -29.99 -12.65
C ALA A 176 -40.05 -29.52 -14.07
N TYR A 177 -39.73 -30.36 -15.05
CA TYR A 177 -39.95 -30.03 -16.45
C TYR A 177 -41.16 -30.78 -17.01
N TYR A 178 -41.75 -30.25 -18.07
CA TYR A 178 -42.77 -31.00 -18.80
C TYR A 178 -42.09 -32.18 -19.45
N PRO A 179 -42.62 -33.40 -19.24
CA PRO A 179 -42.00 -34.63 -19.72
C PRO A 179 -41.58 -34.56 -21.19
N ASP A 180 -42.45 -34.03 -22.04
CA ASP A 180 -42.21 -34.02 -23.48
C ASP A 180 -41.23 -32.95 -23.96
N CYS A 181 -40.70 -32.16 -23.03
CA CYS A 181 -39.70 -31.16 -23.37
C CYS A 181 -38.30 -31.67 -23.02
N VAL A 182 -38.25 -32.85 -22.42
CA VAL A 182 -36.98 -33.48 -22.06
C VAL A 182 -36.92 -34.90 -22.61
N GLY A 183 -37.73 -35.17 -23.62
CA GLY A 183 -37.69 -36.44 -24.34
C GLY A 183 -38.39 -37.60 -23.64
N MET A 184 -39.47 -37.31 -22.93
CA MET A 184 -40.21 -38.35 -22.22
C MET A 184 -41.72 -38.26 -22.51
N SER A 185 -42.43 -39.36 -22.27
CA SER A 185 -43.85 -39.42 -22.57
C SER A 185 -44.73 -38.81 -21.49
N PRO A 186 -45.51 -37.78 -21.85
CA PRO A 186 -46.45 -37.12 -20.94
C PRO A 186 -47.43 -38.11 -20.31
N SER A 187 -47.61 -39.27 -20.92
CA SER A 187 -48.61 -40.23 -20.46
C SER A 187 -48.02 -41.26 -19.49
N CYS A 188 -46.85 -40.96 -18.94
CA CYS A 188 -46.21 -41.84 -17.99
C CYS A 188 -46.41 -41.39 -16.54
N THR A 189 -45.75 -42.07 -15.61
CA THR A 189 -45.88 -41.79 -14.18
C THR A 189 -47.35 -41.68 -13.77
N GLY A 218 -33.30 -42.63 -3.63
CA GLY A 218 -32.25 -43.00 -2.70
C GLY A 218 -30.86 -42.79 -3.29
N MET A 219 -30.65 -41.63 -3.91
CA MET A 219 -29.39 -41.29 -4.54
C MET A 219 -28.51 -40.54 -3.54
N ASN A 220 -27.21 -40.43 -3.85
CA ASN A 220 -26.32 -39.63 -3.03
C ASN A 220 -26.70 -38.16 -3.12
N ARG A 221 -26.97 -37.54 -1.96
CA ARG A 221 -27.39 -36.15 -1.91
C ARG A 221 -26.55 -35.23 -2.79
N TYR A 222 -25.29 -35.60 -3.01
CA TYR A 222 -24.34 -34.76 -3.73
C TYR A 222 -24.44 -34.88 -5.25
N PHE A 223 -25.27 -35.80 -5.74
CA PHE A 223 -25.45 -35.97 -7.17
C PHE A 223 -26.68 -35.23 -7.68
N GLN A 224 -26.46 -34.06 -8.27
CA GLN A 224 -27.53 -33.25 -8.84
C GLN A 224 -27.13 -32.78 -10.23
N PRO A 225 -27.22 -33.68 -11.22
CA PRO A 225 -26.71 -33.47 -12.58
C PRO A 225 -27.54 -32.48 -13.38
N PHE A 226 -28.83 -32.37 -13.06
CA PHE A 226 -29.75 -31.61 -13.87
C PHE A 226 -30.09 -30.23 -13.32
N TYR A 227 -29.88 -29.20 -14.12
CA TYR A 227 -30.32 -27.87 -13.77
C TYR A 227 -31.80 -27.89 -13.41
N GLN A 228 -32.16 -27.14 -12.37
CA GLN A 228 -33.56 -27.00 -12.03
C GLN A 228 -34.02 -25.61 -12.43
N PRO A 229 -35.26 -25.49 -12.90
CA PRO A 229 -35.78 -24.18 -13.27
C PRO A 229 -35.53 -23.22 -12.13
N ASN A 230 -35.07 -22.02 -12.47
CA ASN A 230 -34.92 -20.97 -11.47
C ASN A 230 -33.65 -21.08 -10.63
N GLU A 231 -32.96 -22.22 -10.75
CA GLU A 231 -31.67 -22.38 -10.08
C GLU A 231 -30.59 -21.50 -10.68
N CYS A 232 -29.71 -21.00 -9.82
CA CYS A 232 -28.55 -20.26 -10.26
C CYS A 232 -27.51 -21.22 -10.81
N GLY A 233 -26.35 -20.71 -11.15
CA GLY A 233 -25.30 -21.58 -11.65
C GLY A 233 -24.69 -22.44 -10.56
N LYS A 234 -24.52 -23.73 -10.86
CA LYS A 234 -23.71 -24.62 -10.04
C LYS A 234 -22.94 -25.58 -10.94
N ALA A 235 -21.69 -25.82 -10.59
CA ALA A 235 -20.75 -26.49 -11.47
C ALA A 235 -21.25 -27.84 -11.98
N LEU A 236 -20.79 -28.19 -13.19
CA LEU A 236 -21.04 -29.51 -13.78
C LEU A 236 -22.53 -29.86 -13.90
N CYS A 237 -23.35 -28.87 -14.20
CA CYS A 237 -24.77 -29.07 -14.38
C CYS A 237 -25.11 -29.05 -15.87
N VAL A 238 -25.99 -29.94 -16.29
CA VAL A 238 -26.45 -29.98 -17.67
C VAL A 238 -27.90 -29.54 -17.76
N ARG A 239 -28.24 -28.86 -18.84
CA ARG A 239 -29.63 -28.50 -19.10
C ARG A 239 -30.31 -29.63 -19.86
N PRO A 240 -31.38 -30.20 -19.28
CA PRO A 240 -32.11 -31.37 -19.77
C PRO A 240 -32.77 -31.12 -21.12
N ASP A 241 -32.95 -29.86 -21.49
CA ASP A 241 -33.66 -29.52 -22.72
C ASP A 241 -32.82 -28.69 -23.69
N VAL A 242 -31.53 -28.54 -23.36
CA VAL A 242 -30.61 -27.80 -24.22
C VAL A 242 -29.27 -28.53 -24.37
N MET A 243 -28.83 -28.71 -25.61
CA MET A 243 -27.53 -29.31 -25.88
C MET A 243 -26.42 -28.33 -25.54
N GLU A 244 -25.41 -28.80 -24.81
CA GLU A 244 -24.24 -27.99 -24.52
C GLU A 244 -23.49 -27.74 -25.83
N LEU A 245 -22.45 -26.92 -25.76
CA LEU A 245 -21.69 -26.55 -26.95
C LEU A 245 -21.00 -27.74 -27.62
N ASP A 246 -20.16 -28.44 -26.87
CA ASP A 246 -19.40 -29.56 -27.42
C ASP A 246 -20.30 -30.66 -27.97
N GLU A 247 -21.52 -30.74 -27.45
CA GLU A 247 -22.50 -31.70 -27.95
C GLU A 247 -23.00 -31.28 -29.33
N LEU A 248 -23.07 -29.97 -29.56
CA LEU A 248 -23.48 -29.47 -30.87
C LEU A 248 -22.42 -29.76 -31.92
N TYR A 249 -21.16 -29.62 -31.54
CA TYR A 249 -20.06 -29.85 -32.46
C TYR A 249 -19.86 -31.34 -32.73
N GLU A 250 -20.08 -32.15 -31.72
CA GLU A 250 -19.93 -33.59 -31.86
C GLU A 250 -21.08 -34.19 -32.65
N PHE A 251 -22.29 -33.69 -32.43
CA PHE A 251 -23.48 -34.16 -33.15
C PHE A 251 -24.24 -33.01 -33.78
N PRO A 252 -23.73 -32.50 -34.91
CA PRO A 252 -24.33 -31.33 -35.59
C PRO A 252 -25.74 -31.60 -36.09
N GLU A 253 -26.02 -32.82 -36.51
CA GLU A 253 -27.32 -33.16 -37.08
C GLU A 253 -28.45 -33.05 -36.05
N TYR A 254 -28.08 -32.78 -34.80
CA TYR A 254 -29.05 -32.70 -33.73
C TYR A 254 -29.28 -31.27 -33.26
N SER A 255 -28.73 -30.32 -34.01
CA SER A 255 -28.96 -28.91 -33.75
C SER A 255 -30.30 -28.45 -34.34
N ARG A 256 -30.79 -29.20 -35.33
CA ARG A 256 -32.12 -28.96 -35.89
C ARG A 256 -33.19 -29.73 -35.11
N ASP A 257 -32.90 -30.99 -34.80
CA ASP A 257 -33.78 -31.78 -33.93
C ASP A 257 -32.97 -32.44 -32.83
N PRO A 258 -33.07 -31.88 -31.61
CA PRO A 258 -32.28 -32.35 -30.48
C PRO A 258 -33.03 -33.36 -29.59
N THR A 259 -34.31 -33.57 -29.84
CA THR A 259 -35.15 -34.33 -28.91
C THR A 259 -34.62 -35.72 -28.57
N MET A 260 -34.26 -36.51 -29.59
CA MET A 260 -33.79 -37.87 -29.34
C MET A 260 -32.50 -37.90 -28.54
N TYR A 261 -31.56 -37.03 -28.91
CA TYR A 261 -30.29 -36.98 -28.21
C TYR A 261 -30.49 -36.67 -26.73
N LEU A 262 -31.19 -35.58 -26.44
CA LEU A 262 -31.45 -35.18 -25.06
C LEU A 262 -32.14 -36.28 -24.27
N ALA A 263 -32.96 -37.09 -24.95
CA ALA A 263 -33.67 -38.17 -24.29
C ALA A 263 -32.70 -39.25 -23.83
N LEU A 264 -31.76 -39.59 -24.70
CA LEU A 264 -30.80 -40.66 -24.42
C LEU A 264 -29.70 -40.20 -23.47
N ARG A 265 -29.30 -38.93 -23.60
CA ARG A 265 -28.26 -38.38 -22.75
C ARG A 265 -28.72 -38.28 -21.29
N ASN A 266 -29.95 -37.82 -21.09
CA ASN A 266 -30.52 -37.72 -19.75
C ASN A 266 -30.74 -39.09 -19.13
N LEU A 267 -30.88 -40.11 -19.98
CA LEU A 267 -31.03 -41.48 -19.52
C LEU A 267 -29.69 -42.04 -19.08
N ILE A 268 -28.66 -41.76 -19.86
CA ILE A 268 -27.31 -42.21 -19.56
C ILE A 268 -26.82 -41.63 -18.23
N LEU A 269 -26.98 -40.32 -18.06
CA LEU A 269 -26.61 -39.68 -16.80
C LEU A 269 -27.46 -40.22 -15.66
N ALA A 270 -28.74 -40.45 -15.93
CA ALA A 270 -29.66 -40.99 -14.93
C ALA A 270 -29.23 -42.39 -14.49
N LEU A 271 -28.69 -43.16 -15.43
CA LEU A 271 -28.22 -44.51 -15.11
C LEU A 271 -26.89 -44.45 -14.37
N TRP A 272 -25.99 -43.60 -14.86
CA TRP A 272 -24.65 -43.46 -14.26
C TRP A 272 -24.71 -43.09 -12.78
N TYR A 273 -25.45 -42.03 -12.45
CA TYR A 273 -25.54 -41.59 -11.06
C TYR A 273 -26.50 -42.45 -10.25
N THR A 274 -27.05 -43.48 -10.90
CA THR A 274 -27.90 -44.45 -10.23
C THR A 274 -27.07 -45.65 -9.79
N ASN A 275 -25.91 -45.78 -10.43
CA ASN A 275 -24.98 -46.86 -10.14
C ASN A 275 -23.58 -46.51 -10.64
N CYS A 276 -22.82 -45.82 -9.80
CA CYS A 276 -21.54 -45.25 -10.21
C CYS A 276 -20.35 -46.12 -9.86
N LYS A 277 -20.61 -47.38 -9.52
CA LYS A 277 -19.52 -48.31 -9.21
C LYS A 277 -19.35 -49.32 -10.33
N GLU A 278 -20.25 -49.26 -11.30
CA GLU A 278 -20.23 -50.15 -12.46
C GLU A 278 -20.01 -49.37 -13.75
N ALA A 279 -19.26 -49.96 -14.66
CA ALA A 279 -19.12 -49.39 -16.00
C ALA A 279 -20.47 -49.47 -16.72
N LEU A 280 -21.00 -48.32 -17.11
CA LEU A 280 -22.23 -48.28 -17.88
C LEU A 280 -21.94 -48.65 -19.32
N THR A 281 -22.66 -49.66 -19.83
CA THR A 281 -22.43 -50.16 -21.18
C THR A 281 -23.71 -50.17 -22.01
N PRO A 282 -23.56 -50.10 -23.34
CA PRO A 282 -24.70 -50.12 -24.27
C PRO A 282 -25.70 -51.24 -23.97
N GLN A 283 -25.20 -52.36 -23.46
CA GLN A 283 -26.04 -53.51 -23.16
C GLN A 283 -27.09 -53.22 -22.08
N LYS A 284 -26.66 -52.62 -20.97
CA LYS A 284 -27.56 -52.32 -19.87
C LYS A 284 -28.36 -51.04 -20.08
N CYS A 285 -28.03 -50.31 -21.14
CA CYS A 285 -28.78 -49.11 -21.51
C CYS A 285 -30.04 -49.46 -22.27
N ILE A 286 -29.88 -50.30 -23.29
CA ILE A 286 -30.97 -50.63 -24.21
C ILE A 286 -32.29 -51.02 -23.54
N PRO A 287 -32.24 -51.93 -22.56
CA PRO A 287 -33.48 -52.37 -21.89
C PRO A 287 -34.25 -51.23 -21.25
N HIS A 288 -33.65 -50.03 -21.21
CA HIS A 288 -34.30 -48.87 -20.60
C HIS A 288 -34.78 -47.86 -21.65
N ILE A 289 -34.39 -48.08 -22.90
CA ILE A 289 -34.95 -47.32 -24.00
C ILE A 289 -36.27 -47.96 -24.41
N ILE A 290 -37.37 -47.39 -23.93
CA ILE A 290 -38.69 -47.94 -24.22
C ILE A 290 -39.54 -46.96 -25.03
N VAL A 291 -39.67 -47.24 -26.32
CA VAL A 291 -40.45 -46.40 -27.21
C VAL A 291 -41.00 -47.21 -28.38
N ARG A 292 -42.24 -46.96 -28.74
CA ARG A 292 -42.87 -47.71 -29.83
C ARG A 292 -42.26 -47.32 -31.16
N GLY A 293 -42.43 -48.17 -32.16
CA GLY A 293 -42.05 -47.84 -33.52
C GLY A 293 -40.60 -48.13 -33.87
N LEU A 294 -40.28 -47.97 -35.15
CA LEU A 294 -38.95 -48.24 -35.68
C LEU A 294 -37.91 -47.30 -35.07
N VAL A 295 -38.37 -46.15 -34.58
CA VAL A 295 -37.46 -45.15 -34.02
C VAL A 295 -36.59 -45.74 -32.92
N ARG A 296 -37.11 -46.75 -32.22
CA ARG A 296 -36.35 -47.41 -31.17
C ARG A 296 -35.07 -47.99 -31.73
N ILE A 297 -35.17 -48.60 -32.92
CA ILE A 297 -33.99 -49.14 -33.60
C ILE A 297 -32.94 -48.04 -33.74
N ARG A 298 -33.37 -46.86 -34.13
CA ARG A 298 -32.45 -45.73 -34.28
C ARG A 298 -31.88 -45.30 -32.93
N CYS A 299 -32.71 -45.39 -31.89
CA CYS A 299 -32.28 -45.02 -30.55
C CYS A 299 -31.16 -45.90 -30.03
N VAL A 300 -31.30 -47.23 -30.20
CA VAL A 300 -30.29 -48.15 -29.68
C VAL A 300 -29.02 -48.10 -30.52
N GLN A 301 -29.14 -47.61 -31.75
CA GLN A 301 -27.97 -47.44 -32.61
C GLN A 301 -27.20 -46.19 -32.20
N GLU A 302 -27.94 -45.19 -31.72
CA GLU A 302 -27.34 -43.91 -31.34
C GLU A 302 -26.86 -43.87 -29.90
N VAL A 303 -27.57 -44.56 -29.02
CA VAL A 303 -27.21 -44.57 -27.60
C VAL A 303 -25.76 -45.02 -27.42
N GLU A 304 -25.28 -45.82 -28.36
CA GLU A 304 -23.92 -46.34 -28.31
C GLU A 304 -22.89 -45.26 -28.65
N ARG A 305 -23.21 -44.40 -29.61
CA ARG A 305 -22.34 -43.29 -29.97
C ARG A 305 -22.33 -42.23 -28.89
N ILE A 306 -23.51 -42.00 -28.31
CA ILE A 306 -23.66 -41.01 -27.25
C ILE A 306 -22.94 -41.47 -26.00
N LEU A 307 -23.04 -42.76 -25.70
CA LEU A 307 -22.44 -43.33 -24.50
C LEU A 307 -20.91 -43.27 -24.56
N TYR A 308 -20.36 -43.29 -25.77
CA TYR A 308 -18.92 -43.23 -25.96
C TYR A 308 -18.40 -41.78 -25.96
N PHE A 309 -19.29 -40.84 -26.29
CA PHE A 309 -18.97 -39.43 -26.16
C PHE A 309 -18.90 -39.04 -24.68
N MET A 310 -19.91 -39.45 -23.92
CA MET A 310 -19.95 -39.20 -22.49
C MET A 310 -18.70 -39.72 -21.81
N THR A 311 -18.22 -40.87 -22.29
CA THR A 311 -17.07 -41.52 -21.67
C THR A 311 -15.77 -40.79 -21.98
N ARG A 312 -15.55 -40.47 -23.26
CA ARG A 312 -14.34 -39.77 -23.66
C ARG A 312 -14.26 -38.41 -22.97
N LYS A 313 -15.40 -37.75 -22.83
CA LYS A 313 -15.45 -36.43 -22.20
C LYS A 313 -15.33 -36.53 -20.69
N GLY A 314 -15.65 -37.70 -20.15
CA GLY A 314 -15.51 -37.92 -18.71
C GLY A 314 -16.77 -37.61 -17.91
N LEU A 315 -17.90 -37.55 -18.58
CA LEU A 315 -19.18 -37.27 -17.91
C LEU A 315 -19.64 -38.48 -17.11
N ILE A 316 -19.31 -39.67 -17.61
CA ILE A 316 -19.67 -40.93 -16.96
C ILE A 316 -18.51 -41.90 -17.04
N ASN A 317 -18.67 -43.08 -16.43
CA ASN A 317 -17.64 -44.10 -16.45
C ASN A 317 -16.28 -43.55 -16.05
N THR A 318 -16.29 -42.47 -15.27
CA THR A 318 -15.07 -41.85 -14.82
C THR A 318 -14.96 -42.02 -13.32
N GLY A 319 -13.98 -41.35 -12.71
CA GLY A 319 -13.77 -41.45 -11.29
C GLY A 319 -12.71 -42.48 -10.94
N VAL A 320 -12.90 -43.18 -9.84
CA VAL A 320 -11.92 -44.14 -9.37
C VAL A 320 -12.18 -45.51 -10.00
N LEU A 321 -13.31 -45.63 -10.69
CA LEU A 321 -13.69 -46.86 -11.37
C LEU A 321 -12.51 -47.49 -12.11
N SER A 322 -12.24 -48.75 -11.82
CA SER A 322 -11.16 -49.46 -12.49
C SER A 322 -11.70 -50.42 -13.55
N VAL A 323 -11.08 -50.41 -14.71
CA VAL A 323 -11.46 -51.31 -15.80
C VAL A 323 -10.29 -52.22 -16.11
N GLY A 324 -10.60 -53.43 -16.56
CA GLY A 324 -9.60 -54.44 -16.87
C GLY A 324 -10.25 -55.79 -16.93
N ALA A 325 -9.67 -56.70 -17.70
CA ALA A 325 -8.43 -56.42 -18.39
C ALA A 325 -8.55 -55.50 -19.65
N ASP A 326 -9.35 -55.78 -20.70
CA ASP A 326 -10.56 -56.62 -20.77
C ASP A 326 -11.76 -55.80 -20.29
N GLN A 327 -12.46 -55.25 -21.30
CA GLN A 327 -13.69 -54.41 -21.17
C GLN A 327 -13.36 -52.92 -21.24
N TYR A 328 -12.32 -52.57 -22.02
CA TYR A 328 -11.90 -51.20 -22.15
C TYR A 328 -13.12 -50.35 -22.47
N LEU A 329 -13.15 -49.14 -21.93
CA LEU A 329 -14.33 -48.28 -21.99
C LEU A 329 -14.58 -47.67 -23.36
N LEU A 330 -13.65 -47.87 -24.30
CA LEU A 330 -13.85 -47.38 -25.66
C LEU A 330 -13.60 -48.49 -26.68
N PRO A 331 -14.19 -48.37 -27.88
CA PRO A 331 -13.95 -49.31 -28.97
C PRO A 331 -12.48 -49.27 -29.39
N LYS A 332 -11.99 -50.39 -29.91
CA LYS A 332 -10.57 -50.54 -30.26
C LYS A 332 -10.09 -49.47 -31.25
N ASP A 333 -11.04 -48.73 -31.82
CA ASP A 333 -10.71 -47.66 -32.75
C ASP A 333 -9.87 -46.57 -32.08
N TYR A 334 -10.10 -46.36 -30.78
CA TYR A 334 -9.38 -45.34 -30.02
C TYR A 334 -8.08 -45.87 -29.43
N HIS A 335 -7.87 -47.17 -29.55
CA HIS A 335 -6.82 -47.85 -28.80
C HIS A 335 -5.39 -47.69 -29.33
N ASN A 336 -5.24 -47.64 -30.65
CA ASN A 336 -3.90 -47.63 -31.25
C ASN A 336 -3.17 -46.28 -31.12
N LYS A 337 -2.77 -45.95 -29.89
CA LYS A 337 -1.95 -44.76 -29.66
C LYS A 337 -1.29 -44.81 -28.29
N SER A 338 -0.12 -44.18 -28.19
CA SER A 338 0.64 -44.15 -26.95
C SER A 338 0.83 -42.72 -26.48
N VAL A 339 0.73 -42.51 -25.18
CA VAL A 339 0.95 -41.19 -24.60
C VAL A 339 1.74 -41.27 -23.29
N ILE A 340 2.66 -40.33 -23.12
CA ILE A 340 3.47 -40.23 -21.92
C ILE A 340 2.93 -39.13 -21.02
N ILE A 341 2.82 -39.42 -19.72
CA ILE A 341 2.31 -38.45 -18.76
C ILE A 341 3.40 -38.00 -17.80
N ILE A 342 3.71 -36.71 -17.81
CA ILE A 342 4.75 -36.17 -16.92
C ILE A 342 4.16 -35.60 -15.64
N GLY A 343 4.49 -36.24 -14.51
CA GLY A 343 3.98 -35.82 -13.23
C GLY A 343 2.81 -36.68 -12.79
N ALA A 344 2.94 -37.31 -11.63
CA ALA A 344 1.91 -38.23 -11.16
C ALA A 344 1.11 -37.64 -10.00
N GLY A 345 0.57 -36.45 -10.21
CA GLY A 345 -0.30 -35.82 -9.23
C GLY A 345 -1.75 -36.09 -9.58
N PRO A 346 -2.68 -35.36 -8.95
CA PRO A 346 -4.11 -35.53 -9.26
C PRO A 346 -4.36 -35.41 -10.77
N ALA A 347 -3.68 -34.47 -11.42
CA ALA A 347 -3.87 -34.24 -12.85
C ALA A 347 -3.36 -35.42 -13.67
N GLY A 348 -2.06 -35.66 -13.61
CA GLY A 348 -1.43 -36.73 -14.37
C GLY A 348 -2.02 -38.09 -14.10
N LEU A 349 -2.53 -38.30 -12.88
CA LEU A 349 -3.12 -39.59 -12.52
C LEU A 349 -4.55 -39.70 -13.02
N ALA A 350 -5.28 -38.59 -12.97
CA ALA A 350 -6.64 -38.56 -13.50
C ALA A 350 -6.65 -38.93 -14.98
N ALA A 351 -5.77 -38.28 -15.76
CA ALA A 351 -5.66 -38.56 -17.18
C ALA A 351 -5.14 -39.97 -17.44
N ALA A 352 -4.27 -40.45 -16.56
CA ALA A 352 -3.70 -41.78 -16.67
C ALA A 352 -4.77 -42.86 -16.58
N ARG A 353 -5.53 -42.84 -15.49
CA ARG A 353 -6.61 -43.79 -15.28
C ARG A 353 -7.64 -43.75 -16.39
N GLN A 354 -7.80 -42.57 -17.01
CA GLN A 354 -8.77 -42.39 -18.09
C GLN A 354 -8.29 -43.00 -19.40
N LEU A 355 -7.13 -42.57 -19.86
CA LEU A 355 -6.55 -43.11 -21.09
C LEU A 355 -6.33 -44.62 -20.96
N HIS A 356 -6.07 -45.08 -19.73
CA HIS A 356 -5.89 -46.49 -19.45
C HIS A 356 -7.19 -47.24 -19.68
N ASN A 357 -8.27 -46.71 -19.12
CA ASN A 357 -9.60 -47.30 -19.27
C ASN A 357 -10.10 -47.30 -20.71
N PHE A 358 -9.77 -46.25 -21.44
CA PHE A 358 -10.19 -46.14 -22.83
C PHE A 358 -9.56 -47.25 -23.67
N GLY A 359 -8.42 -47.75 -23.20
CA GLY A 359 -7.70 -48.80 -23.91
C GLY A 359 -6.47 -48.29 -24.62
N ILE A 360 -5.92 -47.19 -24.09
CA ILE A 360 -4.77 -46.54 -24.71
C ILE A 360 -3.50 -46.82 -23.91
N LYS A 361 -2.36 -46.86 -24.60
CA LYS A 361 -1.08 -47.10 -23.94
C LYS A 361 -0.65 -45.87 -23.16
N VAL A 362 -0.39 -46.06 -21.86
CA VAL A 362 -0.04 -44.95 -20.99
C VAL A 362 1.19 -45.25 -20.15
N THR A 363 2.20 -44.39 -20.27
CA THR A 363 3.38 -44.46 -19.43
C THR A 363 3.63 -43.13 -18.72
N VAL A 364 3.41 -43.09 -17.42
CA VAL A 364 3.56 -41.86 -16.64
C VAL A 364 4.89 -41.77 -15.89
N LEU A 365 5.60 -40.66 -16.06
CA LEU A 365 6.92 -40.47 -15.46
C LEU A 365 6.88 -39.40 -14.36
N GLU A 366 7.00 -39.85 -13.11
CA GLU A 366 7.00 -38.93 -11.97
C GLU A 366 8.42 -38.58 -11.51
N ALA A 367 8.59 -37.38 -10.97
CA ALA A 367 9.90 -36.89 -10.56
C ALA A 367 10.30 -37.37 -9.16
N LYS A 368 9.43 -37.14 -8.19
CA LYS A 368 9.68 -37.56 -6.82
C LYS A 368 9.69 -39.08 -6.70
N ASP A 369 9.92 -39.57 -5.49
CA ASP A 369 9.93 -41.01 -5.25
C ASP A 369 8.58 -41.49 -4.71
N ARG A 370 7.53 -40.73 -5.01
CA ARG A 370 6.17 -41.09 -4.61
C ARG A 370 5.15 -40.45 -5.54
N ILE A 371 3.91 -40.94 -5.47
CA ILE A 371 2.82 -40.39 -6.27
C ILE A 371 1.99 -39.45 -5.41
N GLY A 372 1.17 -38.63 -6.06
CA GLY A 372 0.25 -37.76 -5.36
C GLY A 372 0.52 -36.28 -5.58
N GLY A 373 1.80 -35.91 -5.56
CA GLY A 373 2.19 -34.53 -5.75
C GLY A 373 1.86 -33.66 -4.57
N ARG A 374 1.07 -32.62 -4.81
CA ARG A 374 0.64 -31.72 -3.74
C ARG A 374 -0.39 -32.40 -2.84
N VAL A 375 -0.66 -33.67 -3.12
CA VAL A 375 -1.46 -34.49 -2.23
C VAL A 375 -0.53 -35.45 -1.47
N TRP A 376 -0.41 -35.24 -0.17
CA TRP A 376 0.53 -35.99 0.66
C TRP A 376 0.03 -36.12 2.09
N ASP A 377 -0.56 -37.26 2.41
CA ASP A 377 -1.11 -37.45 3.75
C ASP A 377 -0.09 -38.00 4.73
N ASP A 378 -0.34 -37.76 6.01
CA ASP A 378 0.52 -38.24 7.08
C ASP A 378 -0.32 -39.13 7.98
N LYS A 379 -0.07 -40.43 7.92
CA LYS A 379 -0.91 -41.39 8.64
C LYS A 379 -0.23 -41.90 9.90
N SER A 380 0.63 -41.06 10.49
CA SER A 380 1.41 -41.47 11.66
C SER A 380 0.86 -40.90 12.97
N PHE A 381 -0.26 -40.20 12.90
CA PHE A 381 -0.94 -39.76 14.12
C PHE A 381 -1.94 -40.84 14.53
N LYS A 382 -2.24 -40.89 15.82
CA LYS A 382 -3.13 -41.92 16.33
C LYS A 382 -4.58 -41.64 15.94
N GLY A 383 -5.19 -42.60 15.24
CA GLY A 383 -6.60 -42.51 14.88
C GLY A 383 -6.98 -41.23 14.15
N VAL A 384 -6.05 -40.70 13.36
CA VAL A 384 -6.31 -39.49 12.58
C VAL A 384 -5.38 -39.38 11.38
N THR A 385 -5.93 -39.02 10.23
CA THR A 385 -5.13 -38.79 9.04
C THR A 385 -5.04 -37.31 8.74
N VAL A 386 -3.83 -36.77 8.75
CA VAL A 386 -3.61 -35.35 8.47
C VAL A 386 -2.86 -35.17 7.14
N GLY A 387 -3.28 -34.19 6.36
CA GLY A 387 -2.71 -33.97 5.04
C GLY A 387 -1.69 -32.86 4.96
N ARG A 388 -0.46 -33.21 4.64
CA ARG A 388 0.60 -32.23 4.46
C ARG A 388 0.22 -31.21 3.39
N GLY A 389 -0.64 -31.63 2.48
CA GLY A 389 -1.12 -30.76 1.41
C GLY A 389 -2.63 -30.62 1.44
N ALA A 390 -3.28 -30.97 0.33
CA ALA A 390 -4.72 -30.84 0.21
C ALA A 390 -5.45 -31.79 1.16
N GLN A 391 -6.64 -31.38 1.61
CA GLN A 391 -7.48 -32.25 2.44
C GLN A 391 -8.91 -31.73 2.56
N ILE A 392 -9.16 -30.55 2.02
CA ILE A 392 -10.50 -29.97 2.05
C ILE A 392 -11.20 -30.08 0.70
N VAL A 393 -12.49 -30.33 0.73
CA VAL A 393 -13.30 -30.34 -0.48
C VAL A 393 -14.24 -29.15 -0.49
N ASN A 394 -13.97 -28.19 -1.38
CA ASN A 394 -14.73 -26.94 -1.45
C ASN A 394 -15.99 -27.08 -2.30
N GLY A 395 -17.13 -27.31 -1.64
CA GLY A 395 -18.37 -27.58 -2.34
C GLY A 395 -18.39 -28.99 -2.89
N CYS A 396 -19.39 -29.77 -2.49
CA CYS A 396 -19.40 -31.20 -2.80
C CYS A 396 -20.39 -31.59 -3.89
N ILE A 397 -21.38 -30.73 -4.15
CA ILE A 397 -22.37 -31.03 -5.18
C ILE A 397 -21.74 -31.17 -6.56
N ASN A 398 -21.94 -32.34 -7.16
CA ASN A 398 -21.40 -32.66 -8.48
C ASN A 398 -19.89 -32.78 -8.53
N ASN A 399 -19.24 -32.55 -7.40
CA ASN A 399 -17.79 -32.64 -7.34
C ASN A 399 -17.31 -34.06 -7.60
N PRO A 400 -16.30 -34.21 -8.47
CA PRO A 400 -15.77 -35.54 -8.80
C PRO A 400 -15.23 -36.24 -7.56
N VAL A 401 -14.83 -35.46 -6.56
CA VAL A 401 -14.29 -36.00 -5.33
C VAL A 401 -15.37 -36.71 -4.51
N ALA A 402 -16.59 -36.17 -4.56
CA ALA A 402 -17.71 -36.76 -3.85
C ALA A 402 -18.16 -38.05 -4.54
N LEU A 403 -18.14 -38.05 -5.86
CA LEU A 403 -18.41 -39.25 -6.64
C LEU A 403 -17.37 -40.32 -6.30
N MET A 404 -16.10 -39.93 -6.38
CA MET A 404 -15.01 -40.84 -6.07
C MET A 404 -15.03 -41.30 -4.62
N CYS A 405 -15.83 -40.62 -3.80
CA CYS A 405 -16.04 -41.04 -2.41
C CYS A 405 -17.15 -42.07 -2.33
N GLU A 406 -18.18 -41.91 -3.15
CA GLU A 406 -19.24 -42.90 -3.25
C GLU A 406 -18.65 -44.22 -3.75
N GLN A 407 -17.88 -44.14 -4.84
CA GLN A 407 -17.25 -45.30 -5.42
C GLN A 407 -16.34 -46.03 -4.44
N LEU A 408 -15.81 -45.29 -3.46
CA LEU A 408 -14.90 -45.86 -2.47
C LEU A 408 -15.56 -46.05 -1.12
N GLY A 409 -16.87 -45.80 -1.06
CA GLY A 409 -17.62 -45.96 0.18
C GLY A 409 -17.09 -45.11 1.32
N ILE A 410 -16.22 -44.16 0.98
CA ILE A 410 -15.65 -43.23 1.94
C ILE A 410 -16.70 -42.21 2.37
N SER A 411 -16.62 -41.77 3.62
CA SER A 411 -17.49 -40.70 4.11
C SER A 411 -16.66 -39.48 4.48
N MET A 412 -17.29 -38.30 4.41
CA MET A 412 -16.61 -37.05 4.73
C MET A 412 -17.26 -36.35 5.93
N HIS A 413 -16.63 -35.27 6.39
CA HIS A 413 -17.20 -34.45 7.46
C HIS A 413 -17.50 -33.04 6.97
N LYS A 414 -18.69 -32.54 7.28
CA LYS A 414 -19.07 -31.19 6.90
C LYS A 414 -18.67 -30.18 7.98
N PHE A 415 -17.88 -29.19 7.58
CA PHE A 415 -17.47 -28.11 8.47
C PHE A 415 -18.66 -27.36 9.04
N GLY A 416 -18.64 -27.10 10.33
CA GLY A 416 -19.61 -26.21 10.94
C GLY A 416 -19.36 -24.81 10.44
N GLU A 417 -20.31 -23.91 10.65
CA GLU A 417 -20.15 -22.54 10.19
C GLU A 417 -19.56 -21.68 11.30
N ARG A 418 -19.60 -22.17 12.53
CA ARG A 418 -19.11 -21.42 13.68
C ARG A 418 -17.57 -21.34 13.75
N CYS A 419 -17.06 -20.13 13.66
CA CYS A 419 -15.62 -19.88 13.78
C CYS A 419 -15.39 -18.64 14.64
N ASP A 420 -15.13 -18.84 15.93
CA ASP A 420 -14.87 -17.74 16.84
C ASP A 420 -13.47 -17.18 16.62
N LEU A 421 -13.34 -15.86 16.73
CA LEU A 421 -12.04 -15.21 16.54
C LEU A 421 -11.37 -14.89 17.87
N ILE A 422 -10.49 -15.78 18.31
CA ILE A 422 -9.82 -15.64 19.60
C ILE A 422 -8.63 -14.68 19.52
N GLN A 423 -8.60 -13.70 20.42
CA GLN A 423 -7.51 -12.73 20.49
C GLN A 423 -6.40 -13.25 21.39
N GLU A 424 -5.41 -12.38 21.63
CA GLU A 424 -4.40 -12.65 22.63
C GLU A 424 -4.70 -11.83 23.88
N GLY A 425 -5.04 -12.52 24.97
CA GLY A 425 -5.09 -13.97 24.96
C GLY A 425 -6.21 -14.56 25.79
N GLY A 426 -7.16 -15.20 25.13
CA GLY A 426 -8.26 -15.86 25.81
C GLY A 426 -9.61 -15.28 25.45
N ARG A 427 -9.64 -13.96 25.26
CA ARG A 427 -10.87 -13.26 24.96
C ARG A 427 -11.43 -13.66 23.60
N ILE A 428 -12.70 -14.07 23.59
CA ILE A 428 -13.41 -14.36 22.35
C ILE A 428 -14.13 -13.09 21.89
N THR A 429 -13.62 -12.51 20.81
CA THR A 429 -14.11 -11.23 20.29
C THR A 429 -15.63 -11.13 20.31
N ASP A 430 -16.13 -9.98 20.77
CA ASP A 430 -17.56 -9.72 20.86
C ASP A 430 -18.23 -9.81 19.50
N PRO A 431 -19.26 -10.66 19.39
CA PRO A 431 -20.02 -10.86 18.15
C PRO A 431 -20.34 -9.55 17.44
N THR A 432 -20.74 -8.53 18.19
CA THR A 432 -21.07 -7.23 17.60
C THR A 432 -19.85 -6.62 16.91
N ILE A 433 -18.66 -6.81 17.49
CA ILE A 433 -17.42 -6.33 16.90
C ILE A 433 -17.03 -7.19 15.70
N ASP A 434 -17.37 -8.47 15.78
CA ASP A 434 -17.03 -9.43 14.74
C ASP A 434 -17.85 -9.18 13.47
N LYS A 435 -19.17 -9.20 13.61
CA LYS A 435 -20.06 -8.90 12.50
C LYS A 435 -19.68 -7.54 11.90
N ARG A 436 -19.69 -6.52 12.75
CA ARG A 436 -19.27 -5.17 12.36
C ARG A 436 -18.16 -5.16 11.32
N MET A 437 -17.06 -5.85 11.64
CA MET A 437 -15.84 -5.80 10.83
C MET A 437 -15.88 -6.75 9.64
N ASP A 438 -16.77 -7.74 9.71
CA ASP A 438 -17.01 -8.60 8.56
C ASP A 438 -17.76 -7.81 7.49
N PHE A 439 -18.79 -7.07 7.92
CA PHE A 439 -19.52 -6.18 7.02
C PHE A 439 -18.56 -5.25 6.30
N HIS A 440 -17.80 -4.49 7.09
CA HIS A 440 -16.89 -3.49 6.54
C HIS A 440 -15.88 -4.10 5.57
N PHE A 441 -15.32 -5.26 5.91
CA PHE A 441 -14.40 -5.92 5.01
C PHE A 441 -15.06 -6.27 3.69
N ASN A 442 -16.23 -6.90 3.75
CA ASN A 442 -16.96 -7.26 2.54
C ASN A 442 -17.33 -6.03 1.73
N ALA A 443 -17.66 -4.94 2.43
CA ALA A 443 -17.94 -3.67 1.78
C ALA A 443 -16.73 -3.22 0.97
N LEU A 444 -15.54 -3.31 1.59
CA LEU A 444 -14.30 -2.91 0.93
C LEU A 444 -14.10 -3.66 -0.37
N LEU A 445 -14.63 -4.88 -0.44
CA LEU A 445 -14.52 -5.69 -1.65
C LEU A 445 -15.59 -5.32 -2.67
N ASP A 446 -16.72 -4.83 -2.19
CA ASP A 446 -17.79 -4.37 -3.07
C ASP A 446 -17.31 -3.22 -3.95
N VAL A 447 -16.63 -2.25 -3.34
CA VAL A 447 -16.13 -1.08 -4.07
C VAL A 447 -14.91 -1.39 -4.92
N VAL A 448 -14.18 -2.45 -4.56
CA VAL A 448 -13.08 -2.93 -5.40
C VAL A 448 -13.65 -3.50 -6.69
N SER A 449 -14.84 -4.09 -6.58
CA SER A 449 -15.55 -4.64 -7.73
C SER A 449 -16.13 -3.53 -8.61
N GLU A 450 -16.39 -2.38 -7.99
CA GLU A 450 -16.92 -1.23 -8.70
C GLU A 450 -15.82 -0.57 -9.53
N TRP A 451 -14.76 -0.16 -8.85
CA TRP A 451 -13.62 0.49 -9.50
C TRP A 451 -13.10 -0.29 -10.71
N ARG A 452 -13.07 -1.62 -10.58
CA ARG A 452 -12.47 -2.50 -11.59
C ARG A 452 -13.28 -2.58 -12.88
N LYS A 453 -14.56 -2.25 -12.80
CA LYS A 453 -15.43 -2.29 -13.98
C LYS A 453 -14.84 -1.50 -15.16
N ASP A 454 -14.63 -2.19 -16.28
CA ASP A 454 -14.23 -1.57 -17.55
C ASP A 454 -12.74 -1.20 -17.68
N LYS A 455 -12.01 -1.29 -16.58
CA LYS A 455 -10.56 -1.09 -16.59
C LYS A 455 -9.96 -2.16 -17.51
N THR A 456 -8.78 -1.90 -18.06
CA THR A 456 -8.11 -2.90 -18.89
C THR A 456 -6.99 -3.59 -18.09
N GLN A 457 -6.34 -4.57 -18.71
CA GLN A 457 -5.25 -5.25 -18.04
C GLN A 457 -4.17 -4.25 -17.64
N LEU A 458 -3.94 -3.26 -18.49
CA LEU A 458 -2.93 -2.24 -18.23
C LEU A 458 -3.26 -1.36 -17.02
N GLN A 459 -4.55 -1.24 -16.70
CA GLN A 459 -4.98 -0.41 -15.59
C GLN A 459 -5.13 -1.22 -14.31
N ASP A 460 -4.54 -2.42 -14.30
CA ASP A 460 -4.67 -3.28 -13.13
C ASP A 460 -3.81 -2.75 -11.98
N VAL A 461 -4.31 -2.94 -10.75
CA VAL A 461 -3.57 -2.54 -9.56
C VAL A 461 -3.67 -3.65 -8.51
N PRO A 462 -2.62 -3.84 -7.71
CA PRO A 462 -2.65 -4.86 -6.65
C PRO A 462 -3.91 -4.74 -5.81
N LEU A 463 -4.60 -5.88 -5.61
CA LEU A 463 -5.81 -5.91 -4.81
C LEU A 463 -5.61 -5.22 -3.47
N GLY A 464 -4.51 -5.54 -2.81
CA GLY A 464 -4.21 -4.99 -1.50
C GLY A 464 -3.95 -3.50 -1.53
N GLU A 465 -3.28 -3.04 -2.58
CA GLU A 465 -2.99 -1.61 -2.75
C GLU A 465 -4.29 -0.83 -2.92
N LYS A 466 -5.29 -1.49 -3.51
CA LYS A 466 -6.60 -0.87 -3.74
C LYS A 466 -7.47 -0.87 -2.48
N ILE A 467 -7.37 -1.93 -1.68
CA ILE A 467 -8.14 -2.00 -0.45
C ILE A 467 -7.63 -1.03 0.59
N GLU A 468 -6.31 -0.82 0.62
CA GLU A 468 -5.71 0.15 1.51
C GLU A 468 -6.13 1.56 1.12
N GLU A 469 -5.91 1.89 -0.16
CA GLU A 469 -6.32 3.16 -0.73
C GLU A 469 -7.79 3.48 -0.46
N ILE A 470 -8.64 2.47 -0.59
CA ILE A 470 -10.08 2.63 -0.35
C ILE A 470 -10.37 2.72 1.16
N TYR A 471 -9.55 2.05 1.96
CA TYR A 471 -9.73 2.01 3.40
C TYR A 471 -9.48 3.37 4.05
N LYS A 472 -8.35 3.98 3.71
CA LYS A 472 -8.02 5.31 4.23
C LYS A 472 -8.95 6.36 3.63
N ALA A 473 -9.17 6.26 2.33
CA ALA A 473 -10.03 7.20 1.62
C ALA A 473 -11.46 7.21 2.19
N PHE A 474 -11.71 6.30 3.12
CA PHE A 474 -13.03 6.23 3.77
C PHE A 474 -12.98 6.77 5.18
N ILE A 475 -11.91 6.45 5.90
CA ILE A 475 -11.70 6.98 7.24
C ILE A 475 -11.64 8.50 7.15
N LYS A 476 -11.18 8.99 6.00
CA LYS A 476 -11.10 10.42 5.73
C LYS A 476 -12.50 11.02 5.62
N GLU A 477 -13.29 10.47 4.71
CA GLU A 477 -14.63 10.97 4.42
C GLU A 477 -15.53 11.05 5.66
N SER A 478 -15.23 10.23 6.66
CA SER A 478 -15.99 10.23 7.91
C SER A 478 -15.07 10.04 9.10
N GLY A 479 -15.26 10.86 10.13
CA GLY A 479 -14.42 10.82 11.31
C GLY A 479 -14.38 9.49 12.05
N ILE A 480 -15.15 8.52 11.56
CA ILE A 480 -15.16 7.18 12.15
C ILE A 480 -13.73 6.70 12.44
N GLN A 481 -13.51 6.27 13.68
CA GLN A 481 -12.18 5.85 14.11
C GLN A 481 -12.21 4.40 14.61
N PHE A 482 -11.54 3.51 13.89
CA PHE A 482 -11.51 2.09 14.27
C PHE A 482 -10.57 1.84 15.44
N SER A 483 -11.02 1.04 16.40
CA SER A 483 -10.20 0.65 17.54
C SER A 483 -9.11 -0.32 17.08
N GLU A 484 -8.09 -0.50 17.93
CA GLU A 484 -7.00 -1.42 17.58
C GLU A 484 -7.52 -2.85 17.48
N LEU A 485 -8.65 -3.11 18.13
CA LEU A 485 -9.27 -4.42 18.06
C LEU A 485 -10.01 -4.60 16.73
N GLU A 486 -10.81 -3.61 16.37
CA GLU A 486 -11.51 -3.64 15.09
C GLU A 486 -10.51 -3.68 13.93
N GLY A 487 -9.43 -2.92 14.05
CA GLY A 487 -8.40 -2.88 13.04
C GLY A 487 -7.66 -4.20 12.88
N GLN A 488 -7.53 -4.93 13.98
CA GLN A 488 -6.87 -6.23 13.96
C GLN A 488 -7.79 -7.32 13.42
N VAL A 489 -9.05 -7.25 13.81
CA VAL A 489 -10.05 -8.20 13.31
C VAL A 489 -10.18 -8.08 11.79
N LEU A 490 -9.95 -6.87 11.28
CA LEU A 490 -9.94 -6.67 9.82
C LEU A 490 -8.73 -7.33 9.19
N GLN A 491 -7.59 -7.27 9.88
CA GLN A 491 -6.36 -7.90 9.39
C GLN A 491 -6.57 -9.40 9.18
N PHE A 492 -7.34 -10.01 10.06
CA PHE A 492 -7.64 -11.44 9.95
C PHE A 492 -8.36 -11.75 8.64
N HIS A 493 -9.19 -10.82 8.19
CA HIS A 493 -9.92 -11.02 6.95
C HIS A 493 -9.06 -10.75 5.71
N LEU A 494 -7.98 -9.99 5.89
CA LEU A 494 -7.02 -9.78 4.81
C LEU A 494 -6.13 -11.01 4.67
N SER A 495 -5.76 -11.58 5.82
CA SER A 495 -4.93 -12.78 5.83
C SER A 495 -5.73 -13.96 5.34
N ASN A 496 -7.02 -13.96 5.65
CA ASN A 496 -7.92 -15.00 5.18
C ASN A 496 -8.00 -14.99 3.67
N LEU A 497 -7.93 -13.79 3.10
CA LEU A 497 -7.99 -13.61 1.65
C LEU A 497 -6.63 -13.96 1.02
N GLU A 498 -5.56 -13.81 1.81
CA GLU A 498 -4.23 -14.19 1.38
C GLU A 498 -4.08 -15.71 1.45
N TYR A 499 -4.80 -16.30 2.39
CA TYR A 499 -4.79 -17.75 2.59
C TYR A 499 -5.39 -18.47 1.38
N ALA A 500 -6.36 -17.83 0.73
CA ALA A 500 -7.01 -18.43 -0.43
C ALA A 500 -6.25 -18.15 -1.73
N CYS A 501 -5.57 -17.01 -1.78
CA CYS A 501 -4.77 -16.66 -2.96
C CYS A 501 -3.37 -17.22 -2.85
N GLY A 502 -2.99 -17.60 -1.63
CA GLY A 502 -1.64 -18.09 -1.36
C GLY A 502 -0.58 -17.06 -1.69
N SER A 503 -0.89 -15.80 -1.42
CA SER A 503 0.01 -14.70 -1.76
C SER A 503 -0.37 -13.45 -1.00
N ASN A 504 0.57 -12.53 -0.86
CA ASN A 504 0.26 -11.21 -0.30
C ASN A 504 -0.56 -10.43 -1.32
N LEU A 505 -1.63 -9.80 -0.84
CA LEU A 505 -2.57 -9.12 -1.72
C LEU A 505 -1.92 -8.07 -2.61
N HIS A 506 -0.70 -7.67 -2.27
CA HIS A 506 0.01 -6.66 -3.06
C HIS A 506 0.63 -7.23 -4.33
N GLN A 507 0.56 -8.56 -4.47
CA GLN A 507 1.02 -9.22 -5.69
C GLN A 507 -0.15 -9.80 -6.48
N VAL A 508 -1.31 -9.91 -5.84
CA VAL A 508 -2.50 -10.44 -6.49
C VAL A 508 -3.31 -9.35 -7.18
N SER A 509 -3.81 -9.64 -8.37
CA SER A 509 -4.60 -8.68 -9.15
C SER A 509 -5.85 -8.24 -8.42
N ALA A 510 -6.34 -7.05 -8.78
CA ALA A 510 -7.60 -6.55 -8.23
C ALA A 510 -8.72 -6.83 -9.23
N ARG A 511 -8.36 -6.87 -10.50
CA ARG A 511 -9.32 -7.12 -11.55
C ARG A 511 -9.70 -8.59 -11.66
N SER A 512 -8.71 -9.47 -11.49
CA SER A 512 -8.91 -10.89 -11.77
C SER A 512 -8.68 -11.80 -10.56
N TRP A 513 -8.72 -11.22 -9.35
CA TRP A 513 -8.47 -12.00 -8.15
C TRP A 513 -9.53 -13.07 -7.92
N ASP A 514 -10.71 -12.88 -8.49
CA ASP A 514 -11.77 -13.87 -8.42
C ASP A 514 -12.36 -14.09 -9.80
N HIS A 515 -11.51 -14.00 -10.81
CA HIS A 515 -11.89 -14.17 -12.21
C HIS A 515 -12.80 -15.37 -12.42
N ASN A 516 -12.52 -16.46 -11.70
CA ASN A 516 -13.21 -17.73 -11.93
C ASN A 516 -14.68 -17.73 -11.53
N GLU A 517 -15.05 -16.89 -10.56
CA GLU A 517 -16.42 -16.80 -10.11
C GLU A 517 -17.33 -16.19 -11.16
N PHE A 518 -16.72 -15.74 -12.26
CA PHE A 518 -17.47 -15.35 -13.45
C PHE A 518 -18.22 -16.58 -13.96
N PHE A 519 -17.68 -17.76 -13.67
CA PHE A 519 -18.30 -19.02 -14.05
C PHE A 519 -18.99 -19.68 -12.87
N ALA A 520 -19.75 -20.74 -13.14
CA ALA A 520 -20.51 -21.44 -12.11
C ALA A 520 -19.60 -22.35 -11.27
N GLN A 521 -19.60 -22.13 -9.96
CA GLN A 521 -18.73 -22.87 -9.05
C GLN A 521 -19.47 -24.02 -8.37
N PHE A 522 -18.71 -24.88 -7.69
CA PHE A 522 -19.26 -26.05 -6.99
C PHE A 522 -20.05 -25.68 -5.75
N ALA A 523 -21.35 -25.90 -5.80
CA ALA A 523 -22.23 -25.56 -4.69
C ALA A 523 -22.07 -26.55 -3.54
N GLY A 524 -22.99 -26.49 -2.58
CA GLY A 524 -23.06 -27.49 -1.54
C GLY A 524 -22.07 -27.36 -0.40
N ASP A 525 -21.95 -28.43 0.38
CA ASP A 525 -21.14 -28.43 1.60
C ASP A 525 -19.65 -28.34 1.36
N HIS A 526 -18.97 -27.58 2.21
CA HIS A 526 -17.52 -27.62 2.30
C HIS A 526 -17.14 -28.64 3.35
N THR A 527 -16.35 -29.63 2.96
CA THR A 527 -16.02 -30.73 3.87
C THR A 527 -14.53 -30.98 4.05
N LEU A 528 -14.21 -31.77 5.06
CA LEU A 528 -12.85 -32.21 5.34
C LEU A 528 -12.76 -33.69 4.98
N LEU A 529 -12.00 -34.02 3.93
CA LEU A 529 -11.86 -35.40 3.49
C LEU A 529 -11.10 -36.22 4.55
N THR A 530 -11.85 -36.74 5.52
CA THR A 530 -11.26 -37.37 6.70
C THR A 530 -10.18 -38.43 6.43
N PRO A 531 -10.44 -39.37 5.51
CA PRO A 531 -9.43 -40.39 5.21
C PRO A 531 -8.25 -39.79 4.46
N GLY A 532 -8.44 -38.63 3.88
CA GLY A 532 -7.39 -37.93 3.15
C GLY A 532 -7.42 -38.22 1.66
N TYR A 533 -6.98 -37.23 0.88
CA TYR A 533 -6.96 -37.38 -0.57
C TYR A 533 -6.08 -38.54 -1.03
N SER A 534 -5.11 -38.93 -0.20
CA SER A 534 -4.18 -40.00 -0.55
C SER A 534 -4.95 -41.24 -1.00
N VAL A 535 -6.08 -41.49 -0.34
CA VAL A 535 -6.90 -42.66 -0.66
C VAL A 535 -7.31 -42.65 -2.13
N ILE A 536 -7.94 -41.57 -2.56
CA ILE A 536 -8.40 -41.44 -3.93
C ILE A 536 -7.24 -41.47 -4.92
N ILE A 537 -6.09 -40.94 -4.51
CA ILE A 537 -4.90 -40.91 -5.37
C ILE A 537 -4.31 -42.30 -5.60
N GLU A 538 -4.18 -43.07 -4.53
CA GLU A 538 -3.59 -44.41 -4.61
C GLU A 538 -4.48 -45.38 -5.36
N LYS A 539 -5.78 -45.09 -5.39
CA LYS A 539 -6.73 -45.94 -6.09
C LYS A 539 -6.71 -45.65 -7.60
N LEU A 540 -6.41 -44.41 -7.97
CA LEU A 540 -6.27 -44.03 -9.37
C LEU A 540 -5.01 -44.61 -9.98
N ALA A 541 -3.94 -44.66 -9.20
CA ALA A 541 -2.63 -45.09 -9.69
C ALA A 541 -2.50 -46.61 -9.69
N GLU A 542 -3.47 -47.28 -9.09
CA GLU A 542 -3.46 -48.74 -8.95
C GLU A 542 -3.39 -49.48 -10.28
N GLY A 543 -2.20 -49.95 -10.63
CA GLY A 543 -2.02 -50.76 -11.82
C GLY A 543 -1.46 -50.03 -13.02
N LEU A 544 -1.17 -48.75 -12.84
CA LEU A 544 -0.65 -47.94 -13.94
C LEU A 544 0.86 -48.03 -14.00
N ASP A 545 1.42 -47.96 -15.21
CA ASP A 545 2.87 -48.00 -15.38
C ASP A 545 3.48 -46.67 -14.95
N ILE A 546 3.78 -46.55 -13.67
CA ILE A 546 4.29 -45.29 -13.12
C ILE A 546 5.77 -45.36 -12.74
N GLN A 547 6.61 -44.82 -13.62
CA GLN A 547 8.04 -44.72 -13.35
C GLN A 547 8.30 -43.62 -12.32
N LEU A 548 8.78 -44.02 -11.14
CA LEU A 548 9.13 -43.05 -10.12
C LEU A 548 10.60 -42.63 -10.22
N LYS A 549 10.92 -41.49 -9.61
CA LYS A 549 12.26 -40.93 -9.68
C LYS A 549 12.75 -40.81 -11.11
N SER A 550 11.90 -40.28 -11.98
CA SER A 550 12.25 -40.11 -13.39
C SER A 550 11.97 -38.68 -13.88
N PRO A 551 12.61 -37.68 -13.24
CA PRO A 551 12.43 -36.29 -13.66
C PRO A 551 12.69 -36.12 -15.15
N VAL A 552 11.75 -35.50 -15.85
CA VAL A 552 11.94 -35.19 -17.26
C VAL A 552 12.76 -33.92 -17.39
N GLN A 553 13.75 -33.92 -18.27
CA GLN A 553 14.58 -32.74 -18.46
C GLN A 553 14.44 -32.13 -19.85
N CYS A 554 14.09 -32.97 -20.83
CA CYS A 554 13.93 -32.49 -22.20
C CYS A 554 12.77 -33.19 -22.91
N ILE A 555 12.04 -32.42 -23.73
CA ILE A 555 10.96 -32.96 -24.54
C ILE A 555 11.08 -32.52 -26.00
N ASP A 556 11.30 -33.48 -26.89
CA ASP A 556 11.49 -33.19 -28.31
C ASP A 556 10.34 -33.72 -29.17
N TYR A 557 9.50 -32.82 -29.66
CA TYR A 557 8.41 -33.18 -30.54
C TYR A 557 8.61 -32.61 -31.93
N SER A 558 9.86 -32.36 -32.30
CA SER A 558 10.19 -31.82 -33.60
C SER A 558 10.23 -32.90 -34.67
N GLY A 559 10.29 -34.16 -34.22
CA GLY A 559 10.34 -35.28 -35.12
C GLY A 559 8.97 -35.91 -35.36
N ASP A 560 8.98 -37.13 -35.91
CA ASP A 560 7.73 -37.85 -36.16
C ASP A 560 6.92 -38.00 -34.88
N GLU A 561 7.49 -38.71 -33.91
CA GLU A 561 6.87 -38.85 -32.60
C GLU A 561 7.71 -38.18 -31.51
N VAL A 562 7.13 -38.02 -30.32
CA VAL A 562 7.80 -37.28 -29.25
C VAL A 562 8.87 -38.11 -28.54
N GLN A 563 9.92 -37.43 -28.11
CA GLN A 563 11.00 -38.07 -27.37
C GLN A 563 11.17 -37.42 -26.01
N VAL A 564 10.89 -38.19 -24.96
CA VAL A 564 11.02 -37.70 -23.60
C VAL A 564 12.31 -38.23 -22.97
N THR A 565 13.19 -37.33 -22.56
CA THR A 565 14.47 -37.74 -21.98
C THR A 565 14.59 -37.29 -20.52
N THR A 566 14.90 -38.23 -19.64
CA THR A 566 15.01 -37.96 -18.22
C THR A 566 16.34 -37.30 -17.87
N THR A 567 16.47 -36.87 -16.61
CA THR A 567 17.66 -36.17 -16.15
C THR A 567 18.91 -37.04 -16.15
N ASP A 568 18.73 -38.34 -15.90
CA ASP A 568 19.87 -39.26 -15.93
C ASP A 568 20.21 -39.69 -17.35
N GLY A 569 19.27 -39.47 -18.27
CA GLY A 569 19.48 -39.79 -19.67
C GLY A 569 18.48 -40.77 -20.27
N THR A 570 17.86 -41.58 -19.40
CA THR A 570 16.89 -42.58 -19.84
C THR A 570 15.91 -41.99 -20.86
N GLY A 571 15.82 -42.64 -22.02
CA GLY A 571 14.97 -42.16 -23.09
C GLY A 571 13.63 -42.88 -23.20
N TYR A 572 12.58 -42.11 -23.45
CA TYR A 572 11.23 -42.65 -23.67
C TYR A 572 10.64 -42.03 -24.93
N SER A 573 9.66 -42.71 -25.51
CA SER A 573 8.96 -42.16 -26.66
C SER A 573 7.50 -42.58 -26.69
N ALA A 574 6.69 -41.80 -27.39
CA ALA A 574 5.26 -42.05 -27.53
C ALA A 574 4.70 -41.08 -28.56
N GLN A 575 3.51 -41.37 -29.05
CA GLN A 575 2.89 -40.52 -30.06
C GLN A 575 2.52 -39.14 -29.51
N LYS A 576 1.95 -39.12 -28.30
CA LYS A 576 1.59 -37.87 -27.64
C LYS A 576 2.39 -37.68 -26.36
N VAL A 577 2.10 -36.61 -25.65
CA VAL A 577 2.75 -36.31 -24.37
C VAL A 577 1.91 -35.31 -23.59
N LEU A 578 1.72 -35.56 -22.30
CA LEU A 578 0.92 -34.69 -21.45
C LEU A 578 1.71 -34.24 -20.22
N VAL A 579 2.14 -32.97 -20.23
CA VAL A 579 2.84 -32.41 -19.08
C VAL A 579 1.84 -31.86 -18.06
N THR A 580 2.03 -32.22 -16.80
CA THR A 580 1.15 -31.76 -15.73
C THR A 580 1.94 -31.21 -14.56
N VAL A 581 3.16 -30.75 -14.83
CA VAL A 581 4.01 -30.20 -13.79
C VAL A 581 3.38 -28.93 -13.19
N PRO A 582 3.74 -28.61 -11.95
CA PRO A 582 3.25 -27.41 -11.29
C PRO A 582 3.61 -26.16 -12.08
N LEU A 583 2.86 -25.08 -11.87
CA LEU A 583 3.11 -23.82 -12.56
C LEU A 583 4.54 -23.34 -12.33
N ALA A 584 4.96 -23.34 -11.07
CA ALA A 584 6.28 -22.85 -10.68
C ALA A 584 7.39 -23.49 -11.51
N LEU A 585 7.20 -24.75 -11.89
CA LEU A 585 8.20 -25.47 -12.67
C LEU A 585 8.24 -25.06 -14.13
N LEU A 586 7.15 -24.43 -14.60
CA LEU A 586 7.09 -23.94 -15.97
C LEU A 586 7.74 -22.58 -16.08
N GLN A 587 7.71 -21.83 -14.99
CA GLN A 587 8.32 -20.51 -14.94
C GLN A 587 9.84 -20.61 -14.77
N LYS A 588 10.27 -21.64 -14.03
CA LYS A 588 11.70 -21.90 -13.84
C LYS A 588 12.31 -22.50 -15.11
N GLY A 589 11.46 -23.07 -15.96
CA GLY A 589 11.88 -23.64 -17.22
C GLY A 589 12.60 -24.96 -17.07
N ALA A 590 12.26 -25.71 -16.03
CA ALA A 590 12.93 -26.97 -15.72
C ALA A 590 13.02 -27.91 -16.91
N ILE A 591 11.97 -27.97 -17.72
CA ILE A 591 11.92 -28.86 -18.87
C ILE A 591 12.27 -28.14 -20.16
N GLN A 592 13.24 -28.68 -20.88
CA GLN A 592 13.62 -28.14 -22.19
C GLN A 592 12.62 -28.58 -23.24
N PHE A 593 12.00 -27.61 -23.90
CA PHE A 593 11.06 -27.92 -24.97
C PHE A 593 11.71 -27.68 -26.33
N ASN A 594 11.58 -28.65 -27.22
CA ASN A 594 12.08 -28.50 -28.59
C ASN A 594 11.05 -28.97 -29.62
N PRO A 595 10.47 -28.03 -30.38
CA PRO A 595 10.73 -26.59 -30.29
C PRO A 595 10.26 -25.97 -28.97
N PRO A 596 10.81 -24.81 -28.61
CA PRO A 596 10.41 -24.12 -27.38
C PRO A 596 8.95 -23.68 -27.44
N LEU A 597 8.37 -23.35 -26.29
CA LEU A 597 7.00 -22.88 -26.24
C LEU A 597 6.86 -21.53 -26.93
N SER A 598 5.63 -21.18 -27.32
CA SER A 598 5.37 -19.91 -27.98
C SER A 598 5.58 -18.75 -27.01
N GLU A 599 6.00 -17.61 -27.54
CA GLU A 599 6.20 -16.42 -26.72
C GLU A 599 4.92 -16.06 -25.98
N LYS A 600 3.79 -16.44 -26.56
CA LYS A 600 2.47 -16.19 -25.96
C LYS A 600 2.26 -17.04 -24.71
N LYS A 601 2.51 -18.33 -24.81
CA LYS A 601 2.41 -19.23 -23.67
C LYS A 601 3.30 -18.76 -22.54
N MET A 602 4.56 -18.52 -22.85
CA MET A 602 5.51 -18.05 -21.86
C MET A 602 4.95 -16.84 -21.12
N LYS A 603 4.26 -15.96 -21.85
CA LYS A 603 3.65 -14.79 -21.23
C LYS A 603 2.47 -15.19 -20.36
N ALA A 604 1.68 -16.14 -20.85
CA ALA A 604 0.53 -16.64 -20.11
C ALA A 604 0.96 -17.39 -18.85
N ILE A 605 2.05 -18.15 -18.97
CA ILE A 605 2.59 -18.90 -17.84
C ILE A 605 3.14 -17.97 -16.77
N ASN A 606 3.80 -16.90 -17.21
CA ASN A 606 4.43 -15.97 -16.28
C ASN A 606 3.50 -14.90 -15.73
N SER A 607 2.33 -14.75 -16.36
CA SER A 607 1.37 -13.76 -15.90
C SER A 607 0.55 -14.29 -14.72
N LEU A 608 0.67 -15.59 -14.46
CA LEU A 608 0.03 -16.19 -13.30
C LEU A 608 1.03 -16.31 -12.14
N GLY A 609 0.52 -16.36 -10.92
CA GLY A 609 1.38 -16.43 -9.76
C GLY A 609 1.48 -17.81 -9.15
N ALA A 610 2.65 -18.14 -8.60
CA ALA A 610 2.83 -19.40 -7.90
C ALA A 610 2.58 -19.21 -6.41
N GLY A 611 1.32 -19.29 -6.02
CA GLY A 611 0.93 -19.12 -4.63
C GLY A 611 1.65 -20.07 -3.72
N ILE A 612 1.61 -19.80 -2.43
CA ILE A 612 2.30 -20.65 -1.46
C ILE A 612 1.74 -20.45 -0.05
N ILE A 613 1.45 -21.57 0.61
CA ILE A 613 1.18 -21.59 2.04
C ILE A 613 1.90 -22.81 2.59
N GLU A 614 2.09 -22.83 3.91
CA GLU A 614 2.68 -23.99 4.56
C GLU A 614 1.79 -24.41 5.71
N LYS A 615 1.70 -25.71 5.94
CA LYS A 615 0.86 -26.22 7.01
C LYS A 615 1.68 -26.68 8.20
N ILE A 616 1.02 -26.80 9.35
CA ILE A 616 1.66 -27.33 10.54
C ILE A 616 0.64 -28.12 11.35
N ALA A 617 1.04 -29.32 11.77
CA ALA A 617 0.16 -30.19 12.54
C ALA A 617 0.80 -30.53 13.88
N LEU A 618 -0.02 -30.56 14.93
CA LEU A 618 0.47 -30.85 16.28
C LEU A 618 -0.44 -31.86 16.97
N GLN A 619 0.15 -32.87 17.57
CA GLN A 619 -0.62 -33.85 18.33
C GLN A 619 -0.46 -33.59 19.83
N PHE A 620 -1.55 -33.70 20.57
CA PHE A 620 -1.49 -33.48 22.02
C PHE A 620 -2.06 -34.70 22.75
N PRO A 621 -1.69 -34.86 24.04
CA PRO A 621 -2.16 -35.96 24.87
C PRO A 621 -3.67 -35.89 25.16
N TYR A 622 -4.21 -34.67 25.18
CA TYR A 622 -5.64 -34.49 25.39
C TYR A 622 -6.18 -33.19 24.77
N ARG A 623 -7.47 -33.20 24.46
CA ARG A 623 -8.14 -32.04 23.89
C ARG A 623 -8.28 -30.96 24.95
N PHE A 624 -7.39 -29.98 24.91
CA PHE A 624 -7.39 -28.91 25.91
C PHE A 624 -8.28 -27.73 25.51
N TRP A 625 -8.82 -27.77 24.30
CA TRP A 625 -9.57 -26.63 23.78
C TRP A 625 -11.08 -26.79 23.85
N ASP A 626 -11.54 -28.04 24.02
CA ASP A 626 -12.97 -28.33 24.04
C ASP A 626 -13.79 -27.37 24.92
N SER A 627 -13.18 -26.90 26.00
CA SER A 627 -13.87 -26.03 26.95
C SER A 627 -14.34 -24.72 26.31
N LYS A 628 -13.43 -24.07 25.59
CA LYS A 628 -13.74 -22.80 24.95
C LYS A 628 -14.23 -23.00 23.52
N VAL A 629 -13.71 -24.01 22.84
CA VAL A 629 -14.09 -24.29 21.47
C VAL A 629 -15.54 -24.76 21.36
N GLN A 630 -15.88 -25.79 22.13
CA GLN A 630 -17.24 -26.32 22.18
C GLN A 630 -17.70 -26.95 20.86
N GLY A 631 -16.80 -27.67 20.20
CA GLY A 631 -17.16 -28.43 19.01
C GLY A 631 -16.76 -27.79 17.70
N ALA A 632 -16.74 -26.46 17.66
CA ALA A 632 -16.38 -25.74 16.45
C ALA A 632 -15.26 -26.46 15.72
N ASP A 633 -15.45 -26.71 14.43
CA ASP A 633 -14.45 -27.43 13.64
C ASP A 633 -13.12 -26.68 13.55
N PHE A 634 -13.12 -25.44 14.02
CA PHE A 634 -11.91 -24.64 14.05
C PHE A 634 -12.07 -23.39 14.92
N PHE A 635 -10.98 -22.63 15.04
CA PHE A 635 -11.02 -21.33 15.68
C PHE A 635 -10.03 -20.36 15.02
N GLY A 636 -10.40 -19.09 14.97
CA GLY A 636 -9.56 -18.08 14.35
C GLY A 636 -8.61 -17.43 15.33
N HIS A 637 -7.61 -16.73 14.80
CA HIS A 637 -6.59 -16.10 15.63
C HIS A 637 -6.35 -14.65 15.20
N VAL A 638 -6.80 -13.71 16.04
CA VAL A 638 -6.69 -12.28 15.74
C VAL A 638 -5.26 -11.79 15.87
N PRO A 639 -4.66 -11.39 14.73
CA PRO A 639 -3.28 -10.91 14.66
C PRO A 639 -3.05 -9.66 15.50
N PRO A 640 -1.95 -9.62 16.26
CA PRO A 640 -1.56 -8.45 17.05
C PRO A 640 -1.17 -7.29 16.13
N SER A 641 -0.55 -7.62 15.01
CA SER A 641 -0.13 -6.60 14.03
C SER A 641 -0.30 -7.12 12.61
N ALA A 642 -0.17 -6.22 11.64
CA ALA A 642 -0.39 -6.58 10.23
C ALA A 642 0.83 -7.24 9.59
N SER A 643 1.80 -7.60 10.42
CA SER A 643 2.99 -8.31 9.95
C SER A 643 2.92 -9.78 10.33
N LYS A 644 2.22 -10.06 11.42
CA LYS A 644 2.07 -11.40 11.94
C LYS A 644 0.67 -11.94 11.66
N ARG A 645 0.06 -11.44 10.58
CA ARG A 645 -1.34 -11.75 10.30
C ARG A 645 -1.52 -13.08 9.57
N GLY A 646 -0.47 -13.54 8.91
CA GLY A 646 -0.52 -14.81 8.22
C GLY A 646 0.05 -15.96 9.04
N LEU A 647 0.33 -15.70 10.31
CA LEU A 647 0.91 -16.71 11.20
C LEU A 647 -0.14 -17.46 12.02
N PHE A 648 -0.59 -18.59 11.48
CA PHE A 648 -1.57 -19.42 12.15
C PHE A 648 -2.88 -18.67 12.38
N ALA A 649 -3.49 -18.22 11.29
CA ALA A 649 -4.73 -17.44 11.36
C ALA A 649 -5.92 -18.29 11.79
N VAL A 650 -5.98 -19.52 11.29
CA VAL A 650 -7.04 -20.44 11.65
C VAL A 650 -6.45 -21.74 12.19
N PHE A 651 -7.12 -22.34 13.18
CA PHE A 651 -6.67 -23.61 13.75
C PHE A 651 -7.74 -24.69 13.62
N TYR A 652 -7.45 -25.71 12.81
CA TYR A 652 -8.41 -26.78 12.54
C TYR A 652 -8.29 -27.94 13.52
N ASP A 653 -9.44 -28.44 13.98
CA ASP A 653 -9.52 -29.65 14.78
C ASP A 653 -9.65 -30.85 13.84
N MET A 654 -8.59 -31.66 13.76
CA MET A 654 -8.51 -32.73 12.78
C MET A 654 -9.25 -34.01 13.15
N ASP A 655 -10.14 -33.94 14.13
CA ASP A 655 -10.97 -35.10 14.49
C ASP A 655 -12.43 -34.72 14.60
N PRO A 656 -13.21 -34.97 13.54
CA PRO A 656 -14.65 -34.70 13.48
C PRO A 656 -15.42 -35.49 14.53
N GLN A 657 -14.83 -36.58 15.02
CA GLN A 657 -15.44 -37.39 16.05
C GLN A 657 -15.10 -36.85 17.44
N LYS A 658 -14.26 -35.81 17.47
CA LYS A 658 -13.87 -35.16 18.72
C LYS A 658 -13.25 -36.11 19.73
N LYS A 659 -12.69 -37.22 19.24
CA LYS A 659 -12.05 -38.19 20.11
C LYS A 659 -10.59 -37.80 20.37
N HIS A 660 -9.70 -38.12 19.43
CA HIS A 660 -8.30 -37.74 19.55
C HIS A 660 -8.14 -36.23 19.60
N SER A 661 -6.89 -35.77 19.63
CA SER A 661 -6.61 -34.34 19.77
C SER A 661 -5.43 -33.88 18.93
N VAL A 662 -5.69 -33.62 17.65
CA VAL A 662 -4.69 -33.06 16.76
C VAL A 662 -5.14 -31.68 16.31
N LEU A 663 -4.20 -30.82 15.95
CA LEU A 663 -4.52 -29.51 15.42
C LEU A 663 -3.68 -29.17 14.20
N MET A 664 -4.31 -28.57 13.20
CA MET A 664 -3.63 -28.17 11.98
C MET A 664 -3.84 -26.67 11.76
N SER A 665 -2.76 -25.96 11.41
CA SER A 665 -2.85 -24.53 11.16
C SER A 665 -2.07 -24.15 9.90
N VAL A 666 -2.27 -22.94 9.41
CA VAL A 666 -1.72 -22.53 8.12
C VAL A 666 -0.91 -21.22 8.18
N ILE A 667 0.20 -21.20 7.46
CA ILE A 667 1.02 -20.01 7.31
C ILE A 667 0.86 -19.45 5.90
N ALA A 668 0.31 -18.25 5.79
CA ALA A 668 0.07 -17.65 4.48
C ALA A 668 0.49 -16.19 4.42
N GLY A 669 0.61 -15.67 3.19
CA GLY A 669 0.94 -14.28 2.98
C GLY A 669 2.41 -13.98 3.24
N GLU A 670 2.66 -12.78 3.77
CA GLU A 670 4.01 -12.33 4.09
C GLU A 670 4.69 -13.26 5.10
N ALA A 671 3.88 -14.00 5.85
CA ALA A 671 4.40 -14.84 6.92
C ALA A 671 5.14 -16.09 6.42
N VAL A 672 4.89 -16.49 5.18
CA VAL A 672 5.54 -17.67 4.62
C VAL A 672 6.99 -17.36 4.26
N ALA A 673 7.29 -16.06 4.17
CA ALA A 673 8.66 -15.63 3.87
C ALA A 673 9.45 -15.46 5.17
N SER A 674 8.75 -15.10 6.23
CA SER A 674 9.39 -14.90 7.53
C SER A 674 9.72 -16.23 8.20
N VAL A 675 9.41 -17.32 7.51
CA VAL A 675 9.55 -18.65 8.09
C VAL A 675 10.36 -19.59 7.20
N ARG A 676 10.94 -19.05 6.14
CA ARG A 676 11.64 -19.87 5.16
C ARG A 676 13.11 -20.11 5.49
N THR A 677 13.62 -19.43 6.50
CA THR A 677 14.98 -19.66 6.97
C THR A 677 14.98 -20.50 8.26
N LEU A 678 13.89 -20.42 9.01
CA LEU A 678 13.76 -21.10 10.28
C LEU A 678 13.72 -22.62 10.10
N ASP A 679 13.99 -23.35 11.18
CA ASP A 679 13.80 -24.80 11.16
C ASP A 679 12.51 -25.15 11.90
N ASP A 680 12.16 -26.42 11.94
CA ASP A 680 10.88 -26.87 12.49
C ASP A 680 10.74 -26.57 13.99
N LYS A 681 11.81 -26.77 14.73
CA LYS A 681 11.84 -26.45 16.15
C LYS A 681 11.40 -25.01 16.39
N GLN A 682 11.84 -24.11 15.50
CA GLN A 682 11.50 -22.70 15.60
C GLN A 682 10.02 -22.46 15.32
N VAL A 683 9.53 -23.06 14.24
CA VAL A 683 8.13 -22.93 13.87
C VAL A 683 7.22 -23.48 14.97
N LEU A 684 7.59 -24.63 15.52
CA LEU A 684 6.82 -25.22 16.60
C LEU A 684 6.67 -24.22 17.75
N GLN A 685 7.77 -23.57 18.10
CA GLN A 685 7.78 -22.65 19.23
C GLN A 685 6.93 -21.41 18.99
N GLN A 686 6.87 -20.96 17.75
CA GLN A 686 6.05 -19.81 17.40
C GLN A 686 4.58 -20.20 17.33
N CYS A 687 4.32 -21.50 17.20
CA CYS A 687 2.96 -22.01 17.17
C CYS A 687 2.46 -22.27 18.58
N MET A 688 3.37 -22.69 19.46
CA MET A 688 3.04 -22.91 20.87
C MET A 688 2.88 -21.58 21.58
N ALA A 689 3.67 -20.60 21.16
CA ALA A 689 3.62 -19.26 21.73
C ALA A 689 2.24 -18.63 21.53
N THR A 690 1.57 -19.03 20.44
CA THR A 690 0.26 -18.48 20.11
C THR A 690 -0.87 -19.25 20.78
N LEU A 691 -0.74 -20.58 20.83
CA LEU A 691 -1.76 -21.41 21.47
C LEU A 691 -1.91 -21.05 22.94
N ARG A 692 -0.80 -20.72 23.58
CA ARG A 692 -0.80 -20.37 25.00
C ARG A 692 -1.26 -18.93 25.24
N GLU A 693 -1.18 -18.11 24.20
CA GLU A 693 -1.79 -16.79 24.24
C GLU A 693 -3.30 -16.96 24.10
N LEU A 694 -3.72 -17.58 23.00
CA LEU A 694 -5.14 -17.86 22.74
C LEU A 694 -5.82 -18.52 23.93
N PHE A 695 -5.08 -19.36 24.65
CA PHE A 695 -5.63 -20.03 25.82
C PHE A 695 -4.80 -19.69 27.06
N LYS A 696 -5.03 -18.51 27.62
CA LYS A 696 -4.25 -18.01 28.75
C LYS A 696 -4.75 -18.57 30.09
N GLU A 697 -6.03 -18.93 30.13
CA GLU A 697 -6.65 -19.40 31.36
C GLU A 697 -6.19 -20.80 31.75
N GLN A 698 -5.32 -21.40 30.94
CA GLN A 698 -4.98 -22.81 31.14
C GLN A 698 -3.56 -23.20 30.75
N GLU A 699 -3.13 -24.34 31.27
CA GLU A 699 -1.89 -24.97 30.83
C GLU A 699 -2.17 -25.74 29.55
N VAL A 700 -1.47 -25.41 28.48
CA VAL A 700 -1.60 -26.22 27.26
C VAL A 700 -0.44 -27.20 27.19
N PRO A 701 -0.77 -28.50 27.08
CA PRO A 701 0.23 -29.56 27.04
C PRO A 701 1.24 -29.36 25.91
N ASP A 702 2.35 -30.09 25.98
CA ASP A 702 3.35 -30.04 24.93
C ASP A 702 3.02 -31.05 23.84
N PRO A 703 3.13 -30.62 22.57
CA PRO A 703 2.84 -31.49 21.43
C PRO A 703 3.75 -32.73 21.39
N THR A 704 3.14 -33.90 21.53
CA THR A 704 3.88 -35.16 21.52
C THR A 704 4.38 -35.49 20.11
N LYS A 705 3.80 -34.85 19.10
CA LYS A 705 4.21 -35.06 17.72
C LYS A 705 3.84 -33.85 16.87
N TYR A 706 4.49 -33.70 15.72
CA TYR A 706 4.23 -32.55 14.85
C TYR A 706 4.99 -32.61 13.52
N PHE A 707 4.58 -31.77 12.58
CA PHE A 707 5.35 -31.58 11.34
C PHE A 707 5.11 -30.17 10.76
N VAL A 708 6.08 -29.69 10.00
CA VAL A 708 6.01 -28.36 9.38
C VAL A 708 6.39 -28.43 7.91
N THR A 709 5.38 -28.43 7.05
CA THR A 709 5.59 -28.58 5.60
C THR A 709 6.67 -27.65 5.05
N ARG A 710 7.24 -28.03 3.92
CA ARG A 710 8.23 -27.21 3.22
C ARG A 710 7.97 -27.27 1.72
N TRP A 711 6.74 -26.95 1.32
CA TRP A 711 6.34 -27.04 -0.07
C TRP A 711 7.09 -26.03 -0.94
N SER A 712 7.53 -24.95 -0.32
CA SER A 712 8.28 -23.91 -1.02
C SER A 712 9.60 -24.47 -1.57
N THR A 713 10.25 -25.33 -0.78
CA THR A 713 11.58 -25.81 -1.09
C THR A 713 11.61 -27.18 -1.77
N ASP A 714 10.43 -27.77 -1.98
CA ASP A 714 10.34 -29.05 -2.68
C ASP A 714 10.57 -28.85 -4.17
N PRO A 715 11.73 -29.31 -4.67
CA PRO A 715 12.26 -28.99 -6.00
C PRO A 715 11.29 -29.19 -7.16
N TRP A 716 10.40 -30.17 -7.07
CA TRP A 716 9.54 -30.50 -8.19
C TRP A 716 8.10 -30.02 -8.00
N ILE A 717 7.91 -29.09 -7.07
CA ILE A 717 6.60 -28.53 -6.79
C ILE A 717 6.71 -27.02 -6.56
N GLN A 718 7.43 -26.63 -5.52
CA GLN A 718 7.76 -25.23 -5.27
C GLN A 718 6.55 -24.30 -5.18
N MET A 719 5.41 -24.84 -4.77
CA MET A 719 4.21 -24.01 -4.64
C MET A 719 3.08 -24.72 -3.93
N ALA A 720 2.01 -23.98 -3.66
CA ALA A 720 0.79 -24.55 -3.11
C ALA A 720 -0.28 -24.59 -4.19
N TYR A 721 -0.70 -23.40 -4.63
CA TYR A 721 -1.68 -23.29 -5.69
C TYR A 721 -1.64 -21.89 -6.30
N SER A 722 -2.03 -21.79 -7.57
CA SER A 722 -1.86 -20.56 -8.34
C SER A 722 -2.92 -19.49 -8.08
N PHE A 723 -2.64 -18.29 -8.62
CA PHE A 723 -3.54 -17.15 -8.51
C PHE A 723 -3.25 -16.25 -9.71
N VAL A 724 -3.93 -15.11 -9.78
CA VAL A 724 -3.70 -14.19 -10.88
C VAL A 724 -2.90 -12.95 -10.45
N LYS A 725 -1.75 -12.75 -11.09
CA LYS A 725 -0.86 -11.64 -10.76
C LYS A 725 -1.37 -10.32 -11.34
N THR A 726 -1.17 -9.24 -10.59
CA THR A 726 -1.57 -7.91 -11.01
C THR A 726 -1.19 -7.67 -12.46
N GLY A 727 -2.18 -7.35 -13.28
CA GLY A 727 -1.97 -7.11 -14.70
C GLY A 727 -2.34 -8.31 -15.55
N GLY A 728 -2.59 -9.43 -14.90
CA GLY A 728 -2.92 -10.66 -15.59
C GLY A 728 -4.40 -10.86 -15.86
N SER A 729 -4.74 -11.98 -16.49
CA SER A 729 -6.12 -12.32 -16.78
C SER A 729 -6.34 -13.83 -16.71
N GLY A 730 -7.52 -14.23 -16.27
CA GLY A 730 -7.86 -15.64 -16.17
C GLY A 730 -7.84 -16.35 -17.52
N GLU A 731 -7.68 -15.57 -18.58
CA GLU A 731 -7.57 -16.12 -19.93
C GLU A 731 -6.27 -16.89 -20.06
N ALA A 732 -5.33 -16.59 -19.18
CA ALA A 732 -4.01 -17.22 -19.18
C ALA A 732 -4.10 -18.73 -18.95
N TYR A 733 -5.03 -19.14 -18.09
CA TYR A 733 -5.25 -20.55 -17.81
C TYR A 733 -5.56 -21.30 -19.10
N ASP A 734 -6.45 -20.73 -19.92
CA ASP A 734 -6.83 -21.35 -21.19
C ASP A 734 -5.66 -21.38 -22.17
N ILE A 735 -4.86 -20.32 -22.18
CA ILE A 735 -3.71 -20.27 -23.06
C ILE A 735 -2.69 -21.35 -22.70
N ILE A 736 -2.47 -21.55 -21.41
CA ILE A 736 -1.60 -22.61 -20.93
C ILE A 736 -2.14 -23.96 -21.39
N ALA A 737 -3.45 -24.12 -21.27
CA ALA A 737 -4.10 -25.39 -21.58
C ALA A 737 -4.19 -25.69 -23.09
N GLU A 738 -3.80 -24.72 -23.91
CA GLU A 738 -3.73 -24.93 -25.35
C GLU A 738 -2.76 -26.05 -25.68
N ASP A 739 -3.19 -27.01 -26.49
CA ASP A 739 -2.29 -28.05 -26.95
C ASP A 739 -1.36 -27.49 -28.02
N ILE A 740 -0.30 -28.21 -28.33
CA ILE A 740 0.66 -27.76 -29.35
C ILE A 740 0.77 -28.76 -30.49
N GLN A 741 0.44 -28.31 -31.69
CA GLN A 741 0.50 -29.15 -32.88
C GLN A 741 -0.24 -30.48 -32.67
N GLY A 742 -1.24 -30.45 -31.79
CA GLY A 742 -2.02 -31.64 -31.47
C GLY A 742 -1.15 -32.78 -30.99
N THR A 743 -0.05 -32.43 -30.32
CA THR A 743 0.94 -33.41 -29.87
C THR A 743 1.20 -33.29 -28.37
N VAL A 744 1.68 -32.13 -27.95
CA VAL A 744 1.91 -31.87 -26.52
C VAL A 744 0.66 -31.30 -25.87
N PHE A 745 0.28 -31.85 -24.72
CA PHE A 745 -0.90 -31.41 -24.00
C PHE A 745 -0.55 -30.97 -22.58
N PHE A 746 -1.38 -30.12 -21.99
CA PHE A 746 -1.08 -29.58 -20.67
C PHE A 746 -2.25 -29.72 -19.70
N ALA A 747 -1.94 -29.97 -18.44
CA ALA A 747 -2.96 -30.07 -17.39
C ALA A 747 -2.39 -29.69 -16.02
N GLY A 748 -3.24 -29.66 -15.01
CA GLY A 748 -2.87 -29.21 -13.68
C GLY A 748 -3.80 -28.10 -13.22
N GLU A 749 -3.77 -27.77 -11.93
CA GLU A 749 -4.67 -26.74 -11.41
C GLU A 749 -4.48 -25.40 -12.12
N ALA A 750 -3.31 -25.21 -12.71
CA ALA A 750 -3.02 -23.96 -13.40
C ALA A 750 -3.45 -24.00 -14.87
N THR A 751 -4.32 -24.94 -15.20
CA THR A 751 -4.86 -25.04 -16.56
C THR A 751 -6.36 -25.23 -16.57
N ASN A 752 -6.99 -25.07 -15.41
CA ASN A 752 -8.44 -25.15 -15.31
C ASN A 752 -9.04 -23.81 -14.90
N ARG A 753 -9.44 -23.02 -15.89
CA ARG A 753 -9.93 -21.67 -15.66
C ARG A 753 -11.07 -21.62 -14.65
N HIS A 754 -12.13 -22.39 -14.89
CA HIS A 754 -13.30 -22.39 -14.03
C HIS A 754 -12.95 -22.69 -12.58
N PHE A 755 -12.21 -23.78 -12.37
CA PHE A 755 -11.84 -24.21 -11.04
C PHE A 755 -10.33 -24.30 -10.91
N PRO A 756 -9.69 -23.19 -10.52
CA PRO A 756 -8.24 -23.18 -10.32
C PRO A 756 -7.88 -23.56 -8.90
N GLN A 757 -6.62 -23.93 -8.67
CA GLN A 757 -6.10 -24.15 -7.32
C GLN A 757 -6.40 -25.52 -6.74
N THR A 758 -7.63 -25.99 -6.92
CA THR A 758 -8.12 -27.15 -6.17
C THR A 758 -7.69 -28.49 -6.76
N VAL A 759 -7.79 -29.55 -5.95
CA VAL A 759 -7.56 -30.89 -6.46
C VAL A 759 -8.60 -31.18 -7.52
N THR A 760 -9.84 -30.80 -7.23
CA THR A 760 -10.94 -30.95 -8.17
C THR A 760 -10.56 -30.39 -9.54
N GLY A 761 -10.05 -29.17 -9.56
CA GLY A 761 -9.64 -28.53 -10.79
C GLY A 761 -8.53 -29.30 -11.49
N ALA A 762 -7.52 -29.66 -10.71
CA ALA A 762 -6.39 -30.43 -11.23
C ALA A 762 -6.88 -31.75 -11.80
N TYR A 763 -7.86 -32.33 -11.12
CA TYR A 763 -8.45 -33.58 -11.57
C TYR A 763 -9.18 -33.40 -12.90
N LEU A 764 -10.11 -32.45 -12.93
CA LEU A 764 -10.93 -32.21 -14.12
C LEU A 764 -10.09 -31.82 -15.34
N SER A 765 -8.94 -31.19 -15.10
CA SER A 765 -8.04 -30.83 -16.18
C SER A 765 -7.43 -32.09 -16.78
N GLY A 766 -7.16 -33.07 -15.93
CA GLY A 766 -6.66 -34.35 -16.39
C GLY A 766 -7.66 -35.01 -17.32
N VAL A 767 -8.89 -35.14 -16.85
CA VAL A 767 -9.96 -35.71 -17.65
C VAL A 767 -10.10 -34.97 -18.97
N ARG A 768 -10.18 -33.64 -18.90
CA ARG A 768 -10.30 -32.81 -20.07
C ARG A 768 -9.28 -33.21 -21.13
N GLU A 769 -8.02 -33.34 -20.72
CA GLU A 769 -6.94 -33.64 -21.65
C GLU A 769 -6.99 -35.07 -22.15
N ALA A 770 -7.52 -35.97 -21.32
CA ALA A 770 -7.72 -37.35 -21.73
C ALA A 770 -8.62 -37.36 -22.96
N SER A 771 -9.69 -36.56 -22.90
CA SER A 771 -10.63 -36.42 -24.00
C SER A 771 -9.96 -35.93 -25.28
N LYS A 772 -9.20 -34.84 -25.16
CA LYS A 772 -8.47 -34.30 -26.31
C LYS A 772 -7.59 -35.36 -26.94
N ILE A 773 -6.79 -36.01 -26.10
CA ILE A 773 -5.82 -36.99 -26.57
C ILE A 773 -6.46 -38.19 -27.26
N ALA A 774 -7.65 -38.57 -26.81
CA ALA A 774 -8.36 -39.72 -27.36
C ALA A 774 -9.00 -39.44 -28.73
N ALA A 775 -9.36 -38.17 -28.97
CA ALA A 775 -9.97 -37.79 -30.23
C ALA A 775 -8.96 -37.84 -31.38
N PHE A 776 -7.87 -37.08 -31.23
CA PHE A 776 -6.81 -37.02 -32.24
C PHE A 776 -6.45 -38.40 -32.78
N PRO B 1 12.82 12.17 -55.02
CA PRO B 1 13.72 12.15 -53.86
C PRO B 1 13.10 11.44 -52.67
N LEU B 2 13.91 10.65 -51.97
CA LEU B 2 13.46 10.01 -50.74
C LEU B 2 13.24 11.10 -49.71
N GLY B 3 12.07 11.07 -49.09
CA GLY B 3 11.66 12.17 -48.23
C GLY B 3 11.45 11.81 -46.78
N SER B 4 11.65 12.83 -45.95
CA SER B 4 11.25 12.83 -44.54
C SER B 4 11.34 11.51 -43.80
N ARG B 5 12.33 11.44 -42.93
CA ARG B 5 12.37 10.41 -41.91
C ARG B 5 11.25 10.65 -40.91
N LYS B 6 11.60 10.82 -39.64
CA LYS B 6 10.63 11.24 -38.63
C LYS B 6 11.22 11.37 -37.22
N CYS B 7 11.85 10.31 -36.72
CA CYS B 7 12.56 10.32 -35.44
C CYS B 7 12.47 9.00 -34.66
N GLU B 8 13.59 8.59 -34.07
CA GLU B 8 13.66 7.36 -33.28
C GLU B 8 12.76 7.42 -32.04
N LYS B 9 12.87 8.52 -31.30
CA LYS B 9 12.28 8.66 -29.97
C LYS B 9 10.81 8.26 -29.91
N ALA B 10 10.47 7.49 -28.90
CA ALA B 10 9.11 7.01 -28.70
C ALA B 10 8.27 8.07 -27.99
N GLY B 11 7.30 8.63 -28.71
CA GLY B 11 6.43 9.63 -28.15
C GLY B 11 6.68 11.01 -28.73
N CYS B 12 7.46 11.08 -29.80
CA CYS B 12 7.71 12.35 -30.45
C CYS B 12 6.60 12.72 -31.43
N THR B 13 6.13 13.96 -31.32
CA THR B 13 5.00 14.45 -32.10
C THR B 13 5.44 15.09 -33.41
N ALA B 14 6.49 14.55 -34.02
CA ALA B 14 7.04 15.15 -35.24
C ALA B 14 7.54 14.11 -36.25
N THR B 15 6.89 14.07 -37.40
CA THR B 15 7.34 13.23 -38.51
C THR B 15 7.97 14.14 -39.57
N CYS B 16 7.75 15.43 -39.41
CA CYS B 16 8.30 16.44 -40.31
C CYS B 16 9.32 17.30 -39.56
N PRO B 17 10.53 16.74 -39.33
CA PRO B 17 11.55 17.41 -38.53
C PRO B 17 12.32 18.45 -39.33
N VAL B 18 12.63 19.58 -38.70
CA VAL B 18 13.46 20.61 -39.31
C VAL B 18 14.71 20.82 -38.47
N CYS B 19 15.86 20.96 -39.12
CA CYS B 19 17.12 21.12 -38.41
C CYS B 19 17.39 22.56 -38.00
N PHE B 20 17.71 22.76 -36.72
CA PHE B 20 17.99 24.09 -36.19
C PHE B 20 19.45 24.48 -36.41
N ALA B 21 20.31 23.47 -36.54
CA ALA B 21 21.74 23.69 -36.66
C ALA B 21 22.10 24.38 -37.97
N SER B 22 21.72 23.75 -39.07
CA SER B 22 22.07 24.24 -40.40
C SER B 22 23.55 24.63 -40.48
N ALA B 23 24.38 23.87 -39.77
CA ALA B 23 25.81 24.14 -39.73
C ALA B 23 26.53 23.47 -40.88
N SER B 24 26.01 22.31 -41.29
CA SER B 24 26.60 21.56 -42.40
C SER B 24 26.11 22.06 -43.75
N GLU B 25 27.02 22.13 -44.71
CA GLU B 25 26.67 22.54 -46.06
C GLU B 25 25.63 21.60 -46.64
N ARG B 26 25.71 20.34 -46.24
CA ARG B 26 24.81 19.31 -46.71
C ARG B 26 23.64 19.12 -45.75
N CYS B 27 23.30 20.19 -45.04
CA CYS B 27 22.21 20.14 -44.06
C CYS B 27 20.94 19.59 -44.69
N ALA B 28 20.39 18.55 -44.09
CA ALA B 28 19.20 17.89 -44.61
C ALA B 28 17.96 18.77 -44.57
N LYS B 29 17.88 19.63 -43.55
CA LYS B 29 16.71 20.47 -43.35
C LYS B 29 15.45 19.61 -43.30
N ASN B 30 14.42 19.98 -44.04
CA ASN B 30 13.21 19.18 -44.09
C ASN B 30 13.34 18.04 -45.11
N GLY B 31 14.57 17.84 -45.60
CA GLY B 31 14.84 16.88 -46.64
C GLY B 31 14.85 15.45 -46.14
N TYR B 32 16.02 14.83 -46.18
CA TYR B 32 16.17 13.47 -45.68
C TYR B 32 17.55 13.26 -45.05
N THR B 33 17.58 12.53 -43.94
CA THR B 33 18.83 12.19 -43.29
C THR B 33 18.81 10.75 -42.80
N SER B 34 19.99 10.18 -42.60
CA SER B 34 20.10 8.82 -42.11
C SER B 34 19.50 8.64 -40.72
N ARG B 35 19.56 9.66 -39.89
CA ARG B 35 18.95 9.62 -38.56
C ARG B 35 18.75 11.01 -37.97
N TRP B 36 17.58 11.23 -37.39
CA TRP B 36 17.31 12.47 -36.67
C TRP B 36 17.73 12.35 -35.21
N TYR B 37 18.34 13.40 -34.67
CA TYR B 37 18.74 13.41 -33.27
C TYR B 37 17.82 14.30 -32.44
N HIS B 38 17.24 13.71 -31.40
CA HIS B 38 16.21 14.35 -30.61
C HIS B 38 16.76 15.12 -29.42
N LEU B 39 16.38 16.38 -29.31
CA LEU B 39 16.71 17.19 -28.15
C LEU B 39 15.44 17.45 -27.35
N SER B 40 14.38 17.83 -28.07
CA SER B 40 13.04 17.97 -27.51
C SER B 40 12.04 17.80 -28.63
N CYS B 41 10.75 18.00 -28.33
CA CYS B 41 9.73 17.87 -29.36
C CYS B 41 9.85 18.93 -30.44
N GLY B 42 10.45 20.06 -30.10
CA GLY B 42 10.55 21.17 -31.03
C GLY B 42 11.94 21.36 -31.62
N GLU B 43 12.84 20.43 -31.34
CA GLU B 43 14.22 20.56 -31.78
C GLU B 43 14.87 19.23 -32.11
N HIS B 44 15.21 19.06 -33.38
CA HIS B 44 15.99 17.91 -33.82
C HIS B 44 17.12 18.42 -34.71
N PHE B 45 18.24 17.70 -34.74
CA PHE B 45 19.30 18.03 -35.69
C PHE B 45 19.72 16.79 -36.49
N CYS B 46 19.84 16.96 -37.79
CA CYS B 46 20.14 15.86 -38.70
C CYS B 46 21.47 15.16 -38.37
N ASN B 47 21.79 14.15 -39.17
CA ASN B 47 23.05 13.44 -39.01
C ASN B 47 24.18 14.18 -39.72
N GLU B 48 23.82 14.87 -40.80
CA GLU B 48 24.80 15.64 -41.59
C GLU B 48 25.48 16.68 -40.71
N CYS B 49 24.68 17.35 -39.89
CA CYS B 49 25.19 18.33 -38.95
C CYS B 49 25.83 17.65 -37.75
N PHE B 50 25.35 16.45 -37.44
CA PHE B 50 25.92 15.65 -36.36
C PHE B 50 27.40 15.37 -36.64
N ASP B 51 27.68 14.93 -37.87
CA ASP B 51 29.04 14.64 -38.28
C ASP B 51 29.88 15.91 -38.39
N HIS B 52 29.22 17.02 -38.67
CA HIS B 52 29.90 18.30 -38.81
C HIS B 52 30.78 18.60 -37.60
N TYR B 53 30.29 18.25 -36.42
CA TYR B 53 31.01 18.53 -35.19
C TYR B 53 31.72 17.30 -34.64
N TYR B 54 31.19 16.12 -34.95
CA TYR B 54 31.71 14.87 -34.37
C TYR B 54 32.83 14.23 -35.19
N ARG B 55 32.69 14.25 -36.50
CA ARG B 55 33.67 13.63 -37.40
C ARG B 55 34.95 14.45 -37.50
N SER B 56 36.07 13.81 -37.18
CA SER B 56 37.38 14.48 -37.15
C SER B 56 37.73 15.21 -38.45
N HIS B 57 37.11 14.81 -39.55
CA HIS B 57 37.47 15.36 -40.85
C HIS B 57 36.58 16.53 -41.30
N LYS B 58 35.53 16.80 -40.53
CA LYS B 58 34.65 17.93 -40.85
C LYS B 58 35.16 19.23 -40.26
N ASP B 59 34.41 20.31 -40.44
CA ASP B 59 34.87 21.66 -40.11
C ASP B 59 34.50 22.10 -38.71
N GLY B 60 33.72 21.30 -38.00
CA GLY B 60 33.29 21.67 -36.66
C GLY B 60 33.99 20.88 -35.58
N TYR B 61 34.88 19.98 -35.97
CA TYR B 61 35.58 19.14 -35.02
C TYR B 61 36.45 19.96 -34.07
N ASP B 62 37.05 21.02 -34.59
CA ASP B 62 37.93 21.87 -33.80
C ASP B 62 37.16 22.70 -32.79
N LYS B 63 35.91 23.02 -33.10
CA LYS B 63 35.05 23.74 -32.17
C LYS B 63 34.51 22.79 -31.12
N TYR B 64 34.08 21.60 -31.57
CA TYR B 64 33.48 20.62 -30.67
C TYR B 64 34.47 20.08 -29.64
N THR B 65 35.63 19.62 -30.11
CA THR B 65 36.63 19.04 -29.19
C THR B 65 37.11 20.06 -28.17
N THR B 66 37.30 21.30 -28.62
CA THR B 66 37.66 22.38 -27.71
C THR B 66 36.65 22.45 -26.56
N TRP B 67 35.37 22.45 -26.92
CA TRP B 67 34.30 22.47 -25.94
C TRP B 67 34.29 21.20 -25.09
N LYS B 68 34.67 20.08 -25.69
CA LYS B 68 34.64 18.78 -25.01
C LYS B 68 35.67 18.71 -23.89
N LYS B 69 36.89 19.14 -24.18
CA LYS B 69 37.96 19.13 -23.19
C LYS B 69 37.57 19.95 -21.96
N ILE B 70 36.93 21.09 -22.19
CA ILE B 70 36.47 21.96 -21.11
C ILE B 70 35.32 21.34 -20.33
N TRP B 71 34.39 20.73 -21.05
CA TRP B 71 33.22 20.11 -20.43
C TRP B 71 33.60 18.92 -19.56
N THR B 72 34.75 18.30 -19.85
CA THR B 72 35.19 17.12 -19.11
C THR B 72 35.98 17.49 -17.86
N SER B 73 36.40 18.75 -17.76
CA SER B 73 37.21 19.21 -16.63
C SER B 73 36.38 19.95 -15.58
N ASN B 74 35.16 20.32 -15.95
CA ASN B 74 34.28 21.05 -15.04
C ASN B 74 33.04 20.25 -14.63
N GLY B 75 32.49 19.49 -15.57
CA GLY B 75 31.26 18.77 -15.35
C GLY B 75 31.44 17.34 -14.89
N LYS B 76 30.33 16.73 -14.50
CA LYS B 76 30.31 15.32 -14.11
C LYS B 76 29.69 14.51 -15.25
N THR B 77 28.82 15.16 -16.02
CA THR B 77 28.09 14.51 -17.11
C THR B 77 28.96 14.38 -18.36
N GLU B 78 28.71 13.33 -19.13
CA GLU B 78 29.46 13.07 -20.35
C GLU B 78 29.22 14.13 -21.42
N PRO B 79 30.26 14.41 -22.24
CA PRO B 79 30.12 15.27 -23.40
C PRO B 79 29.52 14.49 -24.55
N SER B 80 28.47 15.02 -25.16
CA SER B 80 27.83 14.35 -26.28
C SER B 80 27.52 15.37 -27.36
N PRO B 81 27.54 14.93 -28.63
CA PRO B 81 27.15 15.85 -29.70
C PRO B 81 25.86 16.59 -29.32
N LYS B 82 24.93 15.86 -28.71
CA LYS B 82 23.68 16.47 -28.25
C LYS B 82 23.93 17.56 -27.21
N ALA B 83 24.58 17.19 -26.12
CA ALA B 83 24.89 18.15 -25.05
C ALA B 83 25.60 19.39 -25.60
N PHE B 84 26.33 19.22 -26.69
CA PHE B 84 27.00 20.34 -27.33
C PHE B 84 26.01 21.24 -28.05
N MET B 85 25.14 20.64 -28.85
CA MET B 85 24.15 21.39 -29.60
C MET B 85 23.29 22.22 -28.66
N ALA B 86 22.88 21.60 -27.55
CA ALA B 86 21.99 22.25 -26.59
C ALA B 86 22.70 23.31 -25.75
N ASP B 87 24.03 23.28 -25.79
CA ASP B 87 24.81 24.21 -24.98
C ASP B 87 25.42 25.34 -25.81
N GLN B 88 25.60 25.10 -27.11
CA GLN B 88 26.33 26.03 -27.95
C GLN B 88 25.62 26.43 -29.25
N GLN B 89 24.81 25.52 -29.81
CA GLN B 89 24.24 25.75 -31.13
C GLN B 89 22.76 26.14 -31.14
N LEU B 90 21.96 25.45 -30.34
CA LEU B 90 20.54 25.76 -30.26
C LEU B 90 20.31 27.26 -30.18
N PRO B 91 19.30 27.76 -30.90
CA PRO B 91 18.95 29.18 -30.86
C PRO B 91 18.31 29.56 -29.53
N TYR B 92 18.59 30.77 -29.05
CA TYR B 92 17.96 31.30 -27.86
C TYR B 92 16.53 31.70 -28.18
N TRP B 93 15.64 31.60 -27.19
CA TRP B 93 14.30 32.13 -27.33
C TRP B 93 14.09 33.30 -26.38
N VAL B 94 13.26 34.26 -26.78
CA VAL B 94 13.06 35.45 -25.98
C VAL B 94 11.64 35.98 -26.13
N GLN B 95 11.07 36.46 -25.03
CA GLN B 95 9.69 36.91 -25.01
C GLN B 95 9.62 38.41 -25.28
N CYS B 96 8.61 38.82 -26.05
CA CYS B 96 8.49 40.22 -26.43
C CYS B 96 8.06 41.08 -25.25
N THR B 97 8.64 42.28 -25.17
CA THR B 97 8.44 43.18 -24.05
C THR B 97 7.09 43.92 -24.10
N LYS B 98 6.60 44.18 -25.31
CA LYS B 98 5.33 44.89 -25.49
C LYS B 98 4.15 44.18 -24.84
N PRO B 99 3.54 44.82 -23.84
CA PRO B 99 2.45 44.25 -23.03
C PRO B 99 1.33 43.66 -23.89
N GLU B 100 1.04 44.29 -25.03
CA GLU B 100 -0.08 43.88 -25.86
C GLU B 100 0.25 42.69 -26.75
N CYS B 101 1.54 42.48 -26.98
CA CYS B 101 1.98 41.37 -27.84
C CYS B 101 2.32 40.12 -27.04
N ARG B 102 3.43 40.19 -26.29
CA ARG B 102 3.87 39.10 -25.42
C ARG B 102 3.98 37.77 -26.15
N LYS B 103 4.73 37.75 -27.26
CA LYS B 103 4.93 36.54 -28.03
C LYS B 103 6.34 35.99 -27.85
N TRP B 104 6.53 34.72 -28.17
CA TRP B 104 7.83 34.09 -28.07
C TRP B 104 8.52 34.00 -29.44
N ARG B 105 9.74 34.54 -29.51
CA ARG B 105 10.49 34.63 -30.75
C ARG B 105 11.84 33.92 -30.70
N GLN B 106 12.31 33.42 -31.84
CA GLN B 106 13.61 32.76 -31.93
C GLN B 106 14.65 33.70 -32.54
N LEU B 107 15.68 34.03 -31.77
CA LEU B 107 16.75 34.89 -32.26
C LEU B 107 17.60 34.18 -33.31
N THR B 108 18.37 34.96 -34.07
CA THR B 108 19.20 34.40 -35.14
C THR B 108 20.37 33.60 -34.59
N LYS B 109 20.79 32.59 -35.35
CA LYS B 109 21.75 31.59 -34.88
C LYS B 109 22.93 32.15 -34.07
N GLU B 110 23.48 33.28 -34.51
CA GLU B 110 24.73 33.78 -33.94
C GLU B 110 24.52 34.77 -32.79
N ILE B 111 23.28 35.16 -32.55
CA ILE B 111 22.99 36.11 -31.47
C ILE B 111 23.11 35.45 -30.10
N GLN B 112 23.79 36.13 -29.17
CA GLN B 112 23.97 35.62 -27.82
C GLN B 112 23.07 36.36 -26.84
N LEU B 113 22.11 35.64 -26.27
CA LEU B 113 21.15 36.26 -25.36
C LEU B 113 21.80 36.77 -24.07
N THR B 114 21.52 38.03 -23.75
CA THR B 114 22.02 38.63 -22.53
C THR B 114 20.87 39.19 -21.72
N PRO B 115 21.08 39.42 -20.42
CA PRO B 115 20.02 39.97 -19.56
C PRO B 115 19.53 41.33 -20.03
N GLN B 116 20.43 42.12 -20.59
CA GLN B 116 20.08 43.45 -21.08
C GLN B 116 19.16 43.38 -22.29
N ILE B 117 19.40 42.39 -23.16
CA ILE B 117 18.53 42.13 -24.31
C ILE B 117 17.15 41.66 -23.86
N ALA B 118 17.13 40.59 -23.06
CA ALA B 118 15.88 40.01 -22.58
C ALA B 118 14.96 41.04 -21.93
N LYS B 119 15.55 42.08 -21.33
CA LYS B 119 14.78 43.12 -20.66
C LYS B 119 14.05 44.04 -21.62
N THR B 120 14.70 44.38 -22.72
CA THR B 120 14.18 45.39 -23.65
C THR B 120 13.73 44.82 -24.99
N TYR B 121 13.87 43.51 -25.17
CA TYR B 121 13.59 42.90 -26.46
C TYR B 121 12.18 43.17 -26.97
N ARG B 122 12.09 43.64 -28.21
CA ARG B 122 10.81 43.76 -28.90
C ARG B 122 10.88 42.95 -30.19
N CYS B 123 9.74 42.47 -30.66
CA CYS B 123 9.69 41.61 -31.84
C CYS B 123 10.55 42.13 -33.00
N GLY B 124 11.23 41.22 -33.66
CA GLY B 124 12.02 41.55 -34.84
C GLY B 124 13.25 42.39 -34.54
N MET B 125 13.39 42.82 -33.30
CA MET B 125 14.53 43.64 -32.90
C MET B 125 15.86 42.94 -33.21
N LYS B 126 16.76 43.65 -33.87
CA LYS B 126 18.14 43.20 -34.00
C LYS B 126 18.99 44.03 -33.04
N PRO B 127 19.74 43.36 -32.16
CA PRO B 127 20.35 44.02 -30.98
C PRO B 127 21.49 44.94 -31.37
N ASN B 128 21.63 45.12 -32.68
CA ASN B 128 22.66 45.97 -33.25
C ASN B 128 22.12 47.33 -33.64
N THR B 129 22.97 48.34 -33.48
CA THR B 129 22.67 49.69 -33.93
C THR B 129 21.43 50.25 -33.23
N ALA B 130 21.65 51.12 -32.22
CA ALA B 130 20.58 51.81 -31.52
C ALA B 130 19.22 51.16 -31.74
N ILE B 131 18.54 51.54 -32.82
CA ILE B 131 17.31 50.87 -33.22
C ILE B 131 16.70 51.58 -34.43
N LYS B 132 16.61 52.91 -34.36
CA LYS B 132 16.02 53.73 -35.42
C LYS B 132 14.53 53.38 -35.57
N PRO B 133 13.80 54.16 -36.40
CA PRO B 133 12.41 53.78 -36.70
C PRO B 133 12.36 52.71 -37.80
N GLU B 134 11.25 51.98 -37.87
CA GLU B 134 11.03 50.96 -38.90
C GLU B 134 9.55 50.87 -39.27
N THR B 135 9.27 50.32 -40.46
CA THR B 135 7.90 50.21 -40.96
C THR B 135 7.57 48.79 -41.38
N SER B 136 7.36 47.92 -40.39
CA SER B 136 7.06 46.52 -40.64
C SER B 136 6.62 45.87 -39.34
N ASP B 137 5.40 45.34 -39.32
CA ASP B 137 4.87 44.77 -38.10
C ASP B 137 5.39 43.36 -37.84
N HIS B 138 6.17 43.22 -36.78
CA HIS B 138 6.71 41.92 -36.41
C HIS B 138 5.85 41.26 -35.34
N CYS B 139 5.09 42.07 -34.62
CA CYS B 139 4.28 41.58 -33.50
C CYS B 139 3.00 40.90 -33.98
N SER B 140 2.60 41.18 -35.21
CA SER B 140 1.39 40.59 -35.77
C SER B 140 1.67 39.23 -36.40
N LEU B 141 2.95 38.99 -36.70
CA LEU B 141 3.37 37.70 -37.23
C LEU B 141 3.01 36.59 -36.24
N PRO B 142 2.50 35.46 -36.74
CA PRO B 142 2.09 34.34 -35.89
C PRO B 142 3.24 33.82 -35.04
N GLU B 143 2.97 33.57 -33.76
CA GLU B 143 3.95 32.99 -32.86
C GLU B 143 4.22 31.56 -33.31
N ASP B 144 5.49 31.15 -33.26
CA ASP B 144 5.85 29.79 -33.65
C ASP B 144 4.95 28.80 -32.91
N LEU B 145 4.50 27.77 -33.63
CA LEU B 145 3.53 26.82 -33.08
C LEU B 145 4.08 25.94 -31.96
N ARG B 146 5.40 25.79 -31.92
CA ARG B 146 6.04 24.94 -30.93
C ARG B 146 6.07 25.60 -29.55
N VAL B 147 5.72 26.87 -29.49
CA VAL B 147 5.65 27.59 -28.22
C VAL B 147 4.51 27.06 -27.35
N LEU B 148 3.37 26.76 -27.97
CA LEU B 148 2.19 26.31 -27.24
C LEU B 148 2.32 24.88 -26.74
N GLU B 149 3.13 24.08 -27.42
CA GLU B 149 3.36 22.70 -27.00
C GLU B 149 4.25 22.64 -25.77
N VAL B 150 5.10 23.65 -25.62
CA VAL B 150 6.05 23.73 -24.51
C VAL B 150 5.36 23.73 -23.14
N SER B 151 4.10 24.18 -23.12
CA SER B 151 3.36 24.28 -21.86
C SER B 151 2.55 23.02 -21.56
N ASN B 152 2.64 22.02 -22.44
CA ASN B 152 1.98 20.74 -22.20
C ASN B 152 2.89 19.77 -21.45
N HIS B 153 2.38 19.22 -20.35
CA HIS B 153 3.18 18.42 -19.41
C HIS B 153 4.17 17.44 -20.04
N TRP B 154 3.70 16.67 -21.02
CA TRP B 154 4.53 15.66 -21.67
C TRP B 154 5.81 16.23 -22.28
N TRP B 155 5.90 17.56 -22.33
CA TRP B 155 7.02 18.22 -23.00
C TRP B 155 8.33 18.05 -22.25
N TYR B 156 8.35 18.40 -20.97
CA TYR B 156 9.59 18.34 -20.19
C TYR B 156 10.08 16.91 -20.03
N SER B 157 9.16 15.96 -20.03
CA SER B 157 9.51 14.56 -19.95
C SER B 157 10.10 14.08 -21.28
N MET B 158 9.87 14.86 -22.34
CA MET B 158 10.38 14.53 -23.66
C MET B 158 11.72 15.21 -23.92
N LEU B 159 12.13 16.05 -22.97
CA LEU B 159 13.43 16.72 -23.04
C LEU B 159 14.55 15.73 -22.70
N ILE B 160 15.41 15.44 -23.66
CA ILE B 160 16.51 14.51 -23.42
C ILE B 160 17.42 14.98 -22.28
N LEU B 161 18.03 16.15 -22.47
CA LEU B 161 18.94 16.68 -21.47
C LEU B 161 18.29 17.82 -20.69
N PRO B 162 18.66 17.93 -19.40
CA PRO B 162 18.13 19.00 -18.55
C PRO B 162 18.71 20.34 -18.94
N PRO B 163 18.03 21.44 -18.57
CA PRO B 163 18.52 22.77 -18.90
C PRO B 163 19.66 23.18 -17.98
N LEU B 164 20.79 23.58 -18.55
CA LEU B 164 21.91 24.07 -17.76
C LEU B 164 22.05 25.58 -17.92
N LEU B 165 21.77 26.31 -16.85
CA LEU B 165 21.75 27.77 -16.88
C LEU B 165 23.14 28.38 -17.04
N LYS B 166 23.22 29.39 -17.92
CA LYS B 166 24.48 30.10 -18.15
C LYS B 166 24.56 31.33 -17.26
N ASP B 167 25.71 31.51 -16.62
CA ASP B 167 25.97 32.73 -15.86
C ASP B 167 24.92 32.97 -14.78
N SER B 168 24.55 31.92 -14.07
CA SER B 168 23.61 32.02 -12.97
C SER B 168 24.21 32.91 -11.88
N VAL B 169 23.36 33.63 -11.17
CA VAL B 169 23.79 34.50 -10.08
C VAL B 169 24.28 33.67 -8.90
N ALA B 170 23.97 32.38 -8.90
CA ALA B 170 24.36 31.48 -7.82
C ALA B 170 25.71 30.82 -8.11
N ALA B 171 26.30 31.13 -9.26
CA ALA B 171 27.54 30.49 -9.69
C ALA B 171 28.69 30.58 -8.68
N PRO B 172 28.91 31.77 -8.10
CA PRO B 172 29.97 31.95 -7.10
C PRO B 172 29.69 31.21 -5.79
N LEU B 173 28.41 31.11 -5.43
CA LEU B 173 28.02 30.47 -4.18
C LEU B 173 28.06 28.94 -4.27
N LEU B 174 28.28 28.43 -5.48
CA LEU B 174 28.24 26.99 -5.71
C LEU B 174 29.51 26.47 -6.39
N SER B 175 30.59 27.23 -6.26
CA SER B 175 31.86 26.85 -6.88
C SER B 175 32.40 25.54 -6.33
N ALA B 176 31.92 25.14 -5.16
CA ALA B 176 32.35 23.89 -4.54
C ALA B 176 31.69 22.67 -5.19
N TYR B 177 30.73 22.92 -6.08
CA TYR B 177 29.98 21.84 -6.71
C TYR B 177 30.29 21.73 -8.20
N TYR B 178 30.01 20.57 -8.78
CA TYR B 178 30.05 20.39 -10.22
C TYR B 178 28.92 21.20 -10.84
N PRO B 179 29.25 22.14 -11.73
CA PRO B 179 28.25 23.04 -12.32
C PRO B 179 27.01 22.31 -12.82
N ASP B 180 27.21 21.22 -13.56
CA ASP B 180 26.10 20.48 -14.16
C ASP B 180 25.30 19.64 -13.16
N CYS B 181 25.76 19.61 -11.92
CA CYS B 181 25.06 18.88 -10.86
C CYS B 181 24.05 19.79 -10.16
N VAL B 182 24.30 21.08 -10.21
CA VAL B 182 23.41 22.08 -9.61
C VAL B 182 22.70 22.90 -10.67
N GLY B 183 22.65 22.35 -11.89
CA GLY B 183 21.87 22.94 -12.97
C GLY B 183 22.49 24.15 -13.63
N MET B 184 23.82 24.18 -13.69
CA MET B 184 24.53 25.27 -14.37
C MET B 184 25.42 24.74 -15.50
N SER B 185 25.77 25.60 -16.44
CA SER B 185 26.58 25.20 -17.58
C SER B 185 28.06 25.10 -17.23
N PRO B 186 28.64 23.89 -17.38
CA PRO B 186 30.04 23.63 -17.06
C PRO B 186 31.00 24.47 -17.91
N SER B 187 30.49 25.05 -19.00
CA SER B 187 31.32 25.83 -19.91
C SER B 187 31.35 27.31 -19.55
N CYS B 188 30.94 27.63 -18.33
CA CYS B 188 30.99 29.01 -17.84
C CYS B 188 32.23 29.28 -16.99
N THR B 189 32.31 30.50 -16.45
CA THR B 189 33.43 30.90 -15.60
C THR B 189 34.78 30.57 -16.24
N GLY B 218 30.57 40.11 -2.28
CA GLY B 218 29.99 41.36 -1.80
C GLY B 218 28.71 41.13 -1.04
N MET B 219 28.60 39.97 -0.41
CA MET B 219 27.39 39.60 0.32
C MET B 219 27.64 39.62 1.82
N ASN B 220 26.57 39.76 2.61
CA ASN B 220 26.67 39.72 4.06
C ASN B 220 27.31 38.43 4.54
N ARG B 221 28.29 38.55 5.43
CA ARG B 221 29.03 37.38 5.93
C ARG B 221 28.09 36.32 6.50
N TYR B 222 26.92 36.74 6.96
CA TYR B 222 25.97 35.86 7.63
C TYR B 222 25.08 35.09 6.66
N PHE B 223 25.03 35.55 5.41
CA PHE B 223 24.24 34.88 4.39
C PHE B 223 25.00 33.69 3.82
N GLN B 224 24.60 32.49 4.22
CA GLN B 224 25.19 31.26 3.72
C GLN B 224 24.08 30.26 3.41
N PRO B 225 23.34 30.51 2.31
CA PRO B 225 22.11 29.79 1.98
C PRO B 225 22.35 28.36 1.50
N PHE B 226 23.57 28.05 1.06
CA PHE B 226 23.84 26.77 0.44
C PHE B 226 24.74 25.87 1.27
N TYR B 227 24.33 24.62 1.44
CA TYR B 227 25.15 23.62 2.12
C TYR B 227 26.46 23.43 1.37
N GLN B 228 27.47 22.92 2.05
CA GLN B 228 28.75 22.67 1.41
C GLN B 228 29.15 21.21 1.55
N PRO B 229 29.93 20.71 0.58
CA PRO B 229 30.45 19.35 0.71
C PRO B 229 31.21 19.26 2.01
N ASN B 230 30.95 18.22 2.79
CA ASN B 230 31.69 18.04 4.05
C ASN B 230 31.45 19.19 5.03
N GLU B 231 30.17 19.59 5.13
CA GLU B 231 29.74 20.57 6.09
C GLU B 231 28.70 19.99 7.05
N CYS B 232 28.90 20.25 8.34
CA CYS B 232 27.95 19.81 9.35
C CYS B 232 26.64 20.58 9.19
N GLY B 233 25.57 20.03 9.74
CA GLY B 233 24.27 20.69 9.66
C GLY B 233 24.26 22.06 10.31
N LYS B 234 23.81 23.07 9.54
CA LYS B 234 23.56 24.40 10.10
C LYS B 234 22.22 24.94 9.59
N ALA B 235 21.50 25.60 10.48
CA ALA B 235 20.12 25.98 10.24
C ALA B 235 19.88 26.68 8.90
N LEU B 236 18.70 26.43 8.33
CA LEU B 236 18.25 27.10 7.12
C LEU B 236 19.22 26.96 5.95
N CYS B 237 19.89 25.81 5.88
CA CYS B 237 20.75 25.50 4.76
C CYS B 237 20.07 24.49 3.85
N VAL B 238 19.96 24.83 2.58
CA VAL B 238 19.37 23.92 1.59
C VAL B 238 20.47 23.29 0.76
N ARG B 239 20.22 22.07 0.30
CA ARG B 239 21.17 21.41 -0.59
C ARG B 239 20.89 21.83 -2.03
N PRO B 240 21.93 22.29 -2.74
CA PRO B 240 21.81 22.82 -4.10
C PRO B 240 21.51 21.73 -5.13
N ASP B 241 21.64 20.47 -4.71
CA ASP B 241 21.49 19.36 -5.64
C ASP B 241 20.43 18.35 -5.19
N VAL B 242 19.70 18.70 -4.14
CA VAL B 242 18.65 17.82 -3.64
C VAL B 242 17.40 18.62 -3.26
N MET B 243 16.24 18.13 -3.68
CA MET B 243 14.98 18.78 -3.32
C MET B 243 14.56 18.45 -1.89
N GLU B 244 14.21 19.48 -1.13
CA GLU B 244 13.70 19.30 0.22
C GLU B 244 12.39 18.52 0.15
N LEU B 245 11.85 18.15 1.30
CA LEU B 245 10.63 17.35 1.35
C LEU B 245 9.42 18.11 0.83
N ASP B 246 9.23 19.32 1.36
CA ASP B 246 8.15 20.20 0.91
C ASP B 246 8.27 20.49 -0.59
N GLU B 247 9.50 20.67 -1.05
CA GLU B 247 9.77 20.89 -2.47
C GLU B 247 9.30 19.70 -3.31
N LEU B 248 9.50 18.49 -2.78
CA LEU B 248 8.98 17.29 -3.42
C LEU B 248 7.45 17.25 -3.39
N TYR B 249 6.88 17.55 -2.23
CA TYR B 249 5.43 17.54 -2.05
C TYR B 249 4.74 18.52 -3.01
N GLU B 250 5.29 19.72 -3.11
CA GLU B 250 4.70 20.77 -3.94
C GLU B 250 4.91 20.51 -5.42
N PHE B 251 6.03 19.90 -5.76
CA PHE B 251 6.40 19.66 -7.15
C PHE B 251 6.83 18.21 -7.38
N PRO B 252 5.87 17.27 -7.35
CA PRO B 252 6.16 15.85 -7.58
C PRO B 252 6.84 15.60 -8.91
N GLU B 253 6.30 16.16 -9.98
CA GLU B 253 6.81 15.92 -11.33
C GLU B 253 8.33 16.08 -11.44
N TYR B 254 8.92 16.81 -10.50
CA TYR B 254 10.34 17.14 -10.56
C TYR B 254 11.22 16.17 -9.77
N SER B 255 10.59 15.23 -9.06
CA SER B 255 11.36 14.29 -8.24
C SER B 255 12.02 13.20 -9.09
N ARG B 256 11.69 13.16 -10.37
CA ARG B 256 12.33 12.23 -11.29
C ARG B 256 13.29 12.97 -12.23
N ASP B 257 13.02 14.25 -12.47
CA ASP B 257 13.92 15.12 -13.22
C ASP B 257 13.96 16.49 -12.55
N PRO B 258 14.82 16.66 -11.54
CA PRO B 258 14.84 17.85 -10.70
C PRO B 258 15.87 18.89 -11.13
N THR B 259 16.57 18.64 -12.22
CA THR B 259 17.66 19.52 -12.62
C THR B 259 17.21 20.95 -12.88
N MET B 260 16.10 21.11 -13.61
CA MET B 260 15.59 22.44 -13.90
C MET B 260 15.16 23.15 -12.63
N TYR B 261 14.32 22.50 -11.84
CA TYR B 261 13.85 23.08 -10.59
C TYR B 261 15.03 23.56 -9.74
N LEU B 262 15.92 22.63 -9.39
CA LEU B 262 17.09 22.96 -8.59
C LEU B 262 17.80 24.20 -9.13
N ALA B 263 17.93 24.27 -10.45
CA ALA B 263 18.60 25.41 -11.08
C ALA B 263 17.88 26.72 -10.81
N LEU B 264 16.57 26.73 -11.04
CA LEU B 264 15.76 27.93 -10.83
C LEU B 264 15.66 28.32 -9.36
N ARG B 265 15.62 27.33 -8.49
CA ARG B 265 15.52 27.57 -7.05
C ARG B 265 16.81 28.18 -6.50
N ASN B 266 17.95 27.67 -6.93
CA ASN B 266 19.23 28.23 -6.52
C ASN B 266 19.46 29.62 -7.11
N LEU B 267 18.78 29.91 -8.21
CA LEU B 267 18.84 31.24 -8.81
C LEU B 267 18.04 32.22 -7.98
N ILE B 268 16.82 31.83 -7.63
CA ILE B 268 15.93 32.67 -6.83
C ILE B 268 16.56 32.99 -5.47
N LEU B 269 17.19 32.00 -4.84
CA LEU B 269 17.85 32.22 -3.57
C LEU B 269 18.98 33.23 -3.72
N ALA B 270 19.88 33.00 -4.66
CA ALA B 270 20.98 33.92 -4.90
C ALA B 270 20.50 35.33 -5.18
N LEU B 271 19.47 35.44 -6.04
CA LEU B 271 18.93 36.75 -6.39
C LEU B 271 18.30 37.44 -5.18
N TRP B 272 17.91 36.66 -4.19
CA TRP B 272 17.31 37.20 -2.97
C TRP B 272 18.38 37.66 -1.98
N TYR B 273 19.36 36.81 -1.72
CA TYR B 273 20.42 37.15 -0.79
C TYR B 273 21.43 38.11 -1.41
N THR B 274 21.21 38.44 -2.67
CA THR B 274 22.02 39.44 -3.37
C THR B 274 21.42 40.82 -3.20
N ASN B 275 20.08 40.88 -3.15
CA ASN B 275 19.36 42.12 -2.93
C ASN B 275 18.09 41.89 -2.09
N CYS B 276 18.25 41.94 -0.76
CA CYS B 276 17.19 41.55 0.15
C CYS B 276 16.35 42.73 0.67
N LYS B 277 16.46 43.87 0.00
CA LYS B 277 15.64 45.03 0.37
C LYS B 277 14.52 45.19 -0.64
N GLU B 278 14.59 44.42 -1.73
CA GLU B 278 13.61 44.50 -2.81
C GLU B 278 12.79 43.23 -2.92
N ALA B 279 11.50 43.37 -3.21
CA ALA B 279 10.65 42.22 -3.46
C ALA B 279 11.03 41.59 -4.80
N LEU B 280 11.61 40.39 -4.74
CA LEU B 280 12.00 39.66 -5.95
C LEU B 280 10.76 39.22 -6.74
N THR B 281 10.66 39.69 -7.97
CA THR B 281 9.49 39.42 -8.80
C THR B 281 9.87 38.65 -10.06
N PRO B 282 8.89 37.93 -10.65
CA PRO B 282 9.11 37.16 -11.88
C PRO B 282 9.81 38.00 -12.95
N GLN B 283 9.60 39.31 -12.92
CA GLN B 283 10.16 40.19 -13.95
C GLN B 283 11.68 40.35 -13.83
N LYS B 284 12.18 40.50 -12.60
CA LYS B 284 13.61 40.68 -12.41
C LYS B 284 14.38 39.36 -12.40
N CYS B 285 13.64 38.26 -12.47
CA CYS B 285 14.25 36.93 -12.49
C CYS B 285 14.53 36.47 -13.92
N ILE B 286 13.51 36.55 -14.76
CA ILE B 286 13.58 36.09 -16.15
C ILE B 286 14.87 36.47 -16.91
N PRO B 287 15.26 37.75 -16.85
CA PRO B 287 16.47 38.19 -17.55
C PRO B 287 17.73 37.46 -17.10
N HIS B 288 17.65 36.73 -15.99
CA HIS B 288 18.79 35.99 -15.46
C HIS B 288 18.72 34.50 -15.81
N ILE B 289 17.63 34.09 -16.44
CA ILE B 289 17.51 32.73 -16.95
C ILE B 289 18.05 32.70 -18.38
N ILE B 290 19.34 32.38 -18.51
CA ILE B 290 19.99 32.34 -19.82
C ILE B 290 20.30 30.90 -20.23
N VAL B 291 19.41 30.32 -21.02
CA VAL B 291 19.59 28.97 -21.53
C VAL B 291 19.10 28.89 -22.96
N ARG B 292 19.77 28.07 -23.77
CA ARG B 292 19.40 27.90 -25.16
C ARG B 292 18.21 26.96 -25.29
N GLY B 293 17.45 27.12 -26.37
CA GLY B 293 16.37 26.20 -26.70
C GLY B 293 15.01 26.62 -26.20
N LEU B 294 13.98 25.90 -26.65
CA LEU B 294 12.61 26.17 -26.24
C LEU B 294 12.45 25.96 -24.74
N VAL B 295 13.40 25.25 -24.15
CA VAL B 295 13.36 24.93 -22.73
C VAL B 295 13.34 26.21 -21.88
N ARG B 296 13.90 27.28 -22.41
CA ARG B 296 13.90 28.56 -21.71
C ARG B 296 12.46 29.01 -21.46
N ILE B 297 11.60 28.81 -22.45
CA ILE B 297 10.19 29.13 -22.29
C ILE B 297 9.63 28.43 -21.07
N ARG B 298 9.99 27.15 -20.90
CA ARG B 298 9.48 26.38 -19.77
C ARG B 298 10.06 26.86 -18.44
N CYS B 299 11.28 27.37 -18.47
CA CYS B 299 11.92 27.88 -17.26
C CYS B 299 11.24 29.16 -16.77
N VAL B 300 10.88 30.05 -17.69
CA VAL B 300 10.28 31.34 -17.32
C VAL B 300 8.80 31.21 -17.02
N GLN B 301 8.21 30.07 -17.39
CA GLN B 301 6.82 29.78 -17.05
C GLN B 301 6.74 29.15 -15.67
N GLU B 302 7.83 28.50 -15.27
CA GLU B 302 7.89 27.80 -14.00
C GLU B 302 8.49 28.67 -12.90
N VAL B 303 9.45 29.50 -13.26
CA VAL B 303 10.13 30.34 -12.27
C VAL B 303 9.10 31.17 -11.50
N GLU B 304 7.90 31.27 -12.05
CA GLU B 304 6.81 31.98 -11.40
C GLU B 304 6.08 31.11 -10.37
N ARG B 305 5.94 29.82 -10.69
CA ARG B 305 5.36 28.87 -9.73
C ARG B 305 6.31 28.65 -8.56
N ILE B 306 7.60 28.67 -8.86
CA ILE B 306 8.63 28.45 -7.85
C ILE B 306 8.81 29.69 -6.98
N LEU B 307 8.74 30.87 -7.60
CA LEU B 307 8.91 32.12 -6.90
C LEU B 307 7.79 32.35 -5.89
N TYR B 308 6.60 31.85 -6.22
CA TYR B 308 5.43 32.02 -5.36
C TYR B 308 5.38 30.96 -4.27
N PHE B 309 6.12 29.87 -4.46
CA PHE B 309 6.24 28.84 -3.46
C PHE B 309 7.17 29.31 -2.34
N MET B 310 8.37 29.72 -2.72
CA MET B 310 9.37 30.16 -1.75
C MET B 310 8.91 31.38 -0.97
N THR B 311 8.02 32.17 -1.60
CA THR B 311 7.47 33.34 -0.93
C THR B 311 6.52 32.90 0.19
N ARG B 312 5.54 32.08 -0.18
CA ARG B 312 4.57 31.60 0.79
C ARG B 312 5.30 30.91 1.94
N LYS B 313 6.27 30.07 1.58
CA LYS B 313 7.02 29.31 2.57
C LYS B 313 7.91 30.19 3.44
N GLY B 314 8.23 31.38 2.96
CA GLY B 314 9.03 32.32 3.72
C GLY B 314 10.51 32.33 3.36
N LEU B 315 10.91 31.51 2.38
CA LEU B 315 12.30 31.43 1.97
C LEU B 315 12.84 32.76 1.45
N ILE B 316 11.98 33.49 0.75
CA ILE B 316 12.35 34.79 0.19
C ILE B 316 11.23 35.81 0.40
N ASN B 317 11.45 37.04 -0.07
CA ASN B 317 10.47 38.11 0.07
C ASN B 317 9.91 38.18 1.48
N THR B 318 10.78 38.01 2.46
CA THR B 318 10.37 37.98 3.84
C THR B 318 11.22 38.96 4.63
N GLY B 319 11.08 38.93 5.95
CA GLY B 319 11.81 39.85 6.81
C GLY B 319 11.00 41.11 7.06
N VAL B 320 11.72 42.22 7.20
CA VAL B 320 11.10 43.49 7.54
C VAL B 320 10.59 44.20 6.29
N LEU B 321 10.90 43.62 5.13
CA LEU B 321 10.42 44.12 3.84
C LEU B 321 8.96 44.52 3.89
N SER B 322 8.62 45.63 3.24
CA SER B 322 7.25 46.15 3.31
C SER B 322 6.56 46.25 1.95
N VAL B 323 5.24 46.16 1.99
CA VAL B 323 4.39 46.37 0.82
C VAL B 323 2.94 46.56 1.25
N GLY B 324 2.40 47.74 0.98
CA GLY B 324 3.14 48.80 0.32
C GLY B 324 3.30 48.60 -1.18
N ALA B 325 2.19 48.63 -1.90
CA ALA B 325 0.87 48.80 -1.31
C ALA B 325 -0.16 47.94 -2.02
N ASP B 326 -0.32 48.18 -3.31
CA ASP B 326 -1.21 47.38 -4.14
C ASP B 326 -0.39 46.40 -4.96
N GLN B 327 0.82 46.11 -4.48
CA GLN B 327 1.70 45.15 -5.14
C GLN B 327 2.02 43.97 -4.21
N TYR B 328 0.98 43.26 -3.80
CA TYR B 328 1.13 42.13 -2.90
C TYR B 328 2.04 41.04 -3.49
N LEU B 329 2.70 40.29 -2.60
CA LEU B 329 3.73 39.35 -3.01
C LEU B 329 3.18 38.02 -3.53
N LEU B 330 1.85 37.89 -3.53
CA LEU B 330 1.22 36.69 -4.07
C LEU B 330 0.09 37.05 -5.03
N PRO B 331 -0.21 36.14 -5.97
CA PRO B 331 -1.34 36.32 -6.90
C PRO B 331 -2.66 36.47 -6.15
N LYS B 332 -3.66 37.05 -6.83
CA LYS B 332 -4.94 37.36 -6.21
C LYS B 332 -5.72 36.13 -5.76
N ASP B 333 -5.25 34.94 -6.12
CA ASP B 333 -5.92 33.71 -5.74
C ASP B 333 -5.72 33.41 -4.25
N TYR B 334 -4.70 34.03 -3.66
CA TYR B 334 -4.41 33.83 -2.25
C TYR B 334 -5.11 34.86 -1.37
N HIS B 335 -5.61 35.93 -1.99
CA HIS B 335 -6.12 37.08 -1.27
C HIS B 335 -7.48 36.90 -0.60
N ASN B 336 -8.30 35.99 -1.13
CA ASN B 336 -9.68 35.89 -0.69
C ASN B 336 -9.91 35.08 0.59
N LYS B 337 -9.26 35.50 1.67
CA LYS B 337 -9.51 34.93 2.99
C LYS B 337 -9.07 35.92 4.07
N SER B 338 -9.64 35.79 5.26
CA SER B 338 -9.32 36.69 6.36
C SER B 338 -8.91 35.91 7.61
N VAL B 339 -8.03 36.51 8.41
CA VAL B 339 -7.52 35.84 9.60
C VAL B 339 -7.34 36.80 10.78
N ILE B 340 -7.60 36.29 11.98
CA ILE B 340 -7.39 37.04 13.20
C ILE B 340 -6.15 36.50 13.93
N ILE B 341 -5.24 37.40 14.29
CA ILE B 341 -4.02 37.01 14.98
C ILE B 341 -4.05 37.47 16.43
N ILE B 342 -3.85 36.53 17.35
CA ILE B 342 -3.95 36.82 18.77
C ILE B 342 -2.57 36.93 19.42
N GLY B 343 -2.21 38.13 19.84
CA GLY B 343 -0.90 38.39 20.39
C GLY B 343 -0.01 39.02 19.35
N ALA B 344 0.75 40.04 19.74
CA ALA B 344 1.59 40.78 18.80
C ALA B 344 3.06 40.80 19.21
N GLY B 345 3.61 39.63 19.48
CA GLY B 345 5.02 39.49 19.74
C GLY B 345 5.71 39.11 18.45
N PRO B 346 6.99 38.71 18.52
CA PRO B 346 7.71 38.26 17.32
C PRO B 346 6.90 37.26 16.49
N ALA B 347 6.20 36.35 17.16
CA ALA B 347 5.41 35.33 16.48
C ALA B 347 4.19 35.92 15.76
N GLY B 348 3.43 36.74 16.47
CA GLY B 348 2.21 37.32 15.93
C GLY B 348 2.49 38.33 14.84
N LEU B 349 3.50 39.16 15.04
CA LEU B 349 3.85 40.21 14.08
C LEU B 349 4.51 39.65 12.84
N ALA B 350 5.13 38.48 12.98
CA ALA B 350 5.76 37.80 11.85
C ALA B 350 4.69 37.27 10.90
N ALA B 351 3.70 36.58 11.45
CA ALA B 351 2.59 36.05 10.66
C ALA B 351 1.71 37.17 10.11
N ALA B 352 1.65 38.29 10.83
CA ALA B 352 0.89 39.44 10.40
C ALA B 352 1.55 40.13 9.21
N ARG B 353 2.87 40.31 9.30
CA ARG B 353 3.64 40.94 8.24
C ARG B 353 3.59 40.11 6.96
N GLN B 354 3.74 38.80 7.11
CA GLN B 354 3.74 37.90 5.96
C GLN B 354 2.36 37.84 5.29
N LEU B 355 1.34 37.55 6.07
CA LEU B 355 -0.03 37.49 5.57
C LEU B 355 -0.46 38.80 4.91
N HIS B 356 0.01 39.92 5.46
CA HIS B 356 -0.32 41.24 4.93
C HIS B 356 0.35 41.46 3.58
N ASN B 357 1.64 41.16 3.51
CA ASN B 357 2.39 41.28 2.27
C ASN B 357 1.90 40.32 1.19
N PHE B 358 1.21 39.25 1.62
CA PHE B 358 0.69 38.28 0.68
C PHE B 358 -0.54 38.83 -0.03
N GLY B 359 -1.33 39.61 0.68
CA GLY B 359 -2.55 40.18 0.13
C GLY B 359 -3.76 39.62 0.85
N ILE B 360 -3.55 39.16 2.08
CA ILE B 360 -4.63 38.59 2.88
C ILE B 360 -5.10 39.59 3.93
N LYS B 361 -6.35 39.45 4.35
CA LYS B 361 -6.93 40.33 5.36
C LYS B 361 -6.44 39.93 6.76
N VAL B 362 -5.78 40.87 7.44
CA VAL B 362 -5.16 40.58 8.73
C VAL B 362 -5.54 41.56 9.84
N THR B 363 -6.08 41.03 10.93
CA THR B 363 -6.41 41.84 12.10
C THR B 363 -5.84 41.19 13.37
N VAL B 364 -4.90 41.86 14.01
CA VAL B 364 -4.22 41.30 15.19
C VAL B 364 -4.66 41.93 16.52
N LEU B 365 -5.16 41.09 17.42
CA LEU B 365 -5.64 41.54 18.73
C LEU B 365 -4.59 41.28 19.81
N GLU B 366 -4.16 42.35 20.48
CA GLU B 366 -3.14 42.25 21.52
C GLU B 366 -3.71 42.58 22.89
N ALA B 367 -3.34 41.79 23.89
CA ALA B 367 -3.88 41.97 25.25
C ALA B 367 -3.31 43.20 25.95
N LYS B 368 -1.99 43.32 25.96
CA LYS B 368 -1.33 44.46 26.60
C LYS B 368 -1.58 45.76 25.83
N ASP B 369 -1.11 46.87 26.39
CA ASP B 369 -1.28 48.18 25.77
C ASP B 369 -0.08 48.53 24.91
N ARG B 370 0.74 47.53 24.62
CA ARG B 370 1.91 47.72 23.76
C ARG B 370 2.16 46.48 22.92
N ILE B 371 3.04 46.61 21.92
CA ILE B 371 3.42 45.48 21.08
C ILE B 371 4.81 45.02 21.46
N GLY B 372 5.18 43.82 21.04
CA GLY B 372 6.52 43.31 21.24
C GLY B 372 6.57 42.08 22.12
N GLY B 373 5.56 41.92 22.97
CA GLY B 373 5.52 40.80 23.89
C GLY B 373 6.75 40.70 24.77
N ARG B 374 7.45 39.58 24.66
CA ARG B 374 8.65 39.36 25.44
C ARG B 374 9.84 40.11 24.85
N VAL B 375 9.54 40.99 23.91
CA VAL B 375 10.53 41.94 23.39
C VAL B 375 10.14 43.33 23.84
N TRP B 376 10.91 43.89 24.76
CA TRP B 376 10.57 45.15 25.40
C TRP B 376 11.83 45.89 25.80
N ASP B 377 12.24 46.86 25.01
CA ASP B 377 13.48 47.58 25.29
C ASP B 377 13.25 48.77 26.21
N ASP B 378 14.37 49.38 26.62
CA ASP B 378 14.33 50.59 27.44
C ASP B 378 15.37 51.56 26.90
N LYS B 379 14.91 52.71 26.45
CA LYS B 379 15.77 53.66 25.78
C LYS B 379 16.04 54.91 26.62
N SER B 380 15.79 54.80 27.92
CA SER B 380 15.92 55.93 28.82
C SER B 380 17.34 56.08 29.40
N PHE B 381 18.13 55.03 29.32
CA PHE B 381 19.53 55.11 29.71
C PHE B 381 20.30 55.92 28.67
N LYS B 382 21.33 56.63 29.12
CA LYS B 382 22.06 57.50 28.20
C LYS B 382 22.91 56.71 27.24
N GLY B 383 22.82 57.04 25.95
CA GLY B 383 23.64 56.42 24.91
C GLY B 383 23.62 54.91 24.89
N VAL B 384 22.54 54.32 25.37
CA VAL B 384 22.42 52.86 25.41
C VAL B 384 20.96 52.40 25.40
N THR B 385 20.69 51.32 24.68
CA THR B 385 19.38 50.69 24.74
C THR B 385 19.50 49.35 25.46
N VAL B 386 18.71 49.18 26.51
CA VAL B 386 18.75 47.96 27.31
C VAL B 386 17.43 47.20 27.20
N GLY B 387 17.53 45.88 27.09
CA GLY B 387 16.35 45.04 26.88
C GLY B 387 15.83 44.39 28.14
N ARG B 388 14.62 44.77 28.53
CA ARG B 388 13.94 44.12 29.64
C ARG B 388 13.71 42.66 29.30
N GLY B 389 13.52 42.38 28.01
CA GLY B 389 13.35 41.04 27.52
C GLY B 389 14.54 40.60 26.70
N ALA B 390 14.26 40.08 25.50
CA ALA B 390 15.31 39.60 24.61
C ALA B 390 16.24 40.72 24.13
N GLN B 391 17.46 40.36 23.78
CA GLN B 391 18.41 41.32 23.23
C GLN B 391 19.64 40.63 22.64
N ILE B 392 19.70 39.31 22.81
CA ILE B 392 20.82 38.53 22.32
C ILE B 392 20.42 37.62 21.15
N VAL B 393 21.31 37.51 20.17
CA VAL B 393 21.08 36.64 19.02
C VAL B 393 22.01 35.43 19.09
N ASN B 394 21.43 34.23 19.11
CA ASN B 394 22.22 33.01 19.21
C ASN B 394 22.53 32.41 17.84
N GLY B 395 23.73 32.68 17.34
CA GLY B 395 24.13 32.24 16.02
C GLY B 395 23.47 33.06 14.93
N CYS B 396 24.27 33.84 14.21
CA CYS B 396 23.74 34.77 13.23
C CYS B 396 23.61 34.19 11.83
N ILE B 397 24.49 33.26 11.47
CA ILE B 397 24.46 32.66 10.14
C ILE B 397 23.05 32.18 9.79
N ASN B 398 22.52 32.69 8.68
CA ASN B 398 21.20 32.31 8.18
C ASN B 398 20.04 32.76 9.07
N ASN B 399 20.34 33.40 10.19
CA ASN B 399 19.31 33.81 11.12
C ASN B 399 18.42 34.90 10.54
N PRO B 400 17.10 34.70 10.62
CA PRO B 400 16.11 35.65 10.09
C PRO B 400 16.33 37.05 10.64
N VAL B 401 17.05 37.13 11.76
CA VAL B 401 17.32 38.40 12.42
C VAL B 401 18.45 39.16 11.74
N ALA B 402 19.51 38.44 11.35
CA ALA B 402 20.64 39.05 10.66
C ALA B 402 20.20 39.61 9.32
N LEU B 403 19.14 39.03 8.76
CA LEU B 403 18.57 39.53 7.51
C LEU B 403 17.78 40.80 7.78
N MET B 404 16.91 40.74 8.78
CA MET B 404 16.11 41.89 9.19
C MET B 404 16.99 43.02 9.69
N CYS B 405 18.21 42.70 10.10
CA CYS B 405 19.16 43.72 10.51
C CYS B 405 19.86 44.34 9.31
N GLU B 406 19.99 43.55 8.25
CA GLU B 406 20.51 44.07 6.99
C GLU B 406 19.49 44.98 6.32
N GLN B 407 18.25 44.52 6.28
CA GLN B 407 17.15 45.28 5.68
C GLN B 407 16.91 46.59 6.44
N LEU B 408 17.50 46.72 7.62
CA LEU B 408 17.35 47.93 8.43
C LEU B 408 18.67 48.65 8.63
N GLY B 409 19.70 48.19 7.93
CA GLY B 409 21.02 48.78 8.05
C GLY B 409 21.57 48.70 9.46
N ILE B 410 20.89 47.94 10.32
CA ILE B 410 21.31 47.75 11.69
C ILE B 410 22.56 46.90 11.79
N SER B 411 23.46 47.27 12.69
CA SER B 411 24.67 46.49 12.93
C SER B 411 24.62 45.85 14.33
N MET B 412 25.33 44.73 14.49
CA MET B 412 25.34 44.00 15.75
C MET B 412 26.75 43.85 16.29
N HIS B 413 26.87 43.74 17.61
CA HIS B 413 28.18 43.53 18.25
C HIS B 413 28.39 42.08 18.63
N LYS B 414 29.53 41.52 18.22
CA LYS B 414 29.86 40.13 18.53
C LYS B 414 30.52 39.99 19.90
N PHE B 415 30.00 39.06 20.70
CA PHE B 415 30.54 38.81 22.04
C PHE B 415 31.94 38.24 21.99
N GLY B 416 32.81 38.74 22.88
CA GLY B 416 34.11 38.14 23.07
C GLY B 416 33.93 36.82 23.79
N GLU B 417 34.94 35.94 23.69
CA GLU B 417 34.81 34.63 24.32
C GLU B 417 35.30 34.66 25.77
N ARG B 418 35.90 35.77 26.17
CA ARG B 418 36.43 35.90 27.52
C ARG B 418 35.36 36.25 28.55
N CYS B 419 35.27 35.43 29.59
CA CYS B 419 34.36 35.66 30.70
C CYS B 419 34.99 35.14 31.99
N ASP B 420 35.55 36.05 32.79
CA ASP B 420 36.24 35.67 34.02
C ASP B 420 35.29 35.37 35.16
N LEU B 421 35.56 34.28 35.89
CA LEU B 421 34.76 33.90 37.03
C LEU B 421 35.24 34.57 38.30
N ILE B 422 34.62 35.71 38.63
CA ILE B 422 35.01 36.50 39.80
C ILE B 422 34.31 36.02 41.07
N GLN B 423 35.11 35.59 42.04
CA GLN B 423 34.58 35.13 43.32
C GLN B 423 34.40 36.31 44.27
N GLU B 424 33.78 36.07 45.42
CA GLU B 424 33.66 37.08 46.46
C GLU B 424 34.81 36.94 47.46
N GLY B 425 35.64 37.97 47.55
CA GLY B 425 35.44 39.18 46.78
C GLY B 425 36.73 39.79 46.25
N GLY B 426 36.79 39.94 44.92
CA GLY B 426 37.93 40.59 44.28
C GLY B 426 38.76 39.63 43.46
N ARG B 427 39.05 38.47 44.02
CA ARG B 427 39.88 37.47 43.36
C ARG B 427 39.27 37.01 42.05
N ILE B 428 40.13 36.67 41.10
CA ILE B 428 39.70 36.10 39.83
C ILE B 428 40.13 34.64 39.76
N THR B 429 39.16 33.74 39.75
CA THR B 429 39.44 32.30 39.75
C THR B 429 40.56 31.93 38.80
N ASP B 430 41.57 31.27 39.34
CA ASP B 430 42.72 30.80 38.56
C ASP B 430 42.27 29.92 37.41
N PRO B 431 42.66 30.28 36.17
CA PRO B 431 42.32 29.53 34.96
C PRO B 431 42.49 28.02 35.11
N THR B 432 43.51 27.59 35.84
CA THR B 432 43.75 26.16 36.04
C THR B 432 42.57 25.52 36.76
N ILE B 433 41.92 26.30 37.63
CA ILE B 433 40.75 25.83 38.36
C ILE B 433 39.53 25.86 37.45
N ASP B 434 39.36 26.99 36.75
CA ASP B 434 38.24 27.18 35.85
C ASP B 434 38.18 26.12 34.75
N LYS B 435 39.24 26.05 33.95
CA LYS B 435 39.36 25.03 32.92
C LYS B 435 39.07 23.66 33.53
N ARG B 436 39.69 23.40 34.67
CA ARG B 436 39.53 22.15 35.40
C ARG B 436 38.06 21.78 35.64
N MET B 437 37.32 22.74 36.20
CA MET B 437 35.93 22.51 36.57
C MET B 437 34.96 22.56 35.40
N ASP B 438 35.42 23.13 34.29
CA ASP B 438 34.66 23.08 33.05
C ASP B 438 34.68 21.65 32.52
N PHE B 439 35.88 21.05 32.51
CA PHE B 439 36.05 19.66 32.09
C PHE B 439 35.07 18.74 32.80
N HIS B 440 35.05 18.83 34.12
CA HIS B 440 34.16 18.01 34.94
C HIS B 440 32.69 18.19 34.58
N PHE B 441 32.25 19.44 34.53
CA PHE B 441 30.85 19.74 34.24
C PHE B 441 30.40 19.10 32.93
N ASN B 442 31.18 19.29 31.88
CA ASN B 442 30.85 18.68 30.58
C ASN B 442 30.90 17.17 30.63
N ALA B 443 31.82 16.64 31.43
CA ALA B 443 31.94 15.19 31.61
C ALA B 443 30.64 14.62 32.21
N LEU B 444 30.11 15.30 33.22
CA LEU B 444 28.87 14.89 33.85
C LEU B 444 27.73 14.81 32.83
N LEU B 445 27.65 15.80 31.95
CA LEU B 445 26.62 15.83 30.93
C LEU B 445 26.80 14.69 29.93
N ASP B 446 28.05 14.39 29.61
CA ASP B 446 28.37 13.26 28.74
C ASP B 446 27.73 11.98 29.26
N VAL B 447 28.00 11.66 30.52
CA VAL B 447 27.47 10.46 31.14
C VAL B 447 25.96 10.55 31.36
N VAL B 448 25.47 11.78 31.53
CA VAL B 448 24.03 12.00 31.54
C VAL B 448 23.48 11.61 30.17
N SER B 449 24.19 12.01 29.13
CA SER B 449 23.81 11.70 27.76
C SER B 449 24.03 10.23 27.43
N GLU B 450 24.89 9.58 28.21
CA GLU B 450 25.16 8.15 28.03
C GLU B 450 24.00 7.35 28.62
N TRP B 451 23.61 7.69 29.84
CA TRP B 451 22.56 6.98 30.56
C TRP B 451 21.20 7.05 29.84
N ARG B 452 20.92 8.19 29.21
CA ARG B 452 19.60 8.43 28.62
C ARG B 452 19.29 7.60 27.38
N LYS B 453 20.34 7.26 26.63
CA LYS B 453 20.18 6.43 25.42
C LYS B 453 19.16 5.31 25.62
N ASP B 454 18.27 5.14 24.64
CA ASP B 454 17.34 4.01 24.63
C ASP B 454 16.50 3.88 25.90
N LYS B 455 16.39 4.97 26.66
CA LYS B 455 15.46 5.03 27.77
C LYS B 455 14.13 5.56 27.25
N THR B 456 13.03 5.06 27.79
CA THR B 456 11.71 5.53 27.37
C THR B 456 11.28 6.73 28.20
N GLN B 457 10.19 7.37 27.80
CA GLN B 457 9.68 8.53 28.52
C GLN B 457 9.49 8.19 30.00
N LEU B 458 8.81 7.07 30.24
CA LEU B 458 8.49 6.64 31.59
C LEU B 458 9.73 6.48 32.48
N GLN B 459 10.90 6.41 31.87
CA GLN B 459 12.14 6.24 32.62
C GLN B 459 12.87 7.57 32.81
N ASP B 460 12.17 8.66 32.57
CA ASP B 460 12.76 9.98 32.67
C ASP B 460 13.06 10.36 34.13
N VAL B 461 14.17 11.06 34.33
CA VAL B 461 14.50 11.58 35.65
C VAL B 461 14.99 13.02 35.51
N PRO B 462 14.66 13.88 36.48
CA PRO B 462 15.09 15.28 36.42
C PRO B 462 16.57 15.39 36.11
N LEU B 463 16.91 16.24 35.14
CA LEU B 463 18.30 16.43 34.74
C LEU B 463 19.18 16.68 35.96
N GLY B 464 18.74 17.59 36.82
CA GLY B 464 19.49 17.94 38.01
C GLY B 464 19.74 16.73 38.90
N GLU B 465 18.69 15.95 39.13
CA GLU B 465 18.79 14.76 39.97
C GLU B 465 19.87 13.81 39.46
N LYS B 466 19.93 13.64 38.14
CA LYS B 466 20.88 12.73 37.52
C LYS B 466 22.32 13.28 37.53
N ILE B 467 22.47 14.59 37.66
CA ILE B 467 23.80 15.18 37.69
C ILE B 467 24.45 15.06 39.08
N GLU B 468 23.66 15.27 40.12
CA GLU B 468 24.15 15.13 41.48
C GLU B 468 24.42 13.66 41.80
N GLU B 469 23.52 12.79 41.33
CA GLU B 469 23.66 11.35 41.51
C GLU B 469 24.97 10.83 40.93
N ILE B 470 25.28 11.28 39.71
CA ILE B 470 26.52 10.92 39.05
C ILE B 470 27.72 11.59 39.73
N TYR B 471 27.49 12.80 40.25
CA TYR B 471 28.56 13.56 40.90
C TYR B 471 29.03 12.88 42.18
N LYS B 472 28.08 12.38 42.97
CA LYS B 472 28.42 11.72 44.24
C LYS B 472 28.99 10.32 44.02
N ALA B 473 28.45 9.62 43.02
CA ALA B 473 28.93 8.28 42.69
C ALA B 473 30.33 8.31 42.07
N PHE B 474 30.79 9.51 41.73
CA PHE B 474 32.14 9.68 41.20
C PHE B 474 33.13 10.05 42.30
N ILE B 475 32.67 10.87 43.24
CA ILE B 475 33.49 11.21 44.41
C ILE B 475 33.70 9.96 45.25
N LYS B 476 32.77 9.02 45.10
CA LYS B 476 32.82 7.75 45.82
C LYS B 476 33.81 6.78 45.16
N GLU B 477 33.70 6.67 43.83
CA GLU B 477 34.56 5.80 43.04
C GLU B 477 36.02 6.26 43.07
N SER B 478 36.24 7.51 43.46
CA SER B 478 37.58 8.07 43.51
C SER B 478 37.74 9.04 44.68
N GLY B 479 38.82 8.85 45.44
CA GLY B 479 39.08 9.66 46.61
C GLY B 479 39.10 11.16 46.35
N ILE B 480 39.22 11.52 45.08
CA ILE B 480 39.28 12.94 44.69
C ILE B 480 38.31 13.78 45.50
N GLN B 481 38.80 14.88 46.05
CA GLN B 481 37.98 15.79 46.86
C GLN B 481 38.18 17.23 46.40
N PHE B 482 37.11 17.85 45.92
CA PHE B 482 37.18 19.21 45.41
C PHE B 482 37.15 20.26 46.51
N SER B 483 38.02 21.27 46.39
CA SER B 483 38.04 22.37 47.34
C SER B 483 36.74 23.16 47.26
N GLU B 484 36.46 23.94 48.29
CA GLU B 484 35.22 24.73 48.31
C GLU B 484 35.13 25.62 47.08
N LEU B 485 36.25 26.24 46.71
CA LEU B 485 36.29 27.11 45.53
C LEU B 485 35.92 26.33 44.27
N GLU B 486 36.44 25.10 44.16
CA GLU B 486 36.14 24.25 43.02
C GLU B 486 34.64 23.92 42.95
N GLY B 487 34.12 23.35 44.02
CA GLY B 487 32.71 23.01 44.08
C GLY B 487 31.79 24.19 43.85
N GLN B 488 32.24 25.37 44.25
CA GLN B 488 31.48 26.60 44.06
C GLN B 488 31.46 27.00 42.59
N VAL B 489 32.61 26.86 41.94
CA VAL B 489 32.71 27.12 40.51
C VAL B 489 31.84 26.16 39.71
N LEU B 490 31.70 24.93 40.22
CA LEU B 490 30.81 23.95 39.61
C LEU B 490 29.35 24.40 39.70
N GLN B 491 29.00 25.07 40.79
CA GLN B 491 27.64 25.57 40.98
C GLN B 491 27.32 26.68 40.00
N PHE B 492 28.36 27.40 39.56
CA PHE B 492 28.20 28.44 38.56
C PHE B 492 27.77 27.84 37.22
N HIS B 493 28.36 26.70 36.88
CA HIS B 493 28.03 26.01 35.64
C HIS B 493 26.64 25.37 35.67
N LEU B 494 26.13 25.12 36.88
CA LEU B 494 24.77 24.61 37.02
C LEU B 494 23.76 25.74 36.81
N SER B 495 24.01 26.88 37.45
CA SER B 495 23.13 28.02 37.34
C SER B 495 23.08 28.48 35.90
N ASN B 496 24.22 28.43 35.23
CA ASN B 496 24.33 28.83 33.84
C ASN B 496 23.50 27.93 32.94
N LEU B 497 23.28 26.69 33.38
CA LEU B 497 22.44 25.75 32.65
C LEU B 497 20.97 25.98 33.00
N GLU B 498 20.73 26.39 34.24
CA GLU B 498 19.38 26.76 34.68
C GLU B 498 18.96 28.05 34.00
N TYR B 499 19.93 28.92 33.76
CA TYR B 499 19.71 30.16 33.05
C TYR B 499 19.13 29.87 31.67
N ALA B 500 19.73 28.92 30.97
CA ALA B 500 19.29 28.55 29.63
C ALA B 500 17.91 27.88 29.64
N CYS B 501 17.67 26.99 30.60
CA CYS B 501 16.41 26.28 30.66
C CYS B 501 15.31 27.10 31.33
N GLY B 502 15.72 28.18 31.98
CA GLY B 502 14.80 29.03 32.70
C GLY B 502 14.06 28.29 33.81
N SER B 503 14.77 27.40 34.50
CA SER B 503 14.17 26.57 35.52
C SER B 503 15.21 25.81 36.33
N ASN B 504 14.87 25.47 37.57
CA ASN B 504 15.72 24.60 38.37
C ASN B 504 15.85 23.26 37.68
N LEU B 505 17.09 22.77 37.57
CA LEU B 505 17.36 21.54 36.84
C LEU B 505 16.51 20.36 37.30
N HIS B 506 16.04 20.41 38.54
CA HIS B 506 15.20 19.34 39.08
C HIS B 506 13.78 19.37 38.52
N GLN B 507 13.53 20.26 37.56
CA GLN B 507 12.24 20.31 36.90
C GLN B 507 12.32 20.10 35.38
N VAL B 508 13.55 20.00 34.87
CA VAL B 508 13.76 19.77 33.44
C VAL B 508 14.12 18.33 33.16
N SER B 509 13.66 17.81 32.01
CA SER B 509 13.89 16.42 31.65
C SER B 509 15.35 16.13 31.28
N ALA B 510 15.92 15.10 31.90
CA ALA B 510 17.29 14.71 31.60
C ALA B 510 17.40 14.17 30.19
N ARG B 511 16.29 13.65 29.67
CA ARG B 511 16.24 13.10 28.32
C ARG B 511 16.06 14.16 27.25
N SER B 512 15.09 15.05 27.44
CA SER B 512 14.74 16.02 26.39
C SER B 512 15.22 17.45 26.69
N TRP B 513 16.21 17.58 27.57
CA TRP B 513 16.69 18.92 27.95
C TRP B 513 17.35 19.64 26.78
N ASP B 514 17.94 18.88 25.86
CA ASP B 514 18.55 19.45 24.66
C ASP B 514 18.03 18.75 23.40
N HIS B 515 16.79 18.30 23.48
CA HIS B 515 16.15 17.56 22.40
C HIS B 515 16.34 18.22 21.05
N ASN B 516 16.34 19.55 21.05
CA ASN B 516 16.37 20.32 19.81
C ASN B 516 17.68 20.20 19.02
N GLU B 517 18.78 19.94 19.72
CA GLU B 517 20.07 19.79 19.07
C GLU B 517 20.17 18.49 18.29
N PHE B 518 19.08 17.72 18.32
CA PHE B 518 18.93 16.59 17.41
C PHE B 518 18.88 17.14 15.99
N PHE B 519 18.33 18.34 15.86
CA PHE B 519 18.28 19.04 14.57
C PHE B 519 19.46 20.00 14.45
N ALA B 520 19.73 20.45 13.22
CA ALA B 520 20.80 21.41 12.99
C ALA B 520 20.43 22.76 13.59
N GLN B 521 21.39 23.42 14.23
CA GLN B 521 21.15 24.71 14.87
C GLN B 521 21.86 25.87 14.18
N PHE B 522 21.47 27.08 14.53
CA PHE B 522 22.04 28.29 13.94
C PHE B 522 23.51 28.46 14.31
N ALA B 523 24.38 28.36 13.31
CA ALA B 523 25.81 28.51 13.53
C ALA B 523 26.18 29.99 13.53
N GLY B 524 27.48 30.26 13.64
CA GLY B 524 27.98 31.63 13.55
C GLY B 524 28.17 32.32 14.88
N ASP B 525 28.23 33.65 14.82
CA ASP B 525 28.50 34.45 16.00
C ASP B 525 27.27 34.64 16.89
N HIS B 526 27.51 34.68 18.19
CA HIS B 526 26.51 35.15 19.13
C HIS B 526 26.71 36.65 19.30
N THR B 527 25.64 37.42 19.17
CA THR B 527 25.76 38.87 19.22
C THR B 527 24.78 39.53 20.17
N LEU B 528 25.02 40.82 20.45
CA LEU B 528 24.13 41.64 21.23
C LEU B 528 23.50 42.67 20.30
N LEU B 529 22.20 42.55 20.08
CA LEU B 529 21.50 43.48 19.20
C LEU B 529 21.42 44.86 19.84
N THR B 530 22.49 45.66 19.65
CA THR B 530 22.61 46.96 20.32
C THR B 530 21.38 47.86 20.26
N PRO B 531 20.77 48.01 19.07
CA PRO B 531 19.59 48.88 19.00
C PRO B 531 18.43 48.25 19.76
N GLY B 532 18.46 46.93 19.91
CA GLY B 532 17.43 46.21 20.62
C GLY B 532 16.46 45.56 19.67
N TYR B 533 15.89 44.42 20.08
CA TYR B 533 14.93 43.71 19.25
C TYR B 533 13.68 44.55 18.97
N SER B 534 13.51 45.65 19.70
CA SER B 534 12.33 46.48 19.54
C SER B 534 12.29 47.11 18.16
N VAL B 535 13.46 47.50 17.66
CA VAL B 535 13.57 48.16 16.37
C VAL B 535 12.95 47.30 15.27
N ILE B 536 13.26 46.02 15.28
CA ILE B 536 12.72 45.09 14.28
C ILE B 536 11.23 44.86 14.49
N ILE B 537 10.82 44.74 15.75
CA ILE B 537 9.41 44.55 16.09
C ILE B 537 8.54 45.69 15.57
N GLU B 538 8.93 46.92 15.89
CA GLU B 538 8.15 48.10 15.51
C GLU B 538 8.05 48.23 14.00
N LYS B 539 9.09 47.80 13.30
CA LYS B 539 9.09 47.84 11.84
C LYS B 539 8.11 46.82 11.28
N LEU B 540 8.17 45.59 11.79
CA LEU B 540 7.24 44.54 11.38
C LEU B 540 5.79 44.96 11.54
N ALA B 541 5.49 45.66 12.64
CA ALA B 541 4.12 46.02 12.98
C ALA B 541 3.65 47.26 12.22
N GLU B 542 4.59 47.95 11.58
CA GLU B 542 4.28 49.17 10.84
C GLU B 542 3.23 48.97 9.76
N GLY B 543 2.10 49.66 9.89
CA GLY B 543 1.07 49.65 8.88
C GLY B 543 0.02 48.57 9.08
N LEU B 544 0.14 47.82 10.16
CA LEU B 544 -0.78 46.71 10.44
C LEU B 544 -1.95 47.15 11.30
N ASP B 545 -3.07 46.45 11.16
CA ASP B 545 -4.25 46.71 11.99
C ASP B 545 -4.13 45.98 13.33
N ILE B 546 -3.62 46.68 14.33
CA ILE B 546 -3.39 46.06 15.64
C ILE B 546 -4.23 46.68 16.76
N GLN B 547 -5.28 45.98 17.15
CA GLN B 547 -6.11 46.40 18.26
C GLN B 547 -5.41 46.12 19.59
N LEU B 548 -5.01 47.19 20.29
CA LEU B 548 -4.33 47.06 21.58
C LEU B 548 -5.34 47.02 22.73
N LYS B 549 -4.89 46.48 23.87
CA LYS B 549 -5.74 46.37 25.05
C LYS B 549 -7.01 45.58 24.76
N SER B 550 -6.88 44.53 23.95
CA SER B 550 -8.03 43.71 23.56
C SER B 550 -7.79 42.21 23.84
N PRO B 551 -7.69 41.84 25.13
CA PRO B 551 -7.46 40.45 25.48
C PRO B 551 -8.58 39.54 24.96
N VAL B 552 -8.21 38.46 24.29
CA VAL B 552 -9.20 37.49 23.84
C VAL B 552 -9.61 36.59 25.00
N GLN B 553 -10.90 36.32 25.12
CA GLN B 553 -11.40 35.50 26.21
C GLN B 553 -12.00 34.19 25.70
N CYS B 554 -12.61 34.25 24.52
CA CYS B 554 -13.28 33.09 23.96
C CYS B 554 -13.08 33.01 22.44
N ILE B 555 -12.80 31.80 21.97
CA ILE B 555 -12.73 31.53 20.53
C ILE B 555 -13.73 30.44 20.17
N ASP B 556 -14.63 30.74 19.24
CA ASP B 556 -15.63 29.77 18.83
C ASP B 556 -15.51 29.44 17.34
N TYR B 557 -14.93 28.28 17.05
CA TYR B 557 -14.82 27.81 15.68
C TYR B 557 -15.75 26.63 15.44
N SER B 558 -16.93 26.67 16.06
CA SER B 558 -17.90 25.60 15.94
C SER B 558 -18.86 25.86 14.79
N GLY B 559 -19.00 27.12 14.40
CA GLY B 559 -19.85 27.50 13.29
C GLY B 559 -19.10 27.60 11.98
N ASP B 560 -19.69 28.28 11.01
CA ASP B 560 -19.06 28.46 9.71
C ASP B 560 -17.67 29.08 9.89
N GLU B 561 -17.64 30.36 10.25
CA GLU B 561 -16.39 31.04 10.53
C GLU B 561 -16.23 31.24 12.04
N VAL B 562 -15.03 31.63 12.46
CA VAL B 562 -14.72 31.73 13.89
C VAL B 562 -15.14 33.07 14.49
N GLN B 563 -15.57 33.02 15.75
CA GLN B 563 -15.92 34.22 16.49
C GLN B 563 -14.94 34.46 17.62
N VAL B 564 -14.25 35.59 17.56
CA VAL B 564 -13.30 35.98 18.60
C VAL B 564 -13.91 37.04 19.51
N THR B 565 -14.11 36.69 20.78
CA THR B 565 -14.73 37.59 21.74
C THR B 565 -13.74 38.07 22.80
N THR B 566 -13.46 39.38 22.80
CA THR B 566 -12.56 39.98 23.76
C THR B 566 -13.13 39.90 25.16
N THR B 567 -12.37 40.39 26.14
CA THR B 567 -12.78 40.30 27.55
C THR B 567 -13.97 41.21 27.90
N ASP B 568 -14.07 42.35 27.23
CA ASP B 568 -15.16 43.28 27.49
C ASP B 568 -16.43 42.94 26.70
N GLY B 569 -16.28 42.08 25.71
CA GLY B 569 -17.43 41.62 24.93
C GLY B 569 -17.38 41.96 23.45
N THR B 570 -16.36 42.71 23.03
CA THR B 570 -16.20 43.08 21.63
C THR B 570 -16.15 41.82 20.75
N GLY B 571 -16.79 41.89 19.59
CA GLY B 571 -16.89 40.75 18.70
C GLY B 571 -16.14 40.89 17.40
N TYR B 572 -15.29 39.90 17.11
CA TYR B 572 -14.56 39.84 15.84
C TYR B 572 -14.80 38.50 15.16
N SER B 573 -14.62 38.45 13.85
CA SER B 573 -14.78 37.21 13.11
C SER B 573 -13.89 37.17 11.86
N ALA B 574 -13.53 35.98 11.45
CA ALA B 574 -12.69 35.79 10.27
C ALA B 574 -12.81 34.35 9.77
N GLN B 575 -12.10 34.05 8.68
CA GLN B 575 -12.10 32.70 8.13
C GLN B 575 -11.12 31.81 8.87
N LYS B 576 -10.02 32.40 9.32
CA LYS B 576 -8.99 31.67 10.07
C LYS B 576 -8.63 32.42 11.35
N VAL B 577 -8.01 31.73 12.29
CA VAL B 577 -7.52 32.36 13.51
C VAL B 577 -6.21 31.72 13.95
N LEU B 578 -5.27 32.55 14.39
CA LEU B 578 -3.95 32.09 14.80
C LEU B 578 -3.58 32.59 16.19
N VAL B 579 -3.49 31.67 17.15
CA VAL B 579 -3.10 32.05 18.51
C VAL B 579 -1.58 31.95 18.68
N THR B 580 -0.99 33.00 19.26
CA THR B 580 0.46 33.04 19.49
C THR B 580 0.75 33.42 20.93
N VAL B 581 -0.26 33.26 21.78
CA VAL B 581 -0.11 33.55 23.20
C VAL B 581 0.98 32.67 23.82
N PRO B 582 1.65 33.19 24.86
CA PRO B 582 2.71 32.47 25.57
C PRO B 582 2.22 31.14 26.13
N LEU B 583 3.15 30.18 26.25
CA LEU B 583 2.82 28.86 26.78
C LEU B 583 1.99 28.96 28.05
N ALA B 584 2.50 29.72 29.02
CA ALA B 584 1.87 29.85 30.33
C ALA B 584 0.37 30.17 30.25
N LEU B 585 0.00 31.00 29.28
CA LEU B 585 -1.41 31.39 29.14
C LEU B 585 -2.29 30.26 28.60
N LEU B 586 -1.69 29.33 27.86
CA LEU B 586 -2.42 28.16 27.37
C LEU B 586 -2.64 27.16 28.50
N GLN B 587 -1.66 27.03 29.37
CA GLN B 587 -1.75 26.11 30.51
C GLN B 587 -2.78 26.60 31.52
N LYS B 588 -2.80 27.90 31.77
CA LYS B 588 -3.79 28.51 32.67
C LYS B 588 -5.17 28.55 32.03
N GLY B 589 -5.22 28.26 30.72
CA GLY B 589 -6.47 28.23 29.99
C GLY B 589 -7.18 29.57 29.96
N ALA B 590 -6.42 30.64 29.82
CA ALA B 590 -6.97 31.99 29.81
C ALA B 590 -8.01 32.17 28.72
N ILE B 591 -7.91 31.34 27.67
CA ILE B 591 -8.83 31.42 26.54
C ILE B 591 -9.72 30.19 26.44
N GLN B 592 -11.01 30.42 26.27
CA GLN B 592 -11.97 29.34 26.09
C GLN B 592 -11.95 28.89 24.63
N PHE B 593 -12.01 27.59 24.41
CA PHE B 593 -12.06 27.04 23.06
C PHE B 593 -13.33 26.22 22.87
N ASN B 594 -14.14 26.63 21.89
CA ASN B 594 -15.30 25.84 21.49
C ASN B 594 -15.21 25.46 20.02
N PRO B 595 -15.01 24.15 19.76
CA PRO B 595 -14.84 23.11 20.78
C PRO B 595 -13.51 23.23 21.51
N PRO B 596 -13.42 22.65 22.71
CA PRO B 596 -12.18 22.63 23.49
C PRO B 596 -11.05 21.95 22.74
N LEU B 597 -9.81 22.23 23.12
CA LEU B 597 -8.65 21.60 22.51
C LEU B 597 -8.63 20.10 22.81
N SER B 598 -7.97 19.33 21.95
CA SER B 598 -7.91 17.89 22.12
C SER B 598 -7.22 17.52 23.43
N GLU B 599 -7.61 16.38 24.00
CA GLU B 599 -6.99 15.91 25.23
C GLU B 599 -5.49 15.71 25.00
N LYS B 600 -5.13 15.48 23.74
CA LYS B 600 -3.74 15.27 23.36
C LYS B 600 -2.93 16.57 23.44
N LYS B 601 -3.50 17.65 22.90
CA LYS B 601 -2.86 18.96 22.97
C LYS B 601 -2.63 19.38 24.40
N MET B 602 -3.65 19.20 25.24
CA MET B 602 -3.54 19.54 26.64
C MET B 602 -2.38 18.81 27.29
N LYS B 603 -2.24 17.53 26.99
CA LYS B 603 -1.15 16.73 27.55
C LYS B 603 0.19 17.26 27.07
N ALA B 604 0.22 17.70 25.81
CA ALA B 604 1.43 18.26 25.22
C ALA B 604 1.74 19.62 25.81
N ILE B 605 0.73 20.49 25.83
CA ILE B 605 0.88 21.82 26.41
C ILE B 605 1.37 21.74 27.83
N ASN B 606 0.83 20.79 28.59
CA ASN B 606 1.17 20.65 30.00
C ASN B 606 2.41 19.81 30.28
N SER B 607 3.04 19.31 29.22
CA SER B 607 4.26 18.53 29.38
C SER B 607 5.48 19.43 29.23
N LEU B 608 5.28 20.58 28.59
CA LEU B 608 6.35 21.57 28.45
C LEU B 608 6.34 22.52 29.63
N GLY B 609 7.51 23.01 30.02
CA GLY B 609 7.63 23.89 31.17
C GLY B 609 7.59 25.37 30.82
N ALA B 610 7.12 26.17 31.77
CA ALA B 610 7.14 27.62 31.62
C ALA B 610 8.38 28.18 32.31
N GLY B 611 9.50 28.16 31.61
CA GLY B 611 10.75 28.66 32.17
C GLY B 611 10.61 30.12 32.55
N ILE B 612 11.48 30.59 33.42
CA ILE B 612 11.45 31.99 33.83
C ILE B 612 12.79 32.48 34.35
N ILE B 613 13.14 33.71 33.98
CA ILE B 613 14.24 34.43 34.60
C ILE B 613 13.81 35.88 34.76
N GLU B 614 14.70 36.70 35.33
CA GLU B 614 14.44 38.12 35.43
C GLU B 614 15.74 38.87 35.16
N LYS B 615 15.62 40.11 34.70
CA LYS B 615 16.79 40.93 34.42
C LYS B 615 16.86 42.12 35.35
N ILE B 616 18.06 42.67 35.49
CA ILE B 616 18.28 43.87 36.26
C ILE B 616 19.33 44.71 35.52
N ALA B 617 19.09 46.01 35.41
CA ALA B 617 20.00 46.90 34.71
C ALA B 617 20.30 48.13 35.54
N LEU B 618 21.55 48.55 35.56
CA LEU B 618 21.98 49.64 36.43
C LEU B 618 22.93 50.60 35.71
N GLN B 619 22.57 51.88 35.68
CA GLN B 619 23.45 52.90 35.11
C GLN B 619 24.37 53.47 36.19
N PHE B 620 25.60 53.81 35.79
CA PHE B 620 26.59 54.33 36.74
C PHE B 620 27.23 55.62 36.22
N PRO B 621 27.85 56.39 37.14
CA PRO B 621 28.54 57.63 36.79
C PRO B 621 29.84 57.38 36.03
N TYR B 622 30.40 56.18 36.17
CA TYR B 622 31.63 55.83 35.46
C TYR B 622 31.88 54.32 35.47
N ARG B 623 32.58 53.85 34.44
CA ARG B 623 32.90 52.43 34.31
C ARG B 623 33.97 52.02 35.31
N PHE B 624 33.54 51.52 36.46
CA PHE B 624 34.45 51.13 37.53
C PHE B 624 35.07 49.75 37.29
N TRP B 625 34.47 48.98 36.40
CA TRP B 625 34.91 47.60 36.17
C TRP B 625 36.02 47.49 35.13
N ASP B 626 36.23 48.55 34.37
CA ASP B 626 37.22 48.57 33.30
C ASP B 626 38.58 48.02 33.74
N SER B 627 39.01 48.42 34.93
CA SER B 627 40.33 48.04 35.44
C SER B 627 40.52 46.51 35.46
N LYS B 628 39.56 45.82 36.06
CA LYS B 628 39.67 44.38 36.26
C LYS B 628 39.07 43.57 35.10
N VAL B 629 38.03 44.11 34.46
CA VAL B 629 37.36 43.40 33.38
C VAL B 629 38.15 43.47 32.08
N GLN B 630 38.69 44.64 31.76
CA GLN B 630 39.53 44.82 30.59
C GLN B 630 38.82 44.55 29.26
N GLY B 631 37.70 45.25 29.05
CA GLY B 631 37.01 45.19 27.77
C GLY B 631 36.12 43.99 27.55
N ALA B 632 36.28 42.97 28.40
CA ALA B 632 35.44 41.78 28.29
C ALA B 632 33.97 42.16 28.18
N ASP B 633 33.22 41.40 27.38
CA ASP B 633 31.82 41.72 27.15
C ASP B 633 30.91 41.25 28.29
N PHE B 634 31.52 40.60 29.28
CA PHE B 634 30.82 40.19 30.48
C PHE B 634 31.73 39.44 31.45
N PHE B 635 31.35 39.41 32.72
CA PHE B 635 32.09 38.65 33.73
C PHE B 635 31.15 37.81 34.60
N GLY B 636 31.65 36.66 35.03
CA GLY B 636 30.88 35.74 35.85
C GLY B 636 31.04 36.01 37.34
N HIS B 637 30.24 35.31 38.13
CA HIS B 637 30.21 35.52 39.58
C HIS B 637 30.06 34.18 40.31
N VAL B 638 31.14 33.74 40.96
CA VAL B 638 31.16 32.46 41.64
C VAL B 638 30.27 32.47 42.89
N PRO B 639 29.16 31.70 42.85
CA PRO B 639 28.20 31.62 43.94
C PRO B 639 28.84 31.15 45.24
N PRO B 640 28.62 31.88 46.35
CA PRO B 640 29.17 31.48 47.65
C PRO B 640 28.58 30.15 48.08
N SER B 641 27.28 29.95 47.81
CA SER B 641 26.59 28.72 48.17
C SER B 641 25.80 28.16 47.00
N ALA B 642 25.11 27.04 47.23
CA ALA B 642 24.35 26.36 46.20
C ALA B 642 22.94 26.94 46.03
N SER B 643 22.50 27.71 47.01
CA SER B 643 21.18 28.33 46.96
C SER B 643 21.23 29.68 46.25
N LYS B 644 22.37 30.36 46.38
CA LYS B 644 22.54 31.71 45.82
C LYS B 644 23.15 31.67 44.42
N ARG B 645 23.03 30.52 43.75
CA ARG B 645 23.71 30.33 42.47
C ARG B 645 22.97 30.98 41.31
N GLY B 646 21.69 31.30 41.51
CA GLY B 646 20.91 31.96 40.49
C GLY B 646 21.03 33.47 40.52
N LEU B 647 21.51 34.01 41.64
CA LEU B 647 21.56 35.46 41.85
C LEU B 647 22.72 36.16 41.13
N PHE B 648 22.49 36.50 39.86
CA PHE B 648 23.43 37.30 39.08
C PHE B 648 24.72 36.55 38.75
N ALA B 649 24.59 35.37 38.14
CA ALA B 649 25.76 34.55 37.81
C ALA B 649 26.64 35.23 36.75
N VAL B 650 26.03 36.07 35.92
CA VAL B 650 26.76 36.78 34.87
C VAL B 650 26.40 38.26 34.88
N PHE B 651 27.37 39.12 34.54
CA PHE B 651 27.13 40.55 34.45
C PHE B 651 27.53 41.11 33.08
N TYR B 652 26.54 41.49 32.28
CA TYR B 652 26.78 41.96 30.93
C TYR B 652 27.07 43.46 30.84
N ASP B 653 28.07 43.81 30.02
CA ASP B 653 28.42 45.20 29.76
C ASP B 653 27.64 45.69 28.54
N MET B 654 26.67 46.57 28.77
CA MET B 654 25.71 46.95 27.74
C MET B 654 26.20 48.01 26.76
N ASP B 655 27.49 48.26 26.72
CA ASP B 655 28.05 49.20 25.73
C ASP B 655 29.30 48.63 25.06
N PRO B 656 29.17 48.23 23.79
CA PRO B 656 30.27 47.68 23.00
C PRO B 656 31.35 48.73 22.76
N GLN B 657 30.95 49.99 22.68
CA GLN B 657 31.88 51.09 22.43
C GLN B 657 32.63 51.50 23.69
N LYS B 658 32.23 50.94 24.83
CA LYS B 658 32.90 51.18 26.11
C LYS B 658 32.95 52.66 26.50
N LYS B 659 31.88 53.37 26.21
CA LYS B 659 31.81 54.80 26.52
C LYS B 659 30.93 55.06 27.75
N HIS B 660 29.74 54.43 27.77
CA HIS B 660 28.82 54.56 28.89
C HIS B 660 29.03 53.44 29.89
N SER B 661 28.36 53.53 31.03
CA SER B 661 28.52 52.54 32.09
C SER B 661 27.19 51.97 32.59
N VAL B 662 26.71 50.94 31.91
CA VAL B 662 25.51 50.24 32.33
C VAL B 662 25.82 48.75 32.46
N LEU B 663 25.18 48.09 33.42
CA LEU B 663 25.36 46.66 33.63
C LEU B 663 24.03 45.93 33.75
N MET B 664 23.91 44.80 33.05
CA MET B 664 22.72 43.98 33.09
C MET B 664 23.08 42.61 33.67
N SER B 665 22.19 42.05 34.48
CA SER B 665 22.42 40.72 35.05
C SER B 665 21.13 39.90 35.15
N VAL B 666 21.29 38.59 35.31
CA VAL B 666 20.16 37.68 35.26
C VAL B 666 19.96 36.88 36.54
N ILE B 667 18.69 36.72 36.94
CA ILE B 667 18.33 35.90 38.08
C ILE B 667 17.70 34.60 37.57
N ALA B 668 18.37 33.49 37.83
CA ALA B 668 17.96 32.21 37.24
C ALA B 668 17.61 31.14 38.27
N GLY B 669 16.75 30.21 37.86
CA GLY B 669 16.40 29.05 38.66
C GLY B 669 15.74 29.37 39.99
N GLU B 670 16.28 28.78 41.05
CA GLU B 670 15.76 28.93 42.40
C GLU B 670 15.74 30.39 42.87
N ALA B 671 16.61 31.21 42.29
CA ALA B 671 16.75 32.60 42.71
C ALA B 671 15.56 33.47 42.29
N VAL B 672 14.94 33.16 41.15
CA VAL B 672 13.80 33.93 40.69
C VAL B 672 12.64 33.79 41.68
N ALA B 673 12.67 32.69 42.43
CA ALA B 673 11.64 32.44 43.42
C ALA B 673 11.88 33.27 44.68
N SER B 674 13.12 33.23 45.18
CA SER B 674 13.46 33.94 46.41
C SER B 674 13.33 35.45 46.27
N VAL B 675 13.06 35.91 45.05
CA VAL B 675 13.04 37.34 44.76
C VAL B 675 11.65 37.78 44.26
N ARG B 676 10.67 36.90 44.37
CA ARG B 676 9.35 37.16 43.80
C ARG B 676 8.40 37.92 44.72
N THR B 677 8.84 38.14 45.97
CA THR B 677 8.05 38.89 46.93
C THR B 677 8.74 40.20 47.32
N LEU B 678 10.05 40.24 47.14
CA LEU B 678 10.80 41.46 47.43
C LEU B 678 10.35 42.56 46.47
N ASP B 679 10.84 43.77 46.68
CA ASP B 679 10.59 44.84 45.73
C ASP B 679 11.89 45.22 45.01
N ASP B 680 11.79 46.14 44.06
CA ASP B 680 12.94 46.56 43.28
C ASP B 680 14.06 47.07 44.19
N LYS B 681 13.68 47.84 45.20
CA LYS B 681 14.63 48.38 46.17
C LYS B 681 15.46 47.27 46.82
N GLN B 682 14.80 46.19 47.21
CA GLN B 682 15.48 45.07 47.84
C GLN B 682 16.40 44.35 46.86
N VAL B 683 15.90 44.14 45.65
CA VAL B 683 16.68 43.47 44.61
C VAL B 683 17.89 44.31 44.21
N LEU B 684 17.73 45.62 44.21
CA LEU B 684 18.84 46.50 43.90
C LEU B 684 19.94 46.29 44.94
N GLN B 685 19.53 46.26 46.20
CA GLN B 685 20.46 46.15 47.31
C GLN B 685 21.28 44.85 47.28
N GLN B 686 20.63 43.76 46.89
CA GLN B 686 21.30 42.47 46.78
C GLN B 686 22.33 42.50 45.65
N CYS B 687 21.96 43.10 44.53
CA CYS B 687 22.83 43.16 43.37
C CYS B 687 24.02 44.07 43.63
N MET B 688 23.84 45.06 44.49
CA MET B 688 24.92 45.97 44.88
C MET B 688 25.81 45.32 45.92
N ALA B 689 25.21 44.51 46.80
CA ALA B 689 25.97 43.77 47.79
C ALA B 689 26.96 42.84 47.12
N THR B 690 26.56 42.33 45.96
CA THR B 690 27.41 41.43 45.19
C THR B 690 28.49 42.20 44.44
N LEU B 691 28.10 43.26 43.76
CA LEU B 691 29.04 44.08 43.00
C LEU B 691 30.14 44.63 43.90
N ARG B 692 29.80 44.88 45.16
CA ARG B 692 30.76 45.41 46.12
C ARG B 692 31.65 44.32 46.70
N GLU B 693 31.22 43.07 46.55
CA GLU B 693 32.06 41.93 46.89
C GLU B 693 33.05 41.67 45.77
N LEU B 694 32.53 41.52 44.55
CA LEU B 694 33.33 41.29 43.36
C LEU B 694 34.43 42.35 43.19
N PHE B 695 34.13 43.57 43.59
CA PHE B 695 35.09 44.67 43.51
C PHE B 695 35.36 45.24 44.89
N LYS B 696 35.88 44.40 45.79
CA LYS B 696 36.12 44.80 47.18
C LYS B 696 37.26 45.80 47.29
N GLU B 697 38.32 45.58 46.52
CA GLU B 697 39.51 46.42 46.59
C GLU B 697 39.24 47.87 46.20
N GLN B 698 38.04 48.15 45.72
CA GLN B 698 37.71 49.49 45.22
C GLN B 698 36.33 49.97 45.63
N GLU B 699 36.07 51.25 45.41
CA GLU B 699 34.77 51.84 45.69
C GLU B 699 33.87 51.74 44.45
N VAL B 700 32.69 51.16 44.61
CA VAL B 700 31.74 51.10 43.52
C VAL B 700 30.60 52.10 43.75
N PRO B 701 30.39 52.99 42.77
CA PRO B 701 29.37 54.05 42.83
C PRO B 701 27.97 53.50 43.00
N ASP B 702 27.04 54.38 43.39
CA ASP B 702 25.64 54.01 43.52
C ASP B 702 24.95 54.13 42.18
N PRO B 703 24.06 53.18 41.86
CA PRO B 703 23.31 53.25 40.60
C PRO B 703 22.50 54.53 40.50
N THR B 704 22.64 55.26 39.39
CA THR B 704 21.90 56.49 39.18
C THR B 704 20.56 56.18 38.50
N LYS B 705 20.42 54.92 38.06
CA LYS B 705 19.20 54.46 37.42
C LYS B 705 19.21 52.94 37.41
N TYR B 706 18.03 52.33 37.32
CA TYR B 706 17.94 50.87 37.31
C TYR B 706 16.52 50.36 37.13
N PHE B 707 16.40 49.13 36.66
CA PHE B 707 15.10 48.47 36.59
C PHE B 707 15.21 46.97 36.89
N VAL B 708 14.19 46.44 37.57
CA VAL B 708 14.10 45.01 37.82
C VAL B 708 12.86 44.47 37.16
N THR B 709 13.04 43.57 36.20
CA THR B 709 11.92 43.01 35.45
C THR B 709 10.98 42.19 36.33
N ARG B 710 9.72 42.10 35.90
CA ARG B 710 8.73 41.30 36.59
C ARG B 710 7.90 40.54 35.57
N TRP B 711 8.56 39.68 34.80
CA TRP B 711 7.90 38.91 33.76
C TRP B 711 7.03 37.81 34.36
N SER B 712 7.46 37.31 35.51
CA SER B 712 6.75 36.25 36.21
C SER B 712 5.32 36.68 36.52
N THR B 713 5.16 37.97 36.78
CA THR B 713 3.89 38.50 37.26
C THR B 713 3.16 39.35 36.22
N ASP B 714 3.61 39.28 34.97
CA ASP B 714 2.94 39.97 33.88
C ASP B 714 1.76 39.14 33.37
N PRO B 715 0.53 39.58 33.69
CA PRO B 715 -0.72 38.85 33.49
C PRO B 715 -0.86 38.12 32.16
N TRP B 716 -0.29 38.68 31.09
CA TRP B 716 -0.48 38.10 29.76
C TRP B 716 0.79 37.48 29.18
N ILE B 717 1.76 37.19 30.05
CA ILE B 717 3.02 36.59 29.63
C ILE B 717 3.44 35.52 30.62
N GLN B 718 3.75 35.94 31.85
CA GLN B 718 3.98 35.02 32.96
C GLN B 718 5.08 34.00 32.72
N MET B 719 6.09 34.36 31.94
CA MET B 719 7.20 33.45 31.67
C MET B 719 8.32 34.15 30.91
N ALA B 720 9.41 33.41 30.70
CA ALA B 720 10.50 33.90 29.87
C ALA B 720 10.54 33.11 28.55
N TYR B 721 10.88 31.83 28.64
CA TYR B 721 10.95 30.96 27.49
C TYR B 721 10.82 29.51 27.89
N SER B 722 10.11 28.74 27.06
CA SER B 722 9.75 27.36 27.39
C SER B 722 10.93 26.40 27.48
N PHE B 723 10.73 25.30 28.20
CA PHE B 723 11.70 24.21 28.30
C PHE B 723 10.93 22.89 28.33
N VAL B 724 11.65 21.78 28.47
CA VAL B 724 11.01 20.47 28.51
C VAL B 724 11.02 19.86 29.92
N LYS B 725 9.84 19.48 30.39
CA LYS B 725 9.66 18.97 31.75
C LYS B 725 10.01 17.49 31.89
N THR B 726 10.49 17.11 33.06
CA THR B 726 10.81 15.73 33.36
C THR B 726 9.69 14.81 32.90
N GLY B 727 10.01 13.88 32.02
CA GLY B 727 9.03 12.93 31.50
C GLY B 727 8.39 13.40 30.21
N GLY B 728 8.84 14.54 29.72
CA GLY B 728 8.30 15.11 28.50
C GLY B 728 9.12 14.79 27.27
N SER B 729 8.60 15.17 26.11
CA SER B 729 9.28 14.98 24.84
C SER B 729 9.17 16.21 23.95
N GLY B 730 10.22 16.46 23.17
CA GLY B 730 10.23 17.58 22.25
C GLY B 730 9.12 17.49 21.20
N GLU B 731 8.42 16.36 21.18
CA GLU B 731 7.32 16.16 20.24
C GLU B 731 6.19 17.13 20.54
N ALA B 732 6.05 17.47 21.81
CA ALA B 732 4.97 18.34 22.27
C ALA B 732 4.90 19.63 21.45
N TYR B 733 6.07 20.16 21.11
CA TYR B 733 6.17 21.36 20.29
C TYR B 733 5.39 21.19 18.99
N ASP B 734 5.66 20.09 18.28
CA ASP B 734 4.98 19.81 17.03
C ASP B 734 3.49 19.57 17.23
N ILE B 735 3.13 18.95 18.34
CA ILE B 735 1.72 18.69 18.65
C ILE B 735 0.99 20.01 18.91
N ILE B 736 1.64 20.93 19.62
CA ILE B 736 1.05 22.22 19.88
C ILE B 736 0.85 22.98 18.57
N ALA B 737 1.81 22.86 17.67
CA ALA B 737 1.76 23.57 16.39
C ALA B 737 0.79 22.92 15.39
N GLU B 738 0.18 21.81 15.78
CA GLU B 738 -0.85 21.18 14.98
C GLU B 738 -2.06 22.11 14.84
N ASP B 739 -2.44 22.42 13.61
CA ASP B 739 -3.62 23.25 13.41
C ASP B 739 -4.88 22.40 13.60
N ILE B 740 -6.01 23.05 13.85
CA ILE B 740 -7.26 22.35 14.11
C ILE B 740 -8.28 22.56 13.00
N GLN B 741 -8.69 21.47 12.37
CA GLN B 741 -9.72 21.50 11.33
C GLN B 741 -9.46 22.56 10.27
N GLY B 742 -8.17 22.85 10.03
CA GLY B 742 -7.78 23.84 9.05
C GLY B 742 -8.35 25.22 9.34
N THR B 743 -8.55 25.51 10.63
CA THR B 743 -9.18 26.76 11.05
C THR B 743 -8.37 27.49 12.13
N VAL B 744 -8.09 26.79 13.22
CA VAL B 744 -7.30 27.36 14.31
C VAL B 744 -5.83 27.00 14.18
N PHE B 745 -4.97 28.00 14.20
CA PHE B 745 -3.54 27.79 14.06
C PHE B 745 -2.79 28.24 15.30
N PHE B 746 -1.58 27.70 15.50
CA PHE B 746 -0.79 28.03 16.69
C PHE B 746 0.62 28.43 16.31
N ALA B 747 1.21 29.31 17.11
CA ALA B 747 2.57 29.77 16.86
C ALA B 747 3.17 30.39 18.12
N GLY B 748 4.47 30.67 18.07
CA GLY B 748 5.19 31.16 19.24
C GLY B 748 6.39 30.28 19.56
N GLU B 749 7.32 30.81 20.36
CA GLU B 749 8.55 30.09 20.67
C GLU B 749 8.28 28.65 21.13
N ALA B 750 7.08 28.41 21.64
CA ALA B 750 6.75 27.10 22.19
C ALA B 750 6.06 26.20 21.17
N THR B 751 6.15 26.57 19.89
CA THR B 751 5.57 25.76 18.82
C THR B 751 6.60 25.47 17.74
N ASN B 752 7.86 25.77 18.03
CA ASN B 752 8.94 25.57 17.08
C ASN B 752 9.98 24.60 17.62
N ARG B 753 9.83 23.33 17.26
CA ARG B 753 10.66 22.26 17.81
C ARG B 753 12.17 22.51 17.62
N HIS B 754 12.58 22.83 16.40
CA HIS B 754 14.00 22.99 16.09
C HIS B 754 14.61 24.13 16.88
N PHE B 755 13.95 25.28 16.87
CA PHE B 755 14.47 26.47 17.51
C PHE B 755 13.48 27.00 18.54
N PRO B 756 13.48 26.41 19.74
CA PRO B 756 12.59 26.89 20.79
C PRO B 756 13.23 28.03 21.57
N GLN B 757 12.42 28.75 22.34
CA GLN B 757 12.92 29.77 23.26
C GLN B 757 13.26 31.11 22.63
N THR B 758 13.89 31.08 21.45
CA THR B 758 14.45 32.30 20.86
C THR B 758 13.43 33.20 20.15
N VAL B 759 13.79 34.47 19.96
CA VAL B 759 12.96 35.37 19.16
C VAL B 759 12.96 34.86 17.73
N THR B 760 14.13 34.42 17.29
CA THR B 760 14.27 33.76 16.00
C THR B 760 13.19 32.71 15.85
N GLY B 761 13.13 31.81 16.83
CA GLY B 761 12.18 30.71 16.81
C GLY B 761 10.74 31.15 16.74
N ALA B 762 10.39 32.15 17.56
CA ALA B 762 9.04 32.68 17.57
C ALA B 762 8.74 33.31 16.22
N TYR B 763 9.73 33.95 15.63
CA TYR B 763 9.58 34.54 14.32
C TYR B 763 9.28 33.47 13.27
N LEU B 764 10.18 32.50 13.16
CA LEU B 764 10.08 31.41 12.18
C LEU B 764 8.80 30.61 12.31
N SER B 765 8.20 30.60 13.50
CA SER B 765 6.95 29.90 13.72
C SER B 765 5.80 30.70 13.13
N GLY B 766 5.89 32.02 13.23
CA GLY B 766 4.90 32.88 12.62
C GLY B 766 4.86 32.67 11.12
N VAL B 767 6.04 32.66 10.51
CA VAL B 767 6.15 32.44 9.07
C VAL B 767 5.54 31.09 8.70
N ARG B 768 5.96 30.04 9.40
CA ARG B 768 5.45 28.70 9.16
C ARG B 768 3.93 28.68 9.06
N GLU B 769 3.26 29.34 10.00
CA GLU B 769 1.81 29.32 10.05
C GLU B 769 1.20 30.22 9.00
N ALA B 770 1.89 31.30 8.65
CA ALA B 770 1.45 32.15 7.55
C ALA B 770 1.34 31.29 6.30
N SER B 771 2.32 30.40 6.14
CA SER B 771 2.37 29.49 5.00
C SER B 771 1.22 28.48 5.03
N LYS B 772 0.95 27.91 6.19
CA LYS B 772 -0.14 26.96 6.35
C LYS B 772 -1.47 27.64 6.02
N ILE B 773 -1.53 28.95 6.26
CA ILE B 773 -2.77 29.70 6.14
C ILE B 773 -3.10 30.12 4.71
N ALA B 774 -2.08 30.54 3.96
CA ALA B 774 -2.27 30.97 2.58
C ALA B 774 -2.37 29.81 1.60
N ALA B 775 -2.06 28.61 2.07
CA ALA B 775 -1.95 27.44 1.20
C ALA B 775 -3.29 26.82 0.82
N PHE B 776 -4.38 27.55 1.06
CA PHE B 776 -5.73 27.05 0.79
C PHE B 776 -6.21 26.06 1.84
N LEU C 2 -21.55 2.18 51.63
CA LEU C 2 -20.25 1.87 51.03
C LEU C 2 -19.93 2.90 49.94
N GLY C 3 -20.88 3.79 49.69
CA GLY C 3 -20.68 5.00 48.91
C GLY C 3 -21.68 5.16 47.77
N SER C 4 -21.15 5.22 46.56
CA SER C 4 -21.94 5.46 45.36
C SER C 4 -21.01 5.31 44.18
N ARG C 5 -21.34 4.43 43.25
CA ARG C 5 -20.31 3.91 42.36
C ARG C 5 -20.22 4.44 40.93
N LYS C 6 -19.09 4.10 40.31
CA LYS C 6 -18.72 4.58 38.99
C LYS C 6 -18.92 3.45 38.00
N CYS C 7 -19.02 3.80 36.73
CA CYS C 7 -19.05 2.79 35.69
C CYS C 7 -17.65 2.55 35.16
N GLU C 8 -17.24 1.29 35.08
CA GLU C 8 -15.92 0.96 34.56
C GLU C 8 -15.85 1.13 33.05
N LYS C 9 -17.01 1.11 32.40
CA LYS C 9 -17.08 1.29 30.95
C LYS C 9 -16.30 2.52 30.51
N ALA C 10 -15.18 2.27 29.83
CA ALA C 10 -14.23 3.34 29.47
C ALA C 10 -14.88 4.49 28.71
N GLY C 11 -14.63 5.71 29.19
CA GLY C 11 -15.11 6.91 28.53
C GLY C 11 -16.57 7.21 28.79
N CYS C 12 -17.07 6.80 29.95
CA CYS C 12 -18.48 7.00 30.26
C CYS C 12 -18.73 8.35 30.95
N THR C 13 -19.59 9.16 30.35
CA THR C 13 -19.92 10.47 30.92
C THR C 13 -20.81 10.35 32.14
N ALA C 14 -21.25 9.13 32.43
CA ALA C 14 -22.14 8.90 33.57
C ALA C 14 -21.45 9.20 34.89
N THR C 15 -21.72 10.38 35.44
CA THR C 15 -21.21 10.77 36.74
C THR C 15 -21.98 10.02 37.82
N CYS C 16 -23.30 10.17 37.79
CA CYS C 16 -24.18 9.53 38.76
C CYS C 16 -25.17 8.60 38.06
N PRO C 17 -24.78 7.33 37.88
CA PRO C 17 -25.63 6.32 37.25
C PRO C 17 -26.87 6.03 38.10
N VAL C 18 -28.00 5.79 37.46
CA VAL C 18 -29.20 5.39 38.16
C VAL C 18 -29.84 4.19 37.46
N CYS C 19 -30.45 3.31 38.25
CA CYS C 19 -31.02 2.07 37.71
C CYS C 19 -32.42 2.29 37.13
N PHE C 20 -32.61 1.85 35.89
CA PHE C 20 -33.89 2.00 35.22
C PHE C 20 -34.79 0.79 35.48
N ALA C 21 -34.17 -0.38 35.58
CA ALA C 21 -34.91 -1.62 35.76
C ALA C 21 -35.79 -1.57 36.99
N SER C 22 -35.17 -1.33 38.14
CA SER C 22 -35.89 -1.31 39.42
C SER C 22 -36.84 -2.49 39.53
N ALA C 23 -36.32 -3.69 39.35
CA ALA C 23 -37.14 -4.90 39.40
C ALA C 23 -36.89 -5.67 40.69
N SER C 24 -35.69 -5.51 41.25
CA SER C 24 -35.32 -6.18 42.49
C SER C 24 -35.63 -5.32 43.72
N GLU C 25 -35.82 -5.98 44.86
CA GLU C 25 -36.14 -5.28 46.09
C GLU C 25 -34.92 -4.50 46.58
N ARG C 26 -33.77 -5.17 46.59
CA ARG C 26 -32.52 -4.54 46.95
C ARG C 26 -32.00 -3.66 45.81
N CYS C 27 -32.90 -2.91 45.20
CA CYS C 27 -32.53 -2.04 44.08
C CYS C 27 -31.64 -0.89 44.56
N ALA C 28 -30.42 -0.84 44.03
CA ALA C 28 -29.49 0.22 44.38
C ALA C 28 -30.08 1.60 44.18
N LYS C 29 -31.07 1.70 43.30
CA LYS C 29 -31.56 2.99 42.83
C LYS C 29 -30.36 3.81 42.35
N ASN C 30 -30.15 4.97 42.95
CA ASN C 30 -29.01 5.81 42.62
C ASN C 30 -27.86 5.69 43.63
N GLY C 31 -27.91 4.63 44.44
CA GLY C 31 -26.95 4.43 45.49
C GLY C 31 -25.80 3.51 45.12
N TYR C 32 -25.60 2.47 45.92
CA TYR C 32 -24.46 1.57 45.75
C TYR C 32 -24.90 0.18 45.30
N THR C 33 -24.09 -0.45 44.45
CA THR C 33 -24.31 -1.83 44.06
C THR C 33 -23.02 -2.44 43.51
N SER C 34 -22.72 -3.67 43.90
CA SER C 34 -21.45 -4.29 43.54
C SER C 34 -20.93 -3.85 42.16
N ARG C 35 -21.83 -3.79 41.18
CA ARG C 35 -21.45 -3.41 39.82
C ARG C 35 -22.58 -2.77 39.01
N TRP C 36 -22.25 -1.70 38.28
CA TRP C 36 -23.18 -1.08 37.34
C TRP C 36 -23.02 -1.70 35.97
N TYR C 37 -24.14 -1.98 35.31
CA TYR C 37 -24.13 -2.54 33.97
C TYR C 37 -24.53 -1.52 32.92
N HIS C 38 -23.70 -1.36 31.90
CA HIS C 38 -23.81 -0.26 30.95
C HIS C 38 -24.49 -0.65 29.64
N LEU C 39 -25.66 -0.06 29.40
CA LEU C 39 -26.35 -0.20 28.12
C LEU C 39 -26.02 1.01 27.24
N SER C 40 -26.14 2.20 27.81
CA SER C 40 -25.78 3.43 27.12
C SER C 40 -25.26 4.46 28.13
N CYS C 41 -24.89 5.64 27.64
CA CYS C 41 -24.33 6.69 28.49
C CYS C 41 -25.34 7.28 29.47
N GLY C 42 -26.62 6.97 29.25
CA GLY C 42 -27.67 7.48 30.10
C GLY C 42 -28.54 6.38 30.67
N GLU C 43 -28.09 5.14 30.55
CA GLU C 43 -28.85 3.99 31.01
C GLU C 43 -27.98 2.88 31.57
N HIS C 44 -28.11 2.63 32.87
CA HIS C 44 -27.44 1.52 33.53
C HIS C 44 -28.43 0.80 34.44
N PHE C 45 -28.10 -0.43 34.82
CA PHE C 45 -28.88 -1.13 35.83
C PHE C 45 -27.97 -1.77 36.88
N CYS C 46 -28.43 -1.73 38.13
CA CYS C 46 -27.67 -2.24 39.26
C CYS C 46 -27.45 -3.74 39.17
N ASN C 47 -26.49 -4.25 39.94
CA ASN C 47 -26.21 -5.69 39.93
C ASN C 47 -27.29 -6.52 40.61
N GLU C 48 -28.07 -5.89 41.50
CA GLU C 48 -29.12 -6.62 42.20
C GLU C 48 -30.29 -6.94 41.28
N CYS C 49 -30.51 -6.11 40.28
CA CYS C 49 -31.52 -6.36 39.25
C CYS C 49 -30.98 -7.34 38.20
N PHE C 50 -29.67 -7.30 37.99
CA PHE C 50 -28.98 -8.27 37.15
C PHE C 50 -29.28 -9.69 37.66
N ASP C 51 -28.90 -9.95 38.91
CA ASP C 51 -29.18 -11.25 39.53
C ASP C 51 -30.65 -11.62 39.44
N HIS C 52 -31.52 -10.66 39.70
CA HIS C 52 -32.96 -10.87 39.71
C HIS C 52 -33.44 -11.74 38.56
N TYR C 53 -32.81 -11.56 37.40
CA TYR C 53 -33.20 -12.28 36.19
C TYR C 53 -32.19 -13.37 35.81
N TYR C 54 -30.92 -13.10 36.06
CA TYR C 54 -29.85 -14.00 35.64
C TYR C 54 -29.77 -15.29 36.47
N ARG C 55 -29.86 -15.14 37.79
CA ARG C 55 -29.72 -16.28 38.70
C ARG C 55 -30.92 -17.22 38.65
N SER C 56 -30.66 -18.53 38.77
CA SER C 56 -31.71 -19.54 38.68
C SER C 56 -32.59 -19.59 39.93
N HIS C 57 -32.11 -19.05 41.04
CA HIS C 57 -32.87 -19.08 42.28
C HIS C 57 -33.68 -17.80 42.52
N LYS C 58 -33.48 -16.81 41.66
CA LYS C 58 -34.22 -15.56 41.76
C LYS C 58 -35.62 -15.68 41.20
N ASP C 59 -36.37 -14.58 41.19
CA ASP C 59 -37.76 -14.61 40.77
C ASP C 59 -37.97 -14.23 39.32
N GLY C 60 -37.04 -13.45 38.77
CA GLY C 60 -37.14 -13.03 37.39
C GLY C 60 -36.57 -14.05 36.42
N TYR C 61 -36.17 -15.20 36.95
CA TYR C 61 -35.54 -16.23 36.14
C TYR C 61 -36.50 -16.82 35.12
N ASP C 62 -37.74 -17.07 35.55
CA ASP C 62 -38.75 -17.60 34.65
C ASP C 62 -38.94 -16.71 33.43
N LYS C 63 -39.15 -15.41 33.66
CA LYS C 63 -39.39 -14.46 32.59
C LYS C 63 -38.18 -14.35 31.67
N TYR C 64 -36.99 -14.53 32.23
CA TYR C 64 -35.76 -14.43 31.45
C TYR C 64 -35.57 -15.65 30.55
N THR C 65 -35.66 -16.84 31.14
CA THR C 65 -35.45 -18.08 30.38
C THR C 65 -36.53 -18.29 29.33
N THR C 66 -37.74 -17.82 29.61
CA THR C 66 -38.83 -17.84 28.64
C THR C 66 -38.43 -17.02 27.41
N TRP C 67 -37.93 -15.81 27.67
CA TRP C 67 -37.43 -14.92 26.62
C TRP C 67 -36.17 -15.48 25.98
N LYS C 68 -35.34 -16.15 26.79
CA LYS C 68 -34.08 -16.72 26.32
C LYS C 68 -34.28 -17.85 25.32
N LYS C 69 -35.33 -18.64 25.53
CA LYS C 69 -35.65 -19.74 24.62
C LYS C 69 -36.19 -19.20 23.30
N ILE C 70 -37.12 -18.27 23.39
CA ILE C 70 -37.73 -17.65 22.21
C ILE C 70 -36.68 -16.89 21.39
N TRP C 71 -35.67 -16.38 22.08
CA TRP C 71 -34.64 -15.55 21.46
C TRP C 71 -33.60 -16.40 20.74
N THR C 72 -33.47 -17.66 21.16
CA THR C 72 -32.50 -18.56 20.55
C THR C 72 -33.16 -19.39 19.45
N SER C 73 -34.46 -19.21 19.28
CA SER C 73 -35.19 -19.94 18.25
C SER C 73 -35.45 -19.09 17.00
N ASN C 74 -35.53 -17.77 17.18
CA ASN C 74 -35.80 -16.86 16.07
C ASN C 74 -34.55 -16.12 15.58
N GLY C 75 -33.77 -15.60 16.51
CA GLY C 75 -32.61 -14.80 16.17
C GLY C 75 -31.34 -15.59 15.98
N LYS C 76 -30.24 -14.85 15.77
CA LYS C 76 -28.93 -15.46 15.55
C LYS C 76 -27.93 -14.86 16.54
N THR C 77 -28.33 -13.76 17.18
CA THR C 77 -27.50 -13.13 18.21
C THR C 77 -27.71 -13.81 19.55
N GLU C 78 -26.67 -13.80 20.38
CA GLU C 78 -26.69 -14.53 21.65
C GLU C 78 -27.41 -13.78 22.76
N PRO C 79 -28.33 -14.47 23.44
CA PRO C 79 -29.07 -13.92 24.58
C PRO C 79 -28.10 -13.50 25.67
N SER C 80 -28.47 -12.49 26.45
CA SER C 80 -27.63 -12.05 27.56
C SER C 80 -28.45 -11.15 28.46
N PRO C 81 -28.06 -11.07 29.74
CA PRO C 81 -28.75 -10.18 30.68
C PRO C 81 -29.00 -8.79 30.07
N LYS C 82 -28.01 -8.25 29.37
CA LYS C 82 -28.16 -6.94 28.74
C LYS C 82 -29.22 -6.97 27.63
N ALA C 83 -29.04 -7.84 26.65
CA ALA C 83 -29.97 -7.94 25.53
C ALA C 83 -31.41 -8.01 25.99
N PHE C 84 -31.65 -8.71 27.09
CA PHE C 84 -32.99 -8.82 27.66
C PHE C 84 -33.48 -7.47 28.15
N MET C 85 -32.60 -6.73 28.81
CA MET C 85 -32.95 -5.42 29.36
C MET C 85 -33.36 -4.43 28.29
N ALA C 86 -32.61 -4.41 27.19
CA ALA C 86 -32.85 -3.48 26.09
C ALA C 86 -34.12 -3.83 25.32
N ASP C 87 -34.54 -5.08 25.43
CA ASP C 87 -35.65 -5.59 24.64
C ASP C 87 -36.95 -5.71 25.45
N GLN C 88 -36.84 -5.67 26.77
CA GLN C 88 -37.98 -5.95 27.62
C GLN C 88 -38.20 -4.93 28.75
N GLN C 89 -37.11 -4.42 29.33
CA GLN C 89 -37.23 -3.62 30.55
C GLN C 89 -36.94 -2.13 30.35
N LEU C 90 -35.98 -1.79 29.51
CA LEU C 90 -35.65 -0.39 29.26
C LEU C 90 -36.91 0.42 29.01
N PRO C 91 -37.02 1.59 29.66
CA PRO C 91 -38.20 2.46 29.49
C PRO C 91 -38.28 3.07 28.09
N TYR C 92 -39.49 3.13 27.56
CA TYR C 92 -39.72 3.77 26.26
C TYR C 92 -39.60 5.28 26.38
N TRP C 93 -39.15 5.93 25.31
CA TRP C 93 -39.13 7.38 25.26
C TRP C 93 -40.00 7.89 24.12
N VAL C 94 -40.98 8.73 24.45
CA VAL C 94 -41.86 9.31 23.44
C VAL C 94 -41.74 10.83 23.46
N GLN C 95 -41.82 11.45 22.30
CA GLN C 95 -41.77 12.89 22.18
C GLN C 95 -43.18 13.46 22.29
N CYS C 96 -43.28 14.77 22.53
CA CYS C 96 -44.58 15.40 22.73
C CYS C 96 -45.20 15.88 21.43
N THR C 97 -46.52 15.73 21.32
CA THR C 97 -47.25 16.14 20.13
C THR C 97 -47.29 17.67 19.96
N LYS C 98 -47.47 18.39 21.06
CA LYS C 98 -47.55 19.85 21.02
C LYS C 98 -46.41 20.47 20.23
N PRO C 99 -46.76 21.27 19.20
CA PRO C 99 -45.80 21.92 18.30
C PRO C 99 -44.90 22.91 19.04
N GLU C 100 -45.42 23.50 20.10
CA GLU C 100 -44.68 24.48 20.88
C GLU C 100 -43.68 23.83 21.84
N CYS C 101 -44.00 22.61 22.27
CA CYS C 101 -43.13 21.89 23.20
C CYS C 101 -42.16 20.96 22.47
N ARG C 102 -42.66 19.78 22.09
CA ARG C 102 -41.83 18.80 21.37
C ARG C 102 -40.67 18.31 22.23
N LYS C 103 -40.93 18.09 23.52
CA LYS C 103 -39.89 17.61 24.42
C LYS C 103 -39.91 16.09 24.54
N TRP C 104 -38.74 15.51 24.76
CA TRP C 104 -38.62 14.06 24.92
C TRP C 104 -38.88 13.65 26.37
N ARG C 105 -39.79 12.70 26.55
CA ARG C 105 -40.18 12.26 27.88
C ARG C 105 -39.99 10.75 28.05
N GLN C 106 -39.62 10.33 29.25
CA GLN C 106 -39.55 8.91 29.58
C GLN C 106 -40.88 8.44 30.16
N LEU C 107 -41.40 7.33 29.67
CA LEU C 107 -42.66 6.79 30.18
C LEU C 107 -42.43 5.96 31.44
N THR C 108 -43.52 5.57 32.09
CA THR C 108 -43.43 4.76 33.30
C THR C 108 -43.14 3.30 32.95
N LYS C 109 -42.36 2.65 33.81
CA LYS C 109 -41.84 1.30 33.54
C LYS C 109 -42.82 0.35 32.86
N GLU C 110 -44.09 0.38 33.28
CA GLU C 110 -45.07 -0.60 32.81
C GLU C 110 -45.78 -0.21 31.52
N ILE C 111 -45.72 1.06 31.16
CA ILE C 111 -46.35 1.53 29.93
C ILE C 111 -45.70 0.90 28.70
N GLN C 112 -46.52 0.31 27.84
CA GLN C 112 -46.03 -0.28 26.59
C GLN C 112 -46.33 0.62 25.40
N LEU C 113 -45.29 1.26 24.87
CA LEU C 113 -45.45 2.20 23.77
C LEU C 113 -46.08 1.55 22.54
N THR C 114 -46.96 2.29 21.87
CA THR C 114 -47.60 1.83 20.66
C THR C 114 -47.73 3.00 19.67
N PRO C 115 -47.94 2.69 18.39
CA PRO C 115 -48.04 3.75 17.38
C PRO C 115 -49.10 4.77 17.75
N GLN C 116 -50.21 4.32 18.32
CA GLN C 116 -51.31 5.21 18.70
C GLN C 116 -50.89 6.17 19.81
N ILE C 117 -50.12 5.66 20.77
CA ILE C 117 -49.63 6.49 21.87
C ILE C 117 -48.63 7.52 21.36
N ALA C 118 -47.84 7.13 20.37
CA ALA C 118 -46.80 8.01 19.83
C ALA C 118 -47.39 9.12 18.96
N LYS C 119 -48.60 8.91 18.46
CA LYS C 119 -49.25 9.88 17.58
C LYS C 119 -49.89 11.03 18.34
N THR C 120 -50.27 10.78 19.59
CA THR C 120 -51.07 11.75 20.35
C THR C 120 -50.43 12.20 21.66
N TYR C 121 -49.32 11.57 22.03
CA TYR C 121 -48.70 11.83 23.33
C TYR C 121 -48.45 13.31 23.64
N ARG C 122 -48.79 13.71 24.85
CA ARG C 122 -48.49 15.04 25.35
C ARG C 122 -47.98 14.99 26.79
N CYS C 123 -47.03 15.86 27.11
CA CYS C 123 -46.43 15.89 28.43
C CYS C 123 -47.47 15.66 29.53
N GLY C 124 -47.24 14.65 30.36
CA GLY C 124 -48.14 14.32 31.45
C GLY C 124 -49.41 13.65 30.99
N MET C 125 -49.28 12.54 30.28
CA MET C 125 -50.44 11.81 29.79
C MET C 125 -50.56 10.45 30.46
N ASP C 137 -49.23 22.98 33.98
CA ASP C 137 -48.54 22.92 32.69
C ASP C 137 -47.34 21.97 32.77
N HIS C 138 -47.53 20.76 32.24
CA HIS C 138 -46.49 19.74 32.26
C HIS C 138 -45.41 20.01 31.22
N CYS C 139 -45.79 20.72 30.16
CA CYS C 139 -44.87 21.04 29.07
C CYS C 139 -43.72 21.91 29.54
N SER C 140 -43.93 22.64 30.64
CA SER C 140 -42.92 23.56 31.16
C SER C 140 -41.89 22.85 32.04
N LEU C 141 -42.15 21.58 32.34
CA LEU C 141 -41.16 20.76 33.05
C LEU C 141 -39.91 20.65 32.19
N PRO C 142 -38.73 20.78 32.81
CA PRO C 142 -37.44 20.68 32.11
C PRO C 142 -37.21 19.31 31.47
N GLU C 143 -36.76 19.30 30.22
CA GLU C 143 -36.48 18.05 29.50
C GLU C 143 -35.32 17.32 30.17
N ASP C 144 -35.41 16.00 30.23
CA ASP C 144 -34.37 15.18 30.82
C ASP C 144 -33.01 15.51 30.19
N LEU C 145 -31.99 15.67 31.02
CA LEU C 145 -30.68 16.13 30.54
C LEU C 145 -29.97 15.11 29.66
N ARG C 146 -30.35 13.84 29.79
CA ARG C 146 -29.74 12.77 29.02
C ARG C 146 -30.11 12.85 27.54
N VAL C 147 -31.29 13.39 27.25
CA VAL C 147 -31.78 13.52 25.88
C VAL C 147 -30.81 14.26 24.96
N LEU C 148 -30.34 15.42 25.41
CA LEU C 148 -29.46 16.24 24.59
C LEU C 148 -28.19 15.51 24.13
N GLU C 149 -27.68 14.61 24.96
CA GLU C 149 -26.47 13.88 24.62
C GLU C 149 -26.69 12.94 23.44
N VAL C 150 -27.91 12.41 23.32
CA VAL C 150 -28.25 11.46 22.26
C VAL C 150 -27.81 11.92 20.87
N SER C 151 -27.77 13.23 20.66
CA SER C 151 -27.42 13.78 19.35
C SER C 151 -25.91 13.77 19.08
N ASN C 152 -25.11 13.79 20.13
CA ASN C 152 -23.66 13.68 20.00
C ASN C 152 -23.27 12.38 19.31
N HIS C 153 -22.15 12.39 18.59
CA HIS C 153 -21.77 11.24 17.76
C HIS C 153 -21.24 10.05 18.58
N TRP C 154 -20.52 10.36 19.66
CA TRP C 154 -19.94 9.32 20.51
C TRP C 154 -21.02 8.52 21.25
N TRP C 155 -22.20 9.12 21.40
CA TRP C 155 -23.29 8.47 22.14
C TRP C 155 -23.63 7.11 21.57
N TYR C 156 -23.83 7.04 20.25
CA TYR C 156 -24.19 5.78 19.62
C TYR C 156 -23.01 4.82 19.58
N SER C 157 -21.81 5.36 19.65
CA SER C 157 -20.60 4.53 19.68
C SER C 157 -20.48 3.82 21.02
N MET C 158 -20.95 4.47 22.08
CA MET C 158 -20.92 3.88 23.41
C MET C 158 -22.25 3.22 23.79
N LEU C 159 -23.03 2.87 22.78
CA LEU C 159 -24.16 1.97 22.96
C LEU C 159 -23.58 0.58 22.79
N ILE C 160 -24.09 -0.39 23.51
CA ILE C 160 -23.54 -1.74 23.43
C ILE C 160 -24.22 -2.58 22.35
N LEU C 161 -25.54 -2.61 22.37
CA LEU C 161 -26.30 -3.39 21.42
C LEU C 161 -27.14 -2.50 20.51
N PRO C 162 -27.09 -2.77 19.20
CA PRO C 162 -27.85 -2.00 18.21
C PRO C 162 -29.35 -2.07 18.50
N PRO C 163 -30.11 -1.07 18.05
CA PRO C 163 -31.57 -1.05 18.25
C PRO C 163 -32.25 -2.18 17.48
N LEU C 164 -33.24 -2.81 18.11
CA LEU C 164 -34.05 -3.81 17.43
C LEU C 164 -35.51 -3.37 17.43
N LEU C 165 -36.03 -3.06 16.23
CA LEU C 165 -37.37 -2.52 16.10
C LEU C 165 -38.45 -3.56 16.38
N LYS C 166 -39.56 -3.11 16.96
CA LYS C 166 -40.68 -3.98 17.26
C LYS C 166 -41.81 -3.75 16.26
N ASP C 167 -42.50 -4.81 15.90
CA ASP C 167 -43.63 -4.71 14.98
C ASP C 167 -43.32 -3.83 13.78
N SER C 168 -42.15 -4.05 13.18
CA SER C 168 -41.77 -3.30 11.98
C SER C 168 -42.74 -3.62 10.85
N VAL C 169 -43.05 -2.63 10.03
CA VAL C 169 -43.95 -2.82 8.91
C VAL C 169 -43.33 -3.78 7.89
N ALA C 170 -42.00 -3.80 7.86
CA ALA C 170 -41.27 -4.66 6.95
C ALA C 170 -41.29 -6.11 7.38
N ALA C 171 -41.77 -6.35 8.60
CA ALA C 171 -41.73 -7.69 9.20
C ALA C 171 -42.30 -8.81 8.31
N PRO C 172 -43.50 -8.61 7.75
CA PRO C 172 -44.10 -9.67 6.93
C PRO C 172 -43.31 -9.97 5.65
N LEU C 173 -42.49 -9.02 5.21
CA LEU C 173 -41.73 -9.19 3.97
C LEU C 173 -40.32 -9.72 4.21
N LEU C 174 -39.95 -9.91 5.47
CA LEU C 174 -38.60 -10.33 5.82
C LEU C 174 -38.59 -11.57 6.69
N SER C 175 -39.51 -12.49 6.43
CA SER C 175 -39.62 -13.71 7.21
C SER C 175 -38.57 -14.74 6.83
N ALA C 176 -37.89 -14.50 5.72
CA ALA C 176 -36.83 -15.40 5.27
C ALA C 176 -35.51 -15.05 5.94
N TYR C 177 -35.50 -13.92 6.63
CA TYR C 177 -34.30 -13.44 7.29
C TYR C 177 -34.40 -13.54 8.81
N TYR C 178 -33.28 -13.80 9.47
CA TYR C 178 -33.21 -13.73 10.93
C TYR C 178 -33.52 -12.30 11.34
N PRO C 179 -34.58 -12.11 12.15
CA PRO C 179 -35.05 -10.77 12.52
C PRO C 179 -33.93 -9.85 12.97
N ASP C 180 -32.95 -10.39 13.68
CA ASP C 180 -31.87 -9.58 14.23
C ASP C 180 -30.91 -9.06 13.16
N CYS C 181 -30.78 -9.78 12.06
CA CYS C 181 -29.87 -9.37 10.99
C CYS C 181 -30.45 -8.25 10.12
N VAL C 182 -31.68 -7.85 10.41
CA VAL C 182 -32.31 -6.77 9.66
C VAL C 182 -32.84 -5.66 10.58
N GLY C 183 -32.34 -5.64 11.82
CA GLY C 183 -32.68 -4.60 12.77
C GLY C 183 -34.03 -4.75 13.42
N MET C 184 -34.52 -5.97 13.50
CA MET C 184 -35.81 -6.25 14.13
C MET C 184 -35.64 -7.14 15.36
N SER C 185 -36.61 -7.08 16.28
CA SER C 185 -36.52 -7.83 17.52
C SER C 185 -37.00 -9.28 17.37
N PRO C 186 -36.09 -10.23 17.58
CA PRO C 186 -36.36 -11.67 17.48
C PRO C 186 -37.40 -12.14 18.50
N SER C 187 -38.20 -11.23 19.04
CA SER C 187 -39.20 -11.61 20.03
C SER C 187 -40.61 -11.15 19.65
N CYS C 188 -40.79 -10.82 18.37
CA CYS C 188 -42.09 -10.39 17.86
C CYS C 188 -42.87 -11.56 17.25
N THR C 189 -43.98 -11.22 16.59
CA THR C 189 -44.85 -12.19 15.94
C THR C 189 -44.97 -13.50 16.72
N GLY C 218 -51.86 -8.01 1.48
CA GLY C 218 -52.71 -7.11 0.73
C GLY C 218 -51.95 -6.05 -0.04
N MET C 219 -50.73 -6.40 -0.45
CA MET C 219 -49.87 -5.49 -1.18
C MET C 219 -49.76 -5.90 -2.65
N ASN C 220 -49.57 -4.91 -3.52
CA ASN C 220 -49.49 -5.14 -4.97
C ASN C 220 -48.53 -6.27 -5.34
N ARG C 221 -48.95 -7.13 -6.26
CA ARG C 221 -48.15 -8.31 -6.62
C ARG C 221 -46.88 -7.96 -7.38
N TYR C 222 -46.73 -6.69 -7.76
CA TYR C 222 -45.55 -6.24 -8.49
C TYR C 222 -44.53 -5.58 -7.57
N PHE C 223 -44.90 -5.38 -6.32
CA PHE C 223 -44.01 -4.76 -5.34
C PHE C 223 -43.18 -5.79 -4.57
N GLN C 224 -42.06 -6.19 -5.16
CA GLN C 224 -41.12 -7.06 -4.48
C GLN C 224 -39.81 -6.29 -4.27
N PRO C 225 -39.76 -5.51 -3.18
CA PRO C 225 -38.66 -4.57 -2.88
C PRO C 225 -37.37 -5.27 -2.50
N PHE C 226 -37.45 -6.24 -1.59
CA PHE C 226 -36.26 -6.90 -1.06
C PHE C 226 -35.92 -8.19 -1.81
N TYR C 227 -34.62 -8.49 -1.88
CA TYR C 227 -34.17 -9.80 -2.35
C TYR C 227 -34.63 -10.86 -1.37
N GLN C 228 -34.60 -12.11 -1.80
CA GLN C 228 -34.83 -13.22 -0.89
C GLN C 228 -33.60 -14.11 -0.92
N PRO C 229 -33.30 -14.76 0.22
CA PRO C 229 -32.12 -15.64 0.26
C PRO C 229 -32.15 -16.65 -0.88
N ASN C 230 -31.06 -16.74 -1.63
CA ASN C 230 -30.93 -17.70 -2.73
C ASN C 230 -31.67 -17.29 -4.00
N GLU C 231 -32.20 -16.07 -4.01
CA GLU C 231 -32.87 -15.55 -5.21
C GLU C 231 -31.84 -15.08 -6.23
N CYS C 232 -32.25 -15.06 -7.49
CA CYS C 232 -31.39 -14.58 -8.56
C CYS C 232 -31.67 -13.11 -8.80
N GLY C 233 -30.63 -12.36 -9.17
CA GLY C 233 -30.77 -10.93 -9.38
C GLY C 233 -32.03 -10.54 -10.12
N LYS C 234 -32.73 -9.54 -9.59
CA LYS C 234 -33.83 -8.93 -10.32
C LYS C 234 -33.90 -7.44 -10.07
N ALA C 235 -34.15 -6.69 -11.15
CA ALA C 235 -34.07 -5.23 -11.14
C ALA C 235 -34.61 -4.58 -9.88
N LEU C 236 -33.99 -3.46 -9.50
CA LEU C 236 -34.48 -2.64 -8.41
C LEU C 236 -34.74 -3.43 -7.13
N CYS C 237 -33.82 -4.31 -6.79
CA CYS C 237 -33.92 -5.07 -5.56
C CYS C 237 -32.84 -4.63 -4.58
N VAL C 238 -33.24 -4.39 -3.32
CA VAL C 238 -32.28 -4.04 -2.28
C VAL C 238 -32.12 -5.18 -1.29
N ARG C 239 -30.90 -5.38 -0.81
CA ARG C 239 -30.65 -6.40 0.19
C ARG C 239 -30.93 -5.86 1.59
N PRO C 240 -31.84 -6.52 2.32
CA PRO C 240 -32.27 -6.07 3.65
C PRO C 240 -31.13 -6.09 4.66
N ASP C 241 -30.13 -6.94 4.39
CA ASP C 241 -29.07 -7.18 5.34
C ASP C 241 -27.76 -6.48 4.98
N VAL C 242 -27.66 -5.95 3.77
CA VAL C 242 -26.44 -5.29 3.32
C VAL C 242 -26.73 -3.90 2.78
N MET C 243 -25.84 -2.96 3.04
CA MET C 243 -25.98 -1.59 2.55
C MET C 243 -25.49 -1.47 1.12
N GLU C 244 -26.30 -0.84 0.27
CA GLU C 244 -25.92 -0.59 -1.12
C GLU C 244 -24.71 0.34 -1.15
N LEU C 245 -24.07 0.44 -2.32
CA LEU C 245 -22.91 1.29 -2.47
C LEU C 245 -23.22 2.76 -2.15
N ASP C 246 -24.23 3.31 -2.81
CA ASP C 246 -24.68 4.68 -2.56
C ASP C 246 -24.77 4.90 -1.05
N GLU C 247 -25.52 4.01 -0.40
CA GLU C 247 -25.78 4.09 1.03
C GLU C 247 -24.52 4.23 1.90
N LEU C 248 -23.52 3.39 1.65
CA LEU C 248 -22.27 3.46 2.39
C LEU C 248 -21.69 4.88 2.34
N TYR C 249 -21.55 5.41 1.13
CA TYR C 249 -21.01 6.75 0.93
C TYR C 249 -21.80 7.84 1.65
N GLU C 250 -23.11 7.88 1.45
CA GLU C 250 -23.96 8.89 2.08
C GLU C 250 -23.92 8.80 3.61
N PHE C 251 -23.82 7.57 4.12
CA PHE C 251 -23.81 7.36 5.56
C PHE C 251 -22.67 6.44 6.00
N PRO C 252 -21.44 6.99 6.05
CA PRO C 252 -20.26 6.21 6.43
C PRO C 252 -20.21 5.91 7.93
N GLU C 253 -20.91 6.70 8.72
CA GLU C 253 -20.93 6.51 10.16
C GLU C 253 -21.60 5.18 10.54
N TYR C 254 -22.28 4.58 9.57
CA TYR C 254 -22.99 3.33 9.80
C TYR C 254 -22.26 2.15 9.17
N SER C 255 -21.14 2.45 8.51
CA SER C 255 -20.31 1.41 7.90
C SER C 255 -19.81 0.40 8.93
N ARG C 256 -19.66 0.82 10.18
CA ARG C 256 -19.25 -0.12 11.22
C ARG C 256 -20.44 -0.83 11.86
N ASP C 257 -21.38 -0.06 12.39
CA ASP C 257 -22.57 -0.65 12.98
C ASP C 257 -23.82 -0.24 12.19
N PRO C 258 -24.17 -1.05 11.19
CA PRO C 258 -25.20 -0.74 10.20
C PRO C 258 -26.61 -1.15 10.62
N THR C 259 -26.72 -1.97 11.66
CA THR C 259 -28.01 -2.53 12.03
C THR C 259 -29.13 -1.48 12.07
N MET C 260 -28.86 -0.34 12.70
CA MET C 260 -29.88 0.71 12.80
C MET C 260 -30.31 1.22 11.43
N TYR C 261 -29.34 1.42 10.54
CA TYR C 261 -29.65 1.93 9.21
C TYR C 261 -30.55 0.97 8.44
N LEU C 262 -30.11 -0.27 8.26
CA LEU C 262 -30.94 -1.26 7.59
C LEU C 262 -32.34 -1.26 8.20
N ALA C 263 -32.40 -1.27 9.51
CA ALA C 263 -33.66 -1.29 10.24
C ALA C 263 -34.61 -0.21 9.74
N LEU C 264 -34.15 1.03 9.77
CA LEU C 264 -34.98 2.17 9.40
C LEU C 264 -35.30 2.20 7.92
N ARG C 265 -34.30 1.90 7.10
CA ARG C 265 -34.48 1.91 5.64
C ARG C 265 -35.52 0.89 5.18
N ASN C 266 -35.48 -0.30 5.77
CA ASN C 266 -36.47 -1.33 5.44
C ASN C 266 -37.87 -0.96 5.94
N LEU C 267 -37.91 -0.15 7.00
CA LEU C 267 -39.16 0.33 7.56
C LEU C 267 -39.81 1.33 6.63
N ILE C 268 -38.98 2.16 6.01
CA ILE C 268 -39.48 3.18 5.10
C ILE C 268 -40.00 2.55 3.81
N LEU C 269 -39.20 1.66 3.22
CA LEU C 269 -39.62 0.96 2.02
C LEU C 269 -40.98 0.29 2.24
N ALA C 270 -41.08 -0.49 3.31
CA ALA C 270 -42.32 -1.18 3.63
C ALA C 270 -43.49 -0.21 3.78
N LEU C 271 -43.21 0.98 4.30
CA LEU C 271 -44.24 1.98 4.50
C LEU C 271 -44.69 2.57 3.16
N TRP C 272 -43.72 2.88 2.31
CA TRP C 272 -43.97 3.45 0.99
C TRP C 272 -44.75 2.49 0.09
N TYR C 273 -44.29 1.24 0.00
CA TYR C 273 -44.95 0.24 -0.85
C TYR C 273 -46.27 -0.26 -0.26
N THR C 274 -46.57 0.14 0.97
CA THR C 274 -47.84 -0.17 1.61
C THR C 274 -48.88 0.85 1.15
N ASN C 275 -48.42 2.07 0.89
CA ASN C 275 -49.28 3.14 0.41
C ASN C 275 -48.47 4.15 -0.39
N CYS C 276 -48.45 3.98 -1.71
CA CYS C 276 -47.63 4.81 -2.58
C CYS C 276 -48.43 5.93 -3.23
N LYS C 277 -49.60 6.23 -2.68
CA LYS C 277 -50.44 7.31 -3.20
C LYS C 277 -50.25 8.57 -2.38
N GLU C 278 -49.58 8.44 -1.24
CA GLU C 278 -49.28 9.58 -0.38
C GLU C 278 -47.78 9.79 -0.24
N ALA C 279 -47.38 11.01 0.08
CA ALA C 279 -46.00 11.30 0.38
C ALA C 279 -45.65 10.81 1.78
N LEU C 280 -44.59 10.01 1.87
CA LEU C 280 -44.17 9.47 3.16
C LEU C 280 -43.31 10.49 3.90
N THR C 281 -43.85 11.02 5.00
CA THR C 281 -43.17 12.04 5.79
C THR C 281 -42.71 11.48 7.13
N PRO C 282 -41.66 12.06 7.71
CA PRO C 282 -41.10 11.59 8.99
C PRO C 282 -42.19 11.38 10.04
N GLN C 283 -43.25 12.19 9.99
CA GLN C 283 -44.34 12.09 10.96
C GLN C 283 -45.03 10.73 10.90
N LYS C 284 -45.44 10.32 9.69
CA LYS C 284 -46.05 9.01 9.51
C LYS C 284 -45.05 7.86 9.57
N CYS C 285 -43.82 8.14 9.98
CA CYS C 285 -42.82 7.10 10.18
C CYS C 285 -42.61 6.86 11.67
N ILE C 286 -42.42 7.95 12.40
CA ILE C 286 -42.12 7.90 13.83
C ILE C 286 -42.96 6.92 14.64
N PRO C 287 -44.30 7.03 14.57
CA PRO C 287 -45.17 6.14 15.35
C PRO C 287 -44.92 4.67 15.06
N HIS C 288 -44.16 4.38 14.00
CA HIS C 288 -43.86 2.99 13.65
C HIS C 288 -42.48 2.56 14.14
N ILE C 289 -41.72 3.52 14.63
CA ILE C 289 -40.44 3.21 15.27
C ILE C 289 -40.66 2.89 16.75
N ILE C 290 -40.70 1.60 17.07
CA ILE C 290 -40.99 1.14 18.43
C ILE C 290 -39.82 0.38 19.02
N VAL C 291 -38.90 1.10 19.64
CA VAL C 291 -37.78 0.49 20.34
C VAL C 291 -37.64 1.12 21.72
N ARG C 292 -37.17 0.34 22.69
CA ARG C 292 -37.01 0.85 24.04
C ARG C 292 -35.70 1.61 24.18
N GLY C 293 -35.67 2.56 25.11
CA GLY C 293 -34.44 3.25 25.45
C GLY C 293 -34.28 4.64 24.86
N LEU C 294 -33.15 5.27 25.20
CA LEU C 294 -32.83 6.58 24.67
C LEU C 294 -32.39 6.45 23.22
N VAL C 295 -32.27 5.22 22.75
CA VAL C 295 -31.83 4.96 21.38
C VAL C 295 -32.90 5.34 20.37
N ARG C 296 -34.16 5.22 20.77
CA ARG C 296 -35.29 5.59 19.93
C ARG C 296 -35.17 7.05 19.50
N ILE C 297 -34.77 7.90 20.44
CA ILE C 297 -34.53 9.31 20.16
C ILE C 297 -33.53 9.45 19.02
N ARG C 298 -32.53 8.58 18.99
CA ARG C 298 -31.54 8.61 17.93
C ARG C 298 -32.10 8.11 16.61
N CYS C 299 -33.04 7.17 16.70
CA CYS C 299 -33.66 6.62 15.50
C CYS C 299 -34.52 7.65 14.77
N VAL C 300 -35.43 8.29 15.50
CA VAL C 300 -36.35 9.26 14.89
C VAL C 300 -35.60 10.47 14.33
N GLN C 301 -34.42 10.74 14.87
CA GLN C 301 -33.62 11.85 14.40
C GLN C 301 -32.94 11.51 13.08
N GLU C 302 -32.59 10.24 12.91
CA GLU C 302 -31.87 9.80 11.72
C GLU C 302 -32.81 9.40 10.60
N VAL C 303 -33.98 8.89 10.97
CA VAL C 303 -34.98 8.49 9.99
C VAL C 303 -35.29 9.65 9.04
N GLU C 304 -35.16 10.87 9.55
CA GLU C 304 -35.42 12.06 8.73
C GLU C 304 -34.36 12.20 7.63
N ARG C 305 -33.12 11.89 7.96
CA ARG C 305 -32.03 11.97 6.98
C ARG C 305 -32.10 10.86 5.95
N ILE C 306 -32.41 9.65 6.41
CA ILE C 306 -32.50 8.50 5.52
C ILE C 306 -33.74 8.57 4.64
N LEU C 307 -34.78 9.25 5.14
CA LEU C 307 -36.01 9.43 4.39
C LEU C 307 -35.77 10.44 3.26
N TYR C 308 -35.00 11.47 3.56
CA TYR C 308 -34.70 12.51 2.58
C TYR C 308 -33.69 12.03 1.54
N PHE C 309 -32.78 11.17 1.96
CA PHE C 309 -31.80 10.61 1.04
C PHE C 309 -32.48 9.72 0.01
N MET C 310 -33.22 8.73 0.49
CA MET C 310 -33.94 7.83 -0.39
C MET C 310 -34.86 8.59 -1.33
N THR C 311 -35.51 9.62 -0.82
CA THR C 311 -36.39 10.45 -1.62
C THR C 311 -35.62 11.11 -2.76
N ARG C 312 -34.44 11.63 -2.46
CA ARG C 312 -33.60 12.26 -3.46
C ARG C 312 -33.20 11.27 -4.56
N LYS C 313 -32.93 10.03 -4.15
CA LYS C 313 -32.48 8.99 -5.08
C LYS C 313 -33.62 8.37 -5.88
N GLY C 314 -34.84 8.76 -5.57
CA GLY C 314 -36.00 8.26 -6.28
C GLY C 314 -36.49 6.90 -5.81
N LEU C 315 -36.02 6.48 -4.63
CA LEU C 315 -36.44 5.22 -4.03
C LEU C 315 -37.90 5.28 -3.59
N ILE C 316 -38.35 6.47 -3.17
CA ILE C 316 -39.70 6.68 -2.65
C ILE C 316 -40.16 8.07 -3.04
N ASN C 317 -41.41 8.40 -2.70
CA ASN C 317 -41.96 9.71 -3.04
C ASN C 317 -41.72 10.04 -4.51
N THR C 318 -41.71 9.00 -5.32
CA THR C 318 -41.41 9.12 -6.73
C THR C 318 -42.63 8.72 -7.54
N GLY C 319 -42.47 8.64 -8.85
CA GLY C 319 -43.55 8.21 -9.71
C GLY C 319 -44.46 9.36 -10.08
N VAL C 320 -45.76 9.11 -9.98
CA VAL C 320 -46.77 10.07 -10.39
C VAL C 320 -47.25 10.93 -9.23
N LEU C 321 -46.78 10.61 -8.02
CA LEU C 321 -47.10 11.39 -6.83
C LEU C 321 -46.90 12.87 -7.11
N SER C 322 -47.82 13.69 -6.61
CA SER C 322 -47.76 15.12 -6.88
C SER C 322 -47.95 15.95 -5.61
N VAL C 323 -47.46 17.19 -5.65
CA VAL C 323 -47.56 18.10 -4.51
C VAL C 323 -46.85 19.42 -4.79
N GLY C 324 -47.58 20.53 -4.71
CA GLY C 324 -48.99 20.51 -4.38
C GLY C 324 -49.30 20.74 -2.91
N ALA C 325 -49.00 21.94 -2.41
CA ALA C 325 -48.37 22.99 -3.20
C ALA C 325 -47.15 23.54 -2.46
N ASP C 326 -47.39 24.08 -1.27
CA ASP C 326 -46.30 24.54 -0.40
C ASP C 326 -45.89 23.38 0.52
N GLN C 327 -45.68 22.21 -0.08
CA GLN C 327 -45.32 21.02 0.68
C GLN C 327 -44.27 20.21 -0.06
N TYR C 328 -43.12 20.83 -0.29
CA TYR C 328 -42.04 20.21 -1.06
C TYR C 328 -41.39 19.05 -0.30
N LEU C 329 -41.08 17.98 -1.04
CA LEU C 329 -40.61 16.73 -0.45
C LEU C 329 -39.18 16.81 0.11
N LEU C 330 -38.48 17.91 -0.14
CA LEU C 330 -37.15 18.10 0.42
C LEU C 330 -37.09 19.41 1.20
N PRO C 331 -36.17 19.48 2.19
CA PRO C 331 -35.96 20.69 2.99
C PRO C 331 -35.53 21.88 2.11
N LYS C 332 -35.67 23.09 2.64
CA LYS C 332 -35.43 24.30 1.85
C LYS C 332 -33.97 24.51 1.47
N ASP C 333 -33.12 23.57 1.84
CA ASP C 333 -31.70 23.65 1.53
C ASP C 333 -31.46 23.34 0.05
N TYR C 334 -32.30 22.45 -0.49
CA TYR C 334 -32.18 22.00 -1.88
C TYR C 334 -32.86 22.95 -2.86
N HIS C 335 -33.69 23.85 -2.34
CA HIS C 335 -34.57 24.67 -3.19
C HIS C 335 -33.87 25.74 -4.00
N ASN C 336 -32.90 26.43 -3.40
CA ASN C 336 -32.25 27.55 -4.08
C ASN C 336 -31.28 27.14 -5.19
N LYS C 337 -31.83 26.50 -6.22
CA LYS C 337 -31.09 26.25 -7.46
C LYS C 337 -32.08 25.99 -8.58
N SER C 338 -31.74 26.41 -9.78
CA SER C 338 -32.63 26.27 -10.93
C SER C 338 -32.04 25.31 -11.95
N VAL C 339 -32.90 24.71 -12.78
CA VAL C 339 -32.45 23.78 -13.79
C VAL C 339 -33.32 23.84 -15.04
N ILE C 340 -32.68 23.74 -16.20
CA ILE C 340 -33.37 23.70 -17.48
C ILE C 340 -33.33 22.29 -18.03
N ILE C 341 -34.50 21.70 -18.25
CA ILE C 341 -34.57 20.35 -18.78
C ILE C 341 -34.97 20.37 -20.26
N ILE C 342 -34.10 19.83 -21.11
CA ILE C 342 -34.33 19.88 -22.55
C ILE C 342 -34.92 18.58 -23.11
N GLY C 343 -36.23 18.59 -23.37
CA GLY C 343 -36.90 17.43 -23.90
C GLY C 343 -38.05 16.98 -23.00
N ALA C 344 -39.26 16.91 -23.56
CA ALA C 344 -40.44 16.56 -22.79
C ALA C 344 -40.86 15.11 -22.98
N GLY C 345 -39.87 14.23 -23.12
CA GLY C 345 -40.14 12.81 -23.22
C GLY C 345 -40.22 12.21 -21.84
N PRO C 346 -40.24 10.88 -21.75
CA PRO C 346 -40.24 10.19 -20.45
C PRO C 346 -39.09 10.64 -19.57
N ALA C 347 -37.88 10.69 -20.13
CA ALA C 347 -36.69 11.03 -19.35
C ALA C 347 -36.70 12.47 -18.84
N GLY C 348 -37.19 13.38 -19.66
CA GLY C 348 -37.27 14.78 -19.28
C GLY C 348 -38.39 15.04 -18.29
N LEU C 349 -39.54 14.42 -18.51
CA LEU C 349 -40.69 14.60 -17.64
C LEU C 349 -40.50 13.93 -16.28
N ALA C 350 -39.59 12.96 -16.21
CA ALA C 350 -39.31 12.27 -14.96
C ALA C 350 -38.48 13.16 -14.04
N ALA C 351 -37.38 13.69 -14.56
CA ALA C 351 -36.53 14.59 -13.80
C ALA C 351 -37.30 15.85 -13.40
N ALA C 352 -38.06 16.41 -14.34
CA ALA C 352 -38.85 17.59 -14.06
C ALA C 352 -39.81 17.33 -12.91
N ARG C 353 -40.56 16.25 -13.01
CA ARG C 353 -41.50 15.85 -11.96
C ARG C 353 -40.79 15.76 -10.62
N GLN C 354 -39.65 15.08 -10.58
CA GLN C 354 -38.89 14.92 -9.34
C GLN C 354 -38.46 16.27 -8.79
N LEU C 355 -37.62 16.97 -9.56
CA LEU C 355 -37.06 18.25 -9.12
C LEU C 355 -38.14 19.23 -8.67
N HIS C 356 -39.28 19.24 -9.38
CA HIS C 356 -40.39 20.12 -9.02
C HIS C 356 -40.96 19.70 -7.67
N ASN C 357 -41.08 18.40 -7.45
CA ASN C 357 -41.57 17.87 -6.19
C ASN C 357 -40.59 18.11 -5.03
N PHE C 358 -39.31 18.19 -5.35
CA PHE C 358 -38.28 18.50 -4.35
C PHE C 358 -38.39 19.94 -3.89
N GLY C 359 -38.80 20.81 -4.80
CA GLY C 359 -38.91 22.23 -4.51
C GLY C 359 -37.89 23.06 -5.28
N ILE C 360 -37.19 22.40 -6.21
CA ILE C 360 -36.22 23.08 -7.06
C ILE C 360 -36.93 23.73 -8.25
N LYS C 361 -36.35 24.82 -8.76
CA LYS C 361 -36.94 25.54 -9.87
C LYS C 361 -36.60 24.87 -11.19
N VAL C 362 -37.61 24.34 -11.86
CA VAL C 362 -37.41 23.61 -13.11
C VAL C 362 -38.26 24.16 -14.25
N THR C 363 -37.66 24.25 -15.44
CA THR C 363 -38.38 24.60 -16.65
C THR C 363 -37.92 23.71 -17.80
N VAL C 364 -38.86 23.03 -18.44
CA VAL C 364 -38.54 22.10 -19.51
C VAL C 364 -38.89 22.65 -20.90
N LEU C 365 -37.93 22.59 -21.82
CA LEU C 365 -38.13 23.07 -23.18
C LEU C 365 -38.27 21.91 -24.16
N GLU C 366 -39.40 21.86 -24.88
CA GLU C 366 -39.65 20.81 -25.86
C GLU C 366 -39.75 21.36 -27.27
N ALA C 367 -39.14 20.67 -28.23
CA ALA C 367 -39.12 21.12 -29.62
C ALA C 367 -40.47 20.95 -30.31
N LYS C 368 -41.11 19.81 -30.06
CA LYS C 368 -42.40 19.51 -30.66
C LYS C 368 -43.50 20.43 -30.13
N ASP C 369 -44.71 20.25 -30.66
CA ASP C 369 -45.87 21.00 -30.22
C ASP C 369 -46.68 20.17 -29.23
N ARG C 370 -46.05 19.12 -28.72
CA ARG C 370 -46.69 18.22 -27.78
C ARG C 370 -45.64 17.49 -26.95
N ILE C 371 -45.99 17.15 -25.72
CA ILE C 371 -45.11 16.37 -24.86
C ILE C 371 -45.26 14.89 -25.19
N GLY C 372 -44.39 14.07 -24.63
CA GLY C 372 -44.52 12.63 -24.77
C GLY C 372 -43.35 12.00 -25.48
N GLY C 373 -42.78 12.72 -26.45
CA GLY C 373 -41.67 12.21 -27.22
C GLY C 373 -42.02 10.97 -27.99
N ARG C 374 -41.29 9.88 -27.73
CA ARG C 374 -41.55 8.60 -28.38
C ARG C 374 -42.70 7.86 -27.68
N VAL C 375 -43.38 8.57 -26.79
CA VAL C 375 -44.66 8.12 -26.26
C VAL C 375 -45.74 8.99 -26.89
N TRP C 376 -46.56 8.39 -27.75
CA TRP C 376 -47.56 9.14 -28.50
C TRP C 376 -48.75 8.26 -28.82
N ASP C 377 -49.83 8.41 -28.05
CA ASP C 377 -50.99 7.56 -28.22
C ASP C 377 -52.05 8.16 -29.13
N ASP C 378 -52.74 7.28 -29.85
CA ASP C 378 -53.81 7.67 -30.74
C ASP C 378 -55.13 7.19 -30.15
N LYS C 379 -55.94 8.13 -29.70
CA LYS C 379 -57.17 7.78 -28.98
C LYS C 379 -58.41 7.83 -29.87
N SER C 380 -58.20 7.85 -31.18
CA SER C 380 -59.31 8.02 -32.13
C SER C 380 -60.03 6.71 -32.48
N PHE C 381 -59.38 5.58 -32.26
CA PHE C 381 -60.01 4.29 -32.48
C PHE C 381 -61.15 4.10 -31.48
N LYS C 382 -62.28 3.57 -31.94
CA LYS C 382 -63.45 3.42 -31.10
C LYS C 382 -63.23 2.44 -29.95
N GLY C 383 -63.26 2.96 -28.72
CA GLY C 383 -63.17 2.15 -27.52
C GLY C 383 -61.85 1.44 -27.32
N VAL C 384 -60.76 2.07 -27.76
CA VAL C 384 -59.43 1.48 -27.65
C VAL C 384 -58.35 2.54 -27.87
N THR C 385 -57.29 2.47 -27.08
CA THR C 385 -56.14 3.34 -27.30
C THR C 385 -55.02 2.52 -27.95
N VAL C 386 -54.38 3.12 -28.95
CA VAL C 386 -53.29 2.45 -29.65
C VAL C 386 -52.05 3.35 -29.69
N GLY C 387 -50.91 2.81 -29.29
CA GLY C 387 -49.69 3.59 -29.26
C GLY C 387 -48.96 3.64 -30.58
N ARG C 388 -48.74 4.85 -31.09
CA ARG C 388 -47.91 5.06 -32.27
C ARG C 388 -46.45 4.78 -31.91
N GLY C 389 -46.17 4.81 -30.61
CA GLY C 389 -44.85 4.52 -30.10
C GLY C 389 -44.92 3.42 -29.06
N ALA C 390 -44.38 3.70 -27.88
CA ALA C 390 -44.34 2.70 -26.81
C ALA C 390 -45.73 2.30 -26.32
N GLN C 391 -45.87 1.06 -25.86
CA GLN C 391 -47.12 0.61 -25.25
C GLN C 391 -46.98 -0.71 -24.53
N ILE C 392 -45.78 -1.27 -24.52
CA ILE C 392 -45.55 -2.54 -23.84
C ILE C 392 -44.63 -2.35 -22.63
N VAL C 393 -44.88 -3.13 -21.58
CA VAL C 393 -44.04 -3.11 -20.39
C VAL C 393 -43.34 -4.45 -20.28
N ASN C 394 -42.00 -4.43 -20.36
CA ASN C 394 -41.22 -5.65 -20.31
C ASN C 394 -40.75 -6.00 -18.91
N GLY C 395 -41.55 -6.77 -18.18
CA GLY C 395 -41.21 -7.16 -16.83
C GLY C 395 -41.70 -6.16 -15.79
N CYS C 396 -42.83 -6.46 -15.17
CA CYS C 396 -43.50 -5.51 -14.30
C CYS C 396 -42.96 -5.44 -12.88
N ILE C 397 -42.32 -6.52 -12.42
CA ILE C 397 -41.82 -6.57 -11.05
C ILE C 397 -40.88 -5.40 -10.74
N ASN C 398 -41.24 -4.62 -9.73
CA ASN C 398 -40.44 -3.47 -9.31
C ASN C 398 -40.42 -2.35 -10.33
N ASN C 399 -40.97 -2.60 -11.50
CA ASN C 399 -40.98 -1.59 -12.56
C ASN C 399 -41.69 -0.32 -12.11
N PRO C 400 -41.03 0.84 -12.31
CA PRO C 400 -41.62 2.14 -11.97
C PRO C 400 -42.97 2.32 -12.65
N VAL C 401 -43.13 1.71 -13.83
CA VAL C 401 -44.35 1.82 -14.60
C VAL C 401 -45.52 1.11 -13.92
N ALA C 402 -45.21 0.00 -13.24
CA ALA C 402 -46.21 -0.75 -12.50
C ALA C 402 -46.62 0.01 -11.25
N LEU C 403 -45.64 0.63 -10.60
CA LEU C 403 -45.89 1.49 -9.45
C LEU C 403 -46.77 2.68 -9.84
N MET C 404 -46.45 3.30 -10.98
CA MET C 404 -47.21 4.45 -11.47
C MET C 404 -48.61 4.04 -11.91
N CYS C 405 -48.75 2.79 -12.34
CA CYS C 405 -50.05 2.26 -12.73
C CYS C 405 -50.93 2.07 -11.50
N GLU C 406 -50.31 1.78 -10.37
CA GLU C 406 -51.03 1.62 -9.12
C GLU C 406 -51.57 2.95 -8.65
N GLN C 407 -50.72 3.97 -8.72
CA GLN C 407 -51.08 5.30 -8.25
C GLN C 407 -52.23 5.87 -9.07
N LEU C 408 -52.40 5.35 -10.28
CA LEU C 408 -53.37 5.89 -11.22
C LEU C 408 -54.60 5.00 -11.40
N GLY C 409 -54.72 3.98 -10.56
CA GLY C 409 -55.84 3.06 -10.66
C GLY C 409 -55.95 2.43 -12.03
N ILE C 410 -54.83 2.36 -12.73
CA ILE C 410 -54.78 1.79 -14.07
C ILE C 410 -54.44 0.31 -13.99
N SER C 411 -55.07 -0.49 -14.84
CA SER C 411 -54.75 -1.91 -14.91
C SER C 411 -53.98 -2.22 -16.19
N MET C 412 -53.14 -3.25 -16.14
CA MET C 412 -52.38 -3.70 -17.31
C MET C 412 -52.79 -5.12 -17.67
N HIS C 413 -52.85 -5.40 -18.96
CA HIS C 413 -53.17 -6.75 -19.42
C HIS C 413 -51.92 -7.58 -19.67
N LYS C 414 -51.82 -8.71 -18.97
CA LYS C 414 -50.69 -9.60 -19.14
C LYS C 414 -50.78 -10.33 -20.48
N PHE C 415 -49.67 -10.35 -21.22
CA PHE C 415 -49.61 -11.06 -22.48
C PHE C 415 -49.61 -12.57 -22.28
N GLY C 416 -50.35 -13.27 -23.13
CA GLY C 416 -50.35 -14.73 -23.10
C GLY C 416 -49.10 -15.27 -23.76
N GLU C 417 -48.82 -16.55 -23.53
CA GLU C 417 -47.59 -17.15 -24.04
C GLU C 417 -47.72 -17.57 -25.51
N ARG C 418 -48.92 -18.01 -25.90
CA ARG C 418 -49.12 -18.60 -27.22
C ARG C 418 -49.17 -17.59 -28.37
N CYS C 419 -48.33 -17.82 -29.36
CA CYS C 419 -48.30 -17.02 -30.59
C CYS C 419 -48.05 -17.93 -31.79
N ASP C 420 -49.11 -18.35 -32.46
CA ASP C 420 -49.00 -19.22 -33.62
C ASP C 420 -48.35 -18.50 -34.81
N LEU C 421 -47.48 -19.19 -35.53
CA LEU C 421 -46.89 -18.65 -36.74
C LEU C 421 -47.72 -19.02 -37.96
N ILE C 422 -48.44 -18.05 -38.50
CA ILE C 422 -49.29 -18.29 -39.66
C ILE C 422 -48.54 -18.05 -40.97
N GLN C 423 -48.58 -19.05 -41.84
CA GLN C 423 -47.92 -18.96 -43.15
C GLN C 423 -48.87 -18.36 -44.18
N GLU C 424 -48.32 -18.05 -45.35
CA GLU C 424 -49.14 -17.63 -46.48
C GLU C 424 -49.43 -18.86 -47.35
N GLY C 425 -50.70 -19.22 -47.48
CA GLY C 425 -51.77 -18.50 -46.83
C GLY C 425 -52.80 -19.42 -46.20
N GLY C 426 -52.76 -19.52 -44.87
CA GLY C 426 -53.73 -20.30 -44.13
C GLY C 426 -53.08 -21.21 -43.12
N ARG C 427 -52.39 -22.23 -43.61
CA ARG C 427 -51.74 -23.22 -42.75
C ARG C 427 -51.13 -22.60 -41.50
N ILE C 428 -51.36 -23.24 -40.36
CA ILE C 428 -50.71 -22.84 -39.12
C ILE C 428 -49.52 -23.75 -38.87
N THR C 429 -48.33 -23.16 -38.85
CA THR C 429 -47.08 -23.92 -38.70
C THR C 429 -47.15 -24.95 -37.57
N ASP C 430 -46.63 -26.13 -37.84
CA ASP C 430 -46.59 -27.21 -36.86
C ASP C 430 -45.62 -26.89 -35.72
N PRO C 431 -46.13 -26.89 -34.48
CA PRO C 431 -45.35 -26.63 -33.26
C PRO C 431 -44.02 -27.38 -33.22
N THR C 432 -43.97 -28.60 -33.75
CA THR C 432 -42.71 -29.34 -33.76
C THR C 432 -41.68 -28.61 -34.61
N ILE C 433 -42.13 -27.99 -35.70
CA ILE C 433 -41.25 -27.21 -36.56
C ILE C 433 -40.84 -25.92 -35.87
N ASP C 434 -41.78 -25.32 -35.15
CA ASP C 434 -41.53 -24.05 -34.47
C ASP C 434 -40.54 -24.17 -33.32
N LYS C 435 -40.84 -25.06 -32.37
CA LYS C 435 -39.95 -25.30 -31.24
C LYS C 435 -38.53 -25.62 -31.70
N ARG C 436 -38.44 -26.42 -32.76
CA ARG C 436 -37.16 -26.88 -33.25
C ARG C 436 -36.32 -25.76 -33.86
N MET C 437 -36.98 -24.78 -34.46
CA MET C 437 -36.29 -23.62 -35.02
C MET C 437 -36.01 -22.58 -33.94
N ASP C 438 -36.89 -22.49 -32.96
CA ASP C 438 -36.66 -21.64 -31.81
C ASP C 438 -35.46 -22.17 -31.05
N PHE C 439 -35.35 -23.50 -30.98
CA PHE C 439 -34.22 -24.14 -30.32
C PHE C 439 -32.94 -23.88 -31.09
N HIS C 440 -32.96 -24.18 -32.38
CA HIS C 440 -31.79 -24.03 -33.23
C HIS C 440 -31.29 -22.59 -33.23
N PHE C 441 -32.20 -21.66 -33.49
CA PHE C 441 -31.88 -20.24 -33.45
C PHE C 441 -31.21 -19.86 -32.12
N ASN C 442 -31.77 -20.37 -31.03
CA ASN C 442 -31.20 -20.13 -29.71
C ASN C 442 -29.82 -20.73 -29.55
N ALA C 443 -29.59 -21.88 -30.16
CA ALA C 443 -28.28 -22.53 -30.11
C ALA C 443 -27.26 -21.74 -30.92
N LEU C 444 -27.73 -21.10 -31.99
CA LEU C 444 -26.88 -20.27 -32.83
C LEU C 444 -26.36 -19.09 -32.01
N LEU C 445 -27.22 -18.56 -31.16
CA LEU C 445 -26.84 -17.49 -30.26
C LEU C 445 -25.89 -18.02 -29.20
N ASP C 446 -26.13 -19.26 -28.77
CA ASP C 446 -25.26 -19.91 -27.79
C ASP C 446 -23.83 -19.95 -28.28
N VAL C 447 -23.64 -20.39 -29.53
CA VAL C 447 -22.30 -20.49 -30.10
C VAL C 447 -21.70 -19.11 -30.34
N VAL C 448 -22.57 -18.14 -30.63
CA VAL C 448 -22.13 -16.75 -30.69
C VAL C 448 -21.68 -16.30 -29.30
N SER C 449 -22.48 -16.65 -28.30
CA SER C 449 -22.20 -16.27 -26.91
C SER C 449 -20.82 -16.75 -26.44
N GLU C 450 -20.38 -17.87 -26.99
CA GLU C 450 -19.09 -18.43 -26.63
C GLU C 450 -17.96 -17.84 -27.49
N TRP C 451 -18.23 -17.69 -28.79
CA TRP C 451 -17.27 -17.10 -29.71
C TRP C 451 -16.81 -15.72 -29.24
N ARG C 452 -17.72 -14.98 -28.63
CA ARG C 452 -17.46 -13.59 -28.23
C ARG C 452 -16.51 -13.49 -27.05
N LYS C 453 -16.49 -14.54 -26.22
CA LYS C 453 -15.67 -14.52 -25.02
C LYS C 453 -14.20 -14.26 -25.34
N ASP C 454 -13.59 -13.34 -24.57
CA ASP C 454 -12.20 -12.97 -24.72
C ASP C 454 -11.93 -12.02 -25.89
N LYS C 455 -12.85 -11.97 -26.84
CA LYS C 455 -12.71 -11.08 -27.99
C LYS C 455 -12.72 -9.61 -27.56
N THR C 456 -11.81 -8.82 -28.13
CA THR C 456 -11.75 -7.39 -27.86
C THR C 456 -12.70 -6.64 -28.79
N GLN C 457 -12.78 -5.32 -28.62
CA GLN C 457 -13.66 -4.50 -29.46
C GLN C 457 -13.24 -4.55 -30.92
N LEU C 458 -11.93 -4.58 -31.15
CA LEU C 458 -11.38 -4.55 -32.50
C LEU C 458 -11.62 -5.88 -33.22
N GLN C 459 -11.97 -6.91 -32.46
CA GLN C 459 -12.22 -8.23 -33.03
C GLN C 459 -13.70 -8.48 -33.25
N ASP C 460 -14.48 -7.40 -33.28
CA ASP C 460 -15.93 -7.53 -33.31
C ASP C 460 -16.46 -7.70 -34.73
N VAL C 461 -17.53 -8.50 -34.86
CA VAL C 461 -18.16 -8.72 -36.15
C VAL C 461 -19.66 -8.50 -36.03
N PRO C 462 -20.31 -8.16 -37.14
CA PRO C 462 -21.77 -8.04 -37.12
C PRO C 462 -22.40 -9.32 -36.61
N LEU C 463 -23.34 -9.20 -35.69
CA LEU C 463 -24.08 -10.36 -35.18
C LEU C 463 -24.66 -11.18 -36.32
N GLY C 464 -25.29 -10.52 -37.27
CA GLY C 464 -25.94 -11.20 -38.38
C GLY C 464 -24.97 -11.95 -39.26
N GLU C 465 -23.80 -11.38 -39.46
CA GLU C 465 -22.74 -12.01 -40.24
C GLU C 465 -22.21 -13.24 -39.51
N LYS C 466 -22.24 -13.19 -38.19
CA LYS C 466 -21.76 -14.30 -37.38
C LYS C 466 -22.81 -15.41 -37.28
N ILE C 467 -24.07 -15.03 -37.16
CA ILE C 467 -25.16 -16.00 -37.11
C ILE C 467 -25.22 -16.81 -38.40
N GLU C 468 -24.98 -16.15 -39.54
CA GLU C 468 -24.96 -16.82 -40.84
C GLU C 468 -23.78 -17.79 -40.92
N GLU C 469 -22.59 -17.30 -40.61
CA GLU C 469 -21.38 -18.10 -40.62
C GLU C 469 -21.59 -19.42 -39.88
N ILE C 470 -22.13 -19.33 -38.67
CA ILE C 470 -22.34 -20.51 -37.84
C ILE C 470 -23.46 -21.37 -38.39
N TYR C 471 -24.54 -20.73 -38.83
CA TYR C 471 -25.68 -21.44 -39.38
C TYR C 471 -25.31 -22.26 -40.61
N LYS C 472 -24.44 -21.71 -41.46
CA LYS C 472 -23.94 -22.41 -42.63
C LYS C 472 -23.01 -23.54 -42.23
N ALA C 473 -22.09 -23.23 -41.31
CA ALA C 473 -21.10 -24.20 -40.87
C ALA C 473 -21.73 -25.47 -40.29
N PHE C 474 -22.95 -25.35 -39.78
CA PHE C 474 -23.65 -26.52 -39.26
C PHE C 474 -24.11 -27.43 -40.38
N ILE C 475 -24.89 -26.88 -41.31
CA ILE C 475 -25.38 -27.65 -42.44
C ILE C 475 -24.23 -28.47 -43.04
N LYS C 476 -23.11 -27.80 -43.25
CA LYS C 476 -21.91 -28.45 -43.77
C LYS C 476 -21.54 -29.69 -42.95
N GLU C 477 -21.09 -29.46 -41.72
CA GLU C 477 -20.59 -30.55 -40.87
C GLU C 477 -21.65 -31.56 -40.44
N SER C 478 -22.92 -31.23 -40.60
CA SER C 478 -23.99 -32.17 -40.27
C SER C 478 -24.30 -33.05 -41.46
N GLY C 479 -24.70 -32.43 -42.56
CA GLY C 479 -25.04 -33.15 -43.77
C GLY C 479 -26.45 -32.82 -44.22
N ILE C 480 -27.40 -32.97 -43.31
CA ILE C 480 -28.81 -32.69 -43.60
C ILE C 480 -29.06 -31.18 -43.56
N GLN C 481 -30.05 -30.73 -44.34
CA GLN C 481 -30.40 -29.31 -44.37
C GLN C 481 -31.88 -29.07 -44.16
N PHE C 482 -32.29 -27.80 -44.20
CA PHE C 482 -33.66 -27.43 -43.83
C PHE C 482 -34.59 -27.34 -45.02
N SER C 483 -35.87 -27.59 -44.77
CA SER C 483 -36.90 -27.42 -45.79
C SER C 483 -37.18 -25.94 -45.97
N GLU C 484 -37.93 -25.59 -47.01
CA GLU C 484 -38.26 -24.19 -47.23
C GLU C 484 -38.93 -23.60 -46.00
N LEU C 485 -39.83 -24.38 -45.39
CA LEU C 485 -40.58 -23.91 -44.24
C LEU C 485 -39.67 -23.68 -43.03
N GLU C 486 -38.81 -24.64 -42.74
CA GLU C 486 -37.88 -24.52 -41.63
C GLU C 486 -36.99 -23.28 -41.80
N GLY C 487 -36.56 -23.03 -43.03
CA GLY C 487 -35.75 -21.86 -43.32
C GLY C 487 -36.54 -20.58 -43.13
N GLN C 488 -37.82 -20.64 -43.45
CA GLN C 488 -38.70 -19.47 -43.34
C GLN C 488 -39.02 -19.16 -41.88
N VAL C 489 -39.12 -20.21 -41.07
CA VAL C 489 -39.42 -20.04 -39.66
C VAL C 489 -38.20 -19.53 -38.91
N LEU C 490 -37.02 -19.90 -39.38
CA LEU C 490 -35.78 -19.39 -38.82
C LEU C 490 -35.65 -17.89 -39.14
N GLN C 491 -36.19 -17.50 -40.29
CA GLN C 491 -36.20 -16.10 -40.69
C GLN C 491 -37.13 -15.29 -39.79
N PHE C 492 -38.21 -15.92 -39.33
CA PHE C 492 -39.14 -15.25 -38.41
C PHE C 492 -38.41 -14.84 -37.14
N HIS C 493 -37.60 -15.75 -36.61
CA HIS C 493 -36.87 -15.49 -35.36
C HIS C 493 -35.76 -14.47 -35.57
N LEU C 494 -35.16 -14.46 -36.75
CA LEU C 494 -34.15 -13.45 -37.06
C LEU C 494 -34.78 -12.07 -37.02
N SER C 495 -35.98 -11.94 -37.56
CA SER C 495 -36.68 -10.66 -37.60
C SER C 495 -37.13 -10.28 -36.21
N ASN C 496 -37.41 -11.27 -35.39
CA ASN C 496 -37.85 -11.04 -34.02
C ASN C 496 -36.72 -10.42 -33.21
N LEU C 497 -35.48 -10.72 -33.61
CA LEU C 497 -34.31 -10.16 -32.95
C LEU C 497 -33.93 -8.82 -33.56
N GLU C 498 -34.31 -8.63 -34.83
CA GLU C 498 -34.10 -7.36 -35.51
C GLU C 498 -35.12 -6.34 -35.02
N TYR C 499 -36.29 -6.84 -34.68
CA TYR C 499 -37.33 -6.00 -34.09
C TYR C 499 -36.86 -5.50 -32.74
N ALA C 500 -36.12 -6.33 -32.03
CA ALA C 500 -35.69 -6.03 -30.67
C ALA C 500 -34.51 -5.06 -30.62
N CYS C 501 -33.67 -5.11 -31.64
CA CYS C 501 -32.53 -4.20 -31.71
C CYS C 501 -32.84 -2.96 -32.54
N GLY C 502 -33.95 -3.01 -33.27
CA GLY C 502 -34.36 -1.90 -34.09
C GLY C 502 -33.58 -1.79 -35.38
N SER C 503 -32.72 -2.78 -35.64
CA SER C 503 -31.86 -2.73 -36.82
C SER C 503 -31.72 -4.06 -37.53
N ASN C 504 -31.20 -4.00 -38.75
CA ASN C 504 -30.78 -5.19 -39.46
C ASN C 504 -29.61 -5.79 -38.68
N LEU C 505 -29.58 -7.11 -38.57
CA LEU C 505 -28.55 -7.77 -37.74
C LEU C 505 -27.13 -7.57 -38.25
N HIS C 506 -26.97 -7.06 -39.47
CA HIS C 506 -25.64 -6.87 -40.03
C HIS C 506 -25.03 -5.53 -39.63
N GLN C 507 -25.74 -4.80 -38.76
CA GLN C 507 -25.26 -3.52 -38.28
C GLN C 507 -25.09 -3.50 -36.77
N VAL C 508 -25.47 -4.59 -36.11
CA VAL C 508 -25.36 -4.68 -34.65
C VAL C 508 -24.12 -5.46 -34.19
N SER C 509 -23.70 -5.22 -32.96
CA SER C 509 -22.49 -5.83 -32.41
C SER C 509 -22.71 -7.25 -31.90
N ALA C 510 -21.82 -8.16 -32.28
CA ALA C 510 -21.90 -9.54 -31.82
C ALA C 510 -21.54 -9.63 -30.35
N ARG C 511 -20.56 -8.83 -29.95
CA ARG C 511 -20.03 -8.85 -28.59
C ARG C 511 -20.96 -8.16 -27.59
N SER C 512 -21.72 -7.18 -28.06
CA SER C 512 -22.47 -6.32 -27.15
C SER C 512 -23.97 -6.25 -27.41
N TRP C 513 -24.48 -7.03 -28.35
CA TRP C 513 -25.89 -6.93 -28.70
C TRP C 513 -26.80 -7.07 -27.48
N ASP C 514 -26.37 -7.84 -26.49
CA ASP C 514 -27.16 -8.07 -25.28
C ASP C 514 -26.42 -7.69 -24.01
N HIS C 515 -25.43 -6.80 -24.17
CA HIS C 515 -24.57 -6.35 -23.07
C HIS C 515 -25.31 -6.12 -21.76
N ASN C 516 -26.55 -5.63 -21.85
CA ASN C 516 -27.27 -5.16 -20.67
C ASN C 516 -27.72 -6.28 -19.72
N GLU C 517 -27.66 -7.52 -20.17
CA GLU C 517 -28.11 -8.63 -19.33
C GLU C 517 -27.00 -9.18 -18.44
N PHE C 518 -25.81 -8.61 -18.56
CA PHE C 518 -24.76 -8.81 -17.57
C PHE C 518 -25.33 -8.39 -16.21
N PHE C 519 -26.25 -7.42 -16.25
CA PHE C 519 -26.91 -6.93 -15.05
C PHE C 519 -28.29 -7.56 -14.86
N ALA C 520 -28.87 -7.35 -13.69
CA ALA C 520 -30.19 -7.90 -13.39
C ALA C 520 -31.27 -7.18 -14.19
N GLN C 521 -32.20 -7.94 -14.76
CA GLN C 521 -33.28 -7.36 -15.56
C GLN C 521 -34.62 -7.39 -14.83
N PHE C 522 -35.61 -6.72 -15.41
CA PHE C 522 -36.94 -6.68 -14.81
C PHE C 522 -37.66 -8.00 -15.04
N ALA C 523 -38.03 -8.66 -13.93
CA ALA C 523 -38.70 -9.94 -14.00
C ALA C 523 -40.20 -9.75 -14.06
N GLY C 524 -40.92 -10.86 -14.13
CA GLY C 524 -42.37 -10.83 -14.05
C GLY C 524 -43.05 -10.70 -15.38
N ASP C 525 -44.32 -10.29 -15.34
CA ASP C 525 -45.16 -10.26 -16.52
C ASP C 525 -44.70 -9.26 -17.58
N HIS C 526 -44.99 -9.59 -18.84
CA HIS C 526 -44.91 -8.63 -19.91
C HIS C 526 -46.34 -8.23 -20.23
N THR C 527 -46.63 -6.93 -20.19
CA THR C 527 -48.01 -6.48 -20.27
C THR C 527 -48.25 -5.44 -21.35
N LEU C 528 -49.46 -5.43 -21.88
CA LEU C 528 -49.91 -4.43 -22.84
C LEU C 528 -50.58 -3.31 -22.06
N LEU C 529 -49.92 -2.16 -21.98
CA LEU C 529 -50.43 -1.03 -21.22
C LEU C 529 -51.67 -0.43 -21.88
N THR C 530 -52.82 -1.05 -21.64
CA THR C 530 -54.06 -0.76 -22.36
C THR C 530 -54.44 0.72 -22.45
N PRO C 531 -54.35 1.47 -21.35
CA PRO C 531 -54.70 2.89 -21.43
C PRO C 531 -53.63 3.72 -22.12
N GLY C 532 -52.42 3.17 -22.24
CA GLY C 532 -51.35 3.84 -22.95
C GLY C 532 -50.44 4.67 -22.07
N TYR C 533 -49.17 4.80 -22.47
CA TYR C 533 -48.19 5.55 -21.69
C TYR C 533 -48.52 7.03 -21.61
N SER C 534 -49.39 7.50 -22.50
CA SER C 534 -49.77 8.91 -22.52
C SER C 534 -50.49 9.30 -21.23
N VAL C 535 -51.20 8.36 -20.64
CA VAL C 535 -51.87 8.60 -19.36
C VAL C 535 -50.82 8.93 -18.30
N ILE C 536 -49.74 8.17 -18.30
CA ILE C 536 -48.65 8.40 -17.36
C ILE C 536 -47.89 9.68 -17.69
N ILE C 537 -47.62 9.89 -18.97
CA ILE C 537 -46.84 11.04 -19.41
C ILE C 537 -47.53 12.36 -19.07
N GLU C 538 -48.84 12.44 -19.28
CA GLU C 538 -49.59 13.66 -19.00
C GLU C 538 -49.64 13.96 -17.51
N LYS C 539 -49.69 12.91 -16.70
CA LYS C 539 -49.75 13.06 -15.25
C LYS C 539 -48.46 13.65 -14.70
N LEU C 540 -47.32 13.14 -15.16
CA LEU C 540 -46.04 13.67 -14.77
C LEU C 540 -45.93 15.14 -15.17
N ALA C 541 -46.44 15.47 -16.35
CA ALA C 541 -46.28 16.80 -16.92
C ALA C 541 -47.23 17.82 -16.28
N GLU C 542 -48.30 17.33 -15.69
CA GLU C 542 -49.34 18.17 -15.12
C GLU C 542 -48.80 19.24 -14.15
N GLY C 543 -48.95 20.49 -14.53
CA GLY C 543 -48.60 21.61 -13.67
C GLY C 543 -47.15 22.07 -13.73
N LEU C 544 -46.37 21.48 -14.63
CA LEU C 544 -44.96 21.84 -14.74
C LEU C 544 -44.78 22.98 -15.73
N ASP C 545 -43.70 23.74 -15.57
CA ASP C 545 -43.38 24.80 -16.51
C ASP C 545 -42.81 24.22 -17.79
N ILE C 546 -43.70 23.80 -18.70
CA ILE C 546 -43.28 23.24 -19.98
C ILE C 546 -43.43 24.25 -21.10
N GLN C 547 -42.36 24.43 -21.87
CA GLN C 547 -42.40 25.31 -23.03
C GLN C 547 -42.38 24.51 -24.34
N LEU C 548 -43.49 24.53 -25.06
CA LEU C 548 -43.59 23.81 -26.32
C LEU C 548 -43.02 24.63 -27.47
N LYS C 549 -42.81 23.99 -28.62
CA LYS C 549 -42.24 24.64 -29.79
C LYS C 549 -41.02 25.49 -29.41
N SER C 550 -40.15 24.93 -28.58
CA SER C 550 -38.95 25.64 -28.13
C SER C 550 -37.68 24.85 -28.44
N PRO C 551 -37.43 24.57 -29.72
CA PRO C 551 -36.24 23.77 -30.07
C PRO C 551 -34.96 24.47 -29.63
N VAL C 552 -34.17 23.81 -28.79
CA VAL C 552 -32.91 24.36 -28.33
C VAL C 552 -31.85 24.23 -29.42
N GLN C 553 -31.17 25.34 -29.72
CA GLN C 553 -30.15 25.33 -30.76
C GLN C 553 -28.74 25.40 -30.19
N CYS C 554 -28.60 26.09 -29.07
CA CYS C 554 -27.28 26.31 -28.49
C CYS C 554 -27.29 26.26 -26.96
N ILE C 555 -26.30 25.58 -26.40
CA ILE C 555 -26.11 25.54 -24.96
C ILE C 555 -24.72 26.07 -24.62
N ASP C 556 -24.67 27.25 -24.02
CA ASP C 556 -23.40 27.84 -23.62
C ASP C 556 -23.22 27.71 -22.12
N TYR C 557 -22.30 26.82 -21.72
CA TYR C 557 -21.99 26.63 -20.31
C TYR C 557 -20.55 27.06 -20.03
N SER C 558 -20.16 28.16 -20.68
CA SER C 558 -18.80 28.68 -20.59
C SER C 558 -18.62 29.57 -19.37
N GLY C 559 -19.60 30.45 -19.14
CA GLY C 559 -19.53 31.44 -18.06
C GLY C 559 -20.07 30.97 -16.73
N ASP C 560 -20.38 31.93 -15.86
CA ASP C 560 -20.86 31.64 -14.51
C ASP C 560 -22.00 30.65 -14.52
N GLU C 561 -22.84 30.75 -15.55
CA GLU C 561 -24.12 30.06 -15.58
C GLU C 561 -24.43 29.66 -17.04
N VAL C 562 -25.28 28.66 -17.23
CA VAL C 562 -25.50 28.12 -18.57
C VAL C 562 -26.60 28.85 -19.37
N GLN C 563 -26.26 29.29 -20.57
CA GLN C 563 -27.20 30.01 -21.41
C GLN C 563 -27.75 29.09 -22.49
N VAL C 564 -29.06 28.93 -22.51
CA VAL C 564 -29.74 28.05 -23.45
C VAL C 564 -30.58 28.87 -24.42
N THR C 565 -30.19 28.86 -25.69
CA THR C 565 -30.92 29.60 -26.72
C THR C 565 -31.72 28.67 -27.64
N THR C 566 -32.94 29.07 -27.96
CA THR C 566 -33.79 28.30 -28.87
C THR C 566 -33.63 28.79 -30.30
N THR C 567 -34.27 28.09 -31.24
CA THR C 567 -34.04 28.31 -32.67
C THR C 567 -34.38 29.71 -33.15
N ASP C 568 -35.33 30.39 -32.50
CA ASP C 568 -35.72 31.72 -32.94
C ASP C 568 -34.95 32.84 -32.23
N GLY C 569 -34.30 32.51 -31.12
CA GLY C 569 -33.48 33.47 -30.41
C GLY C 569 -33.84 33.67 -28.95
N THR C 570 -34.84 32.93 -28.47
CA THR C 570 -35.28 33.04 -27.08
C THR C 570 -34.18 32.60 -26.12
N GLY C 571 -33.96 33.39 -25.07
CA GLY C 571 -32.91 33.10 -24.12
C GLY C 571 -33.41 32.64 -22.77
N TYR C 572 -32.95 31.47 -22.35
CA TYR C 572 -33.23 30.94 -21.02
C TYR C 572 -31.91 30.78 -20.27
N SER C 573 -32.00 30.54 -18.98
CA SER C 573 -30.78 30.36 -18.18
C SER C 573 -31.08 29.80 -16.80
N ALA C 574 -30.26 28.83 -16.39
CA ALA C 574 -30.33 28.28 -15.04
C ALA C 574 -28.95 27.78 -14.63
N GLN C 575 -28.82 27.40 -13.38
CA GLN C 575 -27.55 26.92 -12.84
C GLN C 575 -27.17 25.55 -13.40
N LYS C 576 -28.19 24.75 -13.71
CA LYS C 576 -27.97 23.42 -14.27
C LYS C 576 -28.80 23.20 -15.54
N VAL C 577 -28.25 22.42 -16.47
CA VAL C 577 -29.01 22.02 -17.65
C VAL C 577 -28.96 20.50 -17.83
N LEU C 578 -30.12 19.92 -18.14
CA LEU C 578 -30.24 18.48 -18.35
C LEU C 578 -30.81 18.22 -19.73
N VAL C 579 -29.97 17.75 -20.64
CA VAL C 579 -30.43 17.39 -21.98
C VAL C 579 -30.89 15.94 -22.03
N THR C 580 -32.04 15.70 -22.65
CA THR C 580 -32.58 14.35 -22.78
C THR C 580 -32.98 14.04 -24.22
N VAL C 581 -32.35 14.73 -25.17
CA VAL C 581 -32.65 14.50 -26.59
C VAL C 581 -32.27 13.10 -27.02
N PRO C 582 -32.98 12.55 -28.02
CA PRO C 582 -32.74 11.23 -28.59
C PRO C 582 -31.29 11.04 -29.04
N LEU C 583 -30.83 9.80 -29.08
CA LEU C 583 -29.46 9.49 -29.53
C LEU C 583 -29.17 10.06 -30.92
N ALA C 584 -30.13 9.92 -31.83
CA ALA C 584 -29.98 10.42 -33.19
C ALA C 584 -29.66 11.92 -33.24
N LEU C 585 -30.43 12.71 -32.49
CA LEU C 585 -30.24 14.15 -32.47
C LEU C 585 -28.89 14.59 -31.86
N LEU C 586 -28.31 13.75 -31.01
CA LEU C 586 -26.99 14.04 -30.45
C LEU C 586 -25.92 13.73 -31.48
N GLN C 587 -26.19 12.73 -32.30
CA GLN C 587 -25.29 12.36 -33.38
C GLN C 587 -25.34 13.41 -34.47
N LYS C 588 -26.55 13.90 -34.74
CA LYS C 588 -26.75 14.93 -35.77
C LYS C 588 -26.13 16.26 -35.34
N GLY C 589 -25.95 16.43 -34.04
CA GLY C 589 -25.39 17.66 -33.51
C GLY C 589 -26.33 18.85 -33.67
N ALA C 590 -27.62 18.59 -33.50
CA ALA C 590 -28.64 19.62 -33.66
C ALA C 590 -28.51 20.72 -32.62
N ILE C 591 -27.81 20.41 -31.53
CA ILE C 591 -27.56 21.38 -30.48
C ILE C 591 -26.08 21.72 -30.37
N GLN C 592 -25.77 23.01 -30.49
CA GLN C 592 -24.38 23.47 -30.41
C GLN C 592 -23.94 23.58 -28.96
N PHE C 593 -22.77 23.03 -28.64
CA PHE C 593 -22.26 23.08 -27.29
C PHE C 593 -21.00 23.95 -27.22
N ASN C 594 -20.98 24.88 -26.28
CA ASN C 594 -19.79 25.67 -26.00
C ASN C 594 -19.47 25.68 -24.51
N PRO C 595 -18.39 24.99 -24.11
CA PRO C 595 -17.46 24.29 -25.00
C PRO C 595 -18.09 23.06 -25.66
N PRO C 596 -17.53 22.61 -26.78
CA PRO C 596 -17.97 21.41 -27.49
C PRO C 596 -17.79 20.17 -26.63
N LEU C 597 -18.62 19.17 -26.86
CA LEU C 597 -18.51 17.91 -26.14
C LEU C 597 -17.15 17.26 -26.39
N SER C 598 -16.59 16.65 -25.34
CA SER C 598 -15.30 15.97 -25.45
C SER C 598 -15.27 14.94 -26.57
N GLU C 599 -14.12 14.80 -27.21
CA GLU C 599 -13.92 13.82 -28.27
C GLU C 599 -14.31 12.40 -27.81
N LYS C 600 -14.33 12.21 -26.49
CA LYS C 600 -14.75 10.94 -25.92
C LYS C 600 -16.26 10.74 -26.07
N LYS C 601 -17.03 11.65 -25.49
CA LYS C 601 -18.48 11.58 -25.57
C LYS C 601 -18.98 11.38 -26.98
N MET C 602 -18.49 12.19 -27.91
CA MET C 602 -18.87 12.06 -29.31
C MET C 602 -18.56 10.66 -29.83
N LYS C 603 -17.41 10.12 -29.44
CA LYS C 603 -17.05 8.77 -29.88
C LYS C 603 -18.02 7.75 -29.33
N ALA C 604 -18.47 7.95 -28.09
CA ALA C 604 -19.43 7.06 -27.45
C ALA C 604 -20.82 7.21 -28.05
N ILE C 605 -21.17 8.44 -28.40
CA ILE C 605 -22.47 8.72 -29.01
C ILE C 605 -22.56 8.08 -30.39
N ASN C 606 -21.45 8.08 -31.12
CA ASN C 606 -21.41 7.50 -32.45
C ASN C 606 -21.14 6.00 -32.42
N SER C 607 -20.81 5.48 -31.24
CA SER C 607 -20.57 4.05 -31.09
C SER C 607 -21.88 3.27 -30.98
N LEU C 608 -22.93 3.93 -30.50
CA LEU C 608 -24.26 3.34 -30.47
C LEU C 608 -24.97 3.58 -31.80
N GLY C 609 -26.15 3.00 -31.95
CA GLY C 609 -26.90 3.15 -33.18
C GLY C 609 -28.34 3.53 -32.94
N ALA C 610 -28.87 4.38 -33.81
CA ALA C 610 -30.27 4.78 -33.73
C ALA C 610 -31.17 3.76 -34.40
N GLY C 611 -31.55 2.73 -33.64
CA GLY C 611 -32.44 1.71 -34.15
C GLY C 611 -33.78 2.32 -34.51
N ILE C 612 -34.48 1.71 -35.45
CA ILE C 612 -35.76 2.23 -35.90
C ILE C 612 -36.73 1.12 -36.30
N ILE C 613 -37.96 1.24 -35.84
CA ILE C 613 -39.06 0.43 -36.33
C ILE C 613 -40.24 1.34 -36.56
N GLU C 614 -41.26 0.84 -37.24
CA GLU C 614 -42.47 1.62 -37.47
C GLU C 614 -43.69 0.77 -37.15
N LYS C 615 -44.78 1.43 -36.76
CA LYS C 615 -46.01 0.73 -36.45
C LYS C 615 -47.12 1.07 -37.43
N ILE C 616 -47.97 0.09 -37.69
CA ILE C 616 -49.19 0.31 -38.45
C ILE C 616 -50.39 -0.25 -37.68
N ALA C 617 -51.47 0.51 -37.63
CA ALA C 617 -52.66 0.09 -36.92
C ALA C 617 -53.87 0.12 -37.83
N LEU C 618 -54.69 -0.93 -37.75
CA LEU C 618 -55.86 -1.04 -38.61
C LEU C 618 -57.12 -1.35 -37.80
N GLN C 619 -58.19 -0.62 -38.08
CA GLN C 619 -59.49 -0.89 -37.48
C GLN C 619 -60.42 -1.56 -38.49
N PHE C 620 -61.19 -2.54 -38.03
CA PHE C 620 -62.07 -3.27 -38.92
C PHE C 620 -63.53 -3.25 -38.45
N PRO C 621 -64.46 -3.66 -39.33
CA PRO C 621 -65.88 -3.77 -39.00
C PRO C 621 -66.16 -4.92 -38.03
N TYR C 622 -65.24 -5.88 -37.95
CA TYR C 622 -65.40 -7.00 -37.03
C TYR C 622 -64.12 -7.84 -36.91
N ARG C 623 -64.00 -8.54 -35.79
CA ARG C 623 -62.84 -9.38 -35.53
C ARG C 623 -62.86 -10.63 -36.41
N PHE C 624 -62.23 -10.55 -37.58
CA PHE C 624 -62.26 -11.65 -38.53
C PHE C 624 -61.30 -12.78 -38.19
N TRP C 625 -60.37 -12.52 -37.27
CA TRP C 625 -59.33 -13.50 -36.93
C TRP C 625 -59.74 -14.46 -35.83
N ASP C 626 -60.84 -14.15 -35.14
CA ASP C 626 -61.25 -14.94 -33.98
C ASP C 626 -61.27 -16.44 -34.23
N SER C 627 -61.88 -16.87 -35.34
CA SER C 627 -61.96 -18.29 -35.65
C SER C 627 -60.61 -18.99 -35.57
N LYS C 628 -59.62 -18.43 -36.25
CA LYS C 628 -58.31 -19.06 -36.34
C LYS C 628 -57.39 -18.77 -35.15
N VAL C 629 -57.39 -17.52 -34.69
CA VAL C 629 -56.48 -17.11 -33.62
C VAL C 629 -56.95 -17.57 -32.24
N GLN C 630 -58.26 -17.53 -32.02
CA GLN C 630 -58.85 -18.04 -30.78
C GLN C 630 -58.42 -17.27 -29.53
N GLY C 631 -58.53 -15.95 -29.58
CA GLY C 631 -58.28 -15.13 -28.41
C GLY C 631 -56.81 -14.96 -28.03
N ALA C 632 -55.91 -15.37 -28.92
CA ALA C 632 -54.49 -15.16 -28.68
C ALA C 632 -54.17 -13.69 -28.84
N ASP C 633 -53.26 -13.18 -28.00
CA ASP C 633 -52.95 -11.76 -28.00
C ASP C 633 -52.16 -11.31 -29.22
N PHE C 634 -51.71 -12.27 -30.03
CA PHE C 634 -50.98 -11.96 -31.25
C PHE C 634 -50.62 -13.21 -32.06
N PHE C 635 -50.60 -13.06 -33.39
CA PHE C 635 -50.15 -14.13 -34.27
C PHE C 635 -48.94 -13.70 -35.10
N GLY C 636 -48.26 -14.67 -35.70
CA GLY C 636 -47.05 -14.40 -36.45
C GLY C 636 -47.24 -14.47 -37.96
N HIS C 637 -46.21 -14.07 -38.69
CA HIS C 637 -46.25 -14.04 -40.15
C HIS C 637 -44.94 -14.58 -40.71
N VAL C 638 -44.98 -15.79 -41.25
CA VAL C 638 -43.79 -16.43 -41.78
C VAL C 638 -43.38 -15.80 -43.11
N PRO C 639 -42.17 -15.23 -43.17
CA PRO C 639 -41.63 -14.55 -44.34
C PRO C 639 -41.44 -15.48 -45.53
N PRO C 640 -42.03 -15.14 -46.69
CA PRO C 640 -41.85 -15.93 -47.91
C PRO C 640 -40.39 -15.96 -48.33
N SER C 641 -39.69 -14.85 -48.10
CA SER C 641 -38.27 -14.74 -48.42
C SER C 641 -37.55 -13.94 -47.35
N ALA C 642 -36.21 -14.00 -47.35
CA ALA C 642 -35.42 -13.36 -46.32
C ALA C 642 -35.61 -11.84 -46.28
N SER C 643 -35.66 -11.22 -47.46
CA SER C 643 -35.80 -9.77 -47.56
C SER C 643 -37.07 -9.29 -46.85
N LYS C 644 -38.19 -9.92 -47.15
CA LYS C 644 -39.49 -9.50 -46.62
C LYS C 644 -39.71 -9.89 -45.15
N ARG C 645 -38.64 -10.15 -44.42
CA ARG C 645 -38.77 -10.71 -43.08
C ARG C 645 -39.15 -9.68 -42.01
N GLY C 646 -39.00 -8.41 -42.34
CA GLY C 646 -39.30 -7.35 -41.40
C GLY C 646 -40.76 -6.93 -41.48
N LEU C 647 -41.36 -7.09 -42.65
CA LEU C 647 -42.72 -6.64 -42.90
C LEU C 647 -43.78 -7.39 -42.10
N PHE C 648 -44.37 -6.69 -41.14
CA PHE C 648 -45.47 -7.20 -40.34
C PHE C 648 -45.25 -8.63 -39.87
N ALA C 649 -44.15 -8.86 -39.15
CA ALA C 649 -43.82 -10.17 -38.64
C ALA C 649 -44.81 -10.60 -37.55
N VAL C 650 -45.26 -9.64 -36.76
CA VAL C 650 -46.20 -9.90 -35.68
C VAL C 650 -47.42 -8.99 -35.75
N PHE C 651 -48.60 -9.55 -35.55
CA PHE C 651 -49.83 -8.77 -35.48
C PHE C 651 -50.43 -8.86 -34.08
N TYR C 652 -50.73 -7.70 -33.49
CA TYR C 652 -51.24 -7.64 -32.12
C TYR C 652 -52.76 -7.40 -32.09
N ASP C 653 -53.45 -8.21 -31.30
CA ASP C 653 -54.86 -7.99 -31.01
C ASP C 653 -54.96 -6.90 -29.96
N MET C 654 -55.34 -5.69 -30.37
CA MET C 654 -55.25 -4.53 -29.48
C MET C 654 -56.41 -4.38 -28.48
N ASP C 655 -57.20 -5.42 -28.32
CA ASP C 655 -58.30 -5.39 -27.35
C ASP C 655 -58.29 -6.63 -26.48
N PRO C 656 -57.72 -6.52 -25.26
CA PRO C 656 -57.66 -7.63 -24.30
C PRO C 656 -59.04 -8.19 -23.97
N GLN C 657 -60.06 -7.32 -24.04
CA GLN C 657 -61.43 -7.73 -23.79
C GLN C 657 -61.99 -8.53 -24.96
N LYS C 658 -61.44 -8.30 -26.15
CA LYS C 658 -61.86 -8.99 -27.36
C LYS C 658 -63.25 -8.57 -27.83
N LYS C 659 -63.61 -7.32 -27.59
CA LYS C 659 -64.89 -6.79 -28.04
C LYS C 659 -64.73 -5.98 -29.33
N HIS C 660 -63.70 -5.14 -29.38
CA HIS C 660 -63.43 -4.34 -30.57
C HIS C 660 -62.44 -5.04 -31.51
N SER C 661 -62.31 -4.49 -32.72
CA SER C 661 -61.48 -5.11 -33.75
C SER C 661 -60.41 -4.16 -34.26
N VAL C 662 -59.28 -4.10 -33.57
CA VAL C 662 -58.14 -3.33 -34.04
C VAL C 662 -56.89 -4.19 -34.05
N LEU C 663 -56.10 -4.07 -35.11
CA LEU C 663 -54.85 -4.80 -35.23
C LEU C 663 -53.67 -3.84 -35.34
N MET C 664 -52.61 -4.12 -34.61
CA MET C 664 -51.39 -3.34 -34.72
C MET C 664 -50.27 -4.26 -35.18
N SER C 665 -49.36 -3.73 -36.00
CA SER C 665 -48.23 -4.51 -36.45
C SER C 665 -46.97 -3.67 -36.55
N VAL C 666 -45.85 -4.32 -36.86
CA VAL C 666 -44.56 -3.66 -36.81
C VAL C 666 -43.70 -3.89 -38.06
N ILE C 667 -43.01 -2.84 -38.48
CA ILE C 667 -42.06 -2.91 -39.59
C ILE C 667 -40.65 -2.78 -39.05
N ALA C 668 -39.86 -3.84 -39.19
CA ALA C 668 -38.53 -3.85 -38.60
C ALA C 668 -37.44 -4.20 -39.60
N GLY C 669 -36.19 -4.15 -39.15
CA GLY C 669 -35.05 -4.59 -39.92
C GLY C 669 -34.94 -3.98 -41.30
N GLU C 670 -34.89 -4.84 -42.32
CA GLU C 670 -34.68 -4.41 -43.70
C GLU C 670 -35.94 -3.77 -44.27
N ALA C 671 -37.07 -4.04 -43.63
CA ALA C 671 -38.37 -3.59 -44.14
C ALA C 671 -38.61 -2.09 -43.99
N VAL C 672 -38.16 -1.51 -42.88
CA VAL C 672 -38.32 -0.08 -42.65
C VAL C 672 -37.65 0.73 -43.75
N ALA C 673 -36.53 0.21 -44.26
CA ALA C 673 -35.83 0.84 -45.38
C ALA C 673 -36.70 0.85 -46.63
N SER C 674 -37.33 -0.28 -46.91
CA SER C 674 -38.12 -0.43 -48.13
C SER C 674 -39.56 0.02 -47.93
N VAL C 675 -39.77 0.94 -47.00
CA VAL C 675 -41.12 1.45 -46.72
C VAL C 675 -41.12 2.98 -46.65
N ARG C 676 -39.93 3.57 -46.67
CA ARG C 676 -39.80 5.02 -46.57
C ARG C 676 -40.01 5.67 -47.91
N THR C 677 -40.03 4.86 -48.96
CA THR C 677 -40.30 5.34 -50.31
C THR C 677 -41.80 5.22 -50.64
N LEU C 678 -42.51 4.46 -49.81
CA LEU C 678 -43.96 4.31 -49.97
C LEU C 678 -44.68 5.41 -49.20
N ASP C 679 -45.91 5.70 -49.59
CA ASP C 679 -46.74 6.62 -48.82
C ASP C 679 -47.70 5.80 -47.96
N ASP C 680 -48.47 6.48 -47.12
CA ASP C 680 -49.38 5.80 -46.21
C ASP C 680 -50.29 4.80 -46.93
N LYS C 681 -51.00 5.28 -47.94
CA LYS C 681 -51.91 4.45 -48.72
C LYS C 681 -51.27 3.15 -49.19
N GLN C 682 -49.98 3.21 -49.53
CA GLN C 682 -49.28 2.04 -50.08
C GLN C 682 -48.88 1.03 -49.00
N VAL C 683 -48.37 1.51 -47.88
CA VAL C 683 -48.01 0.62 -46.77
C VAL C 683 -49.25 -0.13 -46.29
N LEU C 684 -50.39 0.53 -46.31
CA LEU C 684 -51.65 -0.08 -45.91
C LEU C 684 -52.04 -1.21 -46.85
N GLN C 685 -51.74 -1.05 -48.14
CA GLN C 685 -52.04 -2.08 -49.13
C GLN C 685 -51.18 -3.32 -48.94
N GLN C 686 -49.87 -3.12 -48.81
CA GLN C 686 -48.96 -4.23 -48.56
C GLN C 686 -49.37 -4.98 -47.31
N CYS C 687 -50.07 -4.29 -46.41
CA CYS C 687 -50.49 -4.91 -45.16
C CYS C 687 -51.77 -5.71 -45.34
N MET C 688 -52.70 -5.17 -46.13
CA MET C 688 -53.93 -5.88 -46.44
C MET C 688 -53.63 -7.15 -47.23
N ALA C 689 -52.70 -7.02 -48.17
CA ALA C 689 -52.25 -8.17 -48.95
C ALA C 689 -51.81 -9.29 -48.02
N THR C 690 -50.99 -8.95 -47.03
CA THR C 690 -50.47 -9.91 -46.08
C THR C 690 -51.58 -10.59 -45.30
N LEU C 691 -52.57 -9.80 -44.87
CA LEU C 691 -53.65 -10.32 -44.04
C LEU C 691 -54.56 -11.29 -44.79
N ARG C 692 -54.88 -10.94 -46.05
CA ARG C 692 -55.75 -11.78 -46.85
C ARG C 692 -55.03 -13.09 -47.20
N GLU C 693 -53.70 -13.04 -47.17
CA GLU C 693 -52.87 -14.23 -47.30
C GLU C 693 -52.99 -15.08 -46.04
N LEU C 694 -52.51 -14.55 -44.92
CA LEU C 694 -52.60 -15.23 -43.64
C LEU C 694 -54.00 -15.77 -43.39
N PHE C 695 -55.00 -15.06 -43.92
CA PHE C 695 -56.38 -15.51 -43.84
C PHE C 695 -56.95 -15.75 -45.24
N LYS C 696 -56.39 -16.74 -45.92
CA LYS C 696 -56.76 -17.05 -47.30
C LYS C 696 -58.10 -17.76 -47.37
N GLU C 697 -58.35 -18.64 -46.40
CA GLU C 697 -59.55 -19.48 -46.40
C GLU C 697 -60.84 -18.69 -46.11
N GLN C 698 -60.74 -17.36 -46.16
CA GLN C 698 -61.89 -16.53 -45.80
C GLN C 698 -61.74 -15.09 -46.28
N GLU C 699 -62.84 -14.35 -46.21
CA GLU C 699 -62.85 -12.94 -46.54
C GLU C 699 -62.34 -12.12 -45.36
N VAL C 700 -61.57 -11.09 -45.66
CA VAL C 700 -61.22 -10.11 -44.63
C VAL C 700 -61.76 -8.75 -45.05
N PRO C 701 -62.42 -8.05 -44.12
CA PRO C 701 -63.07 -6.77 -44.41
C PRO C 701 -62.06 -5.69 -44.75
N ASP C 702 -62.52 -4.62 -45.39
CA ASP C 702 -61.66 -3.47 -45.64
C ASP C 702 -61.57 -2.60 -44.40
N PRO C 703 -60.34 -2.17 -44.05
CA PRO C 703 -60.09 -1.32 -42.88
C PRO C 703 -60.86 0.01 -42.96
N THR C 704 -61.44 0.43 -41.85
CA THR C 704 -62.24 1.65 -41.80
C THR C 704 -61.42 2.82 -41.26
N LYS C 705 -60.24 2.52 -40.75
CA LYS C 705 -59.36 3.54 -40.18
C LYS C 705 -57.99 2.94 -39.93
N TYR C 706 -56.96 3.78 -40.00
CA TYR C 706 -55.60 3.29 -39.82
C TYR C 706 -54.61 4.44 -39.68
N PHE C 707 -53.40 4.11 -39.23
CA PHE C 707 -52.30 5.07 -39.25
C PHE C 707 -50.98 4.35 -39.50
N VAL C 708 -50.06 5.05 -40.16
CA VAL C 708 -48.73 4.51 -40.39
C VAL C 708 -47.71 5.49 -39.84
N THR C 709 -46.76 4.99 -39.06
CA THR C 709 -45.81 5.85 -38.37
C THR C 709 -44.63 6.27 -39.25
N ARG C 710 -44.05 7.42 -38.91
CA ARG C 710 -42.92 7.94 -39.66
C ARG C 710 -41.86 8.46 -38.68
N TRP C 711 -41.60 7.70 -37.64
CA TRP C 711 -40.60 8.09 -36.65
C TRP C 711 -39.26 8.35 -37.32
N SER C 712 -38.92 7.51 -38.29
CA SER C 712 -37.60 7.59 -38.92
C SER C 712 -37.32 8.98 -39.47
N THR C 713 -38.37 9.69 -39.86
CA THR C 713 -38.22 11.02 -40.48
C THR C 713 -38.83 12.15 -39.65
N ASP C 714 -39.19 11.86 -38.40
CA ASP C 714 -39.65 12.89 -37.49
C ASP C 714 -38.45 13.75 -37.08
N PRO C 715 -38.40 14.99 -37.57
CA PRO C 715 -37.24 15.89 -37.48
C PRO C 715 -36.60 15.95 -36.11
N TRP C 716 -37.37 15.74 -35.04
CA TRP C 716 -36.86 15.89 -33.69
C TRP C 716 -36.66 14.57 -32.94
N ILE C 717 -36.86 13.46 -33.63
CA ILE C 717 -36.67 12.16 -33.02
C ILE C 717 -35.80 11.27 -33.91
N GLN C 718 -36.31 10.92 -35.08
CA GLN C 718 -35.52 10.20 -36.07
C GLN C 718 -35.03 8.84 -35.57
N MET C 719 -35.83 8.18 -34.76
CA MET C 719 -35.48 6.85 -34.27
C MET C 719 -36.56 6.21 -33.41
N ALA C 720 -36.30 4.99 -32.97
CA ALA C 720 -37.19 4.27 -32.07
C ALA C 720 -36.49 3.98 -30.74
N TYR C 721 -35.31 3.39 -30.82
CA TYR C 721 -34.49 3.14 -29.65
C TYR C 721 -33.08 2.70 -30.03
N SER C 722 -32.15 2.89 -29.11
CA SER C 722 -30.73 2.65 -29.39
C SER C 722 -30.37 1.17 -29.42
N PHE C 723 -29.17 0.88 -29.91
CA PHE C 723 -28.58 -0.46 -29.84
C PHE C 723 -27.08 -0.30 -30.04
N VAL C 724 -26.32 -1.33 -29.72
CA VAL C 724 -24.87 -1.25 -29.88
C VAL C 724 -24.43 -1.64 -31.29
N LYS C 725 -23.79 -0.71 -31.98
CA LYS C 725 -23.26 -0.97 -33.30
C LYS C 725 -21.99 -1.82 -33.22
N THR C 726 -21.68 -2.54 -34.29
CA THR C 726 -20.47 -3.35 -34.34
C THR C 726 -19.25 -2.53 -34.02
N GLY C 727 -18.44 -3.04 -33.10
CA GLY C 727 -17.25 -2.33 -32.65
C GLY C 727 -17.53 -1.50 -31.41
N GLY C 728 -18.81 -1.34 -31.10
CA GLY C 728 -19.23 -0.57 -29.95
C GLY C 728 -19.14 -1.34 -28.64
N SER C 729 -19.56 -0.68 -27.57
CA SER C 729 -19.53 -1.27 -26.24
C SER C 729 -20.71 -0.74 -25.43
N GLY C 730 -21.18 -1.52 -24.47
CA GLY C 730 -22.29 -1.11 -23.64
C GLY C 730 -21.89 0.03 -22.72
N GLU C 731 -20.59 0.13 -22.47
CA GLU C 731 -20.02 1.16 -21.63
C GLU C 731 -20.40 2.53 -22.16
N ALA C 732 -20.62 2.64 -23.47
CA ALA C 732 -21.00 3.90 -24.11
C ALA C 732 -22.16 4.60 -23.40
N TYR C 733 -23.14 3.82 -22.96
CA TYR C 733 -24.29 4.36 -22.24
C TYR C 733 -23.84 5.14 -21.01
N ASP C 734 -22.83 4.62 -20.32
CA ASP C 734 -22.32 5.24 -19.10
C ASP C 734 -21.44 6.46 -19.37
N ILE C 735 -20.89 6.55 -20.58
CA ILE C 735 -20.06 7.69 -20.94
C ILE C 735 -20.94 8.86 -21.35
N ILE C 736 -22.03 8.56 -22.04
CA ILE C 736 -23.00 9.57 -22.43
C ILE C 736 -23.70 10.14 -21.20
N ALA C 737 -23.72 9.36 -20.14
CA ALA C 737 -24.39 9.76 -18.90
C ALA C 737 -23.48 10.55 -17.98
N GLU C 738 -22.19 10.62 -18.31
CA GLU C 738 -21.26 11.44 -17.56
C GLU C 738 -21.71 12.89 -17.60
N ASP C 739 -21.68 13.57 -16.46
CA ASP C 739 -22.03 14.98 -16.43
C ASP C 739 -20.79 15.83 -16.74
N ILE C 740 -21.01 16.99 -17.33
CA ILE C 740 -19.92 17.91 -17.67
C ILE C 740 -19.77 19.00 -16.62
N GLN C 741 -18.65 18.97 -15.89
CA GLN C 741 -18.36 20.00 -14.89
C GLN C 741 -19.51 20.17 -13.91
N GLY C 742 -20.27 19.10 -13.68
CA GLY C 742 -21.40 19.13 -12.78
C GLY C 742 -22.44 20.16 -13.18
N THR C 743 -22.34 20.66 -14.40
CA THR C 743 -23.22 21.71 -14.89
C THR C 743 -24.19 21.19 -15.96
N VAL C 744 -23.67 20.42 -16.91
CA VAL C 744 -24.51 19.84 -17.96
C VAL C 744 -24.73 18.34 -17.72
N PHE C 745 -26.00 17.94 -17.65
CA PHE C 745 -26.34 16.54 -17.39
C PHE C 745 -27.07 15.91 -18.59
N PHE C 746 -27.00 14.59 -18.67
CA PHE C 746 -27.63 13.86 -19.77
C PHE C 746 -28.54 12.74 -19.25
N ALA C 747 -29.67 12.55 -19.94
CA ALA C 747 -30.58 11.45 -19.61
C ALA C 747 -31.15 10.87 -20.90
N GLY C 748 -32.23 10.10 -20.78
CA GLY C 748 -32.82 9.45 -21.93
C GLY C 748 -32.51 7.97 -21.95
N GLU C 749 -33.21 7.21 -22.79
CA GLU C 749 -33.00 5.78 -22.86
C GLU C 749 -31.57 5.46 -23.29
N ALA C 750 -31.00 6.29 -24.15
CA ALA C 750 -29.67 6.05 -24.69
C ALA C 750 -28.56 6.36 -23.69
N THR C 751 -28.93 6.43 -22.41
CA THR C 751 -27.95 6.70 -21.36
C THR C 751 -28.10 5.73 -20.19
N ASN C 752 -29.06 4.82 -20.32
CA ASN C 752 -29.33 3.83 -19.28
C ASN C 752 -28.74 2.47 -19.63
N ARG C 753 -27.52 2.24 -19.15
CA ARG C 753 -26.77 1.03 -19.49
C ARG C 753 -27.51 -0.24 -19.03
N HIS C 754 -28.06 -0.21 -17.83
CA HIS C 754 -28.74 -1.37 -17.27
C HIS C 754 -30.00 -1.72 -18.05
N PHE C 755 -30.83 -0.72 -18.32
CA PHE C 755 -32.08 -0.92 -19.01
C PHE C 755 -32.24 0.11 -20.11
N PRO C 756 -31.61 -0.13 -21.27
CA PRO C 756 -31.73 0.79 -22.41
C PRO C 756 -33.01 0.54 -23.19
N GLN C 757 -33.36 1.46 -24.08
CA GLN C 757 -34.47 1.26 -25.03
C GLN C 757 -35.87 1.57 -24.49
N THR C 758 -36.14 1.18 -23.25
CA THR C 758 -37.50 1.23 -22.75
C THR C 758 -37.89 2.57 -22.12
N VAL C 759 -39.19 2.84 -22.07
CA VAL C 759 -39.71 3.98 -21.35
C VAL C 759 -39.30 3.89 -19.89
N THR C 760 -39.21 2.66 -19.40
CA THR C 760 -38.75 2.40 -18.05
C THR C 760 -37.32 2.90 -17.89
N GLY C 761 -36.44 2.45 -18.77
CA GLY C 761 -35.05 2.87 -18.72
C GLY C 761 -34.89 4.37 -18.82
N ALA C 762 -35.68 4.99 -19.69
CA ALA C 762 -35.66 6.44 -19.86
C ALA C 762 -36.15 7.14 -18.60
N TYR C 763 -37.26 6.68 -18.06
CA TYR C 763 -37.79 7.23 -16.81
C TYR C 763 -36.75 7.15 -15.70
N LEU C 764 -36.22 5.95 -15.47
CA LEU C 764 -35.24 5.71 -14.41
C LEU C 764 -34.01 6.57 -14.55
N SER C 765 -33.58 6.83 -15.79
CA SER C 765 -32.43 7.69 -16.02
C SER C 765 -32.75 9.11 -15.55
N GLY C 766 -33.95 9.57 -15.82
CA GLY C 766 -34.39 10.88 -15.37
C GLY C 766 -34.39 10.99 -13.85
N VAL C 767 -34.81 9.93 -13.18
CA VAL C 767 -34.77 9.90 -11.72
C VAL C 767 -33.33 9.94 -11.27
N ARG C 768 -32.47 9.28 -12.02
CA ARG C 768 -31.05 9.21 -11.71
C ARG C 768 -30.38 10.58 -11.74
N GLU C 769 -30.78 11.42 -12.69
CA GLU C 769 -30.14 12.71 -12.89
C GLU C 769 -30.68 13.78 -11.96
N ALA C 770 -31.98 13.75 -11.68
CA ALA C 770 -32.55 14.68 -10.72
C ALA C 770 -31.87 14.50 -9.37
N SER C 771 -31.55 13.26 -9.04
CA SER C 771 -30.82 12.93 -7.82
C SER C 771 -29.46 13.61 -7.80
N LYS C 772 -28.74 13.55 -8.92
CA LYS C 772 -27.42 14.16 -9.03
C LYS C 772 -27.49 15.68 -8.98
N ILE C 773 -28.47 16.24 -9.68
CA ILE C 773 -28.60 17.69 -9.80
C ILE C 773 -28.97 18.34 -8.47
N ALA C 774 -29.72 17.62 -7.65
CA ALA C 774 -30.21 18.17 -6.38
C ALA C 774 -29.29 17.85 -5.19
N ALA C 775 -28.00 17.68 -5.47
CA ALA C 775 -27.05 17.25 -4.44
C ALA C 775 -26.44 18.43 -3.66
N PHE C 776 -27.20 18.95 -2.70
CA PHE C 776 -26.75 20.03 -1.82
C PHE C 776 -25.97 21.11 -2.57
N GLY D 3 68.83 35.27 57.84
CA GLY D 3 68.55 33.88 58.16
C GLY D 3 67.63 33.23 57.14
N SER D 4 67.57 31.90 57.15
CA SER D 4 66.80 31.15 56.16
C SER D 4 65.30 31.50 56.15
N ARG D 5 64.61 31.17 55.06
CA ARG D 5 63.18 31.50 54.90
C ARG D 5 62.34 30.23 54.73
N LYS D 6 61.05 30.41 54.44
CA LYS D 6 60.13 29.28 54.32
C LYS D 6 59.16 29.53 53.17
N CYS D 7 58.77 28.49 52.46
CA CYS D 7 57.76 28.65 51.42
C CYS D 7 56.40 28.77 52.07
N GLU D 8 55.60 29.71 51.58
CA GLU D 8 54.32 30.01 52.21
C GLU D 8 53.19 29.17 51.64
N LYS D 9 53.41 28.58 50.47
CA LYS D 9 52.40 27.76 49.82
C LYS D 9 51.73 26.82 50.82
N ALA D 10 50.40 26.85 50.85
CA ALA D 10 49.62 26.06 51.81
C ALA D 10 49.95 24.58 51.77
N GLY D 11 50.46 24.06 52.88
CA GLY D 11 50.75 22.66 53.02
C GLY D 11 52.02 22.22 52.32
N CYS D 12 52.95 23.14 52.15
CA CYS D 12 54.21 22.83 51.49
C CYS D 12 55.19 22.11 52.42
N THR D 13 55.54 20.88 52.06
CA THR D 13 56.40 20.05 52.89
C THR D 13 57.83 20.56 52.95
N ALA D 14 58.18 21.44 52.01
CA ALA D 14 59.56 21.94 51.92
C ALA D 14 60.01 22.62 53.20
N THR D 15 60.95 22.00 53.90
CA THR D 15 61.56 22.61 55.07
C THR D 15 62.54 23.70 54.65
N CYS D 16 63.46 23.35 53.75
CA CYS D 16 64.49 24.28 53.30
C CYS D 16 64.54 24.39 51.79
N PRO D 17 64.00 25.50 51.25
CA PRO D 17 63.98 25.78 49.80
C PRO D 17 65.38 25.98 49.21
N VAL D 18 65.54 25.60 47.95
CA VAL D 18 66.78 25.84 47.23
C VAL D 18 66.47 26.30 45.81
N CYS D 19 67.10 27.39 45.39
CA CYS D 19 66.80 27.97 44.08
C CYS D 19 67.46 27.19 42.95
N PHE D 20 66.64 26.69 42.04
CA PHE D 20 67.11 25.96 40.88
C PHE D 20 67.55 26.92 39.77
N ALA D 21 66.94 28.10 39.76
CA ALA D 21 67.20 29.10 38.73
C ALA D 21 68.67 29.51 38.68
N SER D 22 69.15 30.05 39.79
CA SER D 22 70.50 30.60 39.85
C SER D 22 70.82 31.37 38.56
N ALA D 23 69.95 32.31 38.24
CA ALA D 23 70.12 33.16 37.06
C ALA D 23 70.62 34.54 37.48
N SER D 24 70.01 35.09 38.53
CA SER D 24 70.44 36.37 39.07
C SER D 24 71.78 36.24 39.77
N GLU D 25 72.63 37.25 39.60
CA GLU D 25 73.94 37.25 40.23
C GLU D 25 73.83 37.17 41.75
N ARG D 26 72.70 37.64 42.27
CA ARG D 26 72.48 37.63 43.71
C ARG D 26 71.49 36.55 44.10
N CYS D 27 71.65 35.38 43.48
CA CYS D 27 70.79 34.24 43.77
C CYS D 27 70.87 33.87 45.25
N ALA D 28 69.73 33.95 45.94
CA ALA D 28 69.67 33.64 47.36
C ALA D 28 70.20 32.25 47.69
N LYS D 29 70.37 31.43 46.66
CA LYS D 29 70.80 30.04 46.86
C LYS D 29 69.88 29.35 47.85
N ASN D 30 70.47 28.83 48.93
CA ASN D 30 69.69 28.23 50.02
C ASN D 30 69.62 29.15 51.24
N GLY D 31 69.71 30.45 51.01
CA GLY D 31 69.70 31.44 52.07
C GLY D 31 68.39 32.20 52.14
N TYR D 32 68.49 33.50 52.42
CA TYR D 32 67.30 34.32 52.58
C TYR D 32 66.87 35.01 51.28
N THR D 33 65.56 35.17 51.13
CA THR D 33 65.01 35.90 49.99
C THR D 33 63.60 36.37 50.36
N SER D 34 63.27 37.60 49.97
CA SER D 34 61.98 38.17 50.31
C SER D 34 60.84 37.18 50.14
N ARG D 35 60.80 36.48 49.02
CA ARG D 35 59.82 35.41 48.91
C ARG D 35 60.23 34.24 48.00
N TRP D 36 59.79 33.06 48.40
CA TRP D 36 60.00 31.86 47.62
C TRP D 36 58.82 31.61 46.71
N TYR D 37 59.11 31.32 45.45
CA TYR D 37 58.08 31.01 44.47
C TYR D 37 57.97 29.50 44.23
N HIS D 38 56.77 28.98 44.44
CA HIS D 38 56.53 27.55 44.48
C HIS D 38 56.08 26.98 43.13
N LEU D 39 56.90 26.11 42.57
CA LEU D 39 56.55 25.39 41.35
C LEU D 39 56.06 24.00 41.70
N SER D 40 56.70 23.40 42.70
CA SER D 40 56.37 22.05 43.15
C SER D 40 56.84 21.86 44.59
N CYS D 41 56.60 20.67 45.13
CA CYS D 41 56.98 20.37 46.51
C CYS D 41 58.49 20.16 46.67
N GLY D 42 59.24 20.35 45.60
CA GLY D 42 60.67 20.17 45.64
C GLY D 42 61.41 21.10 44.70
N GLU D 43 60.74 22.16 44.26
CA GLU D 43 61.34 23.12 43.36
C GLU D 43 60.86 24.53 43.64
N HIS D 44 61.77 25.38 44.10
CA HIS D 44 61.48 26.79 44.34
C HIS D 44 62.54 27.65 43.71
N PHE D 45 62.18 28.88 43.35
CA PHE D 45 63.17 29.87 42.92
C PHE D 45 63.00 31.18 43.68
N CYS D 46 64.13 31.79 44.05
CA CYS D 46 64.13 32.98 44.88
C CYS D 46 63.55 34.19 44.17
N ASN D 47 63.27 35.25 44.93
CA ASN D 47 62.75 36.47 44.35
C ASN D 47 63.81 37.25 43.58
N GLU D 48 65.08 36.94 43.83
CA GLU D 48 66.16 37.62 43.15
C GLU D 48 66.25 37.19 41.69
N CYS D 49 65.93 35.92 41.44
CA CYS D 49 65.85 35.41 40.07
C CYS D 49 64.51 35.73 39.45
N PHE D 50 63.48 35.88 40.28
CA PHE D 50 62.17 36.31 39.82
C PHE D 50 62.29 37.67 39.13
N ASP D 51 62.88 38.64 39.83
CA ASP D 51 63.09 39.97 39.26
C ASP D 51 63.97 39.90 38.02
N HIS D 52 64.89 38.94 38.02
CA HIS D 52 65.86 38.81 36.92
C HIS D 52 65.18 38.73 35.57
N TYR D 53 64.06 38.01 35.51
CA TYR D 53 63.36 37.80 34.25
C TYR D 53 62.13 38.68 34.08
N TYR D 54 61.55 39.10 35.20
CA TYR D 54 60.30 39.86 35.17
C TYR D 54 60.51 41.37 35.03
N ARG D 55 61.52 41.89 35.72
CA ARG D 55 61.75 43.33 35.73
C ARG D 55 62.35 43.83 34.42
N SER D 56 61.74 44.88 33.87
CA SER D 56 62.16 45.44 32.59
C SER D 56 63.63 45.90 32.59
N HIS D 57 64.12 46.33 33.75
CA HIS D 57 65.49 46.83 33.82
C HIS D 57 66.51 45.70 34.00
N LYS D 58 66.06 44.54 34.46
CA LYS D 58 66.96 43.42 34.73
C LYS D 58 67.50 42.77 33.45
N ASP D 59 68.29 41.71 33.61
CA ASP D 59 69.01 41.11 32.49
C ASP D 59 68.23 40.06 31.69
N GLY D 60 67.41 39.27 32.38
CA GLY D 60 66.65 38.22 31.73
C GLY D 60 65.38 38.70 31.04
N TYR D 61 65.22 40.01 30.96
CA TYR D 61 64.01 40.58 30.40
C TYR D 61 63.82 40.20 28.93
N ASP D 62 64.84 40.44 28.12
CA ASP D 62 64.79 40.09 26.71
C ASP D 62 64.37 38.65 26.51
N LYS D 63 65.07 37.74 27.19
CA LYS D 63 64.79 36.32 27.06
C LYS D 63 63.37 35.98 27.54
N TYR D 64 62.81 36.84 28.39
CA TYR D 64 61.48 36.61 28.93
C TYR D 64 60.36 37.13 28.02
N THR D 65 60.45 38.40 27.63
CA THR D 65 59.41 39.00 26.80
C THR D 65 59.38 38.42 25.38
N THR D 66 60.54 38.00 24.88
CA THR D 66 60.63 37.30 23.61
C THR D 66 59.90 35.96 23.70
N TRP D 67 60.13 35.26 24.81
CA TRP D 67 59.41 34.02 25.10
C TRP D 67 57.93 34.31 25.27
N LYS D 68 57.63 35.41 25.95
CA LYS D 68 56.27 35.81 26.27
C LYS D 68 55.46 36.08 25.01
N LYS D 69 56.12 36.62 23.99
CA LYS D 69 55.48 36.89 22.71
C LYS D 69 55.15 35.59 21.97
N ILE D 70 56.15 34.72 21.87
CA ILE D 70 55.98 33.44 21.19
C ILE D 70 54.93 32.59 21.89
N TRP D 71 54.80 32.79 23.20
CA TRP D 71 53.88 31.99 24.02
C TRP D 71 52.46 32.53 23.93
N THR D 72 52.33 33.79 23.53
CA THR D 72 51.02 34.44 23.45
C THR D 72 50.38 34.24 22.07
N SER D 73 51.20 34.00 21.06
CA SER D 73 50.70 33.83 19.70
C SER D 73 50.62 32.37 19.27
N ASN D 74 50.94 31.45 20.18
CA ASN D 74 50.89 30.02 19.89
C ASN D 74 49.92 29.26 20.78
N GLY D 75 49.91 29.61 22.07
CA GLY D 75 49.12 28.90 23.04
C GLY D 75 47.93 29.69 23.55
N LYS D 76 47.38 29.25 24.69
CA LYS D 76 46.15 29.83 25.20
C LYS D 76 46.21 30.07 26.72
N THR D 77 47.25 29.57 27.37
CA THR D 77 47.46 29.83 28.79
C THR D 77 48.26 31.11 29.00
N GLU D 78 48.04 31.77 30.13
CA GLU D 78 48.63 33.07 30.38
C GLU D 78 50.10 33.00 30.82
N PRO D 79 50.96 33.79 30.16
CA PRO D 79 52.40 33.87 30.44
C PRO D 79 52.66 34.47 31.81
N SER D 80 53.40 33.73 32.64
CA SER D 80 53.80 34.22 33.95
C SER D 80 55.24 33.82 34.21
N PRO D 81 55.91 34.53 35.12
CA PRO D 81 57.28 34.15 35.46
C PRO D 81 57.37 32.68 35.86
N LYS D 82 56.32 32.16 36.48
CA LYS D 82 56.30 30.75 36.89
C LYS D 82 56.29 29.80 35.69
N ALA D 83 55.43 30.08 34.73
CA ALA D 83 55.37 29.27 33.52
C ALA D 83 56.74 29.24 32.85
N PHE D 84 57.33 30.40 32.64
CA PHE D 84 58.63 30.52 32.01
C PHE D 84 59.66 29.61 32.67
N MET D 85 59.65 29.57 33.99
CA MET D 85 60.61 28.74 34.72
C MET D 85 60.41 27.27 34.41
N ALA D 86 59.15 26.84 34.42
CA ALA D 86 58.82 25.44 34.18
C ALA D 86 59.06 25.04 32.74
N ASP D 87 59.14 26.03 31.85
CA ASP D 87 59.29 25.78 30.43
C ASP D 87 60.73 25.93 29.96
N GLN D 88 61.49 26.78 30.64
CA GLN D 88 62.81 27.17 30.15
C GLN D 88 63.99 26.96 31.12
N GLN D 89 63.74 27.10 32.41
CA GLN D 89 64.84 27.13 33.38
C GLN D 89 64.93 25.93 34.32
N LEU D 90 63.79 25.26 34.55
CA LEU D 90 63.79 24.07 35.39
C LEU D 90 64.75 23.03 34.83
N PRO D 91 65.65 22.51 35.67
CA PRO D 91 66.62 21.48 35.26
C PRO D 91 65.93 20.17 34.89
N TYR D 92 66.45 19.49 33.88
CA TYR D 92 65.89 18.22 33.43
C TYR D 92 66.25 17.09 34.37
N TRP D 93 65.32 16.17 34.57
CA TRP D 93 65.61 14.95 35.31
C TRP D 93 65.65 13.76 34.34
N VAL D 94 66.63 12.90 34.51
CA VAL D 94 66.78 11.75 33.63
C VAL D 94 67.16 10.52 34.45
N GLN D 95 66.57 9.38 34.10
CA GLN D 95 66.82 8.13 34.82
C GLN D 95 68.03 7.41 34.22
N CYS D 96 68.62 6.50 34.99
CA CYS D 96 69.82 5.80 34.56
C CYS D 96 69.51 4.53 33.79
N THR D 97 70.41 4.15 32.88
CA THR D 97 70.23 2.96 32.07
C THR D 97 70.62 1.67 32.79
N LYS D 98 71.58 1.76 33.71
CA LYS D 98 72.03 0.60 34.48
C LYS D 98 70.89 -0.10 35.21
N PRO D 99 70.59 -1.34 34.80
CA PRO D 99 69.47 -2.13 35.32
C PRO D 99 69.46 -2.23 36.83
N GLU D 100 70.62 -2.47 37.44
CA GLU D 100 70.72 -2.66 38.89
C GLU D 100 70.68 -1.34 39.66
N CYS D 101 70.92 -0.24 38.97
CA CYS D 101 70.89 1.08 39.60
C CYS D 101 69.55 1.79 39.40
N ARG D 102 69.29 2.24 38.18
CA ARG D 102 68.02 2.86 37.84
C ARG D 102 67.64 4.00 38.78
N LYS D 103 68.60 4.88 39.08
CA LYS D 103 68.35 6.04 39.93
C LYS D 103 68.09 7.29 39.10
N TRP D 104 67.23 8.17 39.64
CA TRP D 104 66.94 9.44 38.98
C TRP D 104 67.99 10.48 39.34
N ARG D 105 68.50 11.17 38.32
CA ARG D 105 69.55 12.17 38.54
C ARG D 105 69.18 13.48 37.85
N GLN D 106 69.38 14.59 38.56
CA GLN D 106 69.15 15.93 38.00
C GLN D 106 70.31 16.36 37.11
N LEU D 107 69.99 16.77 35.87
CA LEU D 107 71.00 17.23 34.93
C LEU D 107 71.47 18.64 35.26
N THR D 108 72.70 18.96 34.91
CA THR D 108 73.23 20.29 35.16
C THR D 108 72.41 21.34 34.41
N LYS D 109 72.28 22.51 35.02
CA LYS D 109 71.40 23.58 34.52
C LYS D 109 71.43 23.79 33.01
N GLU D 110 72.58 23.60 32.37
CA GLU D 110 72.73 23.94 30.96
C GLU D 110 72.40 22.80 30.00
N ILE D 111 72.47 21.56 30.49
CA ILE D 111 72.20 20.40 29.65
C ILE D 111 70.77 20.40 29.10
N GLN D 112 70.64 20.04 27.83
CA GLN D 112 69.33 19.98 27.18
C GLN D 112 68.93 18.54 26.85
N LEU D 113 67.91 18.05 27.54
CA LEU D 113 67.50 16.66 27.39
C LEU D 113 66.96 16.34 25.99
N THR D 114 67.43 15.23 25.44
CA THR D 114 66.98 14.75 24.13
C THR D 114 66.78 13.24 24.24
N PRO D 115 65.92 12.67 23.39
CA PRO D 115 65.65 11.23 23.40
C PRO D 115 66.92 10.38 23.42
N GLN D 116 67.99 10.87 22.81
CA GLN D 116 69.27 10.15 22.83
C GLN D 116 69.86 10.07 24.24
N ILE D 117 69.92 11.21 24.92
CA ILE D 117 70.44 11.27 26.28
C ILE D 117 69.66 10.34 27.20
N ALA D 118 68.34 10.32 27.02
CA ALA D 118 67.46 9.50 27.84
C ALA D 118 67.72 8.01 27.69
N LYS D 119 68.04 7.59 26.46
CA LYS D 119 68.25 6.18 26.15
C LYS D 119 69.55 5.63 26.73
N THR D 120 70.53 6.50 26.93
CA THR D 120 71.88 6.07 27.29
C THR D 120 72.34 6.51 28.68
N TYR D 121 71.80 7.62 29.17
CA TYR D 121 72.26 8.23 30.42
C TYR D 121 72.66 7.23 31.50
N ARG D 122 73.82 7.48 32.11
CA ARG D 122 74.28 6.71 33.26
C ARG D 122 74.76 7.64 34.37
N CYS D 123 74.57 7.22 35.62
CA CYS D 123 74.93 8.04 36.77
C CYS D 123 76.32 8.65 36.62
N GLY D 124 76.37 9.98 36.60
CA GLY D 124 77.62 10.70 36.47
C GLY D 124 78.22 10.58 35.08
N MET D 125 77.47 11.05 34.07
CA MET D 125 77.91 10.94 32.69
C MET D 125 78.37 12.28 32.14
N ASP D 137 84.56 6.16 41.19
CA ASP D 137 83.30 6.25 40.45
C ASP D 137 82.25 5.31 41.00
N HIS D 138 80.99 5.75 40.95
CA HIS D 138 79.84 4.88 41.19
C HIS D 138 78.51 5.60 41.18
N CYS D 139 77.45 4.84 40.92
CA CYS D 139 76.09 5.34 40.98
C CYS D 139 75.60 5.22 42.41
N SER D 140 76.45 4.68 43.28
CA SER D 140 76.13 4.45 44.68
C SER D 140 75.73 5.73 45.41
N LEU D 141 75.96 6.86 44.77
CA LEU D 141 75.58 8.16 45.32
C LEU D 141 74.10 8.17 45.68
N PRO D 142 73.77 8.64 46.89
CA PRO D 142 72.39 8.69 47.40
C PRO D 142 71.47 9.52 46.50
N GLU D 143 70.43 8.88 45.97
CA GLU D 143 69.46 9.55 45.12
C GLU D 143 68.81 10.72 45.85
N ASP D 144 68.59 11.82 45.13
CA ASP D 144 67.94 12.98 45.72
C ASP D 144 66.65 12.54 46.40
N LEU D 145 66.44 13.01 47.63
CA LEU D 145 65.27 12.63 48.42
C LEU D 145 63.96 12.98 47.71
N ARG D 146 63.95 14.09 46.98
CA ARG D 146 62.75 14.59 46.32
C ARG D 146 62.13 13.56 45.39
N VAL D 147 62.98 12.75 44.75
CA VAL D 147 62.52 11.73 43.82
C VAL D 147 61.48 10.79 44.42
N LEU D 148 61.59 10.55 45.73
CA LEU D 148 60.67 9.66 46.42
C LEU D 148 59.30 10.32 46.62
N GLU D 149 59.32 11.58 47.02
CA GLU D 149 58.08 12.32 47.27
C GLU D 149 57.22 12.38 46.00
N VAL D 150 57.87 12.49 44.85
CA VAL D 150 57.16 12.57 43.57
C VAL D 150 56.17 11.42 43.40
N SER D 151 56.45 10.30 44.06
CA SER D 151 55.64 9.09 43.91
C SER D 151 54.47 9.03 44.89
N ASN D 152 54.16 10.16 45.53
CA ASN D 152 52.95 10.26 46.33
C ASN D 152 51.86 10.91 45.49
N HIS D 153 50.61 10.88 45.96
CA HIS D 153 49.50 11.40 45.15
C HIS D 153 49.35 12.92 45.25
N TRP D 154 49.47 13.45 46.46
CA TRP D 154 49.33 14.88 46.69
C TRP D 154 50.45 15.69 46.03
N TRP D 155 51.56 15.03 45.72
CA TRP D 155 52.68 15.71 45.08
C TRP D 155 52.21 16.45 43.83
N TYR D 156 51.46 15.75 42.98
CA TYR D 156 50.97 16.34 41.74
C TYR D 156 49.86 17.36 42.01
N SER D 157 49.26 17.27 43.19
CA SER D 157 48.19 18.19 43.56
C SER D 157 48.78 19.55 43.89
N MET D 158 49.96 19.56 44.51
CA MET D 158 50.64 20.79 44.84
C MET D 158 51.64 21.21 43.77
N LEU D 159 51.50 20.63 42.59
CA LEU D 159 52.22 21.12 41.42
C LEU D 159 51.33 22.21 40.82
N ILE D 160 51.88 23.40 40.69
CA ILE D 160 51.08 24.56 40.28
C ILE D 160 50.55 24.46 38.85
N LEU D 161 51.47 24.36 37.90
CA LEU D 161 51.10 24.33 36.49
C LEU D 161 51.30 22.94 35.90
N PRO D 162 50.31 22.46 35.15
CA PRO D 162 50.39 21.15 34.48
C PRO D 162 51.63 21.09 33.58
N PRO D 163 52.17 19.88 33.39
CA PRO D 163 53.37 19.68 32.58
C PRO D 163 53.08 19.78 31.09
N LEU D 164 53.93 20.49 30.36
CA LEU D 164 53.79 20.61 28.91
C LEU D 164 54.96 19.95 28.20
N LEU D 165 54.66 18.93 27.40
CA LEU D 165 55.69 18.17 26.70
C LEU D 165 56.32 18.93 25.55
N LYS D 166 57.58 18.61 25.25
CA LYS D 166 58.31 19.23 24.16
C LYS D 166 58.58 18.22 23.05
N ASP D 167 58.50 18.68 21.81
CA ASP D 167 58.77 17.84 20.65
C ASP D 167 57.99 16.53 20.68
N SER D 168 56.72 16.61 21.03
CA SER D 168 55.87 15.43 21.04
C SER D 168 55.75 14.84 19.64
N VAL D 169 55.68 13.52 19.55
CA VAL D 169 55.49 12.86 18.26
C VAL D 169 54.14 13.23 17.69
N ALA D 170 53.20 13.55 18.59
CA ALA D 170 51.84 13.89 18.19
C ALA D 170 51.74 15.36 17.78
N ALA D 171 52.86 16.05 17.78
CA ALA D 171 52.90 17.46 17.42
C ALA D 171 52.44 17.75 15.99
N PRO D 172 52.96 17.00 15.01
CA PRO D 172 52.57 17.20 13.60
C PRO D 172 51.08 16.98 13.36
N LEU D 173 50.49 16.03 14.10
CA LEU D 173 49.10 15.65 13.89
C LEU D 173 48.12 16.58 14.59
N LEU D 174 48.62 17.35 15.55
CA LEU D 174 47.77 18.22 16.35
C LEU D 174 47.98 19.69 16.03
N SER D 175 48.50 19.97 14.84
CA SER D 175 48.84 21.33 14.43
C SER D 175 47.64 22.28 14.46
N ALA D 176 46.44 21.72 14.33
CA ALA D 176 45.23 22.52 14.29
C ALA D 176 44.69 22.85 15.68
N TYR D 177 45.39 22.38 16.71
CA TYR D 177 44.99 22.65 18.10
C TYR D 177 45.98 23.56 18.79
N TYR D 178 45.49 24.35 19.75
CA TYR D 178 46.38 25.13 20.61
C TYR D 178 47.22 24.17 21.43
N PRO D 179 48.55 24.21 21.22
CA PRO D 179 49.49 23.24 21.79
C PRO D 179 49.20 22.91 23.26
N ASP D 180 48.91 23.93 24.05
CA ASP D 180 48.75 23.77 25.49
C ASP D 180 47.41 23.16 25.90
N CYS D 181 46.47 23.08 24.95
CA CYS D 181 45.18 22.48 25.23
C CYS D 181 45.24 20.97 25.07
N VAL D 182 46.40 20.49 24.65
CA VAL D 182 46.63 19.05 24.52
C VAL D 182 47.90 18.65 25.27
N GLY D 183 48.34 19.52 26.18
CA GLY D 183 49.47 19.23 27.03
C GLY D 183 50.81 19.29 26.34
N MET D 184 50.97 20.24 25.41
CA MET D 184 52.22 20.40 24.70
C MET D 184 52.75 21.82 24.82
N SER D 185 54.08 21.97 24.88
CA SER D 185 54.70 23.27 25.05
C SER D 185 54.51 24.16 23.83
N PRO D 186 53.77 25.27 24.01
CA PRO D 186 53.50 26.25 22.97
C PRO D 186 54.75 26.97 22.47
N SER D 187 55.93 26.53 22.89
CA SER D 187 57.17 27.15 22.44
C SER D 187 58.03 26.20 21.61
N CYS D 188 57.41 25.17 21.06
CA CYS D 188 58.11 24.21 20.22
C CYS D 188 58.05 24.56 18.73
N THR D 189 58.61 23.67 17.90
CA THR D 189 58.66 23.87 16.46
C THR D 189 59.16 25.27 16.10
N GLY D 218 55.25 10.66 6.52
CA GLY D 218 54.92 9.47 5.74
C GLY D 218 54.47 8.33 6.63
N MET D 219 53.35 8.53 7.32
CA MET D 219 52.90 7.57 8.33
C MET D 219 52.02 6.47 7.73
N ASN D 220 51.03 6.88 6.96
CA ASN D 220 50.08 5.98 6.29
C ASN D 220 48.77 6.72 6.07
N ARG D 221 48.31 6.77 4.83
CA ARG D 221 47.19 7.62 4.48
C ARG D 221 45.89 7.24 5.21
N TYR D 222 45.87 6.04 5.79
CA TYR D 222 44.66 5.56 6.45
C TYR D 222 44.66 5.83 7.96
N PHE D 223 45.81 6.19 8.52
CA PHE D 223 45.91 6.46 9.95
C PHE D 223 45.58 7.92 10.29
N GLN D 224 44.40 8.13 10.85
CA GLN D 224 43.99 9.45 11.31
C GLN D 224 43.29 9.33 12.65
N PRO D 225 44.07 9.24 13.74
CA PRO D 225 43.59 8.94 15.08
C PRO D 225 42.79 10.05 15.73
N PHE D 226 43.17 11.30 15.50
CA PHE D 226 42.56 12.42 16.21
C PHE D 226 41.56 13.19 15.37
N TYR D 227 40.49 13.67 16.02
CA TYR D 227 39.56 14.59 15.37
C TYR D 227 40.28 15.88 15.04
N GLN D 228 39.62 16.73 14.25
CA GLN D 228 40.18 18.03 13.92
C GLN D 228 39.14 19.10 14.23
N PRO D 229 39.57 20.38 14.23
CA PRO D 229 38.64 21.51 14.33
C PRO D 229 37.36 21.26 13.54
N ASN D 230 36.32 20.84 14.24
CA ASN D 230 35.03 20.54 13.64
C ASN D 230 35.05 19.79 12.30
N GLU D 231 35.59 18.58 12.32
CA GLU D 231 35.24 17.58 11.31
C GLU D 231 33.96 16.97 11.84
N CYS D 232 33.33 16.12 11.05
CA CYS D 232 32.15 15.42 11.53
C CYS D 232 32.50 13.97 11.80
N GLY D 233 31.73 13.34 12.68
CA GLY D 233 32.04 12.00 13.16
C GLY D 233 32.68 11.07 12.14
N LYS D 234 33.82 10.48 12.52
CA LYS D 234 34.37 9.36 11.76
C LYS D 234 34.92 8.29 12.70
N ALA D 235 34.57 7.04 12.42
CA ALA D 235 34.78 5.92 13.31
C ALA D 235 36.16 5.87 13.95
N LEU D 236 36.20 5.40 15.19
CA LEU D 236 37.44 5.24 15.94
C LEU D 236 38.29 6.50 15.90
N CYS D 237 37.74 7.59 16.41
CA CYS D 237 38.45 8.87 16.49
C CYS D 237 38.45 9.35 17.93
N VAL D 238 39.62 9.79 18.41
CA VAL D 238 39.72 10.31 19.77
C VAL D 238 39.96 11.81 19.77
N ARG D 239 39.32 12.50 20.71
CA ARG D 239 39.54 13.93 20.85
C ARG D 239 40.81 14.17 21.66
N PRO D 240 41.75 14.92 21.08
CA PRO D 240 43.06 15.19 21.69
C PRO D 240 42.93 16.01 22.97
N ASP D 241 41.86 16.80 23.05
CA ASP D 241 41.70 17.77 24.14
C ASP D 241 40.70 17.32 25.20
N VAL D 242 40.03 16.20 24.97
CA VAL D 242 39.04 15.72 25.92
C VAL D 242 39.18 14.23 26.22
N MET D 243 39.14 13.88 27.50
CA MET D 243 39.18 12.49 27.91
C MET D 243 37.86 11.80 27.60
N GLU D 244 37.93 10.65 26.96
CA GLU D 244 36.73 9.88 26.65
C GLU D 244 36.06 9.41 27.92
N LEU D 245 34.92 8.73 27.77
CA LEU D 245 34.21 8.17 28.92
C LEU D 245 35.08 7.17 29.67
N ASP D 246 35.41 6.07 29.00
CA ASP D 246 36.26 5.03 29.57
C ASP D 246 37.43 5.63 30.32
N GLU D 247 38.09 6.59 29.68
CA GLU D 247 39.31 7.19 30.23
C GLU D 247 39.08 7.87 31.58
N LEU D 248 37.98 8.60 31.72
CA LEU D 248 37.69 9.29 32.97
C LEU D 248 37.50 8.30 34.13
N TYR D 249 36.71 7.25 33.88
CA TYR D 249 36.44 6.21 34.89
C TYR D 249 37.73 5.57 35.42
N GLU D 250 38.61 5.15 34.50
CA GLU D 250 39.81 4.39 34.85
C GLU D 250 40.84 5.22 35.60
N PHE D 251 40.90 6.51 35.28
CA PHE D 251 41.85 7.41 35.92
C PHE D 251 41.15 8.67 36.42
N PRO D 252 40.27 8.51 37.43
CA PRO D 252 39.49 9.64 37.97
C PRO D 252 40.38 10.71 38.60
N GLU D 253 41.62 10.35 38.94
CA GLU D 253 42.55 11.29 39.55
C GLU D 253 42.98 12.37 38.55
N TYR D 254 42.65 12.14 37.28
CA TYR D 254 43.04 13.04 36.20
C TYR D 254 41.89 13.89 35.71
N SER D 255 40.70 13.62 36.24
CA SER D 255 39.55 14.47 35.96
C SER D 255 39.83 15.87 36.48
N ARG D 256 40.62 15.96 37.55
CA ARG D 256 40.93 17.26 38.15
C ARG D 256 42.14 17.92 37.50
N ASP D 257 42.87 17.14 36.70
CA ASP D 257 44.05 17.64 36.00
C ASP D 257 44.31 16.83 34.72
N PRO D 258 43.48 17.04 33.69
CA PRO D 258 43.49 16.26 32.44
C PRO D 258 44.75 16.45 31.60
N THR D 259 45.39 17.61 31.74
CA THR D 259 46.53 17.96 30.89
C THR D 259 47.59 16.86 30.77
N MET D 260 48.12 16.41 31.90
CA MET D 260 49.18 15.41 31.87
C MET D 260 48.76 14.11 31.20
N TYR D 261 47.51 13.70 31.39
CA TYR D 261 47.00 12.48 30.78
C TYR D 261 46.84 12.61 29.27
N LEU D 262 46.10 13.62 28.84
CA LEU D 262 45.88 13.83 27.41
C LEU D 262 47.20 13.84 26.66
N ALA D 263 48.20 14.49 27.24
CA ALA D 263 49.52 14.58 26.62
C ALA D 263 50.17 13.21 26.45
N LEU D 264 50.05 12.37 27.47
CA LEU D 264 50.67 11.06 27.46
C LEU D 264 49.95 10.08 26.55
N ARG D 265 48.62 10.14 26.55
CA ARG D 265 47.83 9.28 25.67
C ARG D 265 48.05 9.62 24.21
N ASN D 266 48.06 10.92 23.89
CA ASN D 266 48.35 11.37 22.53
C ASN D 266 49.71 10.90 22.04
N LEU D 267 50.72 11.02 22.91
CA LEU D 267 52.08 10.59 22.58
C LEU D 267 52.12 9.09 22.30
N ILE D 268 51.36 8.32 23.09
CA ILE D 268 51.29 6.89 22.89
C ILE D 268 50.72 6.56 21.52
N LEU D 269 49.53 7.09 21.22
CA LEU D 269 48.91 6.87 19.93
C LEU D 269 49.87 7.23 18.80
N ALA D 270 50.45 8.43 18.88
CA ALA D 270 51.37 8.90 17.85
C ALA D 270 52.55 7.97 17.67
N LEU D 271 53.02 7.35 18.74
CA LEU D 271 54.16 6.45 18.66
C LEU D 271 53.75 5.10 18.07
N TRP D 272 52.49 4.72 18.30
CA TRP D 272 51.96 3.45 17.81
C TRP D 272 51.72 3.47 16.31
N TYR D 273 51.05 4.50 15.82
CA TYR D 273 50.74 4.60 14.40
C TYR D 273 51.96 4.97 13.55
N THR D 274 53.04 5.37 14.20
CA THR D 274 54.29 5.63 13.50
C THR D 274 54.95 4.30 13.14
N ASN D 275 55.01 3.40 14.11
CA ASN D 275 55.47 2.04 13.87
C ASN D 275 54.50 1.04 14.50
N CYS D 276 53.66 0.44 13.68
CA CYS D 276 52.62 -0.46 14.17
C CYS D 276 52.98 -1.92 13.96
N LYS D 277 54.25 -2.19 13.69
CA LYS D 277 54.72 -3.55 13.45
C LYS D 277 55.39 -4.13 14.68
N GLU D 278 55.77 -3.24 15.61
CA GLU D 278 56.39 -3.66 16.87
C GLU D 278 55.45 -3.41 18.04
N ALA D 279 55.77 -4.02 19.17
CA ALA D 279 55.03 -3.79 20.41
C ALA D 279 55.55 -2.53 21.11
N LEU D 280 54.64 -1.62 21.42
CA LEU D 280 55.01 -0.40 22.12
C LEU D 280 55.20 -0.69 23.60
N THR D 281 56.42 -0.49 24.11
CA THR D 281 56.73 -0.71 25.52
C THR D 281 57.13 0.61 26.18
N PRO D 282 56.95 0.69 27.51
CA PRO D 282 57.31 1.91 28.25
C PRO D 282 58.74 2.38 27.97
N GLN D 283 59.62 1.46 27.62
CA GLN D 283 61.04 1.78 27.44
C GLN D 283 61.31 2.60 26.18
N LYS D 284 60.43 2.46 25.18
CA LYS D 284 60.56 3.26 23.95
C LYS D 284 59.72 4.54 24.00
N CYS D 285 58.84 4.64 24.99
CA CYS D 285 58.06 5.86 25.19
C CYS D 285 58.85 6.89 26.01
N ILE D 286 59.56 6.39 27.02
CA ILE D 286 60.27 7.25 27.98
C ILE D 286 61.22 8.26 27.33
N PRO D 287 62.03 7.83 26.35
CA PRO D 287 62.92 8.78 25.69
C PRO D 287 62.14 9.85 24.93
N HIS D 288 60.83 9.67 24.78
CA HIS D 288 60.02 10.62 24.02
C HIS D 288 59.19 11.55 24.90
N ILE D 289 59.38 11.46 26.21
CA ILE D 289 58.74 12.40 27.13
C ILE D 289 59.75 13.45 27.57
N ILE D 290 59.72 14.60 26.91
CA ILE D 290 60.67 15.66 27.20
C ILE D 290 60.00 16.85 27.90
N VAL D 291 60.11 16.87 29.22
CA VAL D 291 59.58 17.97 30.02
C VAL D 291 60.56 18.29 31.13
N ARG D 292 60.56 19.54 31.58
CA ARG D 292 61.48 19.97 32.62
C ARG D 292 60.90 19.73 34.01
N GLY D 293 61.77 19.65 35.00
CA GLY D 293 61.35 19.54 36.39
C GLY D 293 61.26 18.12 36.91
N LEU D 294 60.86 18.00 38.17
CA LEU D 294 60.66 16.70 38.81
C LEU D 294 59.44 16.02 38.24
N VAL D 295 58.55 16.84 37.67
CA VAL D 295 57.29 16.33 37.12
C VAL D 295 57.52 15.23 36.08
N ARG D 296 58.64 15.30 35.38
CA ARG D 296 58.97 14.30 34.37
C ARG D 296 58.94 12.89 34.96
N ILE D 297 59.49 12.77 36.17
CA ILE D 297 59.52 11.50 36.87
C ILE D 297 58.11 10.99 37.12
N ARG D 298 57.19 11.91 37.41
CA ARG D 298 55.80 11.55 37.62
C ARG D 298 55.17 11.07 36.31
N CYS D 299 55.56 11.70 35.21
CA CYS D 299 55.07 11.30 33.90
C CYS D 299 55.43 9.87 33.57
N VAL D 300 56.73 9.56 33.49
CA VAL D 300 57.18 8.24 33.06
C VAL D 300 56.65 7.10 33.95
N GLN D 301 56.23 7.45 35.16
CA GLN D 301 55.64 6.46 36.05
C GLN D 301 54.21 6.10 35.62
N GLU D 302 53.50 7.08 35.09
CA GLU D 302 52.10 6.92 34.71
C GLU D 302 51.96 6.39 33.30
N VAL D 303 52.96 6.67 32.46
CA VAL D 303 52.93 6.24 31.08
C VAL D 303 52.82 4.72 30.99
N GLU D 304 53.22 4.03 32.06
CA GLU D 304 53.14 2.57 32.09
C GLU D 304 51.73 2.09 32.38
N ARG D 305 51.03 2.78 33.28
CA ARG D 305 49.65 2.45 33.59
C ARG D 305 48.76 2.70 32.39
N ILE D 306 48.96 3.86 31.77
CA ILE D 306 48.14 4.28 30.63
C ILE D 306 48.42 3.42 29.40
N LEU D 307 49.69 3.08 29.20
CA LEU D 307 50.08 2.22 28.09
C LEU D 307 49.40 0.86 28.22
N TYR D 308 49.40 0.33 29.44
CA TYR D 308 48.76 -0.94 29.72
C TYR D 308 47.24 -0.85 29.57
N PHE D 309 46.71 0.35 29.77
CA PHE D 309 45.29 0.58 29.60
C PHE D 309 44.92 0.52 28.12
N MET D 310 45.58 1.34 27.31
CA MET D 310 45.34 1.37 25.87
C MET D 310 45.47 -0.04 25.30
N THR D 311 46.50 -0.75 25.75
CA THR D 311 46.77 -2.10 25.27
C THR D 311 45.60 -3.03 25.62
N ARG D 312 45.02 -2.85 26.79
CA ARG D 312 43.89 -3.68 27.20
C ARG D 312 42.66 -3.37 26.35
N LYS D 313 42.39 -2.08 26.14
CA LYS D 313 41.22 -1.63 25.41
C LYS D 313 41.30 -1.93 23.91
N GLY D 314 42.50 -2.22 23.43
CA GLY D 314 42.69 -2.56 22.03
C GLY D 314 43.00 -1.35 21.17
N LEU D 315 43.39 -0.25 21.80
CA LEU D 315 43.75 0.97 21.10
C LEU D 315 45.12 0.85 20.42
N ILE D 316 46.09 0.35 21.17
CA ILE D 316 47.44 0.16 20.65
C ILE D 316 47.84 -1.30 20.83
N ASN D 317 49.02 -1.65 20.34
CA ASN D 317 49.53 -3.02 20.47
C ASN D 317 48.50 -4.07 20.05
N THR D 318 47.63 -3.69 19.14
CA THR D 318 46.56 -4.57 18.68
C THR D 318 46.86 -5.07 17.28
N GLY D 319 45.81 -5.51 16.58
CA GLY D 319 45.96 -5.95 15.21
C GLY D 319 46.51 -7.35 15.12
N VAL D 320 47.49 -7.53 14.24
CA VAL D 320 48.05 -8.85 13.96
C VAL D 320 49.46 -8.98 14.54
N LEU D 321 49.82 -8.02 15.40
CA LEU D 321 51.07 -8.08 16.16
C LEU D 321 51.15 -9.40 16.92
N SER D 322 52.36 -9.92 17.11
CA SER D 322 52.52 -11.21 17.78
C SER D 322 53.53 -11.18 18.93
N VAL D 323 53.39 -12.15 19.83
CA VAL D 323 54.32 -12.34 20.94
C VAL D 323 53.92 -13.56 21.77
N GLY D 324 54.79 -14.57 21.75
CA GLY D 324 56.03 -14.52 21.01
C GLY D 324 57.18 -13.93 21.81
N ALA D 325 57.64 -14.66 22.82
CA ALA D 325 57.02 -15.92 23.22
C ALA D 325 56.80 -15.91 24.72
N ASP D 326 57.68 -15.20 25.43
CA ASP D 326 57.54 -14.99 26.87
C ASP D 326 57.73 -13.50 27.15
N GLN D 327 57.04 -12.68 26.37
CA GLN D 327 57.14 -11.23 26.52
C GLN D 327 55.76 -10.60 26.40
N TYR D 328 54.80 -11.20 27.11
CA TYR D 328 53.40 -10.78 27.06
C TYR D 328 53.22 -9.26 27.17
N LEU D 329 52.09 -8.77 26.67
CA LEU D 329 51.84 -7.34 26.57
C LEU D 329 51.21 -6.74 27.82
N LEU D 330 50.82 -7.59 28.75
CA LEU D 330 50.24 -7.12 30.02
C LEU D 330 51.03 -7.64 31.21
N PRO D 331 50.99 -6.91 32.34
CA PRO D 331 51.63 -7.32 33.58
C PRO D 331 51.12 -8.68 34.06
N LYS D 332 51.98 -9.43 34.74
CA LYS D 332 51.63 -10.77 35.19
C LYS D 332 50.37 -10.79 36.05
N ASP D 333 49.95 -9.61 36.51
CA ASP D 333 48.76 -9.47 37.34
C ASP D 333 47.50 -9.92 36.58
N TYR D 334 47.55 -9.81 35.26
CA TYR D 334 46.40 -10.13 34.41
C TYR D 334 46.38 -11.58 33.96
N HIS D 335 47.52 -12.26 34.07
CA HIS D 335 47.72 -13.56 33.42
C HIS D 335 46.97 -14.74 34.04
N ASN D 336 46.62 -14.61 35.32
CA ASN D 336 46.05 -15.75 36.04
C ASN D 336 44.54 -15.92 35.82
N LYS D 337 44.18 -16.32 34.61
CA LYS D 337 42.80 -16.70 34.31
C LYS D 337 42.75 -17.36 32.95
N SER D 338 41.76 -18.22 32.75
CA SER D 338 41.64 -18.99 31.52
C SER D 338 40.28 -18.76 30.87
N VAL D 339 40.27 -18.69 29.55
CA VAL D 339 39.03 -18.44 28.82
C VAL D 339 38.88 -19.32 27.58
N ILE D 340 37.66 -19.80 27.37
CA ILE D 340 37.33 -20.59 26.19
C ILE D 340 36.58 -19.72 25.18
N ILE D 341 37.09 -19.68 23.95
CA ILE D 341 36.44 -18.91 22.89
C ILE D 341 35.76 -19.85 21.89
N ILE D 342 34.49 -19.59 21.60
CA ILE D 342 33.71 -20.48 20.76
C ILE D 342 33.49 -19.91 19.36
N GLY D 343 34.16 -20.49 18.37
CA GLY D 343 34.08 -20.02 17.00
C GLY D 343 35.37 -19.38 16.54
N ALA D 344 35.85 -19.79 15.36
CA ALA D 344 37.12 -19.31 14.84
C ALA D 344 36.97 -18.33 13.67
N GLY D 345 35.84 -17.62 13.66
CA GLY D 345 35.64 -16.50 12.77
C GLY D 345 36.41 -15.31 13.29
N PRO D 346 36.32 -14.16 12.60
CA PRO D 346 37.03 -12.93 12.98
C PRO D 346 36.74 -12.47 14.41
N ALA D 347 35.52 -12.71 14.89
CA ALA D 347 35.14 -12.28 16.23
C ALA D 347 35.84 -13.08 17.31
N GLY D 348 36.08 -14.36 17.05
CA GLY D 348 36.75 -15.22 18.00
C GLY D 348 38.25 -15.10 17.90
N LEU D 349 38.78 -15.14 16.67
CA LEU D 349 40.22 -15.06 16.45
C LEU D 349 40.81 -13.72 16.89
N ALA D 350 39.95 -12.71 17.06
CA ALA D 350 40.41 -11.41 17.50
C ALA D 350 40.59 -11.39 19.01
N ALA D 351 39.57 -11.87 19.72
CA ALA D 351 39.62 -11.91 21.18
C ALA D 351 40.67 -12.90 21.66
N ALA D 352 40.90 -13.95 20.86
CA ALA D 352 41.93 -14.94 21.17
C ALA D 352 43.31 -14.32 20.99
N ARG D 353 43.54 -13.76 19.81
CA ARG D 353 44.81 -13.09 19.52
C ARG D 353 45.14 -12.08 20.60
N GLN D 354 44.11 -11.39 21.09
CA GLN D 354 44.29 -10.37 22.11
C GLN D 354 44.67 -10.97 23.46
N LEU D 355 43.75 -11.77 24.03
CA LEU D 355 43.98 -12.39 25.33
C LEU D 355 45.29 -13.15 25.40
N HIS D 356 45.62 -13.84 24.31
CA HIS D 356 46.84 -14.63 24.24
C HIS D 356 48.07 -13.73 24.29
N ASN D 357 48.00 -12.59 23.58
CA ASN D 357 49.08 -11.61 23.60
C ASN D 357 49.21 -10.96 24.98
N PHE D 358 48.09 -10.86 25.68
CA PHE D 358 48.08 -10.32 27.03
C PHE D 358 48.85 -11.23 27.97
N GLY D 359 48.78 -12.53 27.71
CA GLY D 359 49.42 -13.52 28.56
C GLY D 359 48.39 -14.31 29.34
N ILE D 360 47.15 -14.25 28.86
CA ILE D 360 46.04 -14.98 29.48
C ILE D 360 45.84 -16.31 28.76
N LYS D 361 45.37 -17.31 29.49
CA LYS D 361 45.14 -18.64 28.92
C LYS D 361 43.90 -18.67 28.05
N VAL D 362 44.08 -18.99 26.77
CA VAL D 362 42.96 -19.02 25.83
C VAL D 362 42.91 -20.31 25.04
N THR D 363 41.71 -20.86 24.91
CA THR D 363 41.49 -22.02 24.04
C THR D 363 40.22 -21.79 23.24
N VAL D 364 40.34 -21.84 21.92
CA VAL D 364 39.21 -21.59 21.03
C VAL D 364 38.67 -22.87 20.38
N LEU D 365 37.34 -23.05 20.44
CA LEU D 365 36.69 -24.22 19.87
C LEU D 365 35.94 -23.90 18.58
N GLU D 366 36.45 -24.38 17.46
CA GLU D 366 35.78 -24.22 16.18
C GLU D 366 35.03 -25.49 15.80
N ALA D 367 33.86 -25.32 15.19
CA ALA D 367 33.01 -26.46 14.81
C ALA D 367 33.37 -27.04 13.44
N LYS D 368 33.63 -26.17 12.48
CA LYS D 368 34.06 -26.60 11.15
C LYS D 368 35.44 -27.23 11.21
N ASP D 369 35.94 -27.68 10.05
CA ASP D 369 37.28 -28.25 9.98
C ASP D 369 38.28 -27.23 9.48
N ARG D 370 37.91 -25.96 9.60
CA ARG D 370 38.79 -24.85 9.24
C ARG D 370 38.44 -23.60 10.03
N ILE D 371 39.36 -22.65 10.08
CA ILE D 371 39.09 -21.37 10.71
C ILE D 371 38.63 -20.37 9.64
N GLY D 372 38.15 -19.21 10.09
CA GLY D 372 37.81 -18.15 9.17
C GLY D 372 36.35 -17.75 9.18
N GLY D 373 35.47 -18.70 9.50
CA GLY D 373 34.05 -18.44 9.52
C GLY D 373 33.50 -17.96 8.18
N ARG D 374 32.88 -16.79 8.19
CA ARG D 374 32.35 -16.19 6.97
C ARG D 374 33.45 -15.54 6.14
N VAL D 375 34.70 -15.81 6.50
CA VAL D 375 35.84 -15.46 5.67
C VAL D 375 36.42 -16.75 5.12
N TRP D 376 36.36 -16.92 3.80
CA TRP D 376 36.80 -18.16 3.17
C TRP D 376 37.22 -17.90 1.74
N ASP D 377 38.50 -17.63 1.54
CA ASP D 377 39.01 -17.33 0.21
C ASP D 377 39.27 -18.58 -0.61
N ASP D 378 39.25 -18.43 -1.92
CA ASP D 378 39.54 -19.53 -2.83
C ASP D 378 40.80 -19.19 -3.62
N LYS D 379 41.85 -19.98 -3.42
CA LYS D 379 43.15 -19.67 -3.99
C LYS D 379 43.45 -20.50 -5.24
N SER D 380 42.43 -21.15 -5.79
CA SER D 380 42.61 -22.06 -6.92
C SER D 380 42.56 -21.36 -8.29
N PHE D 381 42.18 -20.09 -8.30
CA PHE D 381 42.13 -19.32 -9.55
C PHE D 381 43.50 -18.76 -9.88
N LYS D 382 43.87 -18.83 -11.16
CA LYS D 382 45.21 -18.45 -11.58
C LYS D 382 45.51 -16.98 -11.29
N GLY D 383 46.54 -16.74 -10.49
CA GLY D 383 47.02 -15.40 -10.19
C GLY D 383 46.02 -14.47 -9.56
N VAL D 384 45.05 -15.04 -8.85
CA VAL D 384 43.98 -14.25 -8.24
C VAL D 384 43.35 -14.99 -7.05
N THR D 385 43.09 -14.26 -5.98
CA THR D 385 42.35 -14.81 -4.85
C THR D 385 40.92 -14.29 -4.89
N VAL D 386 39.96 -15.20 -4.75
CA VAL D 386 38.54 -14.84 -4.79
C VAL D 386 37.84 -15.35 -3.53
N GLY D 387 37.35 -14.43 -2.71
CA GLY D 387 36.68 -14.80 -1.47
C GLY D 387 35.27 -15.32 -1.70
N ARG D 388 35.01 -16.53 -1.21
CA ARG D 388 33.68 -17.12 -1.25
C ARG D 388 32.76 -16.36 -0.30
N GLY D 389 33.37 -15.65 0.64
CA GLY D 389 32.64 -14.85 1.59
C GLY D 389 33.07 -13.39 1.54
N ALA D 390 33.59 -12.89 2.65
CA ALA D 390 34.00 -11.49 2.74
C ALA D 390 35.29 -11.21 1.96
N GLN D 391 35.38 -10.01 1.39
CA GLN D 391 36.56 -9.62 0.64
C GLN D 391 36.64 -8.11 0.41
N ILE D 392 35.63 -7.38 0.88
CA ILE D 392 35.60 -5.93 0.71
C ILE D 392 35.72 -5.19 2.04
N VAL D 393 36.45 -4.08 2.02
CA VAL D 393 36.60 -3.23 3.18
C VAL D 393 35.95 -1.88 2.92
N ASN D 394 34.86 -1.58 3.63
CA ASN D 394 34.11 -0.36 3.40
C ASN D 394 34.55 0.80 4.29
N GLY D 395 35.44 1.64 3.78
CA GLY D 395 35.97 2.75 4.54
C GLY D 395 37.20 2.35 5.32
N CYS D 396 38.37 2.76 4.85
CA CYS D 396 39.63 2.32 5.43
C CYS D 396 40.14 3.22 6.55
N ILE D 397 39.74 4.49 6.53
CA ILE D 397 40.23 5.44 7.53
C ILE D 397 39.94 4.98 8.96
N ASN D 398 41.01 4.69 9.69
CA ASN D 398 40.92 4.21 11.07
C ASN D 398 40.31 2.82 11.19
N ASN D 399 40.39 2.04 10.12
CA ASN D 399 39.82 0.70 10.12
C ASN D 399 40.88 -0.33 10.50
N PRO D 400 40.56 -1.20 11.48
CA PRO D 400 41.48 -2.22 11.96
C PRO D 400 42.04 -3.08 10.83
N VAL D 401 41.24 -3.25 9.78
CA VAL D 401 41.66 -4.07 8.65
C VAL D 401 42.75 -3.38 7.85
N ALA D 402 42.73 -2.06 7.85
CA ALA D 402 43.77 -1.27 7.19
C ALA D 402 45.07 -1.30 7.99
N LEU D 403 44.93 -1.18 9.31
CA LEU D 403 46.07 -1.29 10.21
C LEU D 403 46.79 -2.61 9.99
N MET D 404 46.03 -3.69 9.99
CA MET D 404 46.58 -5.03 9.84
C MET D 404 47.19 -5.25 8.45
N CYS D 405 46.75 -4.48 7.47
CA CYS D 405 47.32 -4.57 6.14
C CYS D 405 48.74 -3.98 6.14
N GLU D 406 48.93 -2.93 6.92
CA GLU D 406 50.24 -2.30 7.06
C GLU D 406 51.18 -3.29 7.72
N GLN D 407 50.74 -3.86 8.83
CA GLN D 407 51.55 -4.79 9.59
C GLN D 407 52.00 -5.97 8.73
N LEU D 408 51.15 -6.38 7.79
CA LEU D 408 51.44 -7.53 6.93
C LEU D 408 52.01 -7.11 5.58
N GLY D 409 52.21 -5.81 5.38
CA GLY D 409 52.71 -5.30 4.11
C GLY D 409 51.85 -5.76 2.95
N ILE D 410 50.54 -5.70 3.15
CA ILE D 410 49.57 -6.09 2.14
C ILE D 410 48.93 -4.86 1.52
N SER D 411 48.72 -4.89 0.20
CA SER D 411 48.15 -3.75 -0.48
C SER D 411 46.68 -3.98 -0.83
N MET D 412 45.87 -2.94 -0.70
CA MET D 412 44.46 -3.00 -1.07
C MET D 412 44.21 -2.15 -2.29
N HIS D 413 43.19 -2.53 -3.06
CA HIS D 413 42.84 -1.78 -4.27
C HIS D 413 41.61 -0.92 -4.04
N LYS D 414 41.72 0.37 -4.34
CA LYS D 414 40.61 1.29 -4.19
C LYS D 414 39.63 1.17 -5.35
N PHE D 415 38.35 1.01 -5.03
CA PHE D 415 37.32 0.94 -6.06
C PHE D 415 37.10 2.27 -6.75
N GLY D 416 36.98 2.23 -8.07
CA GLY D 416 36.66 3.41 -8.86
C GLY D 416 35.21 3.78 -8.67
N GLU D 417 34.82 4.97 -9.12
CA GLU D 417 33.47 5.44 -8.87
C GLU D 417 32.51 5.09 -10.00
N ARG D 418 33.03 4.75 -11.16
CA ARG D 418 32.19 4.45 -12.31
C ARG D 418 31.59 3.04 -12.27
N CYS D 419 30.28 2.97 -12.47
CA CYS D 419 29.58 1.70 -12.57
C CYS D 419 28.43 1.83 -13.58
N ASP D 420 28.65 1.30 -14.78
CA ASP D 420 27.66 1.37 -15.86
C ASP D 420 26.63 0.26 -15.75
N LEU D 421 25.36 0.65 -15.66
CA LEU D 421 24.27 -0.32 -15.69
C LEU D 421 24.08 -0.81 -17.12
N ILE D 422 24.22 -2.11 -17.33
CA ILE D 422 24.07 -2.68 -18.67
C ILE D 422 22.74 -3.41 -18.84
N GLN D 423 22.00 -3.05 -19.88
CA GLN D 423 20.72 -3.67 -20.15
C GLN D 423 20.88 -4.91 -21.03
N GLU D 424 19.92 -5.82 -20.96
CA GLU D 424 19.91 -6.98 -21.83
C GLU D 424 19.25 -6.61 -23.16
N GLY D 425 20.03 -6.54 -24.22
CA GLY D 425 21.46 -6.84 -24.14
C GLY D 425 22.31 -5.92 -25.01
N GLY D 426 23.31 -5.32 -24.38
CA GLY D 426 24.26 -4.47 -25.10
C GLY D 426 24.16 -3.02 -24.68
N ARG D 427 22.95 -2.49 -24.73
CA ARG D 427 22.72 -1.08 -24.41
C ARG D 427 23.20 -0.72 -22.99
N ILE D 428 23.99 0.35 -22.91
CA ILE D 428 24.42 0.90 -21.63
C ILE D 428 23.48 2.04 -21.25
N THR D 429 22.83 1.92 -20.10
CA THR D 429 21.86 2.93 -19.67
C THR D 429 22.41 4.34 -19.76
N ASP D 430 21.66 5.20 -20.46
CA ASP D 430 22.05 6.60 -20.62
C ASP D 430 22.24 7.27 -19.26
N PRO D 431 23.45 7.78 -19.00
CA PRO D 431 23.83 8.47 -17.78
C PRO D 431 22.69 9.28 -17.16
N THR D 432 21.95 10.01 -17.98
CA THR D 432 20.85 10.82 -17.45
C THR D 432 19.77 9.96 -16.80
N ILE D 433 19.33 8.91 -17.50
CA ILE D 433 18.33 8.01 -16.95
C ILE D 433 18.78 7.43 -15.61
N ASP D 434 20.04 7.03 -15.54
CA ASP D 434 20.62 6.48 -14.32
C ASP D 434 20.62 7.49 -13.18
N LYS D 435 21.19 8.66 -13.45
CA LYS D 435 21.28 9.72 -12.45
C LYS D 435 19.90 10.01 -11.85
N ARG D 436 18.94 10.34 -12.70
CA ARG D 436 17.61 10.73 -12.24
C ARG D 436 16.97 9.65 -11.36
N MET D 437 17.16 8.38 -11.73
CA MET D 437 16.59 7.28 -10.97
C MET D 437 17.33 7.03 -9.67
N ASP D 438 18.60 7.44 -9.63
CA ASP D 438 19.38 7.37 -8.40
C ASP D 438 18.91 8.45 -7.44
N PHE D 439 18.64 9.63 -7.98
CA PHE D 439 18.10 10.74 -7.19
C PHE D 439 16.75 10.35 -6.63
N HIS D 440 15.86 9.90 -7.52
CA HIS D 440 14.49 9.55 -7.14
C HIS D 440 14.49 8.50 -6.03
N PHE D 441 15.21 7.41 -6.25
CA PHE D 441 15.34 6.35 -5.25
C PHE D 441 15.86 6.91 -3.92
N ASN D 442 16.84 7.79 -4.00
CA ASN D 442 17.40 8.42 -2.80
C ASN D 442 16.40 9.33 -2.10
N ALA D 443 15.53 9.98 -2.87
CA ALA D 443 14.50 10.83 -2.31
C ALA D 443 13.44 9.98 -1.59
N LEU D 444 13.15 8.82 -2.15
CA LEU D 444 12.19 7.90 -1.55
C LEU D 444 12.63 7.55 -0.13
N LEU D 445 13.93 7.32 0.05
CA LEU D 445 14.46 7.03 1.38
C LEU D 445 14.34 8.26 2.29
N ASP D 446 14.47 9.44 1.70
CA ASP D 446 14.39 10.70 2.44
C ASP D 446 13.00 10.93 3.02
N VAL D 447 11.98 10.61 2.24
CA VAL D 447 10.61 10.73 2.73
C VAL D 447 10.31 9.65 3.77
N VAL D 448 10.90 8.46 3.58
CA VAL D 448 10.82 7.41 4.58
C VAL D 448 11.50 7.87 5.87
N SER D 449 12.65 8.51 5.71
CA SER D 449 13.42 9.03 6.83
C SER D 449 12.60 10.00 7.68
N GLU D 450 11.70 10.73 7.03
CA GLU D 450 10.84 11.69 7.71
C GLU D 450 9.59 11.01 8.29
N TRP D 451 9.11 9.98 7.61
CA TRP D 451 7.94 9.25 8.08
C TRP D 451 8.21 8.64 9.46
N ARG D 452 9.33 7.94 9.57
CA ARG D 452 9.70 7.22 10.79
C ARG D 452 9.94 8.12 11.98
N LYS D 453 10.53 9.29 11.74
CA LYS D 453 10.75 10.27 12.81
C LYS D 453 9.56 10.30 13.78
N ASP D 454 9.80 9.88 15.03
CA ASP D 454 8.77 9.93 16.09
C ASP D 454 7.82 8.74 16.17
N LYS D 455 7.89 7.82 15.21
CA LYS D 455 7.13 6.57 15.30
C LYS D 455 7.75 5.69 16.40
N THR D 456 7.02 4.66 16.83
CA THR D 456 7.59 3.67 17.75
C THR D 456 7.76 2.29 17.11
N GLN D 457 8.41 1.38 17.83
CA GLN D 457 8.59 0.00 17.36
C GLN D 457 7.27 -0.64 16.92
N LEU D 458 6.22 -0.41 17.71
CA LEU D 458 4.91 -1.00 17.43
C LEU D 458 4.21 -0.34 16.25
N GLN D 459 4.85 0.65 15.64
CA GLN D 459 4.28 1.35 14.49
C GLN D 459 5.09 1.10 13.23
N ASP D 460 5.94 0.08 13.28
CA ASP D 460 6.91 -0.15 12.22
C ASP D 460 6.33 -0.94 11.04
N VAL D 461 6.86 -0.66 9.85
CA VAL D 461 6.41 -1.36 8.64
C VAL D 461 7.63 -1.75 7.81
N PRO D 462 7.49 -2.82 7.00
CA PRO D 462 8.62 -3.23 6.15
C PRO D 462 9.07 -2.08 5.25
N LEU D 463 10.37 -1.82 5.21
CA LEU D 463 10.93 -0.75 4.39
C LEU D 463 10.39 -0.81 2.97
N GLY D 464 10.26 -2.01 2.42
CA GLY D 464 9.78 -2.19 1.06
C GLY D 464 8.33 -1.82 0.91
N GLU D 465 7.52 -2.16 1.91
CA GLU D 465 6.11 -1.81 1.92
C GLU D 465 5.92 -0.30 2.00
N LYS D 466 6.82 0.37 2.71
CA LYS D 466 6.77 1.81 2.87
C LYS D 466 7.29 2.54 1.63
N ILE D 467 8.39 2.04 1.07
CA ILE D 467 8.95 2.60 -0.16
C ILE D 467 7.91 2.52 -1.29
N GLU D 468 7.23 1.39 -1.38
CA GLU D 468 6.19 1.19 -2.40
C GLU D 468 5.09 2.23 -2.26
N GLU D 469 4.45 2.22 -1.08
CA GLU D 469 3.41 3.19 -0.76
C GLU D 469 3.81 4.59 -1.22
N ILE D 470 5.04 4.99 -0.92
CA ILE D 470 5.54 6.31 -1.29
C ILE D 470 5.70 6.46 -2.80
N TYR D 471 6.34 5.49 -3.42
CA TYR D 471 6.55 5.51 -4.87
C TYR D 471 5.24 5.52 -5.67
N LYS D 472 4.22 4.86 -5.15
CA LYS D 472 2.90 4.83 -5.77
C LYS D 472 2.17 6.16 -5.58
N ALA D 473 2.00 6.55 -4.32
CA ALA D 473 1.28 7.77 -3.96
C ALA D 473 1.88 9.00 -4.65
N PHE D 474 3.13 8.88 -5.05
CA PHE D 474 3.83 9.97 -5.73
C PHE D 474 3.43 10.07 -7.21
N ILE D 475 3.40 8.93 -7.89
CA ILE D 475 2.96 8.87 -9.28
C ILE D 475 1.52 9.35 -9.40
N LYS D 476 0.73 9.14 -8.36
CA LYS D 476 -0.66 9.58 -8.33
C LYS D 476 -0.71 11.10 -8.24
N GLU D 477 -0.05 11.65 -7.22
CA GLU D 477 -0.05 13.08 -6.96
C GLU D 477 0.28 13.91 -8.20
N SER D 478 1.07 13.34 -9.11
CA SER D 478 1.40 14.03 -10.36
C SER D 478 1.33 13.07 -11.54
N GLY D 479 0.71 13.52 -12.63
CA GLY D 479 0.51 12.72 -13.81
C GLY D 479 1.75 11.98 -14.28
N ILE D 480 2.90 12.46 -13.81
CA ILE D 480 4.19 11.80 -14.04
C ILE D 480 4.07 10.29 -14.21
N GLN D 481 4.86 9.72 -15.12
CA GLN D 481 4.84 8.27 -15.31
C GLN D 481 6.17 7.75 -15.85
N PHE D 482 6.74 6.79 -15.12
CA PHE D 482 8.05 6.25 -15.44
C PHE D 482 8.02 5.30 -16.64
N SER D 483 9.01 5.44 -17.51
CA SER D 483 9.15 4.54 -18.65
C SER D 483 9.41 3.13 -18.14
N GLU D 484 9.41 2.17 -19.07
CA GLU D 484 9.67 0.79 -18.70
C GLU D 484 11.08 0.65 -18.15
N LEU D 485 12.04 1.33 -18.79
CA LEU D 485 13.43 1.27 -18.36
C LEU D 485 13.66 1.97 -17.03
N GLU D 486 13.08 3.16 -16.88
CA GLU D 486 13.24 3.92 -15.63
C GLU D 486 12.92 3.05 -14.41
N GLY D 487 11.78 2.38 -14.45
CA GLY D 487 11.37 1.53 -13.35
C GLY D 487 12.29 0.33 -13.17
N GLN D 488 12.91 -0.11 -14.27
CA GLN D 488 13.85 -1.22 -14.22
C GLN D 488 15.16 -0.82 -13.55
N VAL D 489 15.61 0.40 -13.79
CA VAL D 489 16.80 0.92 -13.14
C VAL D 489 16.49 1.21 -11.67
N LEU D 490 15.26 1.61 -11.39
CA LEU D 490 14.84 1.82 -10.02
C LEU D 490 14.88 0.50 -9.27
N GLN D 491 14.66 -0.59 -10.00
CA GLN D 491 14.73 -1.93 -9.45
C GLN D 491 16.17 -2.32 -9.14
N PHE D 492 17.10 -1.81 -9.92
CA PHE D 492 18.52 -2.09 -9.71
C PHE D 492 18.98 -1.50 -8.39
N HIS D 493 18.62 -0.24 -8.15
CA HIS D 493 18.98 0.41 -6.90
C HIS D 493 18.25 -0.26 -5.74
N LEU D 494 17.02 -0.68 -5.99
CA LEU D 494 16.24 -1.37 -4.98
C LEU D 494 16.91 -2.67 -4.57
N SER D 495 17.45 -3.39 -5.55
CA SER D 495 18.14 -4.64 -5.26
C SER D 495 19.47 -4.36 -4.57
N ASN D 496 20.04 -3.19 -4.84
CA ASN D 496 21.30 -2.80 -4.24
C ASN D 496 21.17 -2.61 -2.73
N LEU D 497 19.96 -2.30 -2.27
CA LEU D 497 19.69 -2.14 -0.85
C LEU D 497 19.34 -3.49 -0.21
N GLU D 498 18.93 -4.44 -1.05
CA GLU D 498 18.64 -5.80 -0.60
C GLU D 498 19.93 -6.58 -0.53
N TYR D 499 20.94 -6.09 -1.22
CA TYR D 499 22.27 -6.67 -1.20
C TYR D 499 23.01 -6.23 0.06
N ALA D 500 22.61 -5.08 0.60
CA ALA D 500 23.25 -4.53 1.79
C ALA D 500 22.64 -5.07 3.08
N CYS D 501 21.36 -5.42 3.02
CA CYS D 501 20.67 -5.95 4.20
C CYS D 501 20.63 -7.47 4.18
N GLY D 502 20.95 -8.05 3.03
CA GLY D 502 20.97 -9.49 2.87
C GLY D 502 19.57 -10.09 2.88
N SER D 503 18.56 -9.25 2.70
CA SER D 503 17.18 -9.69 2.74
C SER D 503 16.29 -8.95 1.75
N ASN D 504 15.17 -9.56 1.40
CA ASN D 504 14.12 -8.86 0.67
C ASN D 504 13.64 -7.71 1.54
N LEU D 505 13.38 -6.56 0.92
CA LEU D 505 13.07 -5.34 1.68
C LEU D 505 11.76 -5.40 2.46
N HIS D 506 10.97 -6.45 2.24
CA HIS D 506 9.69 -6.58 2.93
C HIS D 506 9.82 -7.30 4.27
N GLN D 507 11.07 -7.53 4.70
CA GLN D 507 11.34 -8.18 5.98
C GLN D 507 12.20 -7.29 6.87
N VAL D 508 12.75 -6.22 6.30
CA VAL D 508 13.60 -5.31 7.06
C VAL D 508 12.80 -4.15 7.67
N SER D 509 13.31 -3.60 8.77
CA SER D 509 12.62 -2.53 9.48
C SER D 509 12.79 -1.19 8.79
N ALA D 510 11.69 -0.45 8.67
CA ALA D 510 11.72 0.90 8.10
C ALA D 510 12.30 1.88 9.11
N ARG D 511 11.99 1.66 10.39
CA ARG D 511 12.49 2.52 11.46
C ARG D 511 13.99 2.39 11.65
N SER D 512 14.50 1.16 11.57
CA SER D 512 15.85 0.87 12.03
C SER D 512 16.78 0.29 10.96
N TRP D 513 16.34 0.24 9.72
CA TRP D 513 17.15 -0.38 8.68
C TRP D 513 18.57 0.18 8.64
N ASP D 514 18.71 1.47 8.95
CA ASP D 514 20.02 2.13 8.91
C ASP D 514 20.43 2.68 10.27
N HIS D 515 19.81 2.16 11.32
CA HIS D 515 20.07 2.57 12.70
C HIS D 515 21.52 2.95 13.00
N ASN D 516 22.45 2.14 12.51
CA ASN D 516 23.86 2.29 12.88
C ASN D 516 24.52 3.61 12.46
N GLU D 517 23.88 4.35 11.57
CA GLU D 517 24.45 5.60 11.08
C GLU D 517 24.24 6.77 12.05
N PHE D 518 23.47 6.53 13.11
CA PHE D 518 23.37 7.48 14.21
C PHE D 518 24.78 7.69 14.78
N PHE D 519 25.60 6.65 14.66
CA PHE D 519 26.98 6.68 15.15
C PHE D 519 27.94 6.95 14.00
N ALA D 520 29.05 7.61 14.30
CA ALA D 520 30.07 7.89 13.30
C ALA D 520 30.49 6.61 12.59
N GLN D 521 30.58 6.66 11.26
CA GLN D 521 30.96 5.49 10.47
C GLN D 521 32.38 5.60 9.93
N PHE D 522 32.86 4.55 9.29
CA PHE D 522 34.23 4.52 8.75
C PHE D 522 34.37 5.30 7.45
N ALA D 523 35.23 6.31 7.48
CA ALA D 523 35.46 7.15 6.32
C ALA D 523 36.54 6.58 5.42
N GLY D 524 36.74 7.22 4.27
CA GLY D 524 37.81 6.85 3.37
C GLY D 524 37.38 5.98 2.20
N ASP D 525 38.34 5.23 1.67
CA ASP D 525 38.14 4.44 0.46
C ASP D 525 37.41 3.14 0.73
N HIS D 526 36.61 2.71 -0.24
CA HIS D 526 36.05 1.37 -0.25
C HIS D 526 36.95 0.52 -1.12
N THR D 527 37.61 -0.46 -0.50
CA THR D 527 38.65 -1.21 -1.19
C THR D 527 38.33 -2.68 -1.37
N LEU D 528 39.02 -3.30 -2.33
CA LEU D 528 38.88 -4.73 -2.57
C LEU D 528 40.15 -5.41 -2.06
N LEU D 529 40.02 -6.11 -0.93
CA LEU D 529 41.16 -6.79 -0.35
C LEU D 529 41.65 -7.89 -1.27
N THR D 530 42.63 -7.56 -2.11
CA THR D 530 43.11 -8.47 -3.15
C THR D 530 43.59 -9.83 -2.64
N PRO D 531 44.50 -9.85 -1.65
CA PRO D 531 44.96 -11.15 -1.15
C PRO D 531 43.86 -11.88 -0.39
N GLY D 532 42.84 -11.14 0.04
CA GLY D 532 41.69 -11.73 0.71
C GLY D 532 41.82 -11.76 2.22
N TYR D 533 40.68 -11.77 2.91
CA TYR D 533 40.66 -11.75 4.37
C TYR D 533 41.31 -12.98 5.00
N SER D 534 41.48 -14.05 4.24
CA SER D 534 42.04 -15.28 4.79
C SER D 534 43.46 -15.08 5.28
N VAL D 535 44.19 -14.18 4.63
CA VAL D 535 45.57 -13.89 5.00
C VAL D 535 45.66 -13.22 6.37
N ILE D 536 44.70 -12.34 6.67
CA ILE D 536 44.60 -11.74 7.99
C ILE D 536 44.16 -12.79 9.01
N ILE D 537 43.10 -13.52 8.68
CA ILE D 537 42.57 -14.55 9.56
C ILE D 537 43.64 -15.54 9.99
N GLU D 538 44.41 -16.05 9.03
CA GLU D 538 45.44 -17.05 9.30
C GLU D 538 46.56 -16.50 10.19
N LYS D 539 46.88 -15.23 10.00
CA LYS D 539 47.95 -14.59 10.77
C LYS D 539 47.50 -14.35 12.22
N LEU D 540 46.20 -14.14 12.41
CA LEU D 540 45.65 -13.98 13.75
C LEU D 540 45.74 -15.27 14.55
N ALA D 541 45.44 -16.39 13.88
CA ALA D 541 45.33 -17.68 14.54
C ALA D 541 46.66 -18.42 14.60
N GLU D 542 47.75 -17.69 14.38
CA GLU D 542 49.08 -18.28 14.29
C GLU D 542 49.70 -18.57 15.66
N GLY D 543 49.74 -19.85 16.03
CA GLY D 543 50.35 -20.25 17.29
C GLY D 543 49.38 -20.22 18.45
N LEU D 544 48.09 -20.36 18.15
CA LEU D 544 47.05 -20.36 19.17
C LEU D 544 46.54 -21.77 19.42
N ASP D 545 45.80 -21.93 20.50
CA ASP D 545 45.18 -23.22 20.83
C ASP D 545 43.79 -23.30 20.24
N ILE D 546 43.72 -23.66 18.96
CA ILE D 546 42.45 -23.73 18.24
C ILE D 546 42.03 -25.15 17.94
N GLN D 547 41.03 -25.64 18.67
CA GLN D 547 40.48 -26.97 18.43
C GLN D 547 39.48 -26.96 17.27
N LEU D 548 39.81 -27.67 16.21
CA LEU D 548 38.90 -27.80 15.07
C LEU D 548 37.98 -29.00 15.29
N LYS D 549 36.91 -29.06 14.50
CA LYS D 549 35.93 -30.15 14.62
C LYS D 549 35.46 -30.32 16.06
N SER D 550 35.31 -29.21 16.77
CA SER D 550 34.86 -29.23 18.16
C SER D 550 33.59 -28.41 18.35
N PRO D 551 32.46 -28.87 17.77
CA PRO D 551 31.19 -28.15 17.92
C PRO D 551 30.71 -28.17 19.36
N VAL D 552 30.53 -27.00 19.96
CA VAL D 552 30.03 -26.90 21.33
C VAL D 552 28.54 -27.17 21.39
N GLN D 553 28.14 -28.07 22.28
CA GLN D 553 26.73 -28.46 22.39
C GLN D 553 26.09 -27.87 23.64
N CYS D 554 26.82 -27.84 24.73
CA CYS D 554 26.27 -27.37 26.00
C CYS D 554 27.25 -26.50 26.77
N ILE D 555 26.75 -25.37 27.27
CA ILE D 555 27.53 -24.50 28.15
C ILE D 555 26.86 -24.42 29.51
N ASP D 556 27.56 -24.89 30.53
CA ASP D 556 27.02 -24.88 31.88
C ASP D 556 27.82 -23.92 32.74
N TYR D 557 27.15 -22.89 33.26
CA TYR D 557 27.82 -21.89 34.09
C TYR D 557 27.09 -21.66 35.41
N SER D 558 26.43 -22.70 35.91
CA SER D 558 25.72 -22.63 37.18
C SER D 558 26.67 -22.84 38.35
N GLY D 559 27.73 -23.60 38.10
CA GLY D 559 28.72 -23.88 39.13
C GLY D 559 29.76 -22.78 39.25
N ASP D 560 30.96 -23.16 39.71
CA ASP D 560 32.03 -22.19 39.88
C ASP D 560 33.03 -22.30 38.74
N GLU D 561 32.52 -22.60 37.55
CA GLU D 561 33.34 -22.71 36.35
C GLU D 561 32.47 -23.16 35.18
N VAL D 562 32.67 -22.53 34.02
CA VAL D 562 31.88 -22.87 32.85
C VAL D 562 32.28 -24.23 32.28
N GLN D 563 31.36 -25.18 32.36
CA GLN D 563 31.58 -26.49 31.76
C GLN D 563 31.13 -26.44 30.31
N VAL D 564 32.08 -26.53 29.39
CA VAL D 564 31.76 -26.48 27.96
C VAL D 564 31.98 -27.85 27.31
N THR D 565 30.89 -28.50 26.95
CA THR D 565 30.97 -29.83 26.34
C THR D 565 30.68 -29.76 24.85
N THR D 566 31.39 -30.58 24.07
CA THR D 566 31.17 -30.63 22.63
C THR D 566 30.20 -31.77 22.25
N THR D 567 29.86 -31.81 20.97
CA THR D 567 28.82 -32.73 20.49
C THR D 567 29.17 -34.20 20.67
N ASP D 568 30.44 -34.50 20.85
CA ASP D 568 30.85 -35.90 21.04
C ASP D 568 31.08 -36.26 22.49
N GLY D 569 31.04 -35.26 23.37
CA GLY D 569 31.19 -35.51 24.79
C GLY D 569 32.42 -34.90 25.43
N THR D 570 33.35 -34.44 24.59
CA THR D 570 34.57 -33.81 25.09
C THR D 570 34.25 -32.60 25.97
N GLY D 571 34.83 -32.57 27.16
CA GLY D 571 34.56 -31.50 28.11
C GLY D 571 35.74 -30.58 28.36
N TYR D 572 35.50 -29.29 28.18
CA TYR D 572 36.50 -28.27 28.50
C TYR D 572 36.02 -27.49 29.72
N SER D 573 36.89 -26.65 30.26
CA SER D 573 36.53 -25.86 31.44
C SER D 573 37.48 -24.69 31.66
N ALA D 574 36.89 -23.53 31.98
CA ALA D 574 37.65 -22.34 32.30
C ALA D 574 36.81 -21.38 33.11
N GLN D 575 37.34 -20.18 33.34
CA GLN D 575 36.65 -19.18 34.15
C GLN D 575 35.72 -18.33 33.30
N LYS D 576 36.22 -17.86 32.16
CA LYS D 576 35.43 -17.05 31.24
C LYS D 576 35.16 -17.79 29.93
N VAL D 577 33.96 -17.61 29.40
CA VAL D 577 33.60 -18.23 28.12
C VAL D 577 33.02 -17.20 27.15
N LEU D 578 33.67 -17.05 26.00
CA LEU D 578 33.25 -16.09 24.99
C LEU D 578 32.64 -16.81 23.79
N VAL D 579 31.34 -16.63 23.61
CA VAL D 579 30.66 -17.20 22.44
C VAL D 579 30.57 -16.17 21.30
N THR D 580 31.05 -16.57 20.12
CA THR D 580 31.02 -15.70 18.95
C THR D 580 30.41 -16.45 17.77
N VAL D 581 29.31 -17.15 18.02
CA VAL D 581 28.63 -17.87 16.96
C VAL D 581 27.67 -16.95 16.19
N PRO D 582 27.47 -17.23 14.89
CA PRO D 582 26.58 -16.46 14.02
C PRO D 582 25.19 -16.29 14.63
N LEU D 583 24.57 -15.15 14.39
CA LEU D 583 23.24 -14.86 14.91
C LEU D 583 22.26 -16.01 14.66
N ALA D 584 22.33 -16.59 13.48
CA ALA D 584 21.43 -17.68 13.10
C ALA D 584 21.49 -18.87 14.05
N LEU D 585 22.70 -19.31 14.37
CA LEU D 585 22.88 -20.44 15.27
C LEU D 585 22.37 -20.15 16.67
N LEU D 586 22.44 -18.88 17.08
CA LEU D 586 21.89 -18.49 18.37
C LEU D 586 20.37 -18.58 18.35
N GLN D 587 19.80 -18.20 17.22
CA GLN D 587 18.35 -18.24 17.06
C GLN D 587 17.87 -19.68 17.03
N LYS D 588 18.62 -20.53 16.34
CA LYS D 588 18.28 -21.95 16.22
C LYS D 588 18.38 -22.66 17.57
N GLY D 589 19.34 -22.26 18.40
CA GLY D 589 19.51 -22.84 19.71
C GLY D 589 20.42 -24.05 19.71
N ALA D 590 21.42 -24.04 18.84
CA ALA D 590 22.38 -25.14 18.72
C ALA D 590 23.04 -25.42 20.07
N ILE D 591 23.39 -24.36 20.79
CA ILE D 591 24.04 -24.50 22.08
C ILE D 591 23.02 -24.55 23.22
N GLN D 592 23.24 -25.48 24.15
CA GLN D 592 22.46 -25.56 25.38
C GLN D 592 23.06 -24.63 26.44
N PHE D 593 22.24 -23.76 27.03
CA PHE D 593 22.72 -22.89 28.10
C PHE D 593 22.08 -23.23 29.45
N ASN D 594 22.92 -23.37 30.48
CA ASN D 594 22.47 -23.62 31.84
C ASN D 594 23.21 -22.70 32.82
N PRO D 595 22.50 -21.72 33.39
CA PRO D 595 21.07 -21.47 33.15
C PRO D 595 20.80 -20.97 31.74
N PRO D 596 19.53 -21.04 31.30
CA PRO D 596 19.13 -20.56 29.96
C PRO D 596 19.37 -19.07 29.81
N LEU D 597 19.44 -18.61 28.56
CA LEU D 597 19.56 -17.19 28.28
C LEU D 597 18.29 -16.46 28.72
N SER D 598 18.45 -15.27 29.28
CA SER D 598 17.30 -14.49 29.74
C SER D 598 16.28 -14.28 28.62
N GLU D 599 15.03 -14.00 29.01
CA GLU D 599 13.98 -13.74 28.04
C GLU D 599 14.31 -12.49 27.23
N LYS D 600 14.94 -11.52 27.88
CA LYS D 600 15.36 -10.30 27.21
C LYS D 600 16.34 -10.61 26.09
N LYS D 601 17.27 -11.51 26.33
CA LYS D 601 18.27 -11.87 25.33
C LYS D 601 17.67 -12.56 24.12
N MET D 602 16.77 -13.51 24.36
CA MET D 602 16.18 -14.28 23.26
C MET D 602 15.22 -13.43 22.43
N LYS D 603 14.57 -12.46 23.07
CA LYS D 603 13.71 -11.55 22.32
C LYS D 603 14.56 -10.69 21.39
N ALA D 604 15.74 -10.30 21.88
CA ALA D 604 16.67 -9.47 21.12
C ALA D 604 17.36 -10.26 20.02
N ILE D 605 17.57 -11.55 20.24
CA ILE D 605 18.23 -12.39 19.26
C ILE D 605 17.28 -12.74 18.12
N ASN D 606 16.00 -12.83 18.44
CA ASN D 606 14.98 -13.14 17.44
C ASN D 606 14.40 -11.88 16.80
N SER D 607 14.77 -10.71 17.34
CA SER D 607 14.32 -9.44 16.79
C SER D 607 15.17 -9.04 15.59
N LEU D 608 16.36 -9.62 15.49
CA LEU D 608 17.24 -9.39 14.35
C LEU D 608 16.94 -10.36 13.21
N GLY D 609 17.59 -10.16 12.07
CA GLY D 609 17.36 -10.99 10.90
C GLY D 609 18.62 -11.60 10.36
N ALA D 610 18.55 -12.89 10.04
CA ALA D 610 19.68 -13.60 9.45
C ALA D 610 19.68 -13.41 7.95
N GLY D 611 20.26 -12.30 7.50
CA GLY D 611 20.31 -11.99 6.09
C GLY D 611 21.26 -12.92 5.36
N ILE D 612 21.02 -13.12 4.07
CA ILE D 612 21.82 -14.04 3.27
C ILE D 612 22.05 -13.54 1.85
N ILE D 613 23.24 -13.77 1.35
CA ILE D 613 23.57 -13.55 -0.05
C ILE D 613 24.51 -14.67 -0.47
N GLU D 614 24.63 -14.90 -1.77
CA GLU D 614 25.57 -15.91 -2.26
C GLU D 614 26.50 -15.26 -3.28
N LYS D 615 27.59 -15.94 -3.59
CA LYS D 615 28.51 -15.45 -4.60
C LYS D 615 28.78 -16.48 -5.68
N ILE D 616 29.09 -16.01 -6.87
CA ILE D 616 29.51 -16.89 -7.95
C ILE D 616 30.76 -16.30 -8.62
N ALA D 617 31.77 -17.14 -8.80
CA ALA D 617 33.01 -16.72 -9.42
C ALA D 617 33.26 -17.51 -10.69
N LEU D 618 33.53 -16.82 -11.78
CA LEU D 618 33.76 -17.48 -13.06
C LEU D 618 35.14 -17.11 -13.60
N GLN D 619 35.85 -18.10 -14.13
CA GLN D 619 37.14 -17.86 -14.77
C GLN D 619 37.01 -18.06 -16.27
N PHE D 620 37.57 -17.14 -17.05
CA PHE D 620 37.43 -17.21 -18.50
C PHE D 620 38.79 -17.24 -19.20
N PRO D 621 38.80 -17.73 -20.45
CA PRO D 621 40.00 -17.78 -21.30
C PRO D 621 40.55 -16.38 -21.62
N TYR D 622 39.68 -15.39 -21.72
CA TYR D 622 40.12 -14.03 -22.02
C TYR D 622 39.14 -12.96 -21.53
N ARG D 623 39.69 -11.80 -21.17
CA ARG D 623 38.89 -10.67 -20.70
C ARG D 623 37.98 -10.16 -21.81
N PHE D 624 36.77 -10.69 -21.89
CA PHE D 624 35.87 -10.36 -23.00
C PHE D 624 35.08 -9.07 -22.79
N TRP D 625 35.25 -8.44 -21.64
CA TRP D 625 34.46 -7.24 -21.32
C TRP D 625 35.23 -5.95 -21.50
N ASP D 626 36.55 -6.05 -21.59
CA ASP D 626 37.40 -4.86 -21.69
C ASP D 626 36.91 -3.85 -22.73
N SER D 627 36.42 -4.36 -23.86
CA SER D 627 35.96 -3.51 -24.94
C SER D 627 34.82 -2.59 -24.50
N LYS D 628 33.91 -3.12 -23.68
CA LYS D 628 32.75 -2.36 -23.23
C LYS D 628 32.96 -1.74 -21.85
N VAL D 629 33.45 -2.54 -20.91
CA VAL D 629 33.66 -2.08 -19.55
C VAL D 629 34.80 -1.07 -19.45
N GLN D 630 35.89 -1.36 -20.15
CA GLN D 630 37.02 -0.43 -20.27
C GLN D 630 37.74 -0.12 -18.96
N GLY D 631 37.97 -1.16 -18.15
CA GLY D 631 38.79 -1.03 -16.96
C GLY D 631 38.03 -0.78 -15.67
N ALA D 632 36.72 -0.57 -15.77
CA ALA D 632 35.90 -0.33 -14.59
C ALA D 632 35.95 -1.55 -13.68
N ASP D 633 36.04 -1.30 -12.38
CA ASP D 633 36.21 -2.38 -11.41
C ASP D 633 34.96 -3.26 -11.33
N PHE D 634 33.87 -2.81 -11.93
CA PHE D 634 32.62 -3.56 -11.94
C PHE D 634 31.63 -2.94 -12.92
N PHE D 635 30.52 -3.64 -13.15
CA PHE D 635 29.44 -3.10 -13.97
C PHE D 635 28.10 -3.65 -13.49
N GLY D 636 27.04 -2.84 -13.64
CA GLY D 636 25.73 -3.20 -13.15
C GLY D 636 24.92 -4.04 -14.12
N HIS D 637 23.81 -4.57 -13.64
CA HIS D 637 22.92 -5.42 -14.44
C HIS D 637 21.46 -5.02 -14.22
N VAL D 638 20.88 -4.38 -15.22
CA VAL D 638 19.49 -3.93 -15.12
C VAL D 638 18.51 -5.11 -15.15
N PRO D 639 17.72 -5.27 -14.09
CA PRO D 639 16.74 -6.35 -13.97
C PRO D 639 15.65 -6.25 -15.01
N PRO D 640 15.36 -7.37 -15.72
CA PRO D 640 14.27 -7.45 -16.68
C PRO D 640 12.90 -7.22 -16.05
N SER D 641 12.71 -7.72 -14.83
CA SER D 641 11.46 -7.53 -14.10
C SER D 641 11.72 -7.52 -12.60
N ALA D 642 10.73 -7.12 -11.83
CA ALA D 642 10.88 -6.96 -10.38
C ALA D 642 11.36 -8.23 -9.67
N SER D 643 10.92 -9.38 -10.16
CA SER D 643 11.27 -10.65 -9.56
C SER D 643 12.77 -10.95 -9.69
N LYS D 644 13.27 -10.89 -10.93
CA LYS D 644 14.64 -11.28 -11.23
C LYS D 644 15.69 -10.29 -10.70
N ARG D 645 15.26 -9.31 -9.91
CA ARG D 645 16.22 -8.39 -9.31
C ARG D 645 16.96 -9.08 -8.17
N GLY D 646 18.28 -8.95 -8.17
CA GLY D 646 19.11 -9.64 -7.21
C GLY D 646 19.86 -10.78 -7.86
N LEU D 647 19.43 -11.14 -9.07
CA LEU D 647 20.10 -12.17 -9.85
C LEU D 647 21.30 -11.59 -10.59
N PHE D 648 22.42 -11.49 -9.88
CA PHE D 648 23.66 -10.97 -10.45
C PHE D 648 23.57 -9.48 -10.72
N ALA D 649 22.99 -8.74 -9.78
CA ALA D 649 22.85 -7.29 -9.89
C ALA D 649 24.18 -6.61 -10.25
N VAL D 650 25.27 -7.12 -9.69
CA VAL D 650 26.59 -6.56 -9.98
C VAL D 650 27.61 -7.63 -10.34
N PHE D 651 28.49 -7.31 -11.29
CA PHE D 651 29.58 -8.19 -11.67
C PHE D 651 30.91 -7.50 -11.40
N TYR D 652 31.77 -8.18 -10.65
CA TYR D 652 33.06 -7.62 -10.24
C TYR D 652 34.20 -8.13 -11.10
N ASP D 653 35.12 -7.23 -11.44
CA ASP D 653 36.34 -7.59 -12.14
C ASP D 653 37.42 -7.87 -11.10
N MET D 654 37.58 -9.15 -10.75
CA MET D 654 38.43 -9.54 -9.64
C MET D 654 39.92 -9.48 -9.94
N ASP D 655 40.36 -8.41 -10.60
CA ASP D 655 41.78 -8.21 -10.87
C ASP D 655 42.08 -6.75 -11.20
N PRO D 656 42.50 -5.99 -10.19
CA PRO D 656 42.84 -4.56 -10.34
C PRO D 656 43.95 -4.34 -11.35
N GLN D 657 44.80 -5.35 -11.54
CA GLN D 657 45.89 -5.28 -12.51
C GLN D 657 45.35 -5.40 -13.94
N LYS D 658 44.12 -5.90 -14.06
CA LYS D 658 43.49 -6.08 -15.36
C LYS D 658 44.29 -7.02 -16.24
N LYS D 659 44.82 -8.08 -15.65
CA LYS D 659 45.63 -9.05 -16.39
C LYS D 659 44.90 -10.38 -16.57
N HIS D 660 44.30 -10.87 -15.49
CA HIS D 660 43.55 -12.13 -15.56
C HIS D 660 42.06 -11.89 -15.72
N SER D 661 41.34 -12.92 -16.15
CA SER D 661 39.92 -12.78 -16.42
C SER D 661 39.05 -13.61 -15.46
N VAL D 662 38.79 -13.05 -14.28
CA VAL D 662 37.87 -13.66 -13.34
C VAL D 662 36.77 -12.66 -12.96
N LEU D 663 35.53 -13.14 -12.91
CA LEU D 663 34.39 -12.31 -12.56
C LEU D 663 33.64 -12.88 -11.37
N MET D 664 33.24 -12.01 -10.45
CA MET D 664 32.49 -12.42 -9.28
C MET D 664 31.16 -11.68 -9.22
N SER D 665 30.08 -12.42 -9.05
CA SER D 665 28.75 -11.82 -8.99
C SER D 665 28.01 -12.23 -7.73
N VAL D 666 26.96 -11.47 -7.39
CA VAL D 666 26.25 -11.67 -6.14
C VAL D 666 24.81 -12.09 -6.37
N ILE D 667 24.25 -12.83 -5.42
CA ILE D 667 22.85 -13.21 -5.46
C ILE D 667 22.16 -12.70 -4.19
N ALA D 668 21.20 -11.79 -4.36
CA ALA D 668 20.58 -11.13 -3.22
C ALA D 668 19.06 -11.19 -3.21
N GLY D 669 18.49 -10.83 -2.07
CA GLY D 669 17.05 -10.73 -1.92
C GLY D 669 16.29 -11.98 -2.31
N GLU D 670 15.26 -11.78 -3.14
CA GLU D 670 14.38 -12.86 -3.56
C GLU D 670 15.14 -13.91 -4.35
N ALA D 671 16.25 -13.52 -4.96
CA ALA D 671 17.01 -14.40 -5.82
C ALA D 671 17.61 -15.59 -5.06
N VAL D 672 18.05 -15.36 -3.83
CA VAL D 672 18.65 -16.42 -3.04
C VAL D 672 17.66 -17.56 -2.82
N ALA D 673 16.39 -17.22 -2.59
CA ALA D 673 15.35 -18.22 -2.33
C ALA D 673 15.10 -19.08 -3.56
N SER D 674 15.23 -18.48 -4.74
CA SER D 674 14.97 -19.18 -5.98
C SER D 674 16.27 -19.74 -6.58
N VAL D 675 17.26 -19.95 -5.71
CA VAL D 675 18.53 -20.50 -6.15
C VAL D 675 18.93 -21.69 -5.28
N ARG D 676 18.17 -21.93 -4.21
CA ARG D 676 18.45 -23.06 -3.32
C ARG D 676 17.81 -24.32 -3.86
N THR D 677 16.96 -24.17 -4.86
CA THR D 677 16.30 -25.30 -5.50
C THR D 677 17.07 -25.76 -6.74
N LEU D 678 18.18 -25.08 -7.03
CA LEU D 678 19.03 -25.45 -8.15
C LEU D 678 20.38 -25.95 -7.64
N ASP D 679 21.11 -26.68 -8.48
CA ASP D 679 22.47 -27.06 -8.15
C ASP D 679 23.45 -26.07 -8.79
N ASP D 680 24.74 -26.30 -8.58
CA ASP D 680 25.75 -25.36 -9.07
C ASP D 680 25.73 -25.21 -10.59
N LYS D 681 25.55 -26.32 -11.30
CA LYS D 681 25.48 -26.29 -12.76
C LYS D 681 24.45 -25.27 -13.25
N GLN D 682 23.23 -25.39 -12.77
CA GLN D 682 22.13 -24.53 -13.22
C GLN D 682 22.38 -23.06 -12.96
N VAL D 683 22.81 -22.72 -11.74
CA VAL D 683 23.13 -21.35 -11.40
C VAL D 683 24.21 -20.82 -12.33
N LEU D 684 25.19 -21.68 -12.63
CA LEU D 684 26.29 -21.31 -13.51
C LEU D 684 25.77 -20.96 -14.91
N GLN D 685 24.67 -21.60 -15.31
CA GLN D 685 24.08 -21.36 -16.63
C GLN D 685 23.27 -20.08 -16.66
N GLN D 686 22.43 -19.88 -15.65
CA GLN D 686 21.65 -18.66 -15.55
C GLN D 686 22.58 -17.45 -15.49
N CYS D 687 23.83 -17.70 -15.10
CA CYS D 687 24.82 -16.62 -15.02
C CYS D 687 25.49 -16.40 -16.37
N MET D 688 25.59 -17.47 -17.16
CA MET D 688 26.13 -17.35 -18.50
C MET D 688 25.10 -16.68 -19.41
N ALA D 689 23.84 -17.08 -19.26
CA ALA D 689 22.76 -16.48 -20.02
C ALA D 689 22.77 -14.96 -19.86
N THR D 690 22.91 -14.49 -18.63
CA THR D 690 22.94 -13.07 -18.33
C THR D 690 24.15 -12.36 -18.92
N LEU D 691 25.29 -13.04 -18.90
CA LEU D 691 26.52 -12.46 -19.42
C LEU D 691 26.49 -12.31 -20.94
N ARG D 692 25.91 -13.29 -21.61
CA ARG D 692 25.79 -13.26 -23.07
C ARG D 692 24.68 -12.31 -23.51
N GLU D 693 23.76 -12.02 -22.60
CA GLU D 693 22.76 -10.98 -22.81
C GLU D 693 23.44 -9.62 -22.74
N LEU D 694 23.99 -9.30 -21.58
CA LEU D 694 24.70 -8.04 -21.36
C LEU D 694 25.78 -7.80 -22.43
N PHE D 695 26.25 -8.88 -23.04
CA PHE D 695 27.24 -8.78 -24.11
C PHE D 695 26.72 -9.44 -25.39
N LYS D 696 25.60 -8.95 -25.90
CA LYS D 696 24.96 -9.50 -27.09
C LYS D 696 25.79 -9.24 -28.35
N GLU D 697 26.37 -8.05 -28.41
CA GLU D 697 27.13 -7.61 -29.57
C GLU D 697 28.47 -8.33 -29.74
N GLN D 698 28.58 -9.51 -29.14
CA GLN D 698 29.84 -10.27 -29.23
C GLN D 698 29.72 -11.67 -28.64
N GLU D 699 30.76 -12.46 -28.86
CA GLU D 699 30.86 -13.80 -28.30
C GLU D 699 31.49 -13.73 -26.91
N VAL D 700 30.99 -14.57 -26.00
CA VAL D 700 31.57 -14.67 -24.68
C VAL D 700 31.98 -16.12 -24.40
N PRO D 701 33.22 -16.32 -23.95
CA PRO D 701 33.80 -17.65 -23.71
C PRO D 701 33.05 -18.46 -22.66
N ASP D 702 33.25 -19.77 -22.65
CA ASP D 702 32.71 -20.60 -21.59
C ASP D 702 33.67 -20.62 -20.42
N PRO D 703 33.13 -20.53 -19.19
CA PRO D 703 33.94 -20.51 -17.97
C PRO D 703 34.71 -21.81 -17.77
N THR D 704 35.99 -21.70 -17.43
CA THR D 704 36.85 -22.87 -17.22
C THR D 704 36.85 -23.34 -15.76
N LYS D 705 36.52 -22.43 -14.85
CA LYS D 705 36.41 -22.76 -13.44
C LYS D 705 35.41 -21.83 -12.77
N TYR D 706 34.73 -22.32 -11.74
CA TYR D 706 33.70 -21.54 -11.09
C TYR D 706 33.27 -22.16 -9.76
N PHE D 707 32.74 -21.32 -8.86
CA PHE D 707 32.13 -21.82 -7.63
C PHE D 707 30.84 -21.06 -7.32
N VAL D 708 29.92 -21.76 -6.67
CA VAL D 708 28.68 -21.14 -6.22
C VAL D 708 28.49 -21.44 -4.73
N THR D 709 28.54 -20.39 -3.92
CA THR D 709 28.48 -20.55 -2.46
C THR D 709 27.13 -21.04 -1.97
N ARG D 710 27.15 -21.70 -0.81
CA ARG D 710 25.94 -22.20 -0.20
C ARG D 710 25.94 -21.87 1.30
N TRP D 711 26.17 -20.59 1.60
CA TRP D 711 26.24 -20.15 2.98
C TRP D 711 24.92 -20.37 3.71
N SER D 712 23.83 -20.17 2.98
CA SER D 712 22.49 -20.31 3.54
C SER D 712 22.31 -21.67 4.20
N THR D 713 23.04 -22.67 3.71
CA THR D 713 22.86 -24.05 4.13
C THR D 713 24.10 -24.69 4.77
N ASP D 714 25.06 -23.87 5.17
CA ASP D 714 26.21 -24.34 5.92
C ASP D 714 25.80 -24.45 7.40
N PRO D 715 25.62 -25.69 7.87
CA PRO D 715 24.97 -26.00 9.15
C PRO D 715 25.53 -25.25 10.36
N TRP D 716 26.72 -24.68 10.24
CA TRP D 716 27.33 -23.96 11.36
C TRP D 716 27.35 -22.45 11.18
N ILE D 717 26.85 -21.98 10.04
CA ILE D 717 26.77 -20.55 9.78
C ILE D 717 25.34 -20.15 9.39
N GLN D 718 24.92 -20.52 8.18
CA GLN D 718 23.54 -20.36 7.75
C GLN D 718 23.10 -18.92 7.55
N MET D 719 24.04 -18.06 7.13
CA MET D 719 23.73 -16.65 6.95
C MET D 719 24.90 -15.89 6.34
N ALA D 720 24.67 -14.63 6.01
CA ALA D 720 25.73 -13.77 5.49
C ALA D 720 26.05 -12.69 6.51
N TYR D 721 25.01 -11.95 6.90
CA TYR D 721 25.13 -10.94 7.94
C TYR D 721 23.76 -10.51 8.45
N SER D 722 23.75 -9.81 9.58
CA SER D 722 22.52 -9.44 10.25
C SER D 722 21.92 -8.14 9.74
N PHE D 723 20.64 -7.96 10.01
CA PHE D 723 19.94 -6.71 9.70
C PHE D 723 18.79 -6.61 10.69
N VAL D 724 18.15 -5.46 10.77
CA VAL D 724 17.06 -5.28 11.72
C VAL D 724 15.70 -5.62 11.12
N LYS D 725 15.13 -6.74 11.57
CA LYS D 725 13.80 -7.17 11.16
C LYS D 725 12.74 -6.16 11.59
N THR D 726 11.67 -6.05 10.82
CA THR D 726 10.58 -5.14 11.15
C THR D 726 10.08 -5.36 12.58
N GLY D 727 9.91 -4.26 13.30
CA GLY D 727 9.47 -4.32 14.68
C GLY D 727 10.63 -4.29 15.64
N GLY D 728 11.83 -4.36 15.09
CA GLY D 728 13.05 -4.41 15.89
C GLY D 728 13.64 -3.07 16.26
N SER D 729 14.93 -3.09 16.58
CA SER D 729 15.64 -1.89 16.99
C SER D 729 17.12 -2.22 17.07
N GLY D 730 17.97 -1.21 16.89
CA GLY D 730 19.40 -1.40 16.95
C GLY D 730 19.88 -1.74 18.35
N GLU D 731 19.06 -1.37 19.34
CA GLU D 731 19.39 -1.65 20.74
C GLU D 731 19.57 -3.15 20.96
N ALA D 732 19.08 -3.95 20.01
CA ALA D 732 19.17 -5.39 20.09
C ALA D 732 20.62 -5.86 20.05
N TYR D 733 21.45 -5.15 19.30
CA TYR D 733 22.86 -5.47 19.18
C TYR D 733 23.57 -5.34 20.53
N ASP D 734 23.15 -4.38 21.33
CA ASP D 734 23.75 -4.15 22.63
C ASP D 734 23.23 -5.11 23.69
N ILE D 735 22.03 -5.64 23.49
CA ILE D 735 21.46 -6.60 24.43
C ILE D 735 22.10 -7.98 24.25
N ILE D 736 22.36 -8.36 23.00
CA ILE D 736 23.06 -9.61 22.72
C ILE D 736 24.49 -9.53 23.24
N ALA D 737 25.01 -8.31 23.34
CA ALA D 737 26.40 -8.09 23.70
C ALA D 737 26.66 -8.09 25.21
N GLU D 738 25.64 -7.76 26.00
CA GLU D 738 25.78 -7.80 27.45
C GLU D 738 26.30 -9.17 27.87
N ASP D 739 27.24 -9.18 28.81
CA ASP D 739 27.75 -10.44 29.35
C ASP D 739 26.78 -11.00 30.38
N ILE D 740 27.05 -12.21 30.87
CA ILE D 740 26.20 -12.84 31.87
C ILE D 740 26.99 -13.19 33.13
N GLN D 741 26.67 -12.52 34.23
CA GLN D 741 27.33 -12.74 35.50
C GLN D 741 28.86 -12.59 35.37
N GLY D 742 29.29 -11.82 34.39
CA GLY D 742 30.70 -11.59 34.15
C GLY D 742 31.44 -12.87 33.83
N THR D 743 30.69 -13.95 33.64
CA THR D 743 31.28 -15.26 33.38
C THR D 743 31.12 -15.67 31.91
N VAL D 744 30.03 -15.26 31.29
CA VAL D 744 29.79 -15.56 29.89
C VAL D 744 29.75 -14.28 29.05
N PHE D 745 30.46 -14.28 27.94
CA PHE D 745 30.54 -13.10 27.08
C PHE D 745 30.10 -13.41 25.65
N PHE D 746 29.72 -12.38 24.91
CA PHE D 746 29.28 -12.55 23.52
C PHE D 746 30.01 -11.61 22.55
N ALA D 747 30.30 -12.11 21.37
CA ALA D 747 30.90 -11.29 20.31
C ALA D 747 30.36 -11.71 18.94
N GLY D 748 30.86 -11.08 17.89
CA GLY D 748 30.37 -11.36 16.55
C GLY D 748 29.79 -10.13 15.89
N GLU D 749 29.70 -10.16 14.57
CA GLU D 749 29.20 -8.99 13.84
C GLU D 749 27.83 -8.57 14.37
N ALA D 750 27.04 -9.55 14.81
CA ALA D 750 25.69 -9.26 15.29
C ALA D 750 25.67 -8.86 16.76
N THR D 751 26.72 -8.18 17.21
CA THR D 751 26.78 -7.68 18.58
C THR D 751 27.38 -6.28 18.60
N ASN D 752 27.68 -5.76 17.41
CA ASN D 752 28.30 -4.45 17.30
C ASN D 752 27.34 -3.43 16.69
N ARG D 753 26.62 -2.72 17.56
CA ARG D 753 25.64 -1.74 17.12
C ARG D 753 26.24 -0.72 16.14
N HIS D 754 27.43 -0.24 16.46
CA HIS D 754 28.10 0.76 15.63
C HIS D 754 28.42 0.23 14.24
N PHE D 755 29.05 -0.95 14.19
CA PHE D 755 29.53 -1.49 12.93
C PHE D 755 29.10 -2.94 12.74
N PRO D 756 27.81 -3.16 12.44
CA PRO D 756 27.30 -4.51 12.23
C PRO D 756 27.68 -5.06 10.84
N GLN D 757 27.40 -6.34 10.59
CA GLN D 757 27.55 -6.92 9.26
C GLN D 757 28.99 -7.19 8.81
N THR D 758 29.88 -6.25 9.08
CA THR D 758 31.23 -6.31 8.51
C THR D 758 32.21 -7.12 9.35
N VAL D 759 33.26 -7.62 8.69
CA VAL D 759 34.35 -8.30 9.38
C VAL D 759 34.99 -7.33 10.35
N THR D 760 35.16 -6.08 9.90
CA THR D 760 35.67 -5.03 10.75
C THR D 760 34.86 -4.95 12.03
N GLY D 761 33.54 -5.03 11.89
CA GLY D 761 32.65 -4.96 13.04
C GLY D 761 32.83 -6.15 13.97
N ALA D 762 33.06 -7.33 13.39
CA ALA D 762 33.23 -8.55 14.16
C ALA D 762 34.61 -8.61 14.81
N TYR D 763 35.62 -8.11 14.11
CA TYR D 763 36.95 -8.01 14.69
C TYR D 763 36.91 -7.14 15.94
N LEU D 764 36.31 -5.96 15.81
CA LEU D 764 36.21 -5.01 16.91
C LEU D 764 35.40 -5.55 18.09
N SER D 765 34.41 -6.38 17.80
CA SER D 765 33.62 -7.00 18.86
C SER D 765 34.49 -7.93 19.69
N GLY D 766 35.44 -8.59 19.04
CA GLY D 766 36.40 -9.44 19.73
C GLY D 766 37.29 -8.63 20.65
N VAL D 767 38.00 -7.65 20.08
CA VAL D 767 38.86 -6.78 20.87
C VAL D 767 38.11 -6.16 22.05
N ARG D 768 36.84 -5.86 21.83
CA ARG D 768 36.00 -5.26 22.87
C ARG D 768 35.80 -6.22 24.04
N GLU D 769 35.62 -7.49 23.74
CA GLU D 769 35.32 -8.49 24.76
C GLU D 769 36.57 -8.97 25.49
N ALA D 770 37.68 -9.07 24.77
CA ALA D 770 38.95 -9.42 25.39
C ALA D 770 39.27 -8.37 26.45
N SER D 771 38.95 -7.12 26.13
CA SER D 771 39.18 -6.00 27.04
C SER D 771 38.31 -6.08 28.29
N LYS D 772 37.12 -6.68 28.14
CA LYS D 772 36.24 -6.92 29.28
C LYS D 772 36.75 -8.08 30.11
N ILE D 773 37.11 -9.16 29.42
CA ILE D 773 37.53 -10.40 30.07
C ILE D 773 38.90 -10.26 30.74
N ALA D 774 39.71 -9.34 30.22
CA ALA D 774 41.06 -9.16 30.74
C ALA D 774 41.10 -8.34 32.03
N ALA D 775 40.02 -7.63 32.32
CA ALA D 775 39.93 -6.81 33.53
C ALA D 775 40.29 -7.61 34.78
N PHE D 776 41.12 -7.04 35.65
CA PHE D 776 41.65 -7.73 36.83
C PHE D 776 40.66 -8.71 37.43
N ALA E 1 -8.06 -16.86 -5.40
CA ALA E 1 -9.47 -17.09 -5.65
C ALA E 1 -10.25 -17.25 -4.34
N ARG E 2 -11.44 -16.66 -4.28
CA ARG E 2 -12.30 -16.75 -3.10
C ARG E 2 -12.65 -18.19 -2.80
N THR E 3 -12.81 -18.97 -3.86
CA THR E 3 -13.28 -20.36 -3.80
C THR E 3 -12.48 -21.28 -2.86
N MET E 4 -11.19 -20.96 -2.66
CA MET E 4 -10.34 -21.79 -1.79
C MET E 4 -10.62 -21.53 -0.31
N GLN E 5 -11.29 -20.42 0.00
CA GLN E 5 -11.69 -20.11 1.36
C GLN E 5 -12.73 -21.10 1.90
N THR E 6 -12.46 -21.67 3.06
CA THR E 6 -13.40 -22.58 3.72
C THR E 6 -14.01 -21.93 4.96
N ALA E 7 -13.23 -21.88 6.03
CA ALA E 7 -13.64 -21.18 7.24
C ALA E 7 -13.62 -19.68 6.98
N ARG E 8 -14.75 -19.03 7.18
CA ARG E 8 -14.86 -17.59 6.96
C ARG E 8 -14.81 -17.22 5.49
N LYS E 9 -15.91 -17.32 4.80
CA LYS E 9 -15.90 -16.99 3.40
C LYS E 9 -16.32 -15.54 3.18
N SER E 10 -15.52 -14.81 2.42
CA SER E 10 -15.82 -13.45 2.03
C SER E 10 -16.88 -13.49 0.94
N THR E 11 -17.80 -12.53 0.99
CA THR E 11 -19.01 -12.53 0.21
C THR E 11 -19.15 -11.30 -0.71
N GLY E 12 -18.30 -10.31 -0.51
CA GLY E 12 -18.33 -9.07 -1.27
C GLY E 12 -17.63 -9.14 -2.62
N GLY E 13 -18.17 -8.41 -3.60
CA GLY E 13 -17.55 -8.29 -4.90
C GLY E 13 -18.09 -9.22 -5.97
N LYS E 14 -18.99 -10.12 -5.58
CA LYS E 14 -19.53 -11.12 -6.51
C LYS E 14 -20.39 -10.50 -7.61
N ALA E 15 -20.29 -11.07 -8.81
CA ALA E 15 -21.13 -10.66 -9.92
C ALA E 15 -22.58 -11.06 -9.65
N PRO E 16 -23.53 -10.27 -10.15
CA PRO E 16 -24.96 -10.57 -9.97
C PRO E 16 -25.29 -12.02 -10.37
N ARG E 17 -25.93 -12.74 -9.44
CA ARG E 17 -26.49 -14.05 -9.70
C ARG E 17 -27.32 -14.07 -10.99
N LYS E 18 -27.20 -15.12 -11.80
CA LYS E 18 -28.01 -15.19 -13.01
C LYS E 18 -28.55 -16.58 -13.30
N GLN E 19 -29.69 -16.56 -13.98
CA GLN E 19 -30.62 -17.71 -14.05
C GLN E 19 -30.97 -18.05 -15.49
N LEU E 20 -31.10 -19.33 -15.83
CA LEU E 20 -31.39 -19.67 -17.21
C LEU E 20 -32.88 -19.88 -17.41
N ALA E 21 -33.51 -18.96 -18.12
CA ALA E 21 -34.94 -19.03 -18.40
C ALA E 21 -35.24 -20.12 -19.42
N THR E 22 -35.48 -21.34 -18.92
CA THR E 22 -35.84 -22.45 -19.81
C THR E 22 -37.29 -22.28 -20.22
N LYS E 23 -37.69 -22.87 -21.35
CA LYS E 23 -39.08 -22.80 -21.78
C LYS E 23 -39.81 -24.09 -21.41
N ALA E 24 -39.03 -25.13 -21.07
CA ALA E 24 -39.57 -26.36 -20.53
C ALA E 24 -39.90 -26.17 -19.06
N ALA E 25 -40.04 -24.91 -18.67
CA ALA E 25 -40.31 -24.54 -17.28
C ALA E 25 -41.80 -24.64 -16.94
N ARG E 26 -42.07 -24.94 -15.67
CA ARG E 26 -43.43 -24.92 -15.15
C ARG E 26 -43.62 -23.73 -14.22
N ALA F 1 16.90 24.50 26.71
CA ALA F 1 17.69 24.08 25.57
C ALA F 1 19.07 24.76 25.56
N ARG F 2 20.11 23.97 25.32
CA ARG F 2 21.48 24.46 25.35
C ARG F 2 21.69 25.64 24.41
N THR F 3 20.83 25.74 23.40
CA THR F 3 20.93 26.78 22.37
C THR F 3 20.52 28.17 22.84
N MET F 4 20.23 28.32 24.14
CA MET F 4 19.93 29.63 24.70
C MET F 4 21.13 30.17 25.47
N GLN F 5 22.13 29.30 25.68
CA GLN F 5 23.37 29.71 26.34
C GLN F 5 24.21 30.63 25.46
N THR F 6 24.59 31.77 26.02
CA THR F 6 25.43 32.73 25.30
C THR F 6 26.84 32.77 25.86
N ALA F 7 26.97 33.20 27.12
CA ALA F 7 28.26 33.20 27.80
C ALA F 7 28.53 31.85 28.45
N ARG F 8 29.70 31.28 28.16
CA ARG F 8 30.12 30.01 28.77
C ARG F 8 29.29 28.83 28.30
N LYS F 9 29.27 28.60 27.00
CA LYS F 9 28.51 27.49 26.42
C LYS F 9 28.97 26.14 26.96
N SER F 10 28.02 25.28 27.26
CA SER F 10 28.32 23.89 27.59
C SER F 10 28.49 23.12 26.29
N THR F 11 29.36 22.11 26.29
CA THR F 11 29.66 21.38 25.06
C THR F 11 29.54 19.87 25.20
N GLY F 12 29.26 19.39 26.41
CA GLY F 12 29.16 17.97 26.66
C GLY F 12 27.78 17.38 26.41
N GLY F 13 27.75 16.15 25.90
CA GLY F 13 26.50 15.43 25.71
C GLY F 13 25.98 15.48 24.29
N LYS F 14 26.67 16.23 23.43
CA LYS F 14 26.27 16.37 22.03
C LYS F 14 26.33 15.03 21.31
N ALA F 15 25.52 14.88 20.27
CA ALA F 15 25.48 13.64 19.52
C ALA F 15 26.61 13.59 18.52
N PRO F 16 26.93 12.39 18.00
CA PRO F 16 27.87 12.38 16.87
C PRO F 16 27.36 13.39 15.85
N ARG F 17 28.15 14.42 15.59
CA ARG F 17 27.88 15.34 14.49
C ARG F 17 27.66 14.44 13.29
N LYS F 18 27.19 15.01 12.21
CA LYS F 18 27.06 14.31 10.95
C LYS F 18 26.98 15.26 9.78
N GLN F 19 27.59 14.82 8.68
CA GLN F 19 27.78 15.57 7.42
C GLN F 19 26.79 15.02 6.44
N LEU F 20 26.61 15.76 5.34
CA LEU F 20 25.84 15.24 4.22
C LEU F 20 26.80 14.76 3.09
N ALA F 21 26.83 13.45 2.84
CA ALA F 21 27.40 12.93 1.61
C ALA F 21 26.68 13.42 0.37
N THR F 22 27.28 14.38 -0.32
CA THR F 22 26.66 14.90 -1.50
C THR F 22 27.44 14.25 -2.64
N LYS F 23 26.70 13.80 -3.65
CA LYS F 23 27.29 13.11 -4.79
C LYS F 23 27.76 14.18 -5.77
N ALA F 24 27.13 15.35 -5.70
CA ALA F 24 27.42 16.46 -6.60
C ALA F 24 28.66 17.23 -6.18
N ALA F 25 29.39 16.68 -5.19
CA ALA F 25 30.62 17.30 -4.71
C ALA F 25 31.73 17.24 -5.76
N ARG F 26 32.62 18.22 -5.71
CA ARG F 26 33.71 18.34 -6.67
C ARG F 26 34.92 17.49 -6.26
#